data_1S3S
#
_entry.id   1S3S
#
_cell.length_a   157.719
_cell.length_b   157.719
_cell.length_c   243.195
_cell.angle_alpha   90.00
_cell.angle_beta   90.00
_cell.angle_gamma   120.00
#
_symmetry.space_group_name_H-M   'P 65'
#
loop_
_entity.id
_entity.type
_entity.pdbx_description
1 polymer 'Transitional endoplasmic reticulum ATPase (TER ATPase) (15S Mg(2+)- ATPase p97 subunit) (Valosin containing protein) (VCP) [Contains: Valosin]'
2 polymer 'p47 protein'
3 non-polymer "ADENOSINE-5'-DIPHOSPHATE"
4 water water
#
loop_
_entity_poly.entity_id
_entity_poly.type
_entity_poly.pdbx_seq_one_letter_code
_entity_poly.pdbx_strand_id
1 'polypeptide(L)'
;MASGADSKGDDLSTAILKQKNRPNRLIVDEAINEDNSVVSLSQPKMDELQLFRGDTVLLKGKKRREAVCIVLSDDTCSDE
KIRMNRVVRNNLRVRLGDVISIQPCPDVKYGKRIHVLPIDDTVEGITGNLFEVYLKPYFLEAYRPIRKGDIFLVRGGMRA
VEFKVVETDPSPYCIVAPDTVIHCEGEPIKREDEEESLNEVGYDDVGGCRKQLAQIKEMVELPLRHPALFKAIGVKPPRG
ILLYGPPGTGKTLIARAVANETGAFFFLINGPEIMSKLAGESESNLRKAFEEAEKNAPAIIFIDELDAIAPKREKTHGEV
ERRIVSQLLTLMDGLKQRAHVIVMAATNRPNSIDPALRRFGRFDREVDIGIPDATGRLEILQIHTKNMKLADDVDLEQVA
NETHGHVGADLAALCSEAALQAIRKKMDLIDLEDETIDAEVMNSLAVTMDDFRWALSQ
;
A,B,C,D,E,F
2 'polypeptide(L)'
;VKPKGAFKAFTGEGQKLGSTAPQVLNTSSPAQQAENEAKASSSILINEAEPTTNIQIRLADGGRLVQKFNHSHRISDIRL
FIVDARPAMAATSFVLMTTFPNKELADENQTLKEANLLNAVIVQRLT
;
G,H,I
#
# COMPACT_ATOMS: atom_id res chain seq x y z
N PRO A 23 66.81 -7.11 24.19
CA PRO A 23 66.25 -7.46 22.86
C PRO A 23 65.13 -8.54 22.88
N ASN A 24 64.59 -8.86 24.06
CA ASN A 24 63.55 -9.91 24.19
C ASN A 24 62.10 -9.66 23.69
N ARG A 25 61.56 -8.47 23.92
CA ARG A 25 60.19 -8.10 23.52
C ARG A 25 59.72 -8.56 22.13
N LEU A 26 58.66 -9.36 22.06
CA LEU A 26 58.15 -9.82 20.76
C LEU A 26 56.64 -9.56 20.61
N ILE A 27 56.10 -9.93 19.44
CA ILE A 27 54.66 -9.76 19.16
C ILE A 27 53.95 -11.10 19.19
N VAL A 28 52.90 -11.19 20.00
CA VAL A 28 52.14 -12.42 20.12
C VAL A 28 51.25 -12.69 18.91
N ASP A 29 51.61 -13.71 18.14
CA ASP A 29 50.85 -14.09 16.97
C ASP A 29 50.22 -15.46 17.18
N GLU A 30 49.44 -15.96 16.21
CA GLU A 30 48.76 -17.25 16.34
C GLU A 30 49.77 -18.39 16.36
N ALA A 31 49.31 -19.58 16.74
CA ALA A 31 50.20 -20.73 16.79
C ALA A 31 50.07 -21.62 15.57
N ILE A 32 51.14 -22.37 15.28
CA ILE A 32 51.13 -23.30 14.16
C ILE A 32 51.06 -24.65 14.81
N ASN A 33 51.83 -24.81 15.87
CA ASN A 33 51.86 -26.06 16.62
C ASN A 33 50.84 -25.88 17.72
N GLU A 34 49.70 -26.54 17.59
CA GLU A 34 48.64 -26.42 18.58
C GLU A 34 48.95 -26.98 19.98
N ASP A 35 50.19 -27.42 20.18
CA ASP A 35 50.60 -27.97 21.47
C ASP A 35 50.76 -26.90 22.54
N ASN A 36 50.07 -27.10 23.65
CA ASN A 36 50.10 -26.16 24.76
C ASN A 36 51.47 -25.74 25.25
N SER A 37 52.35 -26.71 25.47
CA SER A 37 53.68 -26.41 25.98
C SER A 37 54.64 -25.70 25.03
N VAL A 38 54.36 -25.71 23.73
CA VAL A 38 55.27 -25.08 22.78
C VAL A 38 54.90 -23.72 22.21
N VAL A 39 55.90 -22.87 22.07
CA VAL A 39 55.79 -21.54 21.46
C VAL A 39 56.83 -21.55 20.33
N SER A 40 56.64 -20.73 19.32
CA SER A 40 57.58 -20.72 18.21
C SER A 40 58.16 -19.36 17.91
N LEU A 41 59.29 -19.38 17.19
CA LEU A 41 59.98 -18.18 16.78
C LEU A 41 60.69 -18.48 15.48
N SER A 42 61.29 -17.45 14.89
CA SER A 42 62.04 -17.63 13.66
C SER A 42 63.47 -17.99 14.07
N GLN A 43 64.09 -18.85 13.28
CA GLN A 43 65.46 -19.29 13.55
C GLN A 43 66.34 -18.09 13.91
N PRO A 44 66.37 -17.07 13.03
CA PRO A 44 67.20 -15.89 13.29
C PRO A 44 67.04 -15.35 14.71
N LYS A 45 65.80 -15.20 15.14
CA LYS A 45 65.51 -14.68 16.47
C LYS A 45 66.12 -15.55 17.57
N MET A 46 66.01 -16.86 17.40
CA MET A 46 66.56 -17.78 18.38
C MET A 46 68.06 -17.54 18.47
N ASP A 47 68.65 -17.19 17.33
CA ASP A 47 70.09 -16.92 17.28
C ASP A 47 70.41 -15.71 18.13
N GLU A 48 69.67 -14.62 17.93
CA GLU A 48 69.87 -13.41 18.69
C GLU A 48 69.76 -13.65 20.21
N LEU A 49 68.75 -14.43 20.62
CA LEU A 49 68.52 -14.71 22.04
C LEU A 49 69.32 -15.92 22.55
N GLN A 50 70.08 -16.53 21.65
CA GLN A 50 70.92 -17.67 21.99
C GLN A 50 70.08 -18.79 22.59
N LEU A 51 69.04 -19.18 21.85
CA LEU A 51 68.14 -20.22 22.31
C LEU A 51 68.27 -21.41 21.40
N PHE A 52 67.90 -22.59 21.91
CA PHE A 52 67.99 -23.80 21.10
C PHE A 52 66.68 -24.59 20.96
N ARG A 53 66.69 -25.44 19.95
CA ARG A 53 65.60 -26.32 19.56
C ARG A 53 65.05 -27.20 20.70
N GLY A 54 64.63 -26.59 21.80
CA GLY A 54 64.09 -27.36 22.91
C GLY A 54 64.25 -26.72 24.27
N ASP A 55 65.03 -25.65 24.34
CA ASP A 55 65.24 -24.95 25.61
C ASP A 55 63.90 -24.51 26.17
N THR A 56 63.74 -24.61 27.48
CA THR A 56 62.49 -24.18 28.07
C THR A 56 62.66 -22.67 28.33
N VAL A 57 61.67 -21.91 27.90
CA VAL A 57 61.69 -20.46 28.04
C VAL A 57 60.71 -19.94 29.08
N LEU A 58 60.96 -18.72 29.55
CA LEU A 58 60.10 -18.09 30.53
C LEU A 58 59.46 -16.86 29.88
N LEU A 59 58.14 -16.87 29.75
CA LEU A 59 57.41 -15.77 29.14
C LEU A 59 56.86 -14.80 30.16
N LYS A 60 56.78 -13.55 29.77
CA LYS A 60 56.23 -12.56 30.67
C LYS A 60 55.18 -11.70 29.94
N GLY A 61 54.01 -11.57 30.57
CA GLY A 61 52.91 -10.82 30.00
C GLY A 61 52.32 -9.79 30.95
N LYS A 62 51.03 -9.55 30.80
CA LYS A 62 50.37 -8.54 31.62
C LYS A 62 49.99 -9.02 33.00
N LYS A 63 49.61 -8.06 33.85
CA LYS A 63 49.20 -8.32 35.22
C LYS A 63 50.19 -9.22 35.95
N ARG A 64 51.47 -8.88 35.84
CA ARG A 64 52.53 -9.62 36.48
C ARG A 64 52.37 -11.12 36.34
N ARG A 65 52.10 -11.60 35.12
CA ARG A 65 51.91 -13.03 34.90
C ARG A 65 53.06 -13.65 34.12
N GLU A 66 53.27 -14.95 34.30
CA GLU A 66 54.34 -15.67 33.60
C GLU A 66 53.92 -17.08 33.22
N ALA A 67 54.68 -17.65 32.28
CA ALA A 67 54.43 -18.99 31.80
C ALA A 67 55.74 -19.63 31.37
N VAL A 68 55.78 -20.97 31.36
CA VAL A 68 56.98 -21.70 30.96
C VAL A 68 56.63 -22.57 29.76
N CYS A 69 57.38 -22.40 28.67
CA CYS A 69 57.13 -23.17 27.44
C CYS A 69 58.42 -23.62 26.76
N ILE A 70 58.26 -24.53 25.82
CA ILE A 70 59.35 -25.04 25.00
C ILE A 70 59.41 -24.11 23.81
N VAL A 71 60.62 -23.81 23.32
CA VAL A 71 60.76 -22.92 22.18
C VAL A 71 61.32 -23.60 20.94
N LEU A 72 60.47 -23.78 19.93
CA LEU A 72 60.88 -24.40 18.68
C LEU A 72 61.12 -23.33 17.60
N SER A 73 61.53 -23.79 16.41
CA SER A 73 61.82 -22.87 15.31
C SER A 73 60.75 -22.93 14.24
N ASP A 74 60.43 -21.79 13.66
CA ASP A 74 59.42 -21.74 12.60
C ASP A 74 59.86 -20.78 11.51
N ASP A 75 59.84 -21.27 10.27
CA ASP A 75 60.24 -20.44 9.14
C ASP A 75 59.12 -19.48 8.73
N THR A 76 57.88 -19.87 8.98
CA THR A 76 56.73 -19.02 8.64
C THR A 76 56.49 -17.99 9.74
N CYS A 77 57.32 -18.02 10.76
CA CYS A 77 57.20 -17.08 11.86
C CYS A 77 58.06 -15.86 11.54
N SER A 78 57.48 -14.67 11.71
CA SER A 78 58.17 -13.42 11.45
C SER A 78 59.16 -13.14 12.60
N ASP A 79 60.33 -12.63 12.25
CA ASP A 79 61.37 -12.34 13.23
C ASP A 79 60.91 -11.70 14.55
N GLU A 80 60.16 -10.61 14.45
CA GLU A 80 59.71 -9.88 15.62
C GLU A 80 58.51 -10.45 16.38
N LYS A 81 57.93 -11.51 15.84
CA LYS A 81 56.77 -12.10 16.47
C LYS A 81 57.04 -13.49 17.04
N ILE A 82 56.17 -13.90 17.95
CA ILE A 82 56.26 -15.19 18.58
C ILE A 82 54.90 -15.87 18.49
N ARG A 83 54.89 -17.14 18.10
CA ARG A 83 53.65 -17.88 17.99
C ARG A 83 53.36 -18.58 19.32
N MET A 84 52.08 -18.77 19.62
CA MET A 84 51.64 -19.43 20.86
C MET A 84 50.14 -19.59 20.82
N ASN A 85 49.62 -20.64 21.45
CA ASN A 85 48.18 -20.90 21.48
C ASN A 85 47.45 -20.12 22.59
N ARG A 86 46.13 -20.05 22.44
CA ARG A 86 45.27 -19.33 23.37
C ARG A 86 45.42 -19.79 24.82
N VAL A 87 45.91 -21.01 25.01
CA VAL A 87 46.13 -21.54 26.35
C VAL A 87 47.19 -20.66 27.04
N VAL A 88 48.34 -20.58 26.41
CA VAL A 88 49.46 -19.81 26.93
C VAL A 88 49.11 -18.36 26.96
N ARG A 89 48.55 -17.91 25.85
CA ARG A 89 48.14 -16.54 25.66
C ARG A 89 47.25 -16.05 26.81
N ASN A 90 46.40 -16.95 27.30
CA ASN A 90 45.51 -16.66 28.39
C ASN A 90 46.23 -16.73 29.72
N ASN A 91 47.19 -17.65 29.82
CA ASN A 91 47.96 -17.79 31.03
C ASN A 91 48.72 -16.50 31.27
N LEU A 92 48.96 -15.75 30.21
CA LEU A 92 49.71 -14.49 30.27
C LEU A 92 48.85 -13.24 30.30
N ARG A 93 47.54 -13.42 30.15
CA ARG A 93 46.63 -12.29 30.16
C ARG A 93 46.86 -11.43 28.94
N VAL A 94 47.30 -12.06 27.87
CA VAL A 94 47.55 -11.37 26.62
C VAL A 94 46.63 -11.86 25.49
N ARG A 95 46.34 -10.95 24.56
CA ARG A 95 45.51 -11.19 23.36
C ARG A 95 46.46 -11.17 22.17
N LEU A 96 46.03 -11.68 21.02
CA LEU A 96 46.89 -11.64 19.86
C LEU A 96 47.31 -10.20 19.54
N GLY A 97 48.60 -9.92 19.48
CA GLY A 97 49.01 -8.56 19.16
C GLY A 97 49.83 -7.83 20.21
N ASP A 98 49.61 -8.18 21.47
CA ASP A 98 50.38 -7.57 22.53
C ASP A 98 51.83 -8.02 22.40
N VAL A 99 52.67 -7.54 23.31
CA VAL A 99 54.08 -7.91 23.30
C VAL A 99 54.43 -8.53 24.62
N ILE A 100 55.33 -9.50 24.58
CA ILE A 100 55.76 -10.19 25.78
C ILE A 100 57.27 -10.21 25.82
N SER A 101 57.81 -10.53 26.99
CA SER A 101 59.25 -10.63 27.12
C SER A 101 59.58 -12.10 27.32
N ILE A 102 60.42 -12.61 26.43
CA ILE A 102 60.87 -13.98 26.48
C ILE A 102 62.33 -14.00 26.96
N GLN A 103 62.67 -14.98 27.80
CA GLN A 103 64.02 -15.12 28.33
C GLN A 103 64.29 -16.60 28.63
N PRO A 104 65.54 -17.03 28.50
CA PRO A 104 65.93 -18.42 28.77
C PRO A 104 65.67 -18.88 30.21
N CYS A 105 65.23 -20.13 30.37
CA CYS A 105 64.96 -20.65 31.70
C CYS A 105 65.66 -21.98 31.87
N PRO A 106 67.00 -21.95 32.04
CA PRO A 106 67.87 -23.12 32.22
C PRO A 106 67.88 -23.69 33.64
N ASP A 107 67.14 -23.04 34.53
CA ASP A 107 67.04 -23.40 35.95
C ASP A 107 65.88 -24.33 36.31
N VAL A 108 64.97 -24.58 35.37
CA VAL A 108 63.83 -25.43 35.65
C VAL A 108 64.27 -26.84 36.04
N LYS A 109 63.71 -27.34 37.13
CA LYS A 109 64.04 -28.67 37.62
C LYS A 109 63.08 -29.74 37.11
N TYR A 110 63.36 -30.98 37.50
CA TYR A 110 62.52 -32.14 37.20
C TYR A 110 61.75 -32.24 38.51
N GLY A 111 60.66 -31.50 38.61
CA GLY A 111 59.87 -31.48 39.84
C GLY A 111 59.59 -32.78 40.56
N LYS A 112 59.05 -32.64 41.77
CA LYS A 112 58.71 -33.79 42.59
C LYS A 112 57.23 -34.11 42.43
N ARG A 113 56.43 -33.47 43.26
CA ARG A 113 54.99 -33.66 43.28
C ARG A 113 54.26 -32.41 42.82
N ILE A 114 53.23 -32.61 41.99
CA ILE A 114 52.43 -31.50 41.48
C ILE A 114 50.96 -31.69 41.87
N HIS A 115 50.31 -30.60 42.29
CA HIS A 115 48.91 -30.65 42.70
C HIS A 115 48.06 -29.93 41.66
N VAL A 116 47.21 -30.68 40.98
CA VAL A 116 46.35 -30.12 39.96
C VAL A 116 44.87 -30.21 40.36
N LEU A 117 44.03 -29.33 39.81
CA LEU A 117 42.60 -29.35 40.11
C LEU A 117 41.79 -28.83 38.93
N PRO A 118 40.77 -29.59 38.50
CA PRO A 118 39.95 -29.16 37.36
C PRO A 118 39.12 -27.92 37.70
N ILE A 119 38.31 -27.47 36.75
CA ILE A 119 37.47 -26.32 36.98
C ILE A 119 36.02 -26.69 36.70
N ASP A 120 35.28 -26.88 37.79
CA ASP A 120 33.87 -27.25 37.77
C ASP A 120 33.14 -27.27 36.44
N ASP A 121 32.97 -26.11 35.79
CA ASP A 121 32.25 -26.05 34.52
C ASP A 121 32.83 -26.90 33.38
N THR A 122 34.05 -27.36 33.54
CA THR A 122 34.66 -28.17 32.50
C THR A 122 34.43 -29.67 32.75
N VAL A 123 34.18 -30.03 34.01
CA VAL A 123 33.98 -31.43 34.36
C VAL A 123 32.58 -31.79 34.83
N GLU A 124 31.61 -30.92 34.56
CA GLU A 124 30.23 -31.15 34.95
C GLU A 124 29.58 -32.24 34.09
N GLY A 125 29.10 -33.30 34.74
CA GLY A 125 28.47 -34.38 34.02
C GLY A 125 29.34 -35.63 33.94
N ILE A 126 30.65 -35.44 33.87
CA ILE A 126 31.54 -36.59 33.81
C ILE A 126 32.01 -36.95 35.21
N THR A 127 32.01 -38.24 35.50
CA THR A 127 32.44 -38.72 36.79
C THR A 127 33.44 -39.84 36.57
N GLY A 128 34.45 -39.91 37.44
CA GLY A 128 35.45 -40.95 37.29
C GLY A 128 36.87 -40.43 37.38
N ASN A 129 37.84 -41.32 37.15
CA ASN A 129 39.27 -40.99 37.22
C ASN A 129 39.73 -40.05 36.11
N LEU A 130 39.89 -38.77 36.46
CA LEU A 130 40.31 -37.77 35.50
C LEU A 130 41.82 -37.84 35.29
N PHE A 131 42.50 -38.57 36.18
CA PHE A 131 43.94 -38.73 36.07
C PHE A 131 44.31 -39.72 34.98
N GLU A 132 43.77 -40.93 35.04
CA GLU A 132 44.12 -41.91 34.03
C GLU A 132 43.38 -41.65 32.72
N VAL A 133 42.43 -40.73 32.78
CA VAL A 133 41.65 -40.38 31.60
C VAL A 133 42.21 -39.15 30.91
N TYR A 134 42.72 -38.21 31.71
CA TYR A 134 43.26 -36.97 31.17
C TYR A 134 44.72 -36.67 31.52
N LEU A 135 44.97 -36.40 32.79
CA LEU A 135 46.30 -36.09 33.29
C LEU A 135 47.38 -37.02 32.79
N LYS A 136 47.18 -38.31 33.02
CA LYS A 136 48.16 -39.32 32.64
C LYS A 136 48.60 -39.22 31.19
N PRO A 137 47.68 -39.41 30.24
CA PRO A 137 48.08 -39.33 28.84
C PRO A 137 48.71 -38.00 28.43
N TYR A 138 48.26 -36.92 29.05
CA TYR A 138 48.74 -35.57 28.71
C TYR A 138 50.21 -35.28 29.03
N PHE A 139 50.66 -35.64 30.23
CA PHE A 139 52.05 -35.39 30.62
C PHE A 139 52.99 -36.49 30.17
N LEU A 140 52.41 -37.69 30.00
CA LEU A 140 53.08 -38.92 29.59
C LEU A 140 54.25 -38.77 28.61
N GLU A 141 55.47 -39.04 29.08
CA GLU A 141 56.68 -38.97 28.26
C GLU A 141 56.75 -37.67 27.49
N ALA A 142 56.15 -36.61 28.02
CA ALA A 142 56.13 -35.32 27.34
C ALA A 142 57.13 -34.31 27.88
N TYR A 143 57.50 -34.46 29.15
CA TYR A 143 58.46 -33.54 29.77
C TYR A 143 57.96 -32.11 29.70
N ARG A 144 56.65 -31.97 29.72
CA ARG A 144 55.98 -30.69 29.66
C ARG A 144 56.33 -29.85 30.87
N PRO A 145 56.82 -28.63 30.65
CA PRO A 145 57.18 -27.75 31.76
C PRO A 145 55.91 -27.05 32.19
N ILE A 146 55.78 -26.73 33.47
CA ILE A 146 54.59 -26.05 33.96
C ILE A 146 54.90 -25.17 35.15
N ARG A 147 54.20 -24.04 35.22
CA ARG A 147 54.37 -23.06 36.29
C ARG A 147 53.12 -23.05 37.15
N LYS A 148 53.27 -22.72 38.42
CA LYS A 148 52.13 -22.70 39.32
C LYS A 148 51.17 -21.61 38.86
N GLY A 149 49.88 -21.89 38.96
CA GLY A 149 48.90 -20.88 38.58
C GLY A 149 48.39 -20.92 37.16
N ASP A 150 49.04 -21.72 36.32
CA ASP A 150 48.63 -21.81 34.94
C ASP A 150 47.43 -22.71 34.76
N ILE A 151 46.77 -22.58 33.62
CA ILE A 151 45.61 -23.42 33.36
C ILE A 151 45.91 -24.10 32.04
N PHE A 152 45.87 -25.43 32.05
CA PHE A 152 46.09 -26.15 30.80
C PHE A 152 44.82 -26.89 30.42
N LEU A 153 44.78 -27.37 29.18
CA LEU A 153 43.60 -28.04 28.67
C LEU A 153 44.00 -29.39 28.15
N VAL A 154 43.12 -30.35 28.39
CA VAL A 154 43.32 -31.70 27.95
C VAL A 154 42.06 -32.12 27.23
N ARG A 155 42.22 -32.53 25.98
CA ARG A 155 41.10 -32.98 25.16
C ARG A 155 40.97 -34.49 25.32
N GLY A 156 39.74 -35.00 25.22
CA GLY A 156 39.51 -36.43 25.35
C GLY A 156 38.10 -36.73 25.81
N GLY A 157 37.67 -37.99 25.68
CA GLY A 157 36.33 -38.35 26.11
C GLY A 157 35.23 -37.44 25.59
N MET A 158 35.45 -36.89 24.40
CA MET A 158 34.49 -36.01 23.74
C MET A 158 34.18 -34.76 24.54
N ARG A 159 35.27 -34.07 24.88
CA ARG A 159 35.23 -32.82 25.63
C ARG A 159 36.64 -32.40 26.02
N ALA A 160 36.74 -31.19 26.55
CA ALA A 160 38.02 -30.66 26.96
C ALA A 160 37.91 -30.18 28.40
N VAL A 161 38.75 -30.75 29.25
CA VAL A 161 38.74 -30.38 30.66
C VAL A 161 39.88 -29.39 30.89
N GLU A 162 39.65 -28.42 31.77
CA GLU A 162 40.65 -27.42 32.09
C GLU A 162 41.12 -27.69 33.53
N PHE A 163 42.44 -27.69 33.69
CA PHE A 163 43.06 -27.93 34.99
C PHE A 163 43.93 -26.77 35.40
N LYS A 164 43.88 -26.40 36.68
CA LYS A 164 44.74 -25.33 37.15
C LYS A 164 45.86 -25.97 37.96
N VAL A 165 47.09 -25.50 37.77
CA VAL A 165 48.23 -26.04 38.52
C VAL A 165 48.34 -25.27 39.83
N VAL A 166 47.67 -25.81 40.85
CA VAL A 166 47.64 -25.22 42.17
C VAL A 166 49.01 -25.21 42.83
N GLU A 167 49.83 -26.20 42.52
CA GLU A 167 51.13 -26.27 43.15
C GLU A 167 52.10 -27.25 42.50
N THR A 168 53.39 -26.89 42.52
CA THR A 168 54.44 -27.75 42.00
C THR A 168 55.46 -27.70 43.12
N ASP A 169 55.92 -28.86 43.58
CA ASP A 169 56.87 -28.87 44.67
C ASP A 169 57.99 -27.88 44.41
N PRO A 170 58.76 -28.07 43.32
CA PRO A 170 59.80 -27.05 43.15
C PRO A 170 59.01 -25.84 42.65
N SER A 171 58.90 -24.82 43.52
CA SER A 171 58.18 -23.60 43.19
C SER A 171 59.08 -22.63 42.43
N PRO A 172 58.50 -21.87 41.49
CA PRO A 172 57.08 -21.90 41.13
C PRO A 172 56.84 -22.72 39.88
N TYR A 173 57.91 -23.19 39.26
CA TYR A 173 57.76 -23.99 38.04
C TYR A 173 58.69 -25.19 38.02
N CYS A 174 58.25 -26.26 37.35
CA CYS A 174 59.04 -27.48 37.25
C CYS A 174 58.69 -28.22 35.97
N ILE A 175 59.51 -29.18 35.59
CA ILE A 175 59.22 -29.96 34.40
C ILE A 175 58.59 -31.24 34.90
N VAL A 176 57.55 -31.68 34.24
CA VAL A 176 56.91 -32.91 34.67
C VAL A 176 57.62 -34.04 33.97
N ALA A 177 58.46 -34.72 34.74
CA ALA A 177 59.21 -35.85 34.23
C ALA A 177 58.43 -37.07 34.63
N PRO A 178 58.76 -38.24 34.05
CA PRO A 178 58.08 -39.52 34.34
C PRO A 178 58.05 -39.94 35.81
N ASP A 179 58.92 -39.36 36.62
CA ASP A 179 58.95 -39.69 38.04
C ASP A 179 58.28 -38.60 38.85
N THR A 180 57.62 -37.66 38.17
CA THR A 180 56.93 -36.59 38.86
C THR A 180 55.60 -37.13 39.35
N VAL A 181 55.26 -36.81 40.58
CA VAL A 181 54.02 -37.27 41.19
C VAL A 181 52.92 -36.24 40.96
N ILE A 182 51.80 -36.68 40.38
CA ILE A 182 50.67 -35.81 40.11
C ILE A 182 49.50 -36.06 41.05
N HIS A 183 49.10 -35.05 41.81
CA HIS A 183 47.99 -35.27 42.71
C HIS A 183 46.77 -34.49 42.26
N CYS A 184 45.59 -35.13 42.34
CA CYS A 184 44.30 -34.53 41.98
C CYS A 184 43.49 -34.68 43.25
N GLU A 185 43.86 -33.93 44.28
CA GLU A 185 43.20 -34.04 45.57
C GLU A 185 42.11 -33.04 45.88
N GLY A 186 40.84 -33.43 45.69
CA GLY A 186 39.75 -32.54 46.00
C GLY A 186 38.81 -32.06 44.92
N GLU A 187 37.81 -31.30 45.38
CA GLU A 187 36.77 -30.71 44.56
C GLU A 187 37.29 -29.69 43.55
N PRO A 188 36.67 -29.61 42.37
CA PRO A 188 37.13 -28.64 41.37
C PRO A 188 36.92 -27.22 41.89
N ILE A 189 37.68 -26.25 41.37
CA ILE A 189 37.55 -24.86 41.79
C ILE A 189 36.69 -24.03 40.85
N LYS A 190 36.26 -22.86 41.32
CA LYS A 190 35.45 -21.98 40.49
C LYS A 190 36.35 -21.25 39.49
N ARG A 191 35.75 -20.55 38.54
CA ARG A 191 36.52 -19.83 37.56
C ARG A 191 36.61 -18.38 37.99
N GLU A 192 37.82 -17.84 38.03
CA GLU A 192 37.94 -16.44 38.41
C GLU A 192 37.44 -15.58 37.25
N ASP A 193 36.63 -14.57 37.57
CA ASP A 193 36.04 -13.67 36.58
C ASP A 193 36.94 -13.33 35.39
N GLU A 194 38.24 -13.16 35.65
CA GLU A 194 39.20 -12.81 34.60
C GLU A 194 39.84 -14.01 33.87
N GLU A 195 39.32 -15.21 34.09
CA GLU A 195 39.87 -16.40 33.45
C GLU A 195 38.91 -16.87 32.39
N GLU A 196 39.09 -16.38 31.17
CA GLU A 196 38.23 -16.77 30.07
C GLU A 196 38.33 -18.26 29.79
N SER A 197 37.20 -18.88 29.49
CA SER A 197 37.16 -20.30 29.20
C SER A 197 37.80 -20.53 27.84
N LEU A 198 38.43 -21.69 27.68
CA LEU A 198 39.03 -22.03 26.39
C LEU A 198 37.96 -22.74 25.58
N ASN A 199 36.75 -22.75 26.13
CA ASN A 199 35.56 -23.37 25.52
C ASN A 199 34.87 -22.29 24.72
N GLU A 200 35.43 -21.08 24.80
CA GLU A 200 34.91 -19.94 24.08
C GLU A 200 35.44 -20.01 22.65
N VAL A 201 34.77 -19.34 21.72
CA VAL A 201 35.14 -19.34 20.32
C VAL A 201 36.38 -18.48 20.12
N GLY A 202 37.34 -19.00 19.36
CA GLY A 202 38.57 -18.29 19.07
C GLY A 202 39.00 -18.59 17.65
N TYR A 203 39.93 -17.80 17.11
CA TYR A 203 40.38 -18.03 15.75
C TYR A 203 40.77 -19.47 15.44
N ASP A 204 41.24 -20.22 16.44
CA ASP A 204 41.64 -21.61 16.20
C ASP A 204 40.45 -22.53 16.02
N ASP A 205 39.24 -21.96 16.02
CA ASP A 205 38.04 -22.75 15.82
C ASP A 205 37.51 -22.55 14.40
N VAL A 206 38.15 -21.66 13.65
CA VAL A 206 37.75 -21.35 12.28
C VAL A 206 38.80 -21.94 11.35
N GLY A 207 38.35 -22.77 10.40
CA GLY A 207 39.28 -23.35 9.45
C GLY A 207 38.92 -23.01 8.01
N GLY A 208 39.92 -22.81 7.16
CA GLY A 208 39.63 -22.49 5.77
C GLY A 208 39.26 -21.05 5.45
N CYS A 209 39.39 -20.16 6.41
CA CYS A 209 39.10 -18.76 6.15
C CYS A 209 40.36 -18.02 6.52
N ARG A 210 41.42 -18.27 5.77
CA ARG A 210 42.68 -17.60 6.07
C ARG A 210 42.70 -16.17 5.57
N LYS A 211 42.45 -16.00 4.28
CA LYS A 211 42.47 -14.67 3.67
C LYS A 211 41.42 -13.70 4.25
N GLN A 212 40.21 -14.21 4.43
CA GLN A 212 39.10 -13.43 4.95
C GLN A 212 39.34 -13.07 6.43
N LEU A 213 39.80 -14.03 7.21
CA LEU A 213 40.06 -13.79 8.64
C LEU A 213 41.16 -12.76 8.80
N ALA A 214 42.06 -12.74 7.83
CA ALA A 214 43.17 -11.80 7.87
C ALA A 214 42.66 -10.38 7.66
N GLN A 215 41.79 -10.19 6.66
CA GLN A 215 41.23 -8.87 6.38
C GLN A 215 40.42 -8.35 7.53
N ILE A 216 39.56 -9.21 8.07
CA ILE A 216 38.71 -8.81 9.18
C ILE A 216 39.55 -8.32 10.35
N LYS A 217 40.61 -9.06 10.67
CA LYS A 217 41.50 -8.71 11.76
C LYS A 217 42.10 -7.31 11.62
N GLU A 218 42.78 -7.07 10.50
CA GLU A 218 43.39 -5.76 10.28
C GLU A 218 42.38 -4.65 10.19
N MET A 219 41.14 -5.01 9.90
CA MET A 219 40.07 -4.02 9.82
C MET A 219 39.65 -3.56 11.21
N VAL A 220 39.50 -4.50 12.13
CA VAL A 220 39.08 -4.17 13.49
C VAL A 220 40.24 -3.90 14.43
N GLU A 221 41.43 -4.35 14.04
CA GLU A 221 42.66 -4.18 14.82
C GLU A 221 42.80 -2.86 15.58
N LEU A 222 42.89 -1.75 14.87
CA LEU A 222 43.06 -0.44 15.51
C LEU A 222 41.83 0.10 16.26
N PRO A 223 40.65 0.03 15.64
CA PRO A 223 39.45 0.52 16.32
C PRO A 223 39.15 -0.22 17.61
N LEU A 224 39.40 -1.53 17.59
CA LEU A 224 39.15 -2.39 18.73
C LEU A 224 40.31 -2.58 19.70
N ARG A 225 41.55 -2.53 19.21
CA ARG A 225 42.71 -2.69 20.09
C ARG A 225 43.30 -1.35 20.51
N HIS A 226 43.15 -0.33 19.67
CA HIS A 226 43.70 0.97 19.98
C HIS A 226 42.68 2.09 19.93
N PRO A 227 41.60 1.96 20.70
CA PRO A 227 40.51 2.95 20.79
C PRO A 227 40.96 4.40 20.92
N ALA A 228 41.69 4.70 22.00
CA ALA A 228 42.17 6.04 22.27
C ALA A 228 42.77 6.71 21.04
N LEU A 229 43.14 5.90 20.06
CA LEU A 229 43.72 6.44 18.85
C LEU A 229 42.70 7.35 18.18
N PHE A 230 41.63 6.75 17.71
CA PHE A 230 40.59 7.51 17.01
C PHE A 230 39.99 8.64 17.82
N LYS A 231 40.71 9.08 18.84
CA LYS A 231 40.26 10.18 19.67
C LYS A 231 41.10 11.40 19.31
N ALA A 232 42.34 11.17 18.92
CA ALA A 232 43.24 12.25 18.55
C ALA A 232 43.53 12.24 17.04
N ILE A 233 42.75 11.48 16.29
CA ILE A 233 42.95 11.38 14.86
C ILE A 233 41.67 11.64 14.06
N GLY A 234 41.84 12.22 12.87
CA GLY A 234 40.70 12.52 12.02
C GLY A 234 40.37 11.39 11.07
N VAL A 235 41.25 10.40 10.99
CA VAL A 235 41.03 9.25 10.12
C VAL A 235 39.73 8.56 10.54
N LYS A 236 39.04 7.99 9.56
CA LYS A 236 37.77 7.32 9.79
C LYS A 236 37.90 5.80 9.62
N PRO A 237 37.79 5.05 10.73
CA PRO A 237 37.88 3.59 10.75
C PRO A 237 36.61 2.94 10.20
N PRO A 238 36.64 1.62 9.99
CA PRO A 238 35.47 0.90 9.47
C PRO A 238 34.42 0.80 10.55
N ARG A 239 33.15 0.82 10.16
CA ARG A 239 32.07 0.68 11.12
C ARG A 239 31.29 -0.59 10.78
N GLY A 240 30.60 -0.59 9.65
CA GLY A 240 29.89 -1.78 9.26
C GLY A 240 30.75 -2.68 8.38
N ILE A 241 30.63 -3.98 8.57
CA ILE A 241 31.39 -4.93 7.78
C ILE A 241 30.41 -6.04 7.42
N LEU A 242 30.21 -6.22 6.12
CA LEU A 242 29.26 -7.20 5.60
C LEU A 242 29.88 -8.56 5.35
N LEU A 243 29.21 -9.62 5.81
CA LEU A 243 29.73 -10.96 5.60
C LEU A 243 28.82 -11.74 4.65
N TYR A 244 29.39 -12.13 3.51
CA TYR A 244 28.66 -12.87 2.48
C TYR A 244 29.02 -14.35 2.44
N GLY A 245 28.01 -15.18 2.24
CA GLY A 245 28.27 -16.61 2.18
C GLY A 245 27.02 -17.42 2.33
N PRO A 246 27.00 -18.66 1.85
CA PRO A 246 25.78 -19.43 2.01
C PRO A 246 25.66 -19.82 3.48
N PRO A 247 24.55 -20.44 3.88
CA PRO A 247 24.38 -20.84 5.28
C PRO A 247 25.44 -21.81 5.79
N GLY A 248 25.77 -21.70 7.08
CA GLY A 248 26.74 -22.59 7.73
C GLY A 248 28.19 -22.32 7.39
N THR A 249 28.43 -21.19 6.75
CA THR A 249 29.77 -20.79 6.34
C THR A 249 30.65 -20.39 7.51
N GLY A 250 30.05 -20.10 8.65
CA GLY A 250 30.85 -19.72 9.79
C GLY A 250 30.97 -18.23 10.01
N LYS A 251 29.97 -17.46 9.57
CA LYS A 251 29.99 -16.02 9.75
C LYS A 251 29.68 -15.61 11.19
N THR A 252 28.88 -16.42 11.87
CA THR A 252 28.56 -16.11 13.25
C THR A 252 29.77 -16.48 14.08
N LEU A 253 30.39 -17.58 13.68
CA LEU A 253 31.57 -18.12 14.34
C LEU A 253 32.70 -17.10 14.27
N ILE A 254 32.87 -16.50 13.10
CA ILE A 254 33.92 -15.52 12.88
C ILE A 254 33.70 -14.25 13.69
N ALA A 255 32.50 -13.69 13.60
CA ALA A 255 32.21 -12.46 14.32
C ALA A 255 32.33 -12.62 15.82
N ARG A 256 32.05 -13.83 16.31
CA ARG A 256 32.13 -14.07 17.74
C ARG A 256 33.59 -14.22 18.16
N ALA A 257 34.31 -15.07 17.44
CA ALA A 257 35.73 -15.28 17.70
C ALA A 257 36.46 -13.95 17.67
N VAL A 258 36.24 -13.17 16.62
CA VAL A 258 36.88 -11.87 16.53
C VAL A 258 36.64 -11.12 17.84
N ALA A 259 35.40 -11.04 18.27
CA ALA A 259 35.08 -10.33 19.51
C ALA A 259 35.89 -10.88 20.67
N ASN A 260 35.72 -12.16 20.96
CA ASN A 260 36.44 -12.79 22.05
C ASN A 260 37.91 -12.46 21.95
N GLU A 261 38.50 -12.92 20.85
CA GLU A 261 39.91 -12.71 20.56
C GLU A 261 40.41 -11.28 20.76
N THR A 262 39.61 -10.30 20.42
CA THR A 262 40.05 -8.91 20.59
C THR A 262 39.64 -8.40 21.97
N GLY A 263 38.88 -9.22 22.69
CA GLY A 263 38.44 -8.83 24.01
C GLY A 263 37.40 -7.72 23.95
N ALA A 264 36.63 -7.70 22.86
CA ALA A 264 35.60 -6.71 22.70
C ALA A 264 34.28 -7.31 23.15
N PHE A 265 33.36 -6.47 23.59
CA PHE A 265 32.04 -6.91 24.00
C PHE A 265 31.28 -7.34 22.73
N PHE A 266 30.66 -8.51 22.78
CA PHE A 266 29.93 -9.01 21.64
C PHE A 266 28.44 -9.02 21.88
N PHE A 267 27.68 -8.32 21.05
CA PHE A 267 26.25 -8.30 21.22
C PHE A 267 25.61 -8.90 19.99
N LEU A 268 24.63 -9.77 20.20
CA LEU A 268 23.96 -10.45 19.10
C LEU A 268 22.54 -9.96 18.78
N ILE A 269 22.26 -9.88 17.50
CA ILE A 269 20.98 -9.48 16.98
C ILE A 269 20.63 -10.48 15.91
N ASN A 270 19.58 -11.27 16.15
CA ASN A 270 19.17 -12.27 15.19
C ASN A 270 17.96 -11.75 14.41
N GLY A 271 18.09 -11.75 13.08
CA GLY A 271 17.02 -11.26 12.25
C GLY A 271 15.62 -11.63 12.71
N PRO A 272 15.25 -12.92 12.58
CA PRO A 272 13.93 -13.42 12.98
C PRO A 272 13.57 -13.13 14.43
N GLU A 273 14.56 -13.08 15.31
CA GLU A 273 14.32 -12.75 16.72
C GLU A 273 13.61 -11.37 16.77
N ILE A 274 14.10 -10.43 15.96
CA ILE A 274 13.59 -9.07 15.86
C ILE A 274 12.25 -9.00 15.13
N MET A 275 12.17 -9.74 14.03
CA MET A 275 10.97 -9.77 13.21
C MET A 275 9.83 -10.56 13.84
N SER A 276 10.04 -11.10 15.04
CA SER A 276 8.97 -11.84 15.69
C SER A 276 8.23 -10.89 16.66
N LYS A 277 8.87 -9.78 17.00
CA LYS A 277 8.32 -8.78 17.91
C LYS A 277 7.12 -8.04 17.31
N LEU A 278 6.27 -7.52 18.19
CA LEU A 278 5.10 -6.75 17.79
C LEU A 278 5.72 -5.49 17.23
N ALA A 279 5.14 -4.90 16.20
CA ALA A 279 5.72 -3.67 15.64
C ALA A 279 6.02 -2.65 16.73
N GLY A 280 7.14 -1.94 16.59
CA GLY A 280 7.52 -0.97 17.59
C GLY A 280 8.50 -1.63 18.53
N GLU A 281 8.05 -2.74 19.12
CA GLU A 281 8.91 -3.51 20.03
C GLU A 281 10.13 -3.99 19.25
N SER A 282 9.95 -4.13 17.95
CA SER A 282 11.03 -4.57 17.08
C SER A 282 12.02 -3.44 16.92
N GLU A 283 11.53 -2.22 16.69
CA GLU A 283 12.42 -1.06 16.56
C GLU A 283 12.99 -0.67 17.91
N SER A 284 12.22 -0.96 18.95
CA SER A 284 12.66 -0.68 20.30
C SER A 284 13.89 -1.56 20.59
N ASN A 285 13.85 -2.84 20.16
CA ASN A 285 14.96 -3.75 20.42
C ASN A 285 16.21 -3.49 19.60
N LEU A 286 16.03 -2.86 18.44
CA LEU A 286 17.19 -2.54 17.64
C LEU A 286 17.98 -1.43 18.34
N ARG A 287 17.27 -0.42 18.80
CA ARG A 287 17.91 0.69 19.48
C ARG A 287 18.57 0.23 20.75
N LYS A 288 17.88 -0.57 21.55
CA LYS A 288 18.48 -1.02 22.80
C LYS A 288 19.74 -1.82 22.53
N ALA A 289 19.77 -2.51 21.41
CA ALA A 289 20.92 -3.32 21.03
C ALA A 289 22.15 -2.47 20.82
N PHE A 290 21.98 -1.33 20.17
CA PHE A 290 23.10 -0.45 19.91
C PHE A 290 23.48 0.29 21.20
N GLU A 291 22.49 0.71 21.98
CA GLU A 291 22.77 1.41 23.23
C GLU A 291 23.64 0.54 24.15
N GLU A 292 23.24 -0.71 24.35
CA GLU A 292 24.03 -1.58 25.22
C GLU A 292 25.41 -1.80 24.66
N ALA A 293 25.50 -1.88 23.33
CA ALA A 293 26.78 -2.10 22.67
C ALA A 293 27.68 -0.88 22.80
N GLU A 294 27.07 0.30 22.88
CA GLU A 294 27.85 1.52 22.99
C GLU A 294 28.35 1.72 24.41
N LYS A 295 27.63 1.16 25.38
CA LYS A 295 28.02 1.25 26.77
C LYS A 295 29.27 0.44 27.04
N ASN A 296 29.31 -0.75 26.46
CA ASN A 296 30.43 -1.64 26.67
C ASN A 296 31.53 -1.63 25.62
N ALA A 297 31.71 -0.48 24.97
CA ALA A 297 32.73 -0.33 23.92
C ALA A 297 34.13 -0.44 24.52
N PRO A 298 35.09 -1.03 23.77
CA PRO A 298 34.95 -1.58 22.41
C PRO A 298 33.94 -2.72 22.30
N ALA A 299 33.07 -2.63 21.31
CA ALA A 299 32.04 -3.65 21.12
C ALA A 299 31.74 -4.02 19.67
N ILE A 300 31.27 -5.25 19.48
CA ILE A 300 30.89 -5.71 18.15
C ILE A 300 29.42 -6.12 18.14
N ILE A 301 28.61 -5.42 17.37
CA ILE A 301 27.22 -5.83 17.22
C ILE A 301 27.26 -6.73 16.00
N PHE A 302 26.64 -7.91 16.10
CA PHE A 302 26.60 -8.80 14.97
C PHE A 302 25.16 -9.07 14.61
N ILE A 303 24.74 -8.63 13.44
CA ILE A 303 23.39 -8.90 13.02
C ILE A 303 23.41 -10.20 12.23
N ASP A 304 22.81 -11.22 12.81
CA ASP A 304 22.73 -12.54 12.24
C ASP A 304 21.48 -12.59 11.39
N GLU A 305 21.63 -12.90 10.12
CA GLU A 305 20.51 -13.00 9.19
C GLU A 305 19.91 -11.66 8.85
N LEU A 306 20.78 -10.73 8.51
CA LEU A 306 20.35 -9.38 8.17
C LEU A 306 19.23 -9.37 7.15
N ASP A 307 19.36 -10.17 6.10
CA ASP A 307 18.35 -10.19 5.06
C ASP A 307 16.92 -10.32 5.60
N ALA A 308 16.77 -10.91 6.79
CA ALA A 308 15.46 -11.09 7.42
C ALA A 308 14.90 -9.82 8.01
N ILE A 309 15.78 -8.84 8.18
CA ILE A 309 15.39 -7.58 8.73
C ILE A 309 15.39 -6.58 7.61
N ALA A 310 16.49 -6.52 6.87
CA ALA A 310 16.61 -5.54 5.81
C ALA A 310 16.71 -5.94 4.36
N PRO A 311 15.58 -6.26 3.75
CA PRO A 311 15.55 -6.62 2.33
C PRO A 311 14.71 -5.44 1.79
N LYS A 312 15.03 -4.89 0.63
CA LYS A 312 14.24 -3.76 0.12
C LYS A 312 14.37 -3.51 -1.38
N ARG A 313 13.39 -2.78 -1.91
CA ARG A 313 13.31 -2.40 -3.32
C ARG A 313 12.68 -3.48 -4.19
N GLU A 314 11.99 -4.42 -3.54
CA GLU A 314 11.29 -5.53 -4.22
C GLU A 314 10.86 -6.55 -3.18
N LYS A 315 11.34 -6.39 -1.95
CA LYS A 315 11.02 -7.36 -0.92
C LYS A 315 9.83 -7.07 0.00
N THR A 316 9.26 -5.88 -0.15
CA THR A 316 8.05 -5.37 0.56
C THR A 316 8.14 -3.98 1.15
N HIS A 317 6.95 -3.38 1.27
CA HIS A 317 6.77 -2.06 1.85
C HIS A 317 5.55 -2.25 2.75
N GLY A 318 5.52 -3.41 3.40
CA GLY A 318 4.45 -3.80 4.30
C GLY A 318 4.42 -3.00 5.60
N GLU A 319 4.49 -1.68 5.43
CA GLU A 319 4.42 -0.67 6.48
C GLU A 319 5.10 -0.89 7.82
N VAL A 320 5.62 -2.08 8.07
CA VAL A 320 6.26 -2.32 9.35
C VAL A 320 7.64 -2.83 9.01
N GLU A 321 7.68 -3.57 7.91
CA GLU A 321 8.92 -4.15 7.42
C GLU A 321 9.89 -3.02 7.06
N ARG A 322 9.38 -2.03 6.33
CA ARG A 322 10.21 -0.89 5.90
C ARG A 322 10.60 0.04 7.04
N ARG A 323 9.67 0.32 7.94
CA ARG A 323 9.95 1.20 9.05
C ARG A 323 11.10 0.59 9.82
N ILE A 324 11.17 -0.74 9.86
CA ILE A 324 12.25 -1.40 10.58
C ILE A 324 13.59 -1.24 9.87
N VAL A 325 13.58 -1.37 8.56
CA VAL A 325 14.81 -1.20 7.81
C VAL A 325 15.28 0.21 8.08
N SER A 326 14.37 1.16 7.96
CA SER A 326 14.71 2.57 8.19
C SER A 326 15.32 2.79 9.59
N GLN A 327 14.77 2.12 10.60
CA GLN A 327 15.30 2.23 11.95
C GLN A 327 16.79 1.78 11.90
N LEU A 328 17.04 0.65 11.23
CA LEU A 328 18.39 0.12 11.13
C LEU A 328 19.34 1.03 10.38
N LEU A 329 18.85 1.76 9.38
CA LEU A 329 19.71 2.67 8.65
C LEU A 329 20.02 3.86 9.54
N THR A 330 19.04 4.29 10.33
CA THR A 330 19.23 5.41 11.23
C THR A 330 20.31 5.13 12.26
N LEU A 331 20.29 3.92 12.82
CA LEU A 331 21.26 3.52 13.81
C LEU A 331 22.69 3.49 13.24
N MET A 332 22.81 3.13 11.96
CA MET A 332 24.11 3.07 11.29
C MET A 332 24.66 4.46 11.04
N ASP A 333 23.76 5.41 10.82
CA ASP A 333 24.19 6.77 10.58
C ASP A 333 24.50 7.42 11.92
N GLY A 334 23.72 7.09 12.93
CA GLY A 334 23.92 7.67 14.24
C GLY A 334 25.23 7.28 14.90
N LEU A 335 25.83 6.21 14.43
CA LEU A 335 27.10 5.78 15.00
C LEU A 335 28.16 6.83 14.74
N LYS A 336 29.13 6.92 15.64
CA LYS A 336 30.22 7.88 15.45
C LYS A 336 31.44 7.28 16.12
N GLN A 337 32.60 7.43 15.46
CA GLN A 337 33.84 6.85 15.97
C GLN A 337 34.04 6.94 17.47
N ARG A 338 33.53 8.01 18.10
CA ARG A 338 33.62 8.16 19.56
C ARG A 338 33.09 6.91 20.26
N ALA A 339 32.10 6.27 19.64
CA ALA A 339 31.45 5.09 20.19
C ALA A 339 32.29 3.81 20.29
N HIS A 340 33.31 3.69 19.44
CA HIS A 340 34.16 2.50 19.46
C HIS A 340 33.35 1.21 19.25
N VAL A 341 32.52 1.23 18.22
CA VAL A 341 31.67 0.10 17.92
C VAL A 341 31.80 -0.34 16.48
N ILE A 342 31.81 -1.64 16.26
CA ILE A 342 31.90 -2.15 14.91
C ILE A 342 30.68 -3.08 14.66
N VAL A 343 29.85 -2.75 13.69
CA VAL A 343 28.72 -3.60 13.39
C VAL A 343 29.08 -4.55 12.27
N MET A 344 28.86 -5.84 12.49
CA MET A 344 29.11 -6.85 11.49
C MET A 344 27.77 -7.43 11.16
N ALA A 345 27.53 -7.76 9.91
CA ALA A 345 26.25 -8.33 9.59
C ALA A 345 26.53 -9.50 8.66
N ALA A 346 25.60 -10.44 8.60
CA ALA A 346 25.78 -11.59 7.73
C ALA A 346 24.56 -11.83 6.86
N THR A 347 24.81 -12.21 5.62
CA THR A 347 23.73 -12.50 4.70
C THR A 347 24.23 -13.51 3.68
N ASN A 348 23.33 -14.12 2.93
CA ASN A 348 23.69 -15.11 1.90
C ASN A 348 24.40 -14.48 0.70
N ARG A 349 23.90 -13.33 0.24
CA ARG A 349 24.51 -12.64 -0.88
C ARG A 349 24.04 -11.18 -0.89
N PRO A 350 24.79 -10.32 -1.57
CA PRO A 350 24.45 -8.89 -1.66
C PRO A 350 22.99 -8.63 -2.03
N ASN A 351 22.56 -9.21 -3.14
CA ASN A 351 21.21 -9.05 -3.66
C ASN A 351 20.09 -9.12 -2.64
N SER A 352 20.32 -9.88 -1.58
CA SER A 352 19.33 -10.08 -0.50
C SER A 352 19.08 -8.78 0.26
N ILE A 353 20.17 -8.16 0.65
CA ILE A 353 20.16 -6.91 1.41
C ILE A 353 19.59 -5.73 0.60
N ASP A 354 19.23 -4.67 1.31
CA ASP A 354 18.72 -3.47 0.68
C ASP A 354 19.89 -2.55 0.37
N PRO A 355 20.00 -2.10 -0.89
CA PRO A 355 21.07 -1.21 -1.37
C PRO A 355 21.56 -0.17 -0.37
N ALA A 356 20.64 0.41 0.40
CA ALA A 356 21.00 1.46 1.33
C ALA A 356 21.95 1.06 2.45
N LEU A 357 21.94 -0.22 2.78
CA LEU A 357 22.80 -0.72 3.85
C LEU A 357 24.27 -0.65 3.47
N ARG A 358 24.53 -0.71 2.18
CA ARG A 358 25.89 -0.66 1.64
C ARG A 358 26.32 0.79 1.40
N ARG A 359 25.33 1.68 1.42
CA ARG A 359 25.59 3.10 1.22
C ARG A 359 26.72 3.51 2.16
N PHE A 360 27.69 4.25 1.62
CA PHE A 360 28.85 4.70 2.39
C PHE A 360 28.49 5.37 3.70
N GLY A 361 29.04 4.86 4.79
CA GLY A 361 28.74 5.42 6.09
C GLY A 361 28.03 4.38 6.94
N ARG A 362 27.65 3.29 6.29
CA ARG A 362 26.97 2.20 6.94
C ARG A 362 27.81 0.93 6.74
N PHE A 363 27.28 -0.02 5.99
CA PHE A 363 28.04 -1.24 5.75
C PHE A 363 28.92 -1.00 4.54
N ASP A 364 29.98 -0.22 4.75
CA ASP A 364 30.92 0.09 3.68
C ASP A 364 32.01 -0.97 3.43
N ARG A 365 32.16 -1.93 4.34
CA ARG A 365 33.14 -2.98 4.12
C ARG A 365 32.41 -4.29 3.89
N GLU A 366 33.00 -5.17 3.08
CA GLU A 366 32.39 -6.44 2.78
C GLU A 366 33.46 -7.51 2.65
N VAL A 367 33.13 -8.72 3.09
CA VAL A 367 34.08 -9.82 3.01
C VAL A 367 33.32 -11.06 2.63
N ASP A 368 33.79 -11.69 1.57
CA ASP A 368 33.17 -12.90 1.07
C ASP A 368 33.74 -14.14 1.76
N ILE A 369 32.86 -15.00 2.24
CA ILE A 369 33.26 -16.22 2.91
C ILE A 369 32.49 -17.37 2.32
N GLY A 370 32.96 -17.89 1.19
CA GLY A 370 32.25 -18.97 0.55
C GLY A 370 32.57 -20.35 1.07
N ILE A 371 32.17 -21.37 0.30
CA ILE A 371 32.41 -22.76 0.64
C ILE A 371 33.93 -22.99 0.68
N PRO A 372 34.42 -23.77 1.65
CA PRO A 372 35.84 -24.08 1.81
C PRO A 372 36.32 -25.02 0.72
N ASP A 373 37.63 -25.08 0.52
CA ASP A 373 38.15 -26.01 -0.47
C ASP A 373 38.56 -27.32 0.22
N ALA A 374 39.30 -28.17 -0.50
CA ALA A 374 39.76 -29.45 0.05
C ALA A 374 40.57 -29.20 1.30
N THR A 375 41.51 -28.28 1.20
CA THR A 375 42.36 -27.91 2.33
C THR A 375 41.48 -27.45 3.50
N GLY A 376 40.61 -26.48 3.21
CA GLY A 376 39.70 -25.94 4.20
C GLY A 376 38.89 -27.02 4.92
N ARG A 377 38.08 -27.75 4.17
CA ARG A 377 37.27 -28.81 4.76
C ARG A 377 38.07 -29.72 5.69
N LEU A 378 39.31 -30.02 5.30
CA LEU A 378 40.17 -30.88 6.10
C LEU A 378 40.39 -30.26 7.48
N GLU A 379 40.87 -29.03 7.47
CA GLU A 379 41.12 -28.31 8.71
C GLU A 379 39.87 -28.30 9.57
N ILE A 380 38.72 -28.08 8.94
CA ILE A 380 37.47 -28.05 9.68
C ILE A 380 37.22 -29.38 10.36
N LEU A 381 37.44 -30.46 9.61
CA LEU A 381 37.24 -31.77 10.16
C LEU A 381 38.13 -31.94 11.37
N GLN A 382 39.39 -31.50 11.26
CA GLN A 382 40.32 -31.64 12.37
C GLN A 382 39.84 -30.86 13.61
N ILE A 383 39.27 -29.70 13.38
CA ILE A 383 38.77 -28.91 14.48
C ILE A 383 37.61 -29.59 15.18
N HIS A 384 36.75 -30.29 14.45
CA HIS A 384 35.59 -30.95 15.08
C HIS A 384 35.75 -32.40 15.55
N THR A 385 36.99 -32.80 15.77
CA THR A 385 37.32 -34.15 16.24
C THR A 385 38.36 -34.04 17.36
N LYS A 386 38.93 -32.85 17.52
CA LYS A 386 39.95 -32.59 18.55
C LYS A 386 39.60 -33.11 19.92
N ASN A 387 38.30 -33.32 20.18
CA ASN A 387 37.89 -33.83 21.48
C ASN A 387 37.46 -35.28 21.45
N MET A 388 37.58 -35.94 20.30
CA MET A 388 37.20 -37.35 20.26
C MET A 388 38.39 -38.26 19.91
N LYS A 389 38.26 -39.55 20.20
CA LYS A 389 39.31 -40.52 19.93
C LYS A 389 39.10 -41.12 18.55
N LEU A 390 39.82 -40.62 17.55
CA LEU A 390 39.68 -41.16 16.20
C LEU A 390 40.53 -42.41 16.07
N ALA A 391 40.05 -43.37 15.30
CA ALA A 391 40.78 -44.62 15.07
C ALA A 391 41.83 -44.40 13.98
N ASP A 392 42.91 -45.18 14.04
CA ASP A 392 43.98 -45.06 13.06
C ASP A 392 43.51 -45.29 11.62
N ASP A 393 42.35 -45.92 11.45
CA ASP A 393 41.78 -46.18 10.12
C ASP A 393 41.10 -44.95 9.56
N VAL A 394 40.88 -43.96 10.43
CA VAL A 394 40.23 -42.73 10.05
C VAL A 394 41.18 -41.80 9.31
N ASP A 395 40.84 -41.54 8.05
CA ASP A 395 41.62 -40.67 7.17
C ASP A 395 40.81 -39.40 6.90
N LEU A 396 40.97 -38.38 7.73
CA LEU A 396 40.22 -37.16 7.54
C LEU A 396 40.40 -36.61 6.13
N GLU A 397 41.58 -36.85 5.57
CA GLU A 397 41.90 -36.39 4.22
C GLU A 397 41.03 -37.07 3.17
N GLN A 398 40.48 -38.22 3.54
CA GLN A 398 39.61 -38.99 2.65
C GLN A 398 38.25 -38.33 2.69
N VAL A 399 37.73 -38.18 3.91
CA VAL A 399 36.43 -37.55 4.14
C VAL A 399 36.45 -36.20 3.42
N ALA A 400 37.52 -35.42 3.64
CA ALA A 400 37.63 -34.13 2.98
C ALA A 400 37.56 -34.29 1.46
N ASN A 401 38.18 -35.36 0.95
CA ASN A 401 38.15 -35.54 -0.47
C ASN A 401 36.95 -36.32 -0.99
N GLU A 402 35.78 -35.79 -0.64
CA GLU A 402 34.48 -36.28 -1.05
C GLU A 402 33.32 -35.56 -0.34
N THR A 403 33.63 -34.38 0.19
CA THR A 403 32.64 -33.54 0.85
C THR A 403 32.72 -32.18 0.19
N HIS A 404 33.11 -32.20 -1.07
CA HIS A 404 33.28 -31.01 -1.89
C HIS A 404 32.30 -29.86 -1.66
N GLY A 405 31.07 -30.00 -2.11
CA GLY A 405 30.11 -28.93 -1.90
C GLY A 405 29.92 -28.47 -0.47
N HIS A 406 29.90 -29.42 0.47
CA HIS A 406 29.70 -29.16 1.89
C HIS A 406 30.42 -27.95 2.45
N VAL A 407 29.80 -27.36 3.47
CA VAL A 407 30.32 -26.21 4.20
C VAL A 407 30.68 -26.60 5.66
N GLY A 408 31.32 -25.67 6.39
CA GLY A 408 31.69 -25.94 7.77
C GLY A 408 30.58 -26.62 8.57
N ALA A 409 29.41 -25.98 8.57
CA ALA A 409 28.25 -26.51 9.27
C ALA A 409 27.98 -27.96 8.90
N ASP A 410 28.13 -28.33 7.64
CA ASP A 410 27.88 -29.71 7.23
C ASP A 410 28.89 -30.68 7.82
N LEU A 411 30.17 -30.35 7.68
CA LEU A 411 31.24 -31.20 8.20
C LEU A 411 31.09 -31.36 9.71
N ALA A 412 30.66 -30.29 10.37
CA ALA A 412 30.48 -30.31 11.81
C ALA A 412 29.41 -31.30 12.19
N ALA A 413 28.28 -31.21 11.52
CA ALA A 413 27.19 -32.11 11.80
C ALA A 413 27.62 -33.52 11.46
N LEU A 414 28.45 -33.64 10.43
CA LEU A 414 28.91 -34.95 9.98
C LEU A 414 29.63 -35.66 11.11
N CYS A 415 30.60 -34.97 11.72
CA CYS A 415 31.36 -35.53 12.84
C CYS A 415 30.41 -35.96 13.95
N SER A 416 29.49 -35.08 14.35
CA SER A 416 28.53 -35.42 15.42
C SER A 416 27.82 -36.73 15.14
N GLU A 417 27.33 -36.90 13.92
CA GLU A 417 26.63 -38.14 13.57
C GLU A 417 27.57 -39.34 13.66
N ALA A 418 28.81 -39.15 13.21
CA ALA A 418 29.80 -40.23 13.28
C ALA A 418 29.90 -40.65 14.73
N ALA A 419 30.12 -39.66 15.59
CA ALA A 419 30.26 -39.90 17.03
C ALA A 419 29.05 -40.66 17.58
N LEU A 420 27.86 -40.11 17.37
CA LEU A 420 26.65 -40.74 17.85
C LEU A 420 26.55 -42.17 17.35
N GLN A 421 26.94 -42.41 16.08
CA GLN A 421 26.90 -43.76 15.57
C GLN A 421 27.78 -44.58 16.50
N ALA A 422 29.06 -44.23 16.55
CA ALA A 422 30.01 -44.93 17.40
C ALA A 422 29.44 -45.21 18.78
N ILE A 423 28.71 -44.26 19.32
CA ILE A 423 28.12 -44.47 20.64
C ILE A 423 27.00 -45.46 20.55
N ARG A 424 26.17 -45.31 19.53
CA ARG A 424 25.07 -46.24 19.39
C ARG A 424 25.57 -47.67 19.23
N LYS A 425 26.67 -47.87 18.52
CA LYS A 425 27.21 -49.22 18.33
C LYS A 425 27.77 -49.79 19.64
N LYS A 426 28.98 -49.40 19.98
CA LYS A 426 29.64 -49.92 21.17
C LYS A 426 29.09 -49.57 22.55
N MET A 427 28.40 -48.45 22.70
CA MET A 427 27.93 -48.13 24.03
C MET A 427 26.49 -48.45 24.36
N ASP A 428 25.56 -47.86 23.62
CA ASP A 428 24.14 -48.06 23.85
C ASP A 428 23.71 -49.50 24.12
N LEU A 429 24.36 -50.46 23.47
CA LEU A 429 24.01 -51.87 23.68
C LEU A 429 24.77 -52.52 24.84
N ILE A 430 26.05 -52.80 24.60
CA ILE A 430 26.94 -53.43 25.58
C ILE A 430 26.94 -52.70 26.92
N ASP A 431 26.11 -51.66 27.01
CA ASP A 431 26.01 -50.85 28.22
C ASP A 431 24.63 -50.21 28.26
N LEU A 432 23.59 -51.04 28.30
CA LEU A 432 22.24 -50.52 28.36
C LEU A 432 21.91 -50.16 29.81
N GLU A 433 22.90 -50.30 30.67
CA GLU A 433 22.76 -49.97 32.09
C GLU A 433 23.21 -48.53 32.30
N ASP A 434 22.48 -47.80 33.14
CA ASP A 434 22.80 -46.40 33.42
C ASP A 434 23.90 -46.25 34.46
N GLU A 435 24.34 -45.01 34.64
CA GLU A 435 25.40 -44.67 35.58
C GLU A 435 26.77 -44.96 34.98
N THR A 436 26.91 -44.71 33.68
CA THR A 436 28.18 -44.94 33.00
C THR A 436 28.65 -43.62 32.38
N ILE A 437 28.29 -42.52 33.05
CA ILE A 437 28.66 -41.17 32.62
C ILE A 437 30.16 -41.03 32.79
N ASP A 438 30.77 -42.09 33.30
CA ASP A 438 32.19 -42.13 33.53
C ASP A 438 32.98 -41.69 32.30
N ALA A 439 33.97 -40.85 32.56
CA ALA A 439 34.82 -40.33 31.50
C ALA A 439 35.78 -41.40 30.95
N GLU A 440 35.87 -42.53 31.64
CA GLU A 440 36.76 -43.61 31.17
C GLU A 440 36.10 -44.30 29.98
N VAL A 441 34.82 -44.59 30.11
CA VAL A 441 34.05 -45.23 29.07
C VAL A 441 34.15 -44.39 27.80
N MET A 442 33.84 -43.10 27.93
CA MET A 442 33.89 -42.14 26.82
C MET A 442 35.29 -42.00 26.25
N ASN A 443 36.29 -42.20 27.11
CA ASN A 443 37.69 -42.07 26.72
C ASN A 443 38.15 -43.27 25.90
N SER A 444 37.51 -44.41 26.13
CA SER A 444 37.87 -45.62 25.41
C SER A 444 37.07 -45.77 24.11
N LEU A 445 35.89 -45.19 24.06
CA LEU A 445 35.05 -45.28 22.87
C LEU A 445 35.73 -44.57 21.68
N ALA A 446 36.04 -45.32 20.63
CA ALA A 446 36.68 -44.75 19.46
C ALA A 446 35.74 -44.65 18.26
N VAL A 447 35.99 -43.64 17.42
CA VAL A 447 35.18 -43.44 16.23
C VAL A 447 35.97 -43.97 15.05
N THR A 448 35.42 -44.98 14.39
CA THR A 448 36.07 -45.62 13.25
C THR A 448 35.75 -44.98 11.92
N MET A 449 36.67 -45.13 10.97
CA MET A 449 36.50 -44.59 9.64
C MET A 449 35.24 -45.19 9.04
N ASP A 450 34.71 -46.21 9.71
CA ASP A 450 33.52 -46.89 9.25
C ASP A 450 32.29 -46.11 9.66
N ASP A 451 32.41 -45.35 10.73
CA ASP A 451 31.30 -44.52 11.21
C ASP A 451 31.19 -43.27 10.34
N PHE A 452 32.35 -42.72 9.98
CA PHE A 452 32.39 -41.54 9.13
C PHE A 452 31.87 -41.91 7.75
N ARG A 453 31.99 -43.20 7.43
CA ARG A 453 31.55 -43.71 6.14
C ARG A 453 30.02 -43.83 6.14
N TRP A 454 29.48 -44.01 7.34
CA TRP A 454 28.05 -44.13 7.57
C TRP A 454 27.40 -42.76 7.56
N ALA A 455 27.97 -41.84 8.34
CA ALA A 455 27.45 -40.49 8.41
C ALA A 455 27.43 -39.89 7.02
N LEU A 456 28.43 -40.22 6.19
CA LEU A 456 28.46 -39.71 4.83
C LEU A 456 27.19 -40.19 4.12
N SER A 457 26.91 -41.48 4.24
CA SER A 457 25.73 -42.04 3.59
C SER A 457 24.50 -41.66 4.41
N GLN A 458 24.26 -40.36 4.50
CA GLN A 458 23.12 -39.82 5.25
C GLN A 458 22.81 -38.38 4.78
N PRO B 23 -29.20 57.25 -24.71
CA PRO B 23 -28.11 57.10 -23.70
C PRO B 23 -26.96 56.31 -24.32
N ASN B 24 -27.30 55.49 -25.30
CA ASN B 24 -26.37 54.64 -26.02
C ASN B 24 -25.47 53.86 -25.06
N ARG B 25 -26.03 53.49 -23.91
CA ARG B 25 -25.31 52.74 -22.87
C ARG B 25 -24.61 51.54 -23.48
N LEU B 26 -23.35 51.35 -23.09
CA LEU B 26 -22.59 50.24 -23.66
C LEU B 26 -22.28 49.08 -22.71
N ILE B 27 -21.94 47.94 -23.32
CA ILE B 27 -21.57 46.74 -22.58
C ILE B 27 -20.06 46.75 -22.50
N VAL B 28 -19.52 46.53 -21.31
CA VAL B 28 -18.06 46.54 -21.13
C VAL B 28 -17.41 45.25 -21.63
N ASP B 29 -16.34 45.38 -22.40
CA ASP B 29 -15.65 44.21 -22.91
C ASP B 29 -14.15 44.30 -22.58
N GLU B 30 -13.34 43.61 -23.38
CA GLU B 30 -11.90 43.55 -23.23
C GLU B 30 -11.18 44.83 -23.64
N ALA B 31 -9.91 44.95 -23.24
CA ALA B 31 -9.10 46.12 -23.57
C ALA B 31 -8.09 45.72 -24.65
N ILE B 32 -7.59 46.69 -25.41
CA ILE B 32 -6.62 46.38 -26.47
C ILE B 32 -5.25 47.10 -26.38
N ASN B 33 -5.20 48.34 -25.91
CA ASN B 33 -3.88 48.97 -25.73
C ASN B 33 -3.82 48.93 -24.22
N GLU B 34 -2.66 48.58 -23.68
CA GLU B 34 -2.56 48.46 -22.25
C GLU B 34 -2.85 49.77 -21.51
N ASP B 35 -3.02 50.88 -22.23
CA ASP B 35 -3.26 52.15 -21.54
C ASP B 35 -4.57 52.13 -20.77
N ASN B 36 -4.50 52.61 -19.53
CA ASN B 36 -5.65 52.64 -18.65
C ASN B 36 -6.62 53.75 -18.99
N SER B 37 -6.10 54.97 -19.06
CA SER B 37 -6.91 56.16 -19.37
C SER B 37 -7.77 56.03 -20.63
N VAL B 38 -7.39 55.14 -21.55
CA VAL B 38 -8.12 54.96 -22.79
C VAL B 38 -9.22 53.88 -22.72
N VAL B 39 -10.25 54.09 -23.54
CA VAL B 39 -11.38 53.18 -23.68
C VAL B 39 -11.68 53.15 -25.19
N SER B 40 -12.33 52.10 -25.69
CA SER B 40 -12.60 52.07 -27.12
C SER B 40 -14.02 51.72 -27.52
N LEU B 41 -14.42 52.29 -28.66
CA LEU B 41 -15.74 52.06 -29.26
C LEU B 41 -15.49 51.92 -30.75
N SER B 42 -16.55 51.85 -31.52
CA SER B 42 -16.41 51.73 -32.96
C SER B 42 -16.74 53.07 -33.59
N GLN B 43 -16.15 53.35 -34.73
CA GLN B 43 -16.41 54.61 -35.41
C GLN B 43 -17.91 54.84 -35.49
N PRO B 44 -18.69 53.79 -35.83
CA PRO B 44 -20.15 53.90 -35.94
C PRO B 44 -20.77 54.35 -34.62
N LYS B 45 -20.20 53.87 -33.52
CA LYS B 45 -20.69 54.20 -32.20
C LYS B 45 -20.40 55.65 -31.88
N MET B 46 -19.16 56.04 -32.11
CA MET B 46 -18.74 57.40 -31.83
C MET B 46 -19.42 58.43 -32.72
N ASP B 47 -19.61 58.09 -33.98
CA ASP B 47 -20.24 59.00 -34.94
C ASP B 47 -21.60 59.54 -34.53
N GLU B 48 -22.36 58.72 -33.82
CA GLU B 48 -23.71 59.10 -33.43
C GLU B 48 -23.83 60.10 -32.30
N LEU B 49 -22.76 60.33 -31.55
CA LEU B 49 -22.83 61.26 -30.44
C LEU B 49 -21.82 62.39 -30.59
N GLN B 50 -21.17 62.41 -31.75
CA GLN B 50 -20.16 63.41 -32.08
C GLN B 50 -18.90 63.29 -31.25
N LEU B 51 -18.73 62.15 -30.59
CA LEU B 51 -17.52 61.96 -29.81
C LEU B 51 -16.41 61.77 -30.85
N PHE B 52 -15.41 62.63 -30.76
CA PHE B 52 -14.29 62.65 -31.70
C PHE B 52 -13.06 61.93 -31.18
N ARG B 53 -12.30 61.35 -32.11
CA ARG B 53 -11.07 60.63 -31.85
C ARG B 53 -10.15 61.18 -30.75
N GLY B 54 -10.65 61.41 -29.54
CA GLY B 54 -9.78 61.93 -28.49
C GLY B 54 -10.52 62.51 -27.30
N ASP B 55 -11.84 62.62 -27.44
CA ASP B 55 -12.71 63.19 -26.42
C ASP B 55 -12.52 62.64 -24.99
N THR B 56 -12.50 63.53 -23.99
CA THR B 56 -12.35 63.13 -22.59
C THR B 56 -13.70 62.70 -22.00
N VAL B 57 -14.24 61.62 -22.55
CA VAL B 57 -15.53 61.07 -22.14
C VAL B 57 -15.66 60.72 -20.65
N LEU B 58 -16.87 60.84 -20.13
CA LEU B 58 -17.16 60.54 -18.74
C LEU B 58 -17.85 59.19 -18.73
N LEU B 59 -17.64 58.42 -17.67
CA LEU B 59 -18.25 57.11 -17.57
C LEU B 59 -18.83 56.94 -16.18
N LYS B 60 -20.15 56.73 -16.11
CA LYS B 60 -20.78 56.53 -14.82
C LYS B 60 -21.19 55.07 -14.70
N GLY B 61 -21.27 54.58 -13.46
CA GLY B 61 -21.65 53.21 -13.24
C GLY B 61 -22.12 52.87 -11.83
N LYS B 62 -21.74 51.68 -11.40
CA LYS B 62 -22.10 51.12 -10.09
C LYS B 62 -21.82 51.98 -8.85
N LYS B 63 -22.68 51.80 -7.84
CA LYS B 63 -22.64 52.49 -6.56
C LYS B 63 -21.69 53.67 -6.43
N ARG B 64 -22.23 54.87 -6.62
CA ARG B 64 -21.49 56.13 -6.54
C ARG B 64 -20.15 56.10 -7.27
N ARG B 65 -20.13 55.64 -8.52
CA ARG B 65 -18.86 55.61 -9.23
C ARG B 65 -18.90 56.20 -10.62
N GLU B 66 -17.88 57.01 -10.89
CA GLU B 66 -17.70 57.67 -12.17
C GLU B 66 -16.22 57.57 -12.52
N ALA B 67 -15.82 58.11 -13.68
CA ALA B 67 -14.44 58.02 -14.08
C ALA B 67 -14.26 58.64 -15.44
N VAL B 68 -13.30 59.55 -15.56
CA VAL B 68 -13.03 60.23 -16.83
C VAL B 68 -11.91 59.52 -17.59
N CYS B 69 -12.15 59.29 -18.88
CA CYS B 69 -11.20 58.59 -19.73
C CYS B 69 -11.20 59.05 -21.19
N ILE B 70 -10.03 58.99 -21.82
CA ILE B 70 -9.86 59.37 -23.22
C ILE B 70 -10.41 58.29 -24.10
N VAL B 71 -11.34 58.67 -24.96
CA VAL B 71 -11.95 57.70 -25.85
C VAL B 71 -11.38 57.71 -27.24
N LEU B 72 -10.78 56.59 -27.63
CA LEU B 72 -10.23 56.45 -28.97
C LEU B 72 -11.30 55.69 -29.74
N SER B 73 -10.89 54.84 -30.68
CA SER B 73 -11.84 54.07 -31.49
C SER B 73 -11.18 52.76 -31.99
N ASP B 74 -11.99 51.71 -32.11
CA ASP B 74 -11.47 50.43 -32.57
C ASP B 74 -12.35 49.87 -33.68
N ASP B 75 -11.77 49.01 -34.52
CA ASP B 75 -12.49 48.41 -35.63
C ASP B 75 -13.06 47.04 -35.26
N THR B 76 -12.33 46.29 -34.45
CA THR B 76 -12.76 44.97 -34.01
C THR B 76 -13.76 45.07 -32.87
N CYS B 77 -14.03 46.27 -32.40
CA CYS B 77 -14.99 46.45 -31.33
C CYS B 77 -16.39 46.41 -31.91
N SER B 78 -17.35 45.94 -31.13
CA SER B 78 -18.71 45.91 -31.61
C SER B 78 -19.38 47.20 -31.15
N ASP B 79 -20.19 47.76 -32.04
CA ASP B 79 -20.89 49.01 -31.82
C ASP B 79 -21.58 49.18 -30.47
N GLU B 80 -21.91 48.07 -29.81
CA GLU B 80 -22.58 48.17 -28.52
C GLU B 80 -21.65 47.98 -27.33
N LYS B 81 -20.43 47.50 -27.61
CA LYS B 81 -19.44 47.24 -26.56
C LYS B 81 -18.33 48.28 -26.48
N ILE B 82 -17.82 48.47 -25.26
CA ILE B 82 -16.75 49.43 -24.99
C ILE B 82 -15.52 48.77 -24.35
N ARG B 83 -14.46 48.65 -25.14
CA ARG B 83 -13.21 48.05 -24.69
C ARG B 83 -12.43 48.89 -23.66
N MET B 84 -12.44 48.49 -22.40
CA MET B 84 -11.70 49.23 -21.37
C MET B 84 -10.85 48.22 -20.58
N ASN B 85 -10.00 48.69 -19.67
CA ASN B 85 -9.16 47.78 -18.86
C ASN B 85 -9.66 47.68 -17.42
N ARG B 86 -9.13 46.69 -16.70
CA ARG B 86 -9.51 46.46 -15.33
C ARG B 86 -9.34 47.69 -14.44
N VAL B 87 -8.43 48.57 -14.79
CA VAL B 87 -8.21 49.77 -13.99
C VAL B 87 -9.49 50.61 -13.95
N VAL B 88 -10.03 50.90 -15.13
CA VAL B 88 -11.23 51.70 -15.23
C VAL B 88 -12.32 50.91 -14.54
N ARG B 89 -12.63 49.77 -15.16
CA ARG B 89 -13.64 48.81 -14.72
C ARG B 89 -13.81 48.79 -13.19
N ASN B 90 -12.72 48.58 -12.46
CA ASN B 90 -12.75 48.54 -11.00
C ASN B 90 -13.24 49.85 -10.39
N ASN B 91 -12.70 50.97 -10.85
CA ASN B 91 -13.14 52.27 -10.36
C ASN B 91 -14.63 52.38 -10.70
N LEU B 92 -15.00 51.78 -11.83
CA LEU B 92 -16.40 51.76 -12.27
C LEU B 92 -17.15 50.65 -11.53
N ARG B 93 -16.44 49.90 -10.70
CA ARG B 93 -17.04 48.80 -9.95
C ARG B 93 -17.90 47.91 -10.85
N VAL B 94 -17.33 47.38 -11.93
CA VAL B 94 -18.09 46.52 -12.84
C VAL B 94 -17.27 45.41 -13.50
N ARG B 95 -17.93 44.31 -13.84
CA ARG B 95 -17.27 43.18 -14.49
C ARG B 95 -17.56 43.20 -15.97
N LEU B 96 -16.84 42.40 -16.73
CA LEU B 96 -17.05 42.31 -18.16
C LEU B 96 -18.48 41.83 -18.48
N GLY B 97 -19.24 42.65 -19.17
CA GLY B 97 -20.60 42.25 -19.50
C GLY B 97 -21.64 43.24 -19.03
N ASP B 98 -21.29 44.05 -18.06
CA ASP B 98 -22.22 45.04 -17.55
C ASP B 98 -22.41 46.18 -18.55
N VAL B 99 -23.25 47.15 -18.19
CA VAL B 99 -23.54 48.28 -19.06
C VAL B 99 -23.14 49.62 -18.44
N ILE B 100 -22.78 50.56 -19.29
CA ILE B 100 -22.37 51.88 -18.84
C ILE B 100 -22.88 53.00 -19.76
N SER B 101 -23.01 54.18 -19.17
CA SER B 101 -23.47 55.37 -19.88
C SER B 101 -22.25 56.25 -20.19
N ILE B 102 -21.78 56.15 -21.43
CA ILE B 102 -20.63 56.92 -21.88
C ILE B 102 -21.07 58.33 -22.28
N GLN B 103 -20.86 59.27 -21.37
CA GLN B 103 -21.25 60.65 -21.58
C GLN B 103 -20.08 61.61 -21.82
N PRO B 104 -20.16 62.44 -22.87
CA PRO B 104 -19.08 63.40 -23.18
C PRO B 104 -18.91 64.35 -21.99
N CYS B 105 -17.67 64.55 -21.55
CA CYS B 105 -17.40 65.42 -20.41
C CYS B 105 -16.71 66.70 -20.90
N PRO B 106 -17.49 67.76 -21.18
CA PRO B 106 -16.94 69.03 -21.67
C PRO B 106 -16.20 69.92 -20.66
N ASP B 107 -16.66 69.94 -19.42
CA ASP B 107 -16.04 70.77 -18.39
C ASP B 107 -14.60 70.42 -17.98
N VAL B 108 -14.18 69.19 -18.23
CA VAL B 108 -12.83 68.74 -17.84
C VAL B 108 -11.70 69.68 -18.28
N LYS B 109 -11.15 70.39 -17.30
CA LYS B 109 -10.09 71.36 -17.56
C LYS B 109 -8.76 71.07 -16.87
N TYR B 110 -7.68 71.33 -17.60
CA TYR B 110 -6.32 71.10 -17.11
C TYR B 110 -6.24 71.36 -15.61
N GLY B 111 -5.37 70.65 -14.92
CA GLY B 111 -5.29 70.82 -13.48
C GLY B 111 -4.16 71.67 -12.97
N LYS B 112 -4.32 72.17 -11.75
CA LYS B 112 -3.30 73.00 -11.14
C LYS B 112 -2.49 72.20 -10.12
N ARG B 113 -3.19 71.40 -9.31
CA ARG B 113 -2.53 70.55 -8.32
C ARG B 113 -3.32 69.25 -8.12
N ILE B 114 -2.65 68.23 -7.59
CA ILE B 114 -3.28 66.95 -7.32
C ILE B 114 -2.49 66.32 -6.19
N HIS B 115 -3.19 65.64 -5.29
CA HIS B 115 -2.54 64.98 -4.18
C HIS B 115 -2.90 63.51 -4.28
N VAL B 116 -1.87 62.67 -4.41
CA VAL B 116 -2.08 61.23 -4.51
C VAL B 116 -1.16 60.55 -3.53
N LEU B 117 -1.58 59.39 -3.04
CA LEU B 117 -0.78 58.66 -2.09
C LEU B 117 -0.68 57.18 -2.44
N PRO B 118 0.53 56.61 -2.32
CA PRO B 118 0.76 55.21 -2.63
C PRO B 118 0.04 54.31 -1.62
N ILE B 119 -0.51 53.21 -2.10
CA ILE B 119 -1.20 52.27 -1.23
C ILE B 119 -0.23 51.24 -0.65
N ASP B 120 -0.07 51.30 0.68
CA ASP B 120 0.79 50.42 1.45
C ASP B 120 1.26 49.11 0.81
N ASP B 121 0.34 48.16 0.66
CA ASP B 121 0.65 46.86 0.09
C ASP B 121 1.37 46.89 -1.25
N THR B 122 1.34 48.04 -1.93
CA THR B 122 2.02 48.17 -3.21
C THR B 122 3.35 48.92 -3.12
N VAL B 123 3.72 49.38 -1.93
CA VAL B 123 4.99 50.08 -1.75
C VAL B 123 5.88 49.36 -0.74
N GLU B 124 5.28 48.61 0.16
CA GLU B 124 6.08 47.91 1.16
C GLU B 124 7.20 47.23 0.41
N GLY B 125 8.43 47.68 0.69
CA GLY B 125 9.60 47.12 0.04
C GLY B 125 10.49 48.20 -0.52
N ILE B 126 9.88 49.16 -1.21
CA ILE B 126 10.59 50.26 -1.84
C ILE B 126 10.67 51.53 -1.01
N THR B 127 11.80 52.20 -1.12
CA THR B 127 12.07 53.44 -0.42
C THR B 127 12.46 54.45 -1.52
N GLY B 128 12.56 55.72 -1.15
CA GLY B 128 12.94 56.72 -2.13
C GLY B 128 11.76 57.47 -2.71
N ASN B 129 12.03 58.39 -3.63
CA ASN B 129 10.96 59.17 -4.22
C ASN B 129 10.19 58.42 -5.30
N LEU B 130 8.91 58.23 -5.03
CA LEU B 130 8.02 57.55 -5.94
C LEU B 130 7.81 58.44 -7.14
N PHE B 131 7.61 59.73 -6.86
CA PHE B 131 7.36 60.72 -7.88
C PHE B 131 8.28 60.59 -9.08
N GLU B 132 9.58 60.59 -8.78
CA GLU B 132 10.62 60.50 -9.80
C GLU B 132 10.52 59.24 -10.64
N VAL B 133 10.22 58.13 -9.98
CA VAL B 133 10.14 56.83 -10.64
C VAL B 133 8.80 56.45 -11.26
N TYR B 134 7.70 56.82 -10.61
CA TYR B 134 6.37 56.45 -11.13
C TYR B 134 5.50 57.56 -11.67
N LEU B 135 5.11 58.50 -10.81
CA LEU B 135 4.23 59.59 -11.21
C LEU B 135 4.71 60.39 -12.41
N LYS B 136 5.98 60.79 -12.37
CA LYS B 136 6.53 61.60 -13.45
C LYS B 136 6.41 60.97 -14.85
N PRO B 137 7.08 59.83 -15.11
CA PRO B 137 7.00 59.19 -16.43
C PRO B 137 5.58 58.80 -16.81
N TYR B 138 4.69 58.71 -15.82
CA TYR B 138 3.31 58.32 -16.08
C TYR B 138 2.45 59.45 -16.66
N PHE B 139 2.64 60.66 -16.15
CA PHE B 139 1.87 61.80 -16.61
C PHE B 139 2.59 62.62 -17.65
N LEU B 140 3.91 62.58 -17.60
CA LEU B 140 4.73 63.34 -18.53
C LEU B 140 4.11 63.44 -19.93
N GLU B 141 3.81 64.67 -20.34
CA GLU B 141 3.23 64.99 -21.65
C GLU B 141 2.21 63.96 -22.13
N ALA B 142 1.36 63.50 -21.24
CA ALA B 142 0.35 62.50 -21.61
C ALA B 142 -1.06 63.07 -21.57
N TYR B 143 -1.29 64.06 -20.72
CA TYR B 143 -2.60 64.68 -20.62
C TYR B 143 -3.63 63.67 -20.16
N ARG B 144 -3.30 62.94 -19.10
CA ARG B 144 -4.20 61.93 -18.55
C ARG B 144 -5.27 62.58 -17.70
N PRO B 145 -6.54 62.32 -18.02
CA PRO B 145 -7.68 62.89 -17.27
C PRO B 145 -8.00 62.02 -16.06
N ILE B 146 -7.93 62.57 -14.86
CA ILE B 146 -8.23 61.76 -13.68
C ILE B 146 -9.32 62.30 -12.76
N ARG B 147 -10.14 61.40 -12.21
CA ARG B 147 -11.21 61.78 -11.30
C ARG B 147 -10.74 61.63 -9.86
N LYS B 148 -11.59 61.97 -8.90
CA LYS B 148 -11.22 61.86 -7.50
C LYS B 148 -11.38 60.42 -7.05
N GLY B 149 -10.71 60.08 -5.95
CA GLY B 149 -10.78 58.74 -5.40
C GLY B 149 -10.24 57.67 -6.33
N ASP B 150 -10.13 57.99 -7.61
CA ASP B 150 -9.63 57.01 -8.58
C ASP B 150 -8.33 56.40 -8.16
N ILE B 151 -8.13 55.16 -8.60
CA ILE B 151 -6.90 54.42 -8.31
C ILE B 151 -6.32 53.99 -9.64
N PHE B 152 -5.10 54.42 -9.89
CA PHE B 152 -4.43 54.07 -11.14
C PHE B 152 -3.22 53.22 -10.83
N LEU B 153 -2.80 52.47 -11.84
CA LEU B 153 -1.70 51.56 -11.69
C LEU B 153 -0.52 52.01 -12.49
N VAL B 154 0.63 52.08 -11.82
CA VAL B 154 1.83 52.49 -12.50
C VAL B 154 2.83 51.35 -12.41
N ARG B 155 3.26 50.82 -13.56
CA ARG B 155 4.21 49.71 -13.58
C ARG B 155 5.66 50.17 -13.68
N GLY B 156 6.58 49.37 -13.14
CA GLY B 156 8.00 49.70 -13.19
C GLY B 156 8.82 49.38 -11.96
N GLY B 157 10.12 49.17 -12.17
CA GLY B 157 10.97 48.85 -11.03
C GLY B 157 10.74 47.42 -10.62
N MET B 158 10.17 46.66 -11.54
CA MET B 158 9.83 45.25 -11.39
C MET B 158 8.63 45.03 -10.48
N ARG B 159 7.74 46.02 -10.45
CA ARG B 159 6.51 45.92 -9.69
C ARG B 159 5.53 46.95 -10.20
N ALA B 160 4.32 46.97 -9.66
CA ALA B 160 3.34 47.95 -10.11
C ALA B 160 2.69 48.60 -8.90
N VAL B 161 3.06 49.85 -8.64
CA VAL B 161 2.49 50.56 -7.52
C VAL B 161 1.11 51.10 -7.87
N GLU B 162 0.24 51.10 -6.86
CA GLU B 162 -1.12 51.62 -6.99
C GLU B 162 -1.22 52.94 -6.25
N PHE B 163 -1.82 53.93 -6.89
CA PHE B 163 -1.97 55.25 -6.28
C PHE B 163 -3.42 55.67 -6.18
N LYS B 164 -3.74 56.32 -5.07
CA LYS B 164 -5.10 56.81 -4.82
C LYS B 164 -5.15 58.34 -4.96
N VAL B 165 -6.06 58.83 -5.82
CA VAL B 165 -6.19 60.27 -5.97
C VAL B 165 -7.07 60.74 -4.82
N VAL B 166 -6.48 61.51 -3.91
CA VAL B 166 -7.22 62.01 -2.76
C VAL B 166 -7.51 63.50 -2.85
N GLU B 167 -6.91 64.20 -3.81
CA GLU B 167 -7.13 65.65 -3.98
C GLU B 167 -6.84 66.14 -5.40
N THR B 168 -7.68 67.05 -5.88
CA THR B 168 -7.53 67.63 -7.22
C THR B 168 -7.87 69.11 -7.12
N ASP B 169 -7.38 69.90 -8.07
CA ASP B 169 -7.62 71.34 -8.09
C ASP B 169 -7.30 71.88 -9.50
N PRO B 170 -8.31 72.00 -10.37
CA PRO B 170 -9.76 71.75 -10.28
C PRO B 170 -10.27 70.56 -9.51
N SER B 171 -11.44 70.80 -8.90
CA SER B 171 -12.09 69.75 -8.16
C SER B 171 -12.60 68.62 -9.07
N PRO B 172 -13.44 67.69 -8.55
CA PRO B 172 -14.00 66.40 -8.99
C PRO B 172 -12.99 65.70 -9.92
N TYR B 173 -12.52 66.37 -10.97
CA TYR B 173 -11.61 65.77 -11.93
C TYR B 173 -10.76 66.82 -12.64
N CYS B 174 -9.84 66.35 -13.48
CA CYS B 174 -8.94 67.22 -14.23
C CYS B 174 -8.01 66.42 -15.14
N ILE B 175 -7.35 67.12 -16.05
CA ILE B 175 -6.42 66.46 -16.95
C ILE B 175 -5.04 66.96 -16.57
N VAL B 176 -4.22 66.08 -16.02
CA VAL B 176 -2.85 66.43 -15.62
C VAL B 176 -2.07 66.95 -16.81
N ALA B 177 -1.68 68.22 -16.72
CA ALA B 177 -0.94 68.85 -17.80
C ALA B 177 0.48 69.11 -17.32
N PRO B 178 1.40 69.46 -18.25
CA PRO B 178 2.78 69.71 -17.86
C PRO B 178 2.94 70.86 -16.88
N ASP B 179 1.81 71.45 -16.47
CA ASP B 179 1.81 72.56 -15.52
C ASP B 179 1.17 72.18 -14.20
N THR B 180 0.51 71.03 -14.16
CA THR B 180 -0.15 70.58 -12.95
C THR B 180 0.87 70.21 -11.89
N VAL B 181 0.65 70.65 -10.66
CA VAL B 181 1.56 70.32 -9.57
C VAL B 181 1.17 68.97 -9.03
N ILE B 182 2.18 68.20 -8.62
CA ILE B 182 1.91 66.88 -8.08
C ILE B 182 2.47 66.72 -6.68
N HIS B 183 1.56 66.48 -5.74
CA HIS B 183 1.96 66.29 -4.34
C HIS B 183 1.96 64.82 -3.95
N CYS B 184 3.03 64.41 -3.28
CA CYS B 184 3.18 63.05 -2.81
C CYS B 184 3.45 63.14 -1.32
N GLU B 185 2.42 63.53 -0.59
CA GLU B 185 2.48 63.70 0.85
C GLU B 185 3.04 62.46 1.54
N GLY B 186 3.64 62.65 2.71
CA GLY B 186 4.28 61.57 3.44
C GLY B 186 3.65 60.29 4.00
N GLU B 187 2.44 59.90 3.60
CA GLU B 187 1.91 58.66 4.19
C GLU B 187 1.15 57.67 3.29
N PRO B 188 1.61 56.40 3.27
CA PRO B 188 0.95 55.39 2.44
C PRO B 188 -0.39 54.99 3.06
N ILE B 189 -1.50 55.21 2.33
CA ILE B 189 -2.82 54.86 2.86
C ILE B 189 -3.10 53.37 2.76
N LYS B 190 -4.32 52.96 3.11
CA LYS B 190 -4.70 51.55 3.07
C LYS B 190 -5.63 51.17 1.93
N ARG B 191 -5.79 49.87 1.72
CA ARG B 191 -6.64 49.34 0.67
C ARG B 191 -8.01 49.02 1.26
N GLU B 192 -8.99 49.90 1.04
CA GLU B 192 -10.32 49.64 1.58
C GLU B 192 -10.84 48.34 1.00
N ASP B 193 -11.44 47.51 1.84
CA ASP B 193 -11.92 46.22 1.37
C ASP B 193 -13.09 46.27 0.39
N GLU B 194 -13.37 47.43 -0.17
CA GLU B 194 -14.43 47.52 -1.15
C GLU B 194 -13.68 47.73 -2.45
N GLU B 195 -12.36 47.91 -2.29
CA GLU B 195 -11.44 48.16 -3.39
C GLU B 195 -10.51 46.98 -3.71
N GLU B 196 -10.79 46.32 -4.83
CA GLU B 196 -10.01 45.17 -5.30
C GLU B 196 -8.62 45.59 -5.74
N SER B 197 -7.68 44.65 -5.68
CA SER B 197 -6.31 44.95 -6.09
C SER B 197 -6.12 44.57 -7.54
N LEU B 198 -5.21 45.26 -8.22
CA LEU B 198 -4.92 44.95 -9.61
C LEU B 198 -3.83 43.90 -9.59
N ASN B 199 -3.49 43.51 -8.37
CA ASN B 199 -2.49 42.49 -8.12
C ASN B 199 -3.15 41.12 -8.32
N GLU B 200 -4.48 41.10 -8.23
CA GLU B 200 -5.27 39.89 -8.38
C GLU B 200 -5.21 39.43 -9.84
N VAL B 201 -5.49 38.15 -10.07
CA VAL B 201 -5.45 37.60 -11.41
C VAL B 201 -6.66 38.09 -12.20
N GLY B 202 -6.49 38.26 -13.51
CA GLY B 202 -7.59 38.70 -14.34
C GLY B 202 -7.34 38.10 -15.72
N TYR B 203 -8.25 38.36 -16.65
CA TYR B 203 -8.09 37.83 -17.99
C TYR B 203 -6.80 38.32 -18.66
N ASP B 204 -6.43 39.58 -18.39
CA ASP B 204 -5.24 40.20 -19.02
C ASP B 204 -3.95 39.58 -18.58
N ASP B 205 -4.04 38.65 -17.63
CA ASP B 205 -2.87 37.95 -17.12
C ASP B 205 -2.66 36.63 -17.84
N VAL B 206 -3.64 36.18 -18.64
CA VAL B 206 -3.53 34.92 -19.37
C VAL B 206 -3.24 35.20 -20.83
N GLY B 207 -2.30 34.49 -21.42
CA GLY B 207 -2.01 34.71 -22.82
C GLY B 207 -1.93 33.39 -23.57
N GLY B 208 -2.19 33.40 -24.87
CA GLY B 208 -2.12 32.18 -25.64
C GLY B 208 -3.38 31.31 -25.63
N CYS B 209 -4.17 31.39 -24.58
CA CYS B 209 -5.39 30.60 -24.52
C CYS B 209 -6.55 31.47 -24.97
N ARG B 210 -6.90 31.41 -26.26
CA ARG B 210 -7.99 32.25 -26.74
C ARG B 210 -9.24 31.44 -26.97
N LYS B 211 -9.09 30.36 -27.72
CA LYS B 211 -10.22 29.52 -28.01
C LYS B 211 -10.78 28.96 -26.71
N GLN B 212 -9.95 28.25 -25.95
CA GLN B 212 -10.38 27.66 -24.68
C GLN B 212 -10.81 28.71 -23.68
N LEU B 213 -10.03 29.77 -23.54
CA LEU B 213 -10.40 30.83 -22.59
C LEU B 213 -11.73 31.43 -23.02
N ALA B 214 -12.10 31.17 -24.27
CA ALA B 214 -13.35 31.68 -24.80
C ALA B 214 -14.50 30.82 -24.29
N GLN B 215 -14.38 29.52 -24.51
CA GLN B 215 -15.38 28.55 -24.08
C GLN B 215 -15.75 28.68 -22.60
N ILE B 216 -14.73 28.67 -21.76
CA ILE B 216 -14.93 28.77 -20.33
C ILE B 216 -15.81 29.93 -20.01
N LYS B 217 -15.46 31.10 -20.52
CA LYS B 217 -16.23 32.30 -20.25
C LYS B 217 -17.68 32.05 -20.68
N GLU B 218 -17.82 31.43 -21.85
CA GLU B 218 -19.09 31.11 -22.47
C GLU B 218 -19.97 30.18 -21.65
N MET B 219 -19.35 29.20 -21.00
CA MET B 219 -20.07 28.23 -20.17
C MET B 219 -20.45 28.85 -18.83
N VAL B 220 -19.44 29.38 -18.16
CA VAL B 220 -19.61 30.00 -16.84
C VAL B 220 -20.47 31.26 -16.84
N GLU B 221 -20.48 31.96 -17.96
CA GLU B 221 -21.23 33.21 -18.10
C GLU B 221 -22.56 33.23 -17.35
N LEU B 222 -23.59 32.69 -17.98
CA LEU B 222 -24.93 32.69 -17.40
C LEU B 222 -25.05 32.24 -15.93
N PRO B 223 -24.68 30.99 -15.61
CA PRO B 223 -24.79 30.50 -14.22
C PRO B 223 -24.08 31.33 -13.14
N LEU B 224 -22.93 31.88 -13.49
CA LEU B 224 -22.15 32.69 -12.55
C LEU B 224 -22.58 34.15 -12.55
N ARG B 225 -22.93 34.64 -13.75
CA ARG B 225 -23.35 36.02 -13.95
C ARG B 225 -24.84 36.27 -13.79
N HIS B 226 -25.66 35.35 -14.27
CA HIS B 226 -27.10 35.51 -14.16
C HIS B 226 -27.73 34.37 -13.36
N PRO B 227 -27.50 34.36 -12.04
CA PRO B 227 -28.04 33.34 -11.13
C PRO B 227 -29.54 33.13 -11.34
N ALA B 228 -30.30 34.20 -11.06
CA ALA B 228 -31.76 34.21 -11.17
C ALA B 228 -32.34 33.43 -12.35
N LEU B 229 -31.78 33.62 -13.54
CA LEU B 229 -32.26 32.96 -14.75
C LEU B 229 -32.64 31.50 -14.57
N PHE B 230 -31.68 30.70 -14.12
CA PHE B 230 -31.91 29.28 -13.92
C PHE B 230 -32.93 29.02 -12.82
N LYS B 231 -33.07 29.99 -11.92
CA LYS B 231 -34.01 29.89 -10.82
C LYS B 231 -35.42 30.20 -11.36
N ALA B 232 -35.53 30.32 -12.68
CA ALA B 232 -36.82 30.63 -13.32
C ALA B 232 -37.07 29.71 -14.51
N ILE B 233 -36.02 29.05 -15.00
CA ILE B 233 -36.13 28.16 -16.14
C ILE B 233 -35.65 26.74 -15.83
N GLY B 234 -36.13 25.79 -16.60
CA GLY B 234 -35.76 24.41 -16.37
C GLY B 234 -34.63 23.88 -17.24
N VAL B 235 -33.66 24.73 -17.58
CA VAL B 235 -32.53 24.30 -18.39
C VAL B 235 -31.34 23.94 -17.50
N LYS B 236 -30.62 22.89 -17.89
CA LYS B 236 -29.47 22.41 -17.13
C LYS B 236 -28.16 23.16 -17.42
N PRO B 237 -27.65 23.91 -16.44
CA PRO B 237 -26.40 24.66 -16.63
C PRO B 237 -25.20 23.74 -16.43
N PRO B 238 -24.02 24.13 -16.94
CA PRO B 238 -22.80 23.34 -16.82
C PRO B 238 -22.39 23.44 -15.35
N ARG B 239 -22.13 22.28 -14.72
CA ARG B 239 -21.75 22.24 -13.30
C ARG B 239 -20.35 21.74 -13.02
N GLY B 240 -19.71 21.11 -13.99
CA GLY B 240 -18.36 20.59 -13.76
C GLY B 240 -17.48 20.69 -14.99
N ILE B 241 -16.46 21.54 -14.90
CA ILE B 241 -15.54 21.71 -16.01
C ILE B 241 -14.21 21.06 -15.71
N LEU B 242 -13.71 20.32 -16.68
CA LEU B 242 -12.45 19.62 -16.54
C LEU B 242 -11.37 20.15 -17.47
N LEU B 243 -10.35 20.82 -16.91
CA LEU B 243 -9.25 21.36 -17.70
C LEU B 243 -8.06 20.39 -17.85
N TYR B 244 -7.74 20.01 -19.07
CA TYR B 244 -6.61 19.10 -19.32
C TYR B 244 -5.40 19.97 -19.64
N GLY B 245 -4.28 19.34 -19.97
CA GLY B 245 -3.08 20.08 -20.31
C GLY B 245 -1.89 19.73 -19.46
N PRO B 246 -0.67 19.88 -19.96
CA PRO B 246 0.48 19.54 -19.12
C PRO B 246 0.63 20.59 -17.98
N PRO B 247 1.61 20.42 -17.10
CA PRO B 247 1.73 21.42 -16.03
C PRO B 247 2.19 22.77 -16.55
N GLY B 248 1.93 23.81 -15.77
CA GLY B 248 2.36 25.15 -16.13
C GLY B 248 1.59 25.76 -17.27
N THR B 249 0.53 25.10 -17.71
CA THR B 249 -0.27 25.59 -18.81
C THR B 249 -1.19 26.74 -18.42
N GLY B 250 -1.33 27.00 -17.13
CA GLY B 250 -2.18 28.09 -16.70
C GLY B 250 -3.57 27.71 -16.24
N LYS B 251 -3.77 26.44 -15.92
CA LYS B 251 -5.09 25.99 -15.47
C LYS B 251 -5.56 26.62 -14.16
N THR B 252 -4.67 26.70 -13.18
CA THR B 252 -5.04 27.31 -11.89
C THR B 252 -5.27 28.80 -12.13
N LEU B 253 -4.48 29.32 -13.07
CA LEU B 253 -4.50 30.72 -13.46
C LEU B 253 -5.86 31.03 -14.04
N ILE B 254 -6.17 30.32 -15.11
CA ILE B 254 -7.43 30.48 -15.81
C ILE B 254 -8.60 30.44 -14.84
N ALA B 255 -8.60 29.43 -13.98
CA ALA B 255 -9.69 29.25 -13.03
C ALA B 255 -9.88 30.43 -12.08
N ARG B 256 -8.79 30.89 -11.50
CA ARG B 256 -8.85 31.99 -10.53
C ARG B 256 -9.23 33.27 -11.24
N ALA B 257 -8.74 33.40 -12.46
CA ALA B 257 -9.03 34.60 -13.24
C ALA B 257 -10.55 34.69 -13.39
N VAL B 258 -11.13 33.65 -13.98
CA VAL B 258 -12.58 33.59 -14.16
C VAL B 258 -13.31 33.88 -12.85
N ALA B 259 -12.73 33.48 -11.74
CA ALA B 259 -13.40 33.74 -10.49
C ALA B 259 -13.45 35.24 -10.22
N ASN B 260 -12.31 35.91 -10.33
CA ASN B 260 -12.28 37.34 -10.06
C ASN B 260 -13.04 38.10 -11.12
N GLU B 261 -12.77 37.75 -12.38
CA GLU B 261 -13.40 38.38 -13.51
C GLU B 261 -14.93 38.40 -13.40
N THR B 262 -15.52 37.43 -12.71
CA THR B 262 -16.98 37.39 -12.59
C THR B 262 -17.43 37.61 -11.15
N GLY B 263 -16.55 38.17 -10.34
CA GLY B 263 -16.90 38.43 -8.95
C GLY B 263 -17.33 37.21 -8.17
N ALA B 264 -17.22 36.03 -8.80
CA ALA B 264 -17.61 34.77 -8.15
C ALA B 264 -16.67 34.35 -7.02
N PHE B 265 -17.24 33.73 -5.99
CA PHE B 265 -16.46 33.26 -4.85
C PHE B 265 -15.55 32.14 -5.35
N PHE B 266 -14.30 32.17 -4.90
CA PHE B 266 -13.34 31.16 -5.32
C PHE B 266 -12.91 30.36 -4.11
N PHE B 267 -12.89 29.04 -4.26
CA PHE B 267 -12.43 28.17 -3.18
C PHE B 267 -11.47 27.16 -3.78
N LEU B 268 -10.28 27.10 -3.18
CA LEU B 268 -9.25 26.20 -3.64
C LEU B 268 -9.15 24.95 -2.79
N ILE B 269 -9.11 23.83 -3.49
CA ILE B 269 -8.95 22.52 -2.87
C ILE B 269 -7.76 21.98 -3.62
N ASN B 270 -6.69 21.68 -2.92
CA ASN B 270 -5.52 21.15 -3.58
C ASN B 270 -5.39 19.65 -3.32
N GLY B 271 -5.07 18.88 -4.36
CA GLY B 271 -4.93 17.45 -4.18
C GLY B 271 -4.09 16.98 -3.00
N PRO B 272 -2.77 17.22 -3.07
CA PRO B 272 -1.85 16.82 -2.00
C PRO B 272 -2.31 17.19 -0.62
N GLU B 273 -2.86 18.39 -0.48
CA GLU B 273 -3.38 18.90 0.80
C GLU B 273 -4.45 17.95 1.38
N ILE B 274 -5.32 17.48 0.50
CA ILE B 274 -6.37 16.60 0.93
C ILE B 274 -5.78 15.23 1.29
N MET B 275 -5.03 14.66 0.35
CA MET B 275 -4.45 13.36 0.55
C MET B 275 -3.32 13.32 1.58
N SER B 276 -3.08 14.44 2.24
CA SER B 276 -2.05 14.43 3.25
C SER B 276 -2.69 14.18 4.62
N LYS B 277 -3.97 14.56 4.74
CA LYS B 277 -4.73 14.42 5.98
C LYS B 277 -4.94 12.96 6.37
N LEU B 278 -5.59 12.77 7.52
CA LEU B 278 -5.86 11.42 7.97
C LEU B 278 -6.93 10.81 7.07
N ALA B 279 -7.20 9.53 7.24
CA ALA B 279 -8.19 8.84 6.41
C ALA B 279 -9.62 9.04 6.89
N GLY B 280 -10.00 10.29 7.13
CA GLY B 280 -11.34 10.60 7.58
C GLY B 280 -11.40 12.10 7.58
N GLU B 281 -10.26 12.70 7.96
CA GLU B 281 -10.12 14.14 8.02
C GLU B 281 -10.21 14.65 6.59
N SER B 282 -9.73 13.83 5.67
CA SER B 282 -9.77 14.16 4.25
C SER B 282 -11.22 14.45 3.78
N GLU B 283 -12.05 13.40 3.76
CA GLU B 283 -13.43 13.54 3.33
C GLU B 283 -14.06 14.67 4.11
N SER B 284 -13.74 14.75 5.39
CA SER B 284 -14.26 15.81 6.22
C SER B 284 -14.12 17.13 5.45
N ASN B 285 -12.89 17.38 4.97
CA ASN B 285 -12.61 18.61 4.25
C ASN B 285 -13.37 18.70 2.94
N LEU B 286 -13.19 17.75 2.04
CA LEU B 286 -13.91 17.79 0.77
C LEU B 286 -15.33 18.29 1.00
N ARG B 287 -15.97 17.76 2.03
CA ARG B 287 -17.34 18.11 2.35
C ARG B 287 -17.43 19.55 2.84
N LYS B 288 -16.64 19.89 3.86
CA LYS B 288 -16.66 21.25 4.38
C LYS B 288 -16.34 22.26 3.28
N ALA B 289 -15.63 21.80 2.25
CA ALA B 289 -15.27 22.64 1.13
C ALA B 289 -16.50 23.05 0.34
N PHE B 290 -17.24 22.05 -0.15
CA PHE B 290 -18.45 22.30 -0.91
C PHE B 290 -19.48 23.06 -0.08
N GLU B 291 -19.51 22.77 1.22
CA GLU B 291 -20.43 23.43 2.13
C GLU B 291 -20.24 24.94 2.13
N GLU B 292 -19.01 25.38 2.36
CA GLU B 292 -18.70 26.80 2.40
C GLU B 292 -18.84 27.48 1.05
N ALA B 293 -18.88 26.70 -0.03
CA ALA B 293 -19.03 27.26 -1.37
C ALA B 293 -20.49 27.53 -1.67
N GLU B 294 -21.36 26.66 -1.17
CA GLU B 294 -22.78 26.83 -1.37
C GLU B 294 -23.29 28.06 -0.60
N LYS B 295 -22.46 28.58 0.32
CA LYS B 295 -22.80 29.77 1.08
C LYS B 295 -22.56 31.02 0.21
N ASN B 296 -21.33 31.15 -0.26
CA ASN B 296 -20.92 32.29 -1.06
C ASN B 296 -21.16 32.18 -2.57
N ALA B 297 -22.07 31.30 -2.99
CA ALA B 297 -22.35 31.15 -4.41
C ALA B 297 -22.90 32.47 -4.97
N PRO B 298 -22.72 32.73 -6.29
CA PRO B 298 -22.02 31.90 -7.27
C PRO B 298 -20.59 31.68 -6.81
N ALA B 299 -20.14 30.42 -6.82
CA ALA B 299 -18.79 30.12 -6.41
C ALA B 299 -18.13 29.18 -7.40
N ILE B 300 -16.81 29.27 -7.45
CA ILE B 300 -16.05 28.40 -8.33
C ILE B 300 -15.19 27.59 -7.41
N ILE B 301 -15.34 26.28 -7.47
CA ILE B 301 -14.51 25.42 -6.64
C ILE B 301 -13.44 24.80 -7.55
N PHE B 302 -12.20 25.22 -7.31
CA PHE B 302 -11.12 24.70 -8.10
C PHE B 302 -10.38 23.59 -7.39
N ILE B 303 -10.38 22.42 -8.02
CA ILE B 303 -9.69 21.28 -7.48
C ILE B 303 -8.44 21.13 -8.30
N ASP B 304 -7.32 21.46 -7.66
CA ASP B 304 -6.04 21.38 -8.31
C ASP B 304 -5.44 20.01 -8.09
N GLU B 305 -4.93 19.43 -9.18
CA GLU B 305 -4.31 18.11 -9.13
C GLU B 305 -5.33 17.03 -8.78
N LEU B 306 -6.43 17.01 -9.52
CA LEU B 306 -7.49 16.04 -9.29
C LEU B 306 -7.00 14.60 -9.43
N ASP B 307 -5.98 14.37 -10.24
CA ASP B 307 -5.49 13.00 -10.40
C ASP B 307 -4.93 12.48 -9.07
N ALA B 308 -4.78 13.37 -8.09
CA ALA B 308 -4.24 13.00 -6.80
C ALA B 308 -5.32 12.49 -5.87
N ILE B 309 -6.54 12.94 -6.10
CA ILE B 309 -7.66 12.53 -5.27
C ILE B 309 -8.51 11.46 -5.93
N ALA B 310 -8.53 11.45 -7.27
CA ALA B 310 -9.36 10.51 -8.01
C ALA B 310 -8.71 9.95 -9.26
N PRO B 311 -7.62 9.18 -9.09
CA PRO B 311 -6.91 8.59 -10.22
C PRO B 311 -7.75 7.45 -10.80
N LYS B 312 -7.49 7.07 -12.05
CA LYS B 312 -8.25 5.99 -12.69
C LYS B 312 -8.32 4.69 -11.89
N ARG B 313 -9.36 3.90 -12.15
CA ARG B 313 -9.62 2.63 -11.48
C ARG B 313 -8.41 1.86 -10.90
N GLU B 314 -7.53 1.39 -11.78
CA GLU B 314 -6.36 0.60 -11.40
C GLU B 314 -5.28 1.35 -10.63
N LYS B 315 -5.34 2.67 -10.63
CA LYS B 315 -4.33 3.46 -9.95
C LYS B 315 -4.45 3.40 -8.42
N THR B 316 -5.62 3.01 -7.93
CA THR B 316 -5.88 2.92 -6.49
C THR B 316 -5.34 1.64 -5.82
N HIS B 317 -4.93 1.75 -4.56
CA HIS B 317 -4.40 0.59 -3.83
C HIS B 317 -5.22 0.24 -2.58
N GLY B 318 -5.63 1.26 -1.82
CA GLY B 318 -6.38 0.99 -0.60
C GLY B 318 -7.81 1.46 -0.53
N GLU B 319 -8.51 1.01 0.51
CA GLU B 319 -9.91 1.38 0.72
C GLU B 319 -10.02 2.87 0.96
N VAL B 320 -9.06 3.44 1.67
CA VAL B 320 -9.11 4.87 1.96
C VAL B 320 -9.08 5.70 0.68
N GLU B 321 -8.12 5.38 -0.19
CA GLU B 321 -8.00 6.11 -1.43
C GLU B 321 -9.36 6.11 -2.14
N ARG B 322 -10.01 4.95 -2.11
CA ARG B 322 -11.31 4.77 -2.73
C ARG B 322 -12.47 5.44 -2.01
N ARG B 323 -12.41 5.49 -0.69
CA ARG B 323 -13.47 6.11 0.08
C ARG B 323 -13.54 7.62 -0.27
N ILE B 324 -12.39 8.22 -0.54
CA ILE B 324 -12.34 9.64 -0.86
C ILE B 324 -12.84 9.99 -2.26
N VAL B 325 -12.42 9.20 -3.26
CA VAL B 325 -12.84 9.40 -4.64
C VAL B 325 -14.37 9.38 -4.69
N SER B 326 -14.93 8.40 -3.99
CA SER B 326 -16.38 8.19 -3.88
C SER B 326 -17.02 9.40 -3.22
N GLN B 327 -16.40 9.83 -2.13
CA GLN B 327 -16.88 10.99 -1.38
C GLN B 327 -17.02 12.18 -2.33
N LEU B 328 -16.02 12.37 -3.18
CA LEU B 328 -16.01 13.47 -4.13
C LEU B 328 -17.14 13.35 -5.16
N LEU B 329 -17.34 12.13 -5.65
CA LEU B 329 -18.38 11.87 -6.63
C LEU B 329 -19.74 12.24 -6.05
N THR B 330 -19.93 11.90 -4.79
CA THR B 330 -21.20 12.18 -4.11
C THR B 330 -21.47 13.67 -4.00
N LEU B 331 -20.52 14.39 -3.40
CA LEU B 331 -20.68 15.82 -3.23
C LEU B 331 -21.11 16.45 -4.55
N MET B 332 -20.57 15.93 -5.65
CA MET B 332 -20.91 16.43 -6.97
C MET B 332 -22.39 16.21 -7.25
N ASP B 333 -22.86 14.98 -7.11
CA ASP B 333 -24.26 14.66 -7.34
C ASP B 333 -25.17 15.46 -6.44
N GLY B 334 -24.70 15.71 -5.22
CA GLY B 334 -25.51 16.48 -4.29
C GLY B 334 -25.69 17.92 -4.70
N LEU B 335 -24.83 18.40 -5.58
CA LEU B 335 -24.91 19.79 -6.04
C LEU B 335 -26.19 20.05 -6.81
N LYS B 336 -27.09 20.82 -6.22
CA LYS B 336 -28.32 21.12 -6.92
C LYS B 336 -28.24 22.42 -7.70
N GLN B 337 -29.23 22.62 -8.56
CA GLN B 337 -29.35 23.82 -9.37
C GLN B 337 -29.41 25.05 -8.45
N ARG B 338 -30.05 24.88 -7.30
CA ARG B 338 -30.16 25.94 -6.30
C ARG B 338 -28.82 25.95 -5.55
N ALA B 339 -28.22 27.13 -5.40
CA ALA B 339 -26.92 27.33 -4.74
C ALA B 339 -25.83 27.05 -5.76
N HIS B 340 -26.03 27.60 -6.95
CA HIS B 340 -25.13 27.43 -8.07
C HIS B 340 -23.66 27.77 -7.81
N VAL B 341 -22.81 26.77 -8.06
CA VAL B 341 -21.37 26.83 -7.89
C VAL B 341 -20.80 25.95 -9.01
N ILE B 342 -19.72 26.37 -9.64
CA ILE B 342 -19.18 25.54 -10.70
C ILE B 342 -17.90 24.88 -10.25
N VAL B 343 -17.78 23.58 -10.53
CA VAL B 343 -16.59 22.87 -10.12
C VAL B 343 -15.63 22.68 -11.28
N MET B 344 -14.43 23.21 -11.07
CA MET B 344 -13.39 23.13 -12.06
C MET B 344 -12.31 22.28 -11.44
N ALA B 345 -11.73 21.41 -12.24
CA ALA B 345 -10.67 20.54 -11.78
C ALA B 345 -9.68 20.43 -12.94
N ALA B 346 -8.40 20.43 -12.59
CA ALA B 346 -7.37 20.34 -13.59
C ALA B 346 -6.65 19.02 -13.43
N THR B 347 -6.13 18.50 -14.54
CA THR B 347 -5.41 17.24 -14.54
C THR B 347 -4.48 17.27 -15.73
N ASN B 348 -3.53 16.34 -15.78
CA ASN B 348 -2.61 16.35 -16.90
C ASN B 348 -3.13 15.64 -18.14
N ARG B 349 -4.20 14.85 -18.01
CA ARG B 349 -4.74 14.12 -19.17
C ARG B 349 -5.91 13.21 -18.77
N PRO B 350 -6.77 12.85 -19.74
CA PRO B 350 -7.89 11.96 -19.44
C PRO B 350 -7.50 10.76 -18.59
N ASN B 351 -6.62 9.92 -19.13
CA ASN B 351 -6.15 8.70 -18.46
C ASN B 351 -6.06 8.83 -16.95
N SER B 352 -5.46 9.93 -16.52
CA SER B 352 -5.26 10.24 -15.11
C SER B 352 -6.49 9.88 -14.26
N ILE B 353 -7.52 10.71 -14.41
CA ILE B 353 -8.80 10.63 -13.70
C ILE B 353 -9.58 9.32 -13.73
N ASP B 354 -10.54 9.23 -12.80
CA ASP B 354 -11.44 8.08 -12.66
C ASP B 354 -12.67 8.32 -13.56
N PRO B 355 -12.90 7.46 -14.57
CA PRO B 355 -14.01 7.57 -15.52
C PRO B 355 -15.34 8.03 -14.94
N ALA B 356 -15.59 7.65 -13.69
CA ALA B 356 -16.84 8.03 -13.03
C ALA B 356 -17.04 9.54 -12.97
N LEU B 357 -15.96 10.29 -12.84
CA LEU B 357 -16.04 11.75 -12.74
C LEU B 357 -16.56 12.42 -14.01
N ARG B 358 -16.62 11.65 -15.10
CA ARG B 358 -17.10 12.15 -16.38
C ARG B 358 -18.63 12.16 -16.51
N ARG B 359 -19.29 11.23 -15.83
CA ARG B 359 -20.75 11.11 -15.88
C ARG B 359 -21.55 12.41 -15.94
N PHE B 360 -22.59 12.40 -16.78
CA PHE B 360 -23.52 13.51 -16.99
C PHE B 360 -24.01 13.98 -15.63
N GLY B 361 -23.52 15.13 -15.17
CA GLY B 361 -23.93 15.62 -13.86
C GLY B 361 -22.67 16.02 -13.13
N ARG B 362 -21.56 15.46 -13.56
CA ARG B 362 -20.28 15.78 -12.96
C ARG B 362 -19.44 16.57 -13.95
N PHE B 363 -18.21 16.15 -14.16
CA PHE B 363 -17.34 16.83 -15.09
C PHE B 363 -17.64 16.42 -16.53
N ASP B 364 -18.80 16.83 -17.01
CA ASP B 364 -19.22 16.52 -18.37
C ASP B 364 -18.77 17.60 -19.37
N ARG B 365 -18.07 18.60 -18.86
CA ARG B 365 -17.57 19.70 -19.66
C ARG B 365 -16.04 19.69 -19.54
N GLU B 366 -15.36 19.35 -20.64
CA GLU B 366 -13.89 19.25 -20.68
C GLU B 366 -13.21 20.23 -21.63
N VAL B 367 -12.25 21.00 -21.13
CA VAL B 367 -11.50 21.99 -21.91
C VAL B 367 -10.03 21.62 -21.94
N ASP B 368 -9.51 21.35 -23.13
CA ASP B 368 -8.10 20.99 -23.29
C ASP B 368 -7.24 22.23 -23.54
N ILE B 369 -6.26 22.46 -22.68
CA ILE B 369 -5.40 23.63 -22.79
C ILE B 369 -3.97 23.23 -23.10
N GLY B 370 -3.62 23.14 -24.37
CA GLY B 370 -2.26 22.73 -24.72
C GLY B 370 -1.15 23.72 -24.41
N ILE B 371 0.01 23.47 -25.04
CA ILE B 371 1.18 24.32 -24.88
C ILE B 371 1.05 25.45 -25.89
N PRO B 372 1.62 26.62 -25.57
CA PRO B 372 1.56 27.79 -26.45
C PRO B 372 2.37 27.57 -27.72
N ASP B 373 2.04 28.34 -28.75
CA ASP B 373 2.76 28.32 -30.01
C ASP B 373 3.65 29.57 -30.01
N ALA B 374 4.39 29.80 -31.09
CA ALA B 374 5.25 30.97 -31.14
C ALA B 374 4.50 32.27 -30.85
N THR B 375 3.27 32.36 -31.35
CA THR B 375 2.42 33.56 -31.16
C THR B 375 2.05 33.69 -29.71
N GLY B 376 1.53 32.59 -29.19
CA GLY B 376 1.08 32.53 -27.81
C GLY B 376 2.19 32.82 -26.86
N ARG B 377 3.32 32.16 -27.07
CA ARG B 377 4.48 32.34 -26.22
C ARG B 377 4.81 33.82 -26.11
N LEU B 378 4.78 34.51 -27.24
CA LEU B 378 5.03 35.94 -27.28
C LEU B 378 4.18 36.66 -26.25
N GLU B 379 2.86 36.52 -26.36
CA GLU B 379 1.93 37.15 -25.43
C GLU B 379 2.33 36.98 -23.98
N ILE B 380 2.47 35.72 -23.56
CA ILE B 380 2.87 35.39 -22.20
C ILE B 380 4.12 36.13 -21.76
N LEU B 381 5.12 36.20 -22.64
CA LEU B 381 6.38 36.88 -22.33
C LEU B 381 6.16 38.37 -22.08
N GLN B 382 5.20 38.96 -22.78
CA GLN B 382 4.96 40.37 -22.57
C GLN B 382 4.25 40.57 -21.24
N ILE B 383 3.40 39.62 -20.88
CA ILE B 383 2.65 39.70 -19.63
C ILE B 383 3.57 39.61 -18.44
N HIS B 384 4.68 38.88 -18.59
CA HIS B 384 5.64 38.68 -17.51
C HIS B 384 6.85 39.57 -17.56
N THR B 385 6.67 40.71 -18.19
CA THR B 385 7.76 41.68 -18.28
C THR B 385 7.13 43.06 -18.14
N LYS B 386 5.80 43.10 -18.11
CA LYS B 386 5.08 44.36 -17.97
C LYS B 386 5.54 45.23 -16.78
N ASN B 387 6.17 44.62 -15.78
CA ASN B 387 6.65 45.40 -14.64
C ASN B 387 8.16 45.69 -14.71
N MET B 388 8.83 45.15 -15.71
CA MET B 388 10.26 45.39 -15.87
C MET B 388 10.69 46.26 -17.04
N LYS B 389 11.87 46.82 -16.89
CA LYS B 389 12.46 47.71 -17.88
C LYS B 389 13.25 46.89 -18.88
N LEU B 390 12.70 46.67 -20.06
CA LEU B 390 13.42 45.92 -21.07
C LEU B 390 14.36 46.83 -21.87
N ALA B 391 15.56 46.35 -22.14
CA ALA B 391 16.53 47.12 -22.91
C ALA B 391 16.08 47.07 -24.37
N ASP B 392 16.38 48.12 -25.14
CA ASP B 392 15.97 48.18 -26.54
C ASP B 392 16.53 47.05 -27.38
N ASP B 393 17.60 46.44 -26.89
CA ASP B 393 18.24 45.32 -27.57
C ASP B 393 17.48 44.02 -27.25
N VAL B 394 16.36 44.14 -26.54
CA VAL B 394 15.55 42.98 -26.17
C VAL B 394 14.50 42.68 -27.21
N ASP B 395 14.63 41.51 -27.82
CA ASP B 395 13.71 41.06 -28.84
C ASP B 395 12.97 39.84 -28.34
N LEU B 396 11.83 40.08 -27.72
CA LEU B 396 11.03 38.99 -27.18
C LEU B 396 10.55 38.03 -28.24
N GLU B 397 10.14 38.57 -29.39
CA GLU B 397 9.67 37.75 -30.50
C GLU B 397 10.75 36.72 -30.88
N GLN B 398 12.01 37.12 -30.76
CA GLN B 398 13.10 36.20 -31.05
C GLN B 398 13.07 35.12 -29.94
N VAL B 399 12.97 35.57 -28.71
CA VAL B 399 12.92 34.70 -27.53
C VAL B 399 11.76 33.74 -27.67
N ALA B 400 10.63 34.24 -28.15
CA ALA B 400 9.46 33.42 -28.32
C ALA B 400 9.79 32.32 -29.30
N ASN B 401 10.44 32.68 -30.39
CA ASN B 401 10.77 31.72 -31.42
C ASN B 401 11.70 30.57 -31.05
N GLU B 402 12.48 30.71 -29.98
CA GLU B 402 13.36 29.60 -29.61
C GLU B 402 13.00 28.89 -28.32
N THR B 403 11.70 28.83 -28.04
CA THR B 403 11.21 28.19 -26.83
C THR B 403 10.05 27.25 -27.16
N HIS B 404 10.23 26.46 -28.22
CA HIS B 404 9.24 25.51 -28.70
C HIS B 404 8.38 24.86 -27.61
N GLY B 405 8.90 23.79 -27.02
CA GLY B 405 8.17 23.07 -25.98
C GLY B 405 7.61 23.94 -24.87
N HIS B 406 8.46 24.79 -24.30
CA HIS B 406 8.11 25.70 -23.23
C HIS B 406 6.63 26.07 -23.07
N VAL B 407 6.18 26.09 -21.82
CA VAL B 407 4.80 26.47 -21.51
C VAL B 407 4.83 27.75 -20.65
N GLY B 408 3.66 28.27 -20.34
CA GLY B 408 3.58 29.49 -19.57
C GLY B 408 4.51 29.58 -18.38
N ALA B 409 4.46 28.59 -17.52
CA ALA B 409 5.30 28.63 -16.34
C ALA B 409 6.79 28.71 -16.71
N ASP B 410 7.18 28.04 -17.79
CA ASP B 410 8.57 28.05 -18.24
C ASP B 410 9.02 29.43 -18.64
N LEU B 411 8.15 30.11 -19.37
CA LEU B 411 8.46 31.45 -19.84
C LEU B 411 8.44 32.40 -18.66
N ALA B 412 7.44 32.26 -17.81
CA ALA B 412 7.31 33.12 -16.64
C ALA B 412 8.56 33.02 -15.79
N ALA B 413 9.10 31.82 -15.68
CA ALA B 413 10.29 31.60 -14.89
C ALA B 413 11.49 32.11 -15.65
N LEU B 414 11.50 31.84 -16.95
CA LEU B 414 12.60 32.28 -17.79
C LEU B 414 12.80 33.77 -17.53
N CYS B 415 11.70 34.51 -17.54
CA CYS B 415 11.73 35.94 -17.30
C CYS B 415 12.35 36.27 -15.96
N SER B 416 11.96 35.56 -14.92
CA SER B 416 12.52 35.81 -13.61
C SER B 416 14.03 35.65 -13.66
N GLU B 417 14.49 34.63 -14.38
CA GLU B 417 15.92 34.39 -14.49
C GLU B 417 16.62 35.56 -15.16
N ALA B 418 16.06 36.02 -16.28
CA ALA B 418 16.65 37.16 -16.99
C ALA B 418 16.83 38.29 -15.99
N ALA B 419 15.72 38.75 -15.44
CA ALA B 419 15.74 39.81 -14.45
C ALA B 419 16.81 39.57 -13.38
N LEU B 420 16.71 38.44 -12.70
CA LEU B 420 17.66 38.12 -11.64
C LEU B 420 19.08 38.17 -12.15
N GLN B 421 19.29 37.67 -13.37
CA GLN B 421 20.62 37.69 -13.97
C GLN B 421 21.10 39.15 -14.09
N ALA B 422 20.19 40.04 -14.48
CA ALA B 422 20.56 41.45 -14.61
C ALA B 422 20.86 42.02 -13.22
N ILE B 423 19.99 41.76 -12.25
CA ILE B 423 20.25 42.28 -10.93
C ILE B 423 21.59 41.78 -10.43
N ARG B 424 21.92 40.52 -10.68
CA ARG B 424 23.21 40.04 -10.20
C ARG B 424 24.37 40.84 -10.79
N LYS B 425 24.25 41.26 -12.05
CA LYS B 425 25.30 42.03 -12.69
C LYS B 425 25.54 43.38 -12.02
N LYS B 426 24.53 44.25 -12.10
CA LYS B 426 24.62 45.60 -11.54
C LYS B 426 24.50 45.64 -10.02
N MET B 427 24.52 44.48 -9.37
CA MET B 427 24.40 44.42 -7.92
C MET B 427 25.73 44.57 -7.20
N ASP B 428 26.72 43.80 -7.66
CA ASP B 428 28.05 43.84 -7.07
C ASP B 428 28.58 45.25 -6.98
N LEU B 429 28.05 46.14 -7.82
CA LEU B 429 28.49 47.51 -7.82
C LEU B 429 28.25 48.16 -6.46
N ILE B 430 27.81 47.36 -5.49
CA ILE B 430 27.55 47.84 -4.14
C ILE B 430 26.39 48.82 -4.12
N ASP B 431 25.34 48.52 -4.88
CA ASP B 431 24.17 49.38 -4.93
C ASP B 431 23.25 49.19 -3.71
N LEU B 432 23.65 49.79 -2.59
CA LEU B 432 22.92 49.75 -1.32
C LEU B 432 22.36 48.40 -0.81
N GLU B 433 22.25 47.40 -1.68
CA GLU B 433 21.70 46.09 -1.32
C GLU B 433 21.98 45.50 0.06
N ASP B 434 21.07 44.63 0.48
CA ASP B 434 21.09 43.92 1.76
C ASP B 434 20.27 44.63 2.84
N GLU B 435 20.00 45.91 2.63
CA GLU B 435 19.20 46.71 3.56
C GLU B 435 17.91 47.01 2.81
N THR B 436 16.80 47.18 3.52
CA THR B 436 15.53 47.48 2.85
C THR B 436 15.69 48.43 1.64
N ILE B 437 15.14 47.99 0.50
CA ILE B 437 15.21 48.63 -0.81
C ILE B 437 14.87 50.10 -1.10
N ASP B 438 15.40 50.56 -2.23
CA ASP B 438 15.21 51.91 -2.77
C ASP B 438 14.66 51.82 -4.20
N ALA B 439 13.52 52.47 -4.43
CA ALA B 439 12.82 52.48 -5.71
C ALA B 439 13.57 52.89 -6.97
N GLU B 440 14.15 54.08 -6.98
CA GLU B 440 14.88 54.54 -8.17
C GLU B 440 15.91 53.51 -8.62
N VAL B 441 16.62 52.91 -7.66
CA VAL B 441 17.64 51.92 -7.95
C VAL B 441 17.13 50.78 -8.83
N MET B 442 15.94 50.28 -8.51
CA MET B 442 15.31 49.19 -9.26
C MET B 442 14.77 49.66 -10.60
N ASN B 443 14.43 50.94 -10.69
CA ASN B 443 13.86 51.47 -11.92
C ASN B 443 14.85 51.72 -13.04
N SER B 444 16.13 51.72 -12.70
CA SER B 444 17.15 51.96 -13.70
C SER B 444 17.59 50.62 -14.29
N LEU B 445 17.81 49.65 -13.41
CA LEU B 445 18.23 48.33 -13.82
C LEU B 445 17.41 47.79 -14.98
N ALA B 446 18.01 47.70 -16.16
CA ALA B 446 17.32 47.20 -17.35
C ALA B 446 17.83 45.83 -17.79
N VAL B 447 16.90 44.94 -18.14
CA VAL B 447 17.23 43.57 -18.58
C VAL B 447 17.60 43.57 -20.06
N THR B 448 18.84 43.19 -20.35
CA THR B 448 19.34 43.14 -21.72
C THR B 448 19.01 41.82 -22.42
N MET B 449 19.01 41.86 -23.75
CA MET B 449 18.73 40.66 -24.55
C MET B 449 19.73 39.58 -24.19
N ASP B 450 20.86 40.00 -23.62
CA ASP B 450 21.91 39.08 -23.19
C ASP B 450 21.44 38.36 -21.95
N ASP B 451 20.62 39.05 -21.16
CA ASP B 451 20.08 38.49 -19.94
C ASP B 451 19.17 37.32 -20.30
N PHE B 452 18.37 37.49 -21.34
CA PHE B 452 17.50 36.41 -21.78
C PHE B 452 18.37 35.31 -22.34
N ARG B 453 19.34 35.72 -23.15
CA ARG B 453 20.27 34.79 -23.77
C ARG B 453 20.85 33.89 -22.70
N TRP B 454 21.31 34.49 -21.61
CA TRP B 454 21.87 33.71 -20.51
C TRP B 454 20.86 32.74 -19.92
N ALA B 455 19.66 33.25 -19.69
CA ALA B 455 18.60 32.44 -19.14
C ALA B 455 18.38 31.25 -20.04
N LEU B 456 18.15 31.51 -21.32
CA LEU B 456 17.92 30.43 -22.28
C LEU B 456 18.92 29.28 -22.12
N SER B 457 20.20 29.61 -22.04
CA SER B 457 21.24 28.60 -21.90
C SER B 457 21.31 28.06 -20.49
N GLN B 458 20.16 27.82 -19.89
CA GLN B 458 20.14 27.32 -18.53
C GLN B 458 19.13 26.19 -18.45
N ARG C 22 -44.41 -63.08 11.35
CA ARG C 22 -45.11 -62.97 10.04
C ARG C 22 -44.23 -62.31 8.98
N PRO C 23 -44.51 -62.57 7.68
CA PRO C 23 -43.75 -61.99 6.56
C PRO C 23 -43.99 -60.49 6.38
N ASN C 24 -45.13 -60.03 6.92
CA ASN C 24 -45.60 -58.65 6.87
C ASN C 24 -44.61 -57.47 6.94
N ARG C 25 -43.34 -57.74 7.27
CA ARG C 25 -42.37 -56.66 7.37
C ARG C 25 -41.67 -56.31 6.07
N LEU C 26 -41.73 -55.03 5.71
CA LEU C 26 -41.09 -54.54 4.49
C LEU C 26 -40.36 -53.23 4.77
N ILE C 27 -39.27 -53.00 4.03
CA ILE C 27 -38.49 -51.79 4.21
C ILE C 27 -39.09 -50.74 3.30
N VAL C 28 -39.45 -49.61 3.87
CA VAL C 28 -40.04 -48.54 3.09
C VAL C 28 -39.02 -47.91 2.15
N ASP C 29 -39.36 -47.90 0.85
CA ASP C 29 -38.50 -47.33 -0.19
C ASP C 29 -39.19 -46.14 -0.88
N GLU C 30 -38.62 -45.70 -2.01
CA GLU C 30 -39.17 -44.57 -2.76
C GLU C 30 -40.24 -45.00 -3.76
N ALA C 31 -41.30 -44.20 -3.85
CA ALA C 31 -42.39 -44.48 -4.77
C ALA C 31 -41.91 -44.30 -6.21
N ILE C 32 -42.67 -44.82 -7.16
CA ILE C 32 -42.33 -44.64 -8.57
C ILE C 32 -43.58 -44.04 -9.21
N ASN C 33 -44.71 -44.35 -8.57
CA ASN C 33 -46.01 -43.88 -8.99
C ASN C 33 -46.46 -42.73 -8.10
N GLU C 34 -46.70 -41.57 -8.69
CA GLU C 34 -47.12 -40.40 -7.95
C GLU C 34 -48.31 -40.58 -7.00
N ASP C 35 -49.36 -41.26 -7.46
CA ASP C 35 -50.57 -41.48 -6.68
C ASP C 35 -50.30 -41.68 -5.18
N ASN C 36 -50.84 -40.77 -4.38
CA ASN C 36 -50.67 -40.82 -2.93
C ASN C 36 -51.41 -42.00 -2.34
N SER C 37 -52.31 -42.57 -3.12
CA SER C 37 -53.08 -43.68 -2.63
C SER C 37 -52.43 -45.01 -2.96
N VAL C 38 -51.47 -44.99 -3.88
CA VAL C 38 -50.81 -46.23 -4.29
C VAL C 38 -49.48 -46.53 -3.63
N VAL C 39 -49.25 -47.82 -3.39
CA VAL C 39 -48.01 -48.33 -2.81
C VAL C 39 -47.67 -49.56 -3.64
N SER C 40 -46.41 -49.67 -4.04
CA SER C 40 -45.97 -50.80 -4.87
C SER C 40 -45.16 -51.84 -4.11
N LEU C 41 -45.19 -53.07 -4.62
CA LEU C 41 -44.45 -54.20 -4.05
C LEU C 41 -44.04 -55.02 -5.25
N SER C 42 -43.35 -56.13 -5.02
CA SER C 42 -42.99 -56.95 -6.17
C SER C 42 -43.94 -58.15 -6.21
N GLN C 43 -44.37 -58.50 -7.42
CA GLN C 43 -45.27 -59.62 -7.63
C GLN C 43 -44.95 -60.82 -6.72
N PRO C 44 -43.68 -61.27 -6.73
CA PRO C 44 -43.32 -62.41 -5.88
C PRO C 44 -43.72 -62.19 -4.42
N LYS C 45 -43.60 -60.96 -3.94
CA LYS C 45 -43.94 -60.66 -2.57
C LYS C 45 -45.47 -60.74 -2.41
N MET C 46 -46.19 -60.40 -3.47
CA MET C 46 -47.65 -60.44 -3.43
C MET C 46 -48.16 -61.87 -3.37
N ASP C 47 -47.50 -62.75 -4.10
CA ASP C 47 -47.87 -64.18 -4.12
C ASP C 47 -47.73 -64.70 -2.69
N GLU C 48 -46.77 -64.13 -1.96
CA GLU C 48 -46.50 -64.51 -0.58
C GLU C 48 -47.56 -64.03 0.40
N LEU C 49 -48.06 -62.82 0.19
CA LEU C 49 -49.06 -62.27 1.10
C LEU C 49 -50.47 -62.49 0.58
N GLN C 50 -50.58 -63.23 -0.52
CA GLN C 50 -51.86 -63.52 -1.15
C GLN C 50 -52.72 -62.26 -1.25
N LEU C 51 -52.23 -61.29 -2.03
CA LEU C 51 -52.94 -60.03 -2.25
C LEU C 51 -52.97 -59.73 -3.75
N PHE C 52 -54.02 -59.05 -4.17
CA PHE C 52 -54.24 -58.75 -5.59
C PHE C 52 -53.94 -57.34 -6.09
N ARG C 53 -53.81 -57.25 -7.41
CA ARG C 53 -53.53 -56.03 -8.15
C ARG C 53 -54.29 -54.76 -7.77
N GLY C 54 -55.10 -54.79 -6.72
CA GLY C 54 -55.84 -53.59 -6.36
C GLY C 54 -56.45 -53.61 -4.98
N ASP C 55 -56.17 -54.68 -4.24
CA ASP C 55 -56.70 -54.79 -2.89
C ASP C 55 -56.34 -53.57 -2.08
N THR C 56 -57.20 -53.23 -1.13
CA THR C 56 -56.97 -52.12 -0.24
C THR C 56 -56.17 -52.71 0.93
N VAL C 57 -54.93 -52.30 1.09
CA VAL C 57 -54.10 -52.84 2.15
C VAL C 57 -53.87 -51.89 3.31
N LEU C 58 -53.72 -52.44 4.50
CA LEU C 58 -53.48 -51.64 5.70
C LEU C 58 -52.01 -51.64 6.09
N LEU C 59 -51.54 -50.47 6.51
CA LEU C 59 -50.15 -50.30 6.90
C LEU C 59 -50.03 -49.48 8.20
N LYS C 60 -49.39 -50.08 9.20
CA LYS C 60 -49.19 -49.39 10.46
C LYS C 60 -47.70 -49.33 10.70
N GLY C 61 -47.26 -48.21 11.26
CA GLY C 61 -45.85 -48.00 11.55
C GLY C 61 -45.61 -47.55 12.97
N LYS C 62 -44.52 -46.82 13.17
CA LYS C 62 -44.20 -46.34 14.50
C LYS C 62 -45.14 -45.22 14.95
N LYS C 63 -44.99 -44.82 16.20
CA LYS C 63 -45.81 -43.76 16.80
C LYS C 63 -47.27 -44.19 16.86
N ARG C 64 -47.49 -45.50 16.71
CA ARG C 64 -48.82 -46.10 16.76
C ARG C 64 -49.73 -45.49 15.67
N ARG C 65 -49.22 -45.43 14.44
CA ARG C 65 -49.97 -44.85 13.34
C ARG C 65 -50.31 -45.85 12.23
N GLU C 66 -51.45 -45.62 11.56
CA GLU C 66 -51.91 -46.50 10.49
C GLU C 66 -52.31 -45.72 9.23
N ALA C 67 -52.30 -46.42 8.09
CA ALA C 67 -52.66 -45.81 6.81
C ALA C 67 -53.28 -46.84 5.86
N VAL C 68 -54.26 -46.39 5.10
CA VAL C 68 -54.96 -47.26 4.14
C VAL C 68 -54.56 -46.88 2.71
N CYS C 69 -54.02 -47.83 1.96
CA CYS C 69 -53.61 -47.57 0.58
C CYS C 69 -53.95 -48.73 -0.36
N ILE C 70 -53.51 -48.60 -1.61
CA ILE C 70 -53.75 -49.62 -2.63
C ILE C 70 -52.45 -50.30 -3.04
N VAL C 71 -52.47 -51.62 -3.10
CA VAL C 71 -51.27 -52.33 -3.48
C VAL C 71 -51.24 -52.78 -4.92
N LEU C 72 -50.22 -52.34 -5.63
CA LEU C 72 -50.04 -52.74 -7.02
C LEU C 72 -48.73 -53.53 -7.05
N SER C 73 -48.38 -54.11 -8.18
CA SER C 73 -47.14 -54.86 -8.23
C SER C 73 -46.14 -54.00 -9.00
N ASP C 74 -44.87 -54.37 -8.93
CA ASP C 74 -43.83 -53.64 -9.64
C ASP C 74 -42.63 -54.56 -9.90
N ASP C 75 -42.13 -54.55 -11.13
CA ASP C 75 -41.00 -55.40 -11.53
C ASP C 75 -39.66 -54.87 -11.04
N THR C 76 -39.63 -53.58 -10.69
CA THR C 76 -38.39 -52.96 -10.23
C THR C 76 -38.34 -53.02 -8.71
N CYS C 77 -39.49 -53.29 -8.09
CA CYS C 77 -39.54 -53.36 -6.65
C CYS C 77 -38.79 -54.58 -6.14
N SER C 78 -37.97 -54.36 -5.10
CA SER C 78 -37.22 -55.43 -4.48
C SER C 78 -38.21 -55.97 -3.46
N ASP C 79 -38.62 -57.22 -3.64
CA ASP C 79 -39.58 -57.89 -2.77
C ASP C 79 -39.41 -57.48 -1.30
N GLU C 80 -38.17 -57.38 -0.84
CA GLU C 80 -37.86 -57.03 0.54
C GLU C 80 -38.40 -55.67 0.98
N LYS C 81 -38.75 -54.80 0.03
CA LYS C 81 -39.26 -53.47 0.35
C LYS C 81 -40.65 -53.12 -0.22
N ILE C 82 -41.15 -51.94 0.17
CA ILE C 82 -42.46 -51.46 -0.26
C ILE C 82 -42.44 -49.99 -0.74
N ARG C 83 -42.48 -49.79 -2.05
CA ARG C 83 -42.48 -48.44 -2.60
C ARG C 83 -43.73 -47.67 -2.21
N MET C 84 -43.56 -46.41 -1.81
CA MET C 84 -44.68 -45.54 -1.44
C MET C 84 -44.18 -44.10 -1.49
N ASN C 85 -45.08 -43.15 -1.72
CA ASN C 85 -44.67 -41.75 -1.78
C ASN C 85 -44.71 -41.06 -0.40
N ARG C 86 -43.89 -40.02 -0.26
CA ARG C 86 -43.77 -39.29 0.97
C ARG C 86 -45.06 -38.95 1.71
N VAL C 87 -46.18 -38.89 1.01
CA VAL C 87 -47.45 -38.57 1.66
C VAL C 87 -47.91 -39.65 2.65
N VAL C 88 -47.94 -40.89 2.18
CA VAL C 88 -48.34 -42.04 3.00
C VAL C 88 -47.28 -42.17 4.09
N ARG C 89 -46.04 -42.32 3.62
CA ARG C 89 -44.85 -42.45 4.46
C ARG C 89 -44.96 -41.51 5.65
N ASN C 90 -45.49 -40.32 5.40
CA ASN C 90 -45.66 -39.28 6.41
C ASN C 90 -46.77 -39.65 7.39
N ASN C 91 -47.91 -40.10 6.86
CA ASN C 91 -49.04 -40.51 7.68
C ASN C 91 -48.63 -41.71 8.53
N LEU C 92 -47.61 -42.42 8.06
CA LEU C 92 -47.07 -43.60 8.75
C LEU C 92 -45.95 -43.17 9.66
N ARG C 93 -45.67 -41.86 9.70
CA ARG C 93 -44.61 -41.36 10.56
C ARG C 93 -43.29 -42.14 10.38
N VAL C 94 -42.86 -42.35 9.14
CA VAL C 94 -41.61 -43.08 8.88
C VAL C 94 -40.69 -42.42 7.84
N ARG C 95 -39.50 -43.00 7.66
CA ARG C 95 -38.51 -42.46 6.70
C ARG C 95 -38.14 -43.53 5.67
N LEU C 96 -37.39 -43.14 4.65
CA LEU C 96 -36.99 -44.07 3.60
C LEU C 96 -35.92 -45.09 3.99
N GLY C 97 -36.34 -46.17 4.64
CA GLY C 97 -35.39 -47.18 5.05
C GLY C 97 -35.90 -47.93 6.25
N ASP C 98 -37.00 -47.42 6.83
CA ASP C 98 -37.61 -48.05 7.99
C ASP C 98 -38.38 -49.29 7.54
N VAL C 99 -39.13 -49.89 8.44
CA VAL C 99 -39.92 -51.08 8.10
C VAL C 99 -41.34 -50.97 8.64
N ILE C 100 -42.29 -51.51 7.88
CA ILE C 100 -43.70 -51.47 8.27
C ILE C 100 -44.33 -52.85 8.07
N SER C 101 -45.43 -53.08 8.77
CA SER C 101 -46.17 -54.33 8.66
C SER C 101 -47.39 -54.10 7.78
N ILE C 102 -47.40 -54.80 6.67
CA ILE C 102 -48.49 -54.70 5.72
C ILE C 102 -49.57 -55.64 6.20
N GLN C 103 -50.76 -55.54 5.63
CA GLN C 103 -51.85 -56.41 6.05
C GLN C 103 -53.09 -56.15 5.19
N PRO C 104 -53.65 -57.22 4.60
CA PRO C 104 -54.84 -57.07 3.75
C PRO C 104 -56.02 -56.53 4.55
N CYS C 105 -56.82 -55.68 3.91
CA CYS C 105 -57.97 -55.10 4.58
C CYS C 105 -59.19 -55.15 3.67
N PRO C 106 -59.74 -56.36 3.46
CA PRO C 106 -60.91 -56.57 2.61
C PRO C 106 -62.22 -56.13 3.26
N ASP C 107 -62.14 -55.71 4.52
CA ASP C 107 -63.33 -55.24 5.19
C ASP C 107 -63.26 -53.75 5.52
N VAL C 108 -63.33 -52.97 4.45
CA VAL C 108 -63.34 -51.51 4.44
C VAL C 108 -64.46 -51.28 3.44
N LYS C 109 -65.48 -50.51 3.81
CA LYS C 109 -66.58 -50.29 2.89
C LYS C 109 -66.87 -48.85 2.54
N TYR C 110 -67.35 -48.64 1.32
CA TYR C 110 -67.67 -47.30 0.83
C TYR C 110 -68.21 -46.36 1.90
N GLY C 111 -67.42 -45.36 2.23
CA GLY C 111 -67.79 -44.40 3.24
C GLY C 111 -69.10 -43.71 2.90
N LYS C 112 -69.78 -43.27 3.95
CA LYS C 112 -71.05 -42.60 3.80
C LYS C 112 -70.82 -41.08 3.78
N ARG C 113 -70.13 -40.58 4.81
CA ARG C 113 -69.84 -39.15 4.92
C ARG C 113 -68.35 -38.89 5.18
N ILE C 114 -67.88 -37.70 4.81
CA ILE C 114 -66.47 -37.33 4.99
C ILE C 114 -66.34 -35.85 5.38
N HIS C 115 -65.43 -35.55 6.30
CA HIS C 115 -65.20 -34.19 6.74
C HIS C 115 -63.71 -33.88 6.83
N VAL C 116 -63.20 -33.20 5.81
CA VAL C 116 -61.79 -32.84 5.77
C VAL C 116 -61.65 -31.33 5.91
N LEU C 117 -60.47 -30.88 6.34
CA LEU C 117 -60.23 -29.46 6.49
C LEU C 117 -58.84 -29.07 6.00
N PRO C 118 -58.73 -27.88 5.40
CA PRO C 118 -57.51 -27.30 4.85
C PRO C 118 -56.47 -26.98 5.91
N ILE C 119 -55.20 -27.13 5.54
CA ILE C 119 -54.16 -26.80 6.49
C ILE C 119 -53.78 -25.34 6.22
N ASP C 120 -54.36 -24.45 7.02
CA ASP C 120 -54.16 -23.00 6.95
C ASP C 120 -52.96 -22.51 6.15
N ASP C 121 -51.76 -22.97 6.51
CA ASP C 121 -50.54 -22.56 5.84
C ASP C 121 -50.52 -22.93 4.35
N THR C 122 -51.33 -23.91 3.97
CA THR C 122 -51.36 -24.36 2.58
C THR C 122 -52.43 -23.66 1.75
N VAL C 123 -53.36 -22.99 2.42
CA VAL C 123 -54.44 -22.32 1.71
C VAL C 123 -54.37 -20.80 1.84
N GLU C 124 -53.31 -20.29 2.44
CA GLU C 124 -53.19 -18.84 2.58
C GLU C 124 -53.13 -18.21 1.20
N GLY C 125 -53.80 -17.07 1.03
CA GLY C 125 -53.78 -16.40 -0.26
C GLY C 125 -54.92 -16.75 -1.20
N ILE C 126 -55.39 -17.99 -1.15
CA ILE C 126 -56.47 -18.39 -2.04
C ILE C 126 -57.85 -18.30 -1.41
N THR C 127 -58.82 -17.89 -2.21
CA THR C 127 -60.20 -17.77 -1.76
C THR C 127 -61.07 -18.45 -2.80
N GLY C 128 -62.16 -19.09 -2.35
CA GLY C 128 -63.04 -19.76 -3.27
C GLY C 128 -63.33 -21.21 -2.90
N ASN C 129 -64.37 -21.77 -3.50
CA ASN C 129 -64.75 -23.14 -3.21
C ASN C 129 -63.55 -24.07 -3.44
N LEU C 130 -63.07 -24.67 -2.36
CA LEU C 130 -61.94 -25.58 -2.46
C LEU C 130 -62.40 -26.95 -2.96
N PHE C 131 -63.70 -27.20 -2.83
CA PHE C 131 -64.28 -28.47 -3.24
C PHE C 131 -64.20 -28.75 -4.73
N GLU C 132 -64.91 -27.94 -5.51
CA GLU C 132 -64.93 -28.12 -6.96
C GLU C 132 -63.53 -28.05 -7.57
N VAL C 133 -62.66 -27.28 -6.93
CA VAL C 133 -61.31 -27.08 -7.42
C VAL C 133 -60.31 -28.14 -6.96
N TYR C 134 -60.44 -28.59 -5.71
CA TYR C 134 -59.50 -29.58 -5.20
C TYR C 134 -60.04 -30.97 -4.88
N LEU C 135 -60.86 -31.06 -3.83
CA LEU C 135 -61.44 -32.34 -3.41
C LEU C 135 -62.09 -33.08 -4.59
N LYS C 136 -63.05 -32.42 -5.24
CA LYS C 136 -63.76 -32.99 -6.39
C LYS C 136 -62.86 -33.65 -7.43
N PRO C 137 -61.98 -32.88 -8.08
CA PRO C 137 -61.14 -33.54 -9.08
C PRO C 137 -60.15 -34.52 -8.51
N TYR C 138 -59.99 -34.54 -7.19
CA TYR C 138 -59.02 -35.45 -6.57
C TYR C 138 -59.51 -36.87 -6.40
N PHE C 139 -60.72 -37.02 -5.88
CA PHE C 139 -61.33 -38.34 -5.65
C PHE C 139 -62.11 -38.84 -6.85
N LEU C 140 -62.74 -37.91 -7.56
CA LEU C 140 -63.55 -38.18 -8.75
C LEU C 140 -63.26 -39.52 -9.40
N GLU C 141 -64.16 -40.48 -9.22
CA GLU C 141 -64.01 -41.80 -9.82
C GLU C 141 -62.64 -42.45 -9.58
N ALA C 142 -62.14 -42.28 -8.36
CA ALA C 142 -60.86 -42.85 -7.96
C ALA C 142 -61.13 -43.92 -6.91
N TYR C 143 -62.07 -43.62 -6.01
CA TYR C 143 -62.42 -44.55 -4.94
C TYR C 143 -61.18 -44.73 -4.07
N ARG C 144 -60.57 -43.61 -3.71
CA ARG C 144 -59.36 -43.62 -2.89
C ARG C 144 -59.65 -44.03 -1.43
N PRO C 145 -58.97 -45.09 -0.95
CA PRO C 145 -59.18 -45.54 0.43
C PRO C 145 -58.55 -44.52 1.37
N ILE C 146 -59.29 -44.08 2.38
CA ILE C 146 -58.76 -43.08 3.29
C ILE C 146 -59.09 -43.36 4.74
N ARG C 147 -58.09 -43.23 5.62
CA ARG C 147 -58.31 -43.46 7.05
C ARG C 147 -58.38 -42.11 7.77
N LYS C 148 -59.00 -42.09 8.93
CA LYS C 148 -59.14 -40.87 9.70
C LYS C 148 -57.80 -40.37 10.25
N GLY C 149 -57.67 -39.05 10.37
CA GLY C 149 -56.42 -38.47 10.86
C GLY C 149 -55.38 -38.24 9.77
N ASP C 150 -55.55 -38.90 8.64
CA ASP C 150 -54.64 -38.79 7.50
C ASP C 150 -54.57 -37.40 6.87
N ILE C 151 -53.49 -37.17 6.12
CA ILE C 151 -53.27 -35.90 5.44
C ILE C 151 -52.89 -36.21 4.01
N PHE C 152 -53.66 -35.69 3.06
CA PHE C 152 -53.34 -35.90 1.65
C PHE C 152 -53.07 -34.59 0.92
N LEU C 153 -52.45 -34.73 -0.25
CA LEU C 153 -52.06 -33.59 -1.05
C LEU C 153 -52.79 -33.47 -2.37
N VAL C 154 -53.10 -32.24 -2.76
CA VAL C 154 -53.77 -32.02 -4.03
C VAL C 154 -53.10 -30.85 -4.77
N ARG C 155 -52.69 -31.09 -6.01
CA ARG C 155 -52.04 -30.06 -6.80
C ARG C 155 -52.92 -29.42 -7.87
N GLY C 156 -52.89 -28.09 -7.93
CA GLY C 156 -53.69 -27.38 -8.92
C GLY C 156 -53.73 -25.90 -8.58
N GLY C 157 -54.27 -25.09 -9.48
CA GLY C 157 -54.33 -23.65 -9.21
C GLY C 157 -52.93 -23.11 -8.95
N MET C 158 -51.94 -23.75 -9.56
CA MET C 158 -50.52 -23.39 -9.44
C MET C 158 -50.05 -23.36 -8.00
N ARG C 159 -50.25 -24.50 -7.33
CA ARG C 159 -49.86 -24.70 -5.94
C ARG C 159 -50.37 -26.05 -5.49
N ALA C 160 -50.12 -26.39 -4.23
CA ALA C 160 -50.58 -27.66 -3.71
C ALA C 160 -51.15 -27.45 -2.34
N VAL C 161 -52.36 -27.93 -2.14
CA VAL C 161 -53.00 -27.79 -0.86
C VAL C 161 -52.98 -29.11 -0.11
N GLU C 162 -52.97 -29.01 1.22
CA GLU C 162 -52.97 -30.17 2.08
C GLU C 162 -54.24 -30.23 2.89
N PHE C 163 -54.88 -31.39 2.88
CA PHE C 163 -56.11 -31.61 3.61
C PHE C 163 -55.89 -32.71 4.65
N LYS C 164 -56.70 -32.69 5.70
CA LYS C 164 -56.63 -33.70 6.75
C LYS C 164 -58.02 -34.28 6.99
N VAL C 165 -58.12 -35.61 6.96
CA VAL C 165 -59.40 -36.28 7.18
C VAL C 165 -59.75 -36.20 8.67
N VAL C 166 -60.64 -35.26 8.99
CA VAL C 166 -61.07 -35.06 10.37
C VAL C 166 -62.00 -36.18 10.85
N GLU C 167 -62.90 -36.64 9.98
CA GLU C 167 -63.83 -37.70 10.36
C GLU C 167 -64.43 -38.45 9.17
N THR C 168 -64.51 -39.76 9.30
CA THR C 168 -65.10 -40.60 8.26
C THR C 168 -66.29 -41.31 8.90
N ASP C 169 -67.46 -41.21 8.27
CA ASP C 169 -68.64 -41.86 8.82
C ASP C 169 -68.32 -43.29 9.22
N PRO C 170 -67.99 -44.15 8.26
CA PRO C 170 -67.68 -45.52 8.72
C PRO C 170 -66.27 -45.54 9.32
N SER C 171 -66.14 -45.05 10.56
CA SER C 171 -64.84 -45.02 11.24
C SER C 171 -64.18 -46.40 11.29
N PRO C 172 -62.85 -46.45 11.22
CA PRO C 172 -61.99 -45.28 11.09
C PRO C 172 -61.65 -45.06 9.62
N TYR C 173 -61.65 -46.15 8.86
CA TYR C 173 -61.32 -46.12 7.44
C TYR C 173 -62.53 -46.37 6.56
N CYS C 174 -62.48 -45.89 5.32
CA CYS C 174 -63.56 -46.07 4.37
C CYS C 174 -63.20 -45.50 3.01
N ILE C 175 -63.60 -46.19 1.93
CA ILE C 175 -63.35 -45.72 0.57
C ILE C 175 -64.32 -44.60 0.20
N VAL C 176 -63.86 -43.62 -0.58
CA VAL C 176 -64.75 -42.53 -0.98
C VAL C 176 -65.35 -42.83 -2.36
N ALA C 177 -66.62 -43.25 -2.34
CA ALA C 177 -67.36 -43.59 -3.55
C ALA C 177 -68.08 -42.36 -4.10
N PRO C 178 -68.63 -42.48 -5.31
CA PRO C 178 -69.33 -41.33 -5.90
C PRO C 178 -70.49 -40.83 -5.04
N ASP C 179 -71.04 -41.70 -4.20
CA ASP C 179 -72.16 -41.32 -3.36
C ASP C 179 -71.76 -40.82 -1.98
N THR C 180 -70.46 -40.67 -1.75
CA THR C 180 -69.97 -40.20 -0.47
C THR C 180 -70.16 -38.69 -0.36
N VAL C 181 -70.82 -38.26 0.71
CA VAL C 181 -71.04 -36.83 0.91
C VAL C 181 -69.78 -36.23 1.51
N ILE C 182 -69.11 -35.40 0.72
CA ILE C 182 -67.88 -34.78 1.18
C ILE C 182 -68.19 -33.46 1.88
N HIS C 183 -68.03 -33.42 3.19
CA HIS C 183 -68.31 -32.21 3.94
C HIS C 183 -67.05 -31.38 4.13
N CYS C 184 -67.19 -30.08 3.96
CA CYS C 184 -66.08 -29.16 4.06
C CYS C 184 -66.54 -27.90 4.77
N GLU C 185 -66.54 -27.93 6.11
CA GLU C 185 -66.98 -26.77 6.90
C GLU C 185 -66.34 -25.46 6.46
N GLY C 186 -65.04 -25.49 6.17
CA GLY C 186 -64.34 -24.28 5.75
C GLY C 186 -63.77 -23.55 6.95
N GLU C 187 -62.81 -24.19 7.60
CA GLU C 187 -62.19 -23.60 8.79
C GLU C 187 -60.78 -24.19 8.97
N PRO C 188 -59.79 -23.64 8.26
CA PRO C 188 -58.39 -24.08 8.31
C PRO C 188 -57.94 -24.69 9.64
N ILE C 189 -57.29 -25.86 9.58
CA ILE C 189 -56.79 -26.54 10.78
C ILE C 189 -55.28 -26.38 10.92
N LYS C 190 -54.81 -26.26 12.16
CA LYS C 190 -53.38 -26.08 12.38
C LYS C 190 -52.49 -27.29 12.14
N ARG C 191 -51.30 -26.99 11.63
CA ARG C 191 -50.27 -27.96 11.35
C ARG C 191 -49.57 -28.27 12.67
N GLU C 192 -49.52 -29.53 13.05
CA GLU C 192 -48.85 -29.89 14.30
C GLU C 192 -47.36 -29.84 14.05
N ASP C 193 -46.59 -29.76 15.12
CA ASP C 193 -45.14 -29.69 14.97
C ASP C 193 -44.62 -30.91 14.22
N GLU C 194 -45.18 -32.07 14.50
CA GLU C 194 -44.75 -33.33 13.89
C GLU C 194 -45.27 -33.59 12.48
N GLU C 195 -46.26 -32.82 12.05
CA GLU C 195 -46.83 -32.98 10.72
C GLU C 195 -45.96 -32.25 9.71
N GLU C 196 -44.90 -32.91 9.26
CA GLU C 196 -44.02 -32.30 8.28
C GLU C 196 -44.77 -32.05 6.99
N SER C 197 -44.60 -30.84 6.44
CA SER C 197 -45.25 -30.41 5.21
C SER C 197 -44.79 -31.11 3.95
N LEU C 198 -45.67 -31.15 2.96
CA LEU C 198 -45.34 -31.75 1.68
C LEU C 198 -44.65 -30.66 0.89
N ASN C 199 -44.58 -29.48 1.49
CA ASN C 199 -43.90 -28.36 0.87
C ASN C 199 -42.54 -28.30 1.55
N GLU C 200 -41.83 -29.42 1.47
CA GLU C 200 -40.52 -29.57 2.04
C GLU C 200 -39.77 -30.23 0.90
N VAL C 201 -38.46 -29.99 0.84
CA VAL C 201 -37.69 -30.58 -0.24
C VAL C 201 -37.54 -32.05 0.04
N GLY C 202 -37.71 -32.85 -1.01
CA GLY C 202 -37.59 -34.29 -0.87
C GLY C 202 -36.96 -34.85 -2.13
N TYR C 203 -36.49 -36.10 -2.06
CA TYR C 203 -35.84 -36.70 -3.20
C TYR C 203 -36.73 -36.61 -4.43
N ASP C 204 -38.05 -36.56 -4.22
CA ASP C 204 -38.99 -36.46 -5.32
C ASP C 204 -38.99 -35.06 -5.96
N ASP C 205 -38.19 -34.16 -5.39
CA ASP C 205 -38.09 -32.80 -5.89
C ASP C 205 -36.78 -32.63 -6.67
N VAL C 206 -36.03 -33.73 -6.80
CA VAL C 206 -34.75 -33.70 -7.49
C VAL C 206 -34.78 -34.64 -8.69
N GLY C 207 -34.59 -34.09 -9.89
CA GLY C 207 -34.59 -34.90 -11.09
C GLY C 207 -33.27 -34.79 -11.82
N GLY C 208 -32.95 -35.78 -12.63
CA GLY C 208 -31.71 -35.74 -13.37
C GLY C 208 -30.54 -36.31 -12.63
N CYS C 209 -30.59 -36.28 -11.30
CA CYS C 209 -29.51 -36.82 -10.51
C CYS C 209 -29.99 -38.07 -9.81
N ARG C 210 -29.59 -39.23 -10.32
CA ARG C 210 -30.00 -40.50 -9.72
C ARG C 210 -28.77 -41.19 -9.18
N LYS C 211 -27.75 -41.31 -10.03
CA LYS C 211 -26.50 -41.94 -9.63
C LYS C 211 -26.02 -41.10 -8.46
N GLN C 212 -25.98 -39.80 -8.70
CA GLN C 212 -25.55 -38.80 -7.72
C GLN C 212 -26.23 -39.01 -6.38
N LEU C 213 -27.53 -38.71 -6.33
CA LEU C 213 -28.31 -38.85 -5.11
C LEU C 213 -28.23 -40.27 -4.51
N ALA C 214 -27.71 -41.22 -5.27
CA ALA C 214 -27.57 -42.59 -4.79
C ALA C 214 -26.40 -42.67 -3.81
N GLN C 215 -25.22 -42.36 -4.31
CA GLN C 215 -23.99 -42.37 -3.52
C GLN C 215 -24.21 -41.54 -2.26
N ILE C 216 -24.62 -40.30 -2.44
CA ILE C 216 -24.87 -39.43 -1.31
C ILE C 216 -25.73 -40.15 -0.29
N LYS C 217 -26.71 -40.91 -0.78
CA LYS C 217 -27.61 -41.63 0.10
C LYS C 217 -26.90 -42.64 0.98
N GLU C 218 -26.23 -43.60 0.35
CA GLU C 218 -25.54 -44.63 1.12
C GLU C 218 -24.53 -44.00 2.05
N MET C 219 -23.80 -43.01 1.55
CA MET C 219 -22.82 -42.33 2.38
C MET C 219 -23.44 -41.92 3.70
N VAL C 220 -24.48 -41.10 3.62
CA VAL C 220 -25.16 -40.60 4.82
C VAL C 220 -26.04 -41.61 5.55
N GLU C 221 -26.47 -42.63 4.82
CA GLU C 221 -27.36 -43.70 5.34
C GLU C 221 -27.11 -44.15 6.77
N LEU C 222 -25.92 -44.70 6.99
CA LEU C 222 -25.57 -45.21 8.30
C LEU C 222 -25.28 -44.17 9.39
N PRO C 223 -24.23 -43.35 9.21
CA PRO C 223 -23.89 -42.35 10.23
C PRO C 223 -24.95 -41.37 10.66
N LEU C 224 -25.98 -41.19 9.84
CA LEU C 224 -27.02 -40.23 10.17
C LEU C 224 -28.35 -40.86 10.56
N ARG C 225 -28.54 -42.12 10.17
CA ARG C 225 -29.77 -42.84 10.51
C ARG C 225 -29.52 -43.83 11.63
N HIS C 226 -28.30 -44.34 11.70
CA HIS C 226 -27.90 -45.32 12.72
C HIS C 226 -26.69 -44.77 13.50
N PRO C 227 -26.93 -43.73 14.32
CA PRO C 227 -25.93 -43.05 15.15
C PRO C 227 -25.15 -44.01 16.03
N ALA C 228 -25.87 -44.65 16.95
CA ALA C 228 -25.33 -45.60 17.90
C ALA C 228 -24.26 -46.49 17.30
N LEU C 229 -24.48 -46.93 16.06
CA LEU C 229 -23.55 -47.78 15.35
C LEU C 229 -22.12 -47.29 15.44
N PHE C 230 -21.92 -45.99 15.25
CA PHE C 230 -20.57 -45.44 15.28
C PHE C 230 -20.07 -45.18 16.68
N LYS C 231 -21.00 -45.14 17.62
CA LYS C 231 -20.66 -44.94 19.02
C LYS C 231 -20.08 -46.26 19.51
N ALA C 232 -20.59 -47.36 18.96
CA ALA C 232 -20.15 -48.71 19.32
C ALA C 232 -19.09 -49.28 18.39
N ILE C 233 -18.91 -48.63 17.25
CA ILE C 233 -17.93 -49.10 16.29
C ILE C 233 -16.66 -48.25 16.32
N GLY C 234 -15.60 -48.80 15.74
CA GLY C 234 -14.33 -48.10 15.68
C GLY C 234 -14.13 -47.58 14.27
N VAL C 235 -14.92 -48.07 13.33
CA VAL C 235 -14.84 -47.66 11.93
C VAL C 235 -15.29 -46.21 11.77
N LYS C 236 -14.70 -45.53 10.79
CA LYS C 236 -15.00 -44.13 10.53
C LYS C 236 -15.83 -43.87 9.29
N PRO C 237 -16.92 -43.10 9.46
CA PRO C 237 -17.85 -42.72 8.39
C PRO C 237 -17.43 -41.40 7.75
N PRO C 238 -17.93 -41.09 6.55
CA PRO C 238 -17.56 -39.82 5.92
C PRO C 238 -18.02 -38.66 6.79
N ARG C 239 -17.19 -37.61 6.85
CA ARG C 239 -17.54 -36.44 7.63
C ARG C 239 -17.81 -35.30 6.67
N GLY C 240 -16.88 -35.10 5.74
CA GLY C 240 -17.02 -34.04 4.77
C GLY C 240 -17.38 -34.49 3.36
N ILE C 241 -18.51 -34.00 2.86
CA ILE C 241 -18.96 -34.34 1.53
C ILE C 241 -18.99 -33.08 0.68
N LEU C 242 -18.17 -33.09 -0.36
CA LEU C 242 -18.06 -31.97 -1.26
C LEU C 242 -18.83 -32.16 -2.57
N LEU C 243 -19.73 -31.24 -2.87
CA LEU C 243 -20.52 -31.32 -4.08
C LEU C 243 -20.11 -30.22 -5.05
N TYR C 244 -19.66 -30.58 -6.25
CA TYR C 244 -19.29 -29.57 -7.24
C TYR C 244 -20.21 -29.58 -8.46
N GLY C 245 -20.07 -28.58 -9.30
CA GLY C 245 -20.91 -28.46 -10.47
C GLY C 245 -21.34 -27.01 -10.62
N PRO C 246 -21.61 -26.55 -11.86
CA PRO C 246 -22.02 -25.16 -12.13
C PRO C 246 -23.20 -24.69 -11.27
N PRO C 247 -23.41 -23.37 -11.18
CA PRO C 247 -24.52 -22.86 -10.36
C PRO C 247 -25.90 -23.33 -10.83
N GLY C 248 -26.85 -23.42 -9.91
CA GLY C 248 -28.20 -23.82 -10.26
C GLY C 248 -28.38 -25.30 -10.50
N THR C 249 -27.30 -26.05 -10.28
CA THR C 249 -27.29 -27.50 -10.45
C THR C 249 -28.14 -28.28 -9.42
N GLY C 250 -28.51 -27.64 -8.31
CA GLY C 250 -29.32 -28.32 -7.32
C GLY C 250 -28.62 -28.86 -6.09
N LYS C 251 -27.41 -28.38 -5.82
CA LYS C 251 -26.63 -28.84 -4.67
C LYS C 251 -27.32 -28.47 -3.37
N THR C 252 -27.83 -27.26 -3.31
CA THR C 252 -28.52 -26.79 -2.13
C THR C 252 -29.83 -27.55 -1.99
N LEU C 253 -30.33 -28.06 -3.12
CA LEU C 253 -31.59 -28.77 -3.13
C LEU C 253 -31.35 -30.14 -2.52
N ILE C 254 -30.35 -30.83 -3.05
CA ILE C 254 -29.99 -32.16 -2.56
C ILE C 254 -29.63 -32.16 -1.08
N ALA C 255 -28.68 -31.33 -0.68
CA ALA C 255 -28.29 -31.28 0.71
C ALA C 255 -29.50 -31.11 1.61
N ARG C 256 -30.41 -30.25 1.21
CA ARG C 256 -31.60 -29.97 2.01
C ARG C 256 -32.57 -31.12 2.05
N ALA C 257 -32.82 -31.73 0.91
CA ALA C 257 -33.73 -32.87 0.84
C ALA C 257 -33.22 -34.02 1.68
N VAL C 258 -31.92 -34.29 1.56
CA VAL C 258 -31.26 -35.37 2.29
C VAL C 258 -31.47 -35.20 3.78
N ALA C 259 -31.41 -33.95 4.24
CA ALA C 259 -31.61 -33.66 5.66
C ALA C 259 -33.02 -34.04 6.10
N ASN C 260 -34.03 -33.48 5.43
CA ASN C 260 -35.44 -33.75 5.75
C ASN C 260 -35.79 -35.23 5.65
N GLU C 261 -35.45 -35.81 4.50
CA GLU C 261 -35.75 -37.21 4.22
C GLU C 261 -35.14 -38.21 5.20
N THR C 262 -34.15 -37.76 5.97
CA THR C 262 -33.51 -38.63 6.96
C THR C 262 -33.74 -38.03 8.33
N GLY C 263 -34.70 -37.13 8.42
CA GLY C 263 -34.99 -36.49 9.69
C GLY C 263 -33.78 -35.98 10.45
N ALA C 264 -32.78 -35.49 9.73
CA ALA C 264 -31.58 -34.96 10.38
C ALA C 264 -31.68 -33.44 10.45
N PHE C 265 -31.10 -32.88 11.51
CA PHE C 265 -31.11 -31.43 11.68
C PHE C 265 -30.35 -30.80 10.53
N PHE C 266 -30.85 -29.67 10.04
CA PHE C 266 -30.19 -29.02 8.91
C PHE C 266 -29.86 -27.56 9.15
N PHE C 267 -28.57 -27.27 9.23
CA PHE C 267 -28.12 -25.92 9.44
C PHE C 267 -27.38 -25.45 8.21
N LEU C 268 -27.82 -24.32 7.67
CA LEU C 268 -27.24 -23.73 6.48
C LEU C 268 -26.22 -22.66 6.82
N ILE C 269 -25.17 -22.60 6.01
CA ILE C 269 -24.12 -21.59 6.14
C ILE C 269 -23.88 -21.09 4.73
N ASN C 270 -24.25 -19.84 4.49
CA ASN C 270 -24.10 -19.23 3.18
C ASN C 270 -22.76 -18.50 3.15
N GLY C 271 -21.89 -18.85 2.19
CA GLY C 271 -20.60 -18.20 2.09
C GLY C 271 -20.65 -16.68 2.25
N PRO C 272 -21.43 -16.00 1.39
CA PRO C 272 -21.56 -14.54 1.44
C PRO C 272 -22.02 -14.05 2.79
N GLU C 273 -22.95 -14.79 3.39
CA GLU C 273 -23.47 -14.46 4.72
C GLU C 273 -22.33 -14.32 5.70
N ILE C 274 -21.40 -15.26 5.65
CA ILE C 274 -20.26 -15.26 6.55
C ILE C 274 -19.30 -14.13 6.23
N MET C 275 -18.88 -14.06 4.97
CA MET C 275 -17.95 -13.04 4.56
C MET C 275 -18.51 -11.62 4.68
N SER C 276 -19.80 -11.50 4.97
CA SER C 276 -20.41 -10.19 5.08
C SER C 276 -20.23 -9.60 6.46
N LYS C 277 -19.82 -10.42 7.42
CA LYS C 277 -19.63 -9.97 8.79
C LYS C 277 -18.17 -9.63 9.05
N LEU C 278 -17.89 -8.98 10.17
CA LEU C 278 -16.52 -8.59 10.48
C LEU C 278 -15.70 -9.75 11.03
N ALA C 279 -14.43 -9.75 10.68
CA ALA C 279 -13.44 -10.74 11.10
C ALA C 279 -13.82 -11.68 12.24
N GLY C 280 -13.90 -11.13 13.44
CA GLY C 280 -14.24 -11.91 14.62
C GLY C 280 -15.62 -12.51 14.56
N GLU C 281 -16.62 -11.68 14.25
CA GLU C 281 -18.00 -12.16 14.18
C GLU C 281 -18.17 -13.19 13.07
N SER C 282 -17.27 -13.14 12.10
CA SER C 282 -17.27 -14.06 10.98
C SER C 282 -16.97 -15.48 11.47
N GLU C 283 -15.81 -15.65 12.09
CA GLU C 283 -15.37 -16.94 12.62
C GLU C 283 -16.20 -17.38 13.82
N SER C 284 -16.76 -16.41 14.53
CA SER C 284 -17.61 -16.69 15.69
C SER C 284 -18.79 -17.50 15.19
N ASN C 285 -19.38 -17.03 14.09
CA ASN C 285 -20.53 -17.68 13.47
C ASN C 285 -20.18 -19.07 12.96
N LEU C 286 -18.95 -19.26 12.49
CA LEU C 286 -18.58 -20.60 12.04
C LEU C 286 -18.57 -21.53 13.23
N ARG C 287 -17.97 -21.10 14.34
CA ARG C 287 -17.95 -21.94 15.54
C ARG C 287 -19.39 -22.15 15.95
N LYS C 288 -20.13 -21.06 16.05
CA LYS C 288 -21.55 -21.12 16.43
C LYS C 288 -22.28 -22.18 15.63
N ALA C 289 -22.19 -22.08 14.30
CA ALA C 289 -22.86 -23.03 13.42
C ALA C 289 -22.51 -24.48 13.75
N PHE C 290 -21.23 -24.78 13.82
CA PHE C 290 -20.82 -26.13 14.11
C PHE C 290 -21.30 -26.54 15.47
N GLU C 291 -21.19 -25.62 16.41
CA GLU C 291 -21.59 -25.89 17.78
C GLU C 291 -23.09 -26.17 17.89
N GLU C 292 -23.91 -25.33 17.27
CA GLU C 292 -25.35 -25.57 17.36
C GLU C 292 -25.64 -26.93 16.75
N ALA C 293 -25.19 -27.13 15.53
CA ALA C 293 -25.43 -28.39 14.84
C ALA C 293 -25.01 -29.61 15.67
N GLU C 294 -23.98 -29.47 16.49
CA GLU C 294 -23.52 -30.59 17.28
C GLU C 294 -24.51 -30.94 18.38
N LYS C 295 -25.29 -29.96 18.82
CA LYS C 295 -26.28 -30.19 19.86
C LYS C 295 -27.43 -31.07 19.32
N ASN C 296 -28.04 -30.60 18.23
CA ASN C 296 -29.16 -31.28 17.60
C ASN C 296 -28.76 -32.45 16.70
N ALA C 297 -27.67 -33.11 17.04
CA ALA C 297 -27.21 -34.24 16.25
C ALA C 297 -28.24 -35.39 16.29
N PRO C 298 -28.36 -36.16 15.19
CA PRO C 298 -27.58 -36.01 13.96
C PRO C 298 -27.98 -34.78 13.17
N ALA C 299 -27.00 -34.16 12.52
CA ALA C 299 -27.26 -32.96 11.74
C ALA C 299 -26.36 -32.88 10.52
N ILE C 300 -26.79 -32.03 9.58
CA ILE C 300 -26.07 -31.78 8.33
C ILE C 300 -25.81 -30.29 8.25
N ILE C 301 -24.56 -29.93 8.03
CA ILE C 301 -24.21 -28.53 7.90
C ILE C 301 -23.95 -28.35 6.42
N PHE C 302 -24.72 -27.48 5.80
CA PHE C 302 -24.54 -27.22 4.38
C PHE C 302 -23.87 -25.89 4.13
N ILE C 303 -22.61 -25.94 3.74
CA ILE C 303 -21.88 -24.74 3.44
C ILE C 303 -22.14 -24.41 1.97
N ASP C 304 -23.06 -23.47 1.74
CA ASP C 304 -23.42 -23.05 0.39
C ASP C 304 -22.43 -21.98 -0.04
N GLU C 305 -21.91 -22.13 -1.24
CA GLU C 305 -20.93 -21.21 -1.79
C GLU C 305 -19.68 -21.27 -0.95
N LEU C 306 -19.07 -22.44 -0.92
CA LEU C 306 -17.87 -22.66 -0.14
C LEU C 306 -16.68 -21.85 -0.64
N ASP C 307 -16.46 -21.83 -1.95
CA ASP C 307 -15.34 -21.11 -2.56
C ASP C 307 -15.31 -19.65 -2.11
N ALA C 308 -16.43 -19.21 -1.54
CA ALA C 308 -16.58 -17.84 -1.07
C ALA C 308 -15.93 -17.64 0.29
N ILE C 309 -15.39 -18.69 0.85
CA ILE C 309 -14.78 -18.62 2.17
C ILE C 309 -13.46 -19.36 2.17
N ALA C 310 -13.27 -20.25 1.21
CA ALA C 310 -12.04 -21.03 1.21
C ALA C 310 -11.42 -21.23 -0.16
N PRO C 311 -11.03 -20.13 -0.81
CA PRO C 311 -10.41 -20.29 -2.13
C PRO C 311 -8.96 -20.67 -1.92
N LYS C 312 -8.24 -20.98 -3.00
CA LYS C 312 -6.83 -21.35 -2.90
C LYS C 312 -6.02 -20.14 -2.47
N ARG C 313 -4.78 -20.37 -2.07
CA ARG C 313 -3.90 -19.28 -1.66
C ARG C 313 -3.59 -18.41 -2.87
N GLU C 314 -3.81 -19.00 -4.05
CA GLU C 314 -3.60 -18.34 -5.34
C GLU C 314 -4.42 -17.06 -5.43
N LYS C 315 -5.61 -17.08 -4.85
CA LYS C 315 -6.49 -15.92 -4.87
C LYS C 315 -6.97 -15.51 -3.49
N THR C 316 -6.02 -15.36 -2.54
CA THR C 316 -6.39 -14.98 -1.17
C THR C 316 -5.56 -13.85 -0.55
N HIS C 317 -6.22 -12.80 -0.07
CA HIS C 317 -5.53 -11.68 0.57
C HIS C 317 -5.57 -11.78 2.12
N GLY C 318 -4.47 -12.25 2.69
CA GLY C 318 -4.30 -12.43 4.14
C GLY C 318 -5.37 -12.14 5.18
N GLU C 319 -4.92 -11.56 6.30
CA GLU C 319 -5.79 -11.21 7.42
C GLU C 319 -6.86 -12.25 7.70
N VAL C 320 -8.07 -11.76 7.91
CA VAL C 320 -9.19 -12.65 8.20
C VAL C 320 -9.59 -13.50 7.01
N GLU C 321 -9.05 -13.17 5.84
CA GLU C 321 -9.39 -13.98 4.68
C GLU C 321 -8.76 -15.35 4.91
N ARG C 322 -7.52 -15.36 5.36
CA ARG C 322 -6.84 -16.63 5.62
C ARG C 322 -7.21 -17.15 7.00
N ARG C 323 -7.66 -16.25 7.86
CA ARG C 323 -7.99 -16.64 9.21
C ARG C 323 -9.30 -17.46 9.19
N ILE C 324 -10.28 -17.01 8.43
CA ILE C 324 -11.55 -17.72 8.35
C ILE C 324 -11.38 -19.12 7.77
N VAL C 325 -10.61 -19.23 6.71
CA VAL C 325 -10.38 -20.52 6.09
C VAL C 325 -9.79 -21.43 7.14
N SER C 326 -8.69 -21.00 7.76
CA SER C 326 -8.06 -21.83 8.78
C SER C 326 -9.10 -22.16 9.82
N GLN C 327 -9.86 -21.15 10.22
CA GLN C 327 -10.92 -21.37 11.19
C GLN C 327 -11.79 -22.56 10.74
N LEU C 328 -12.11 -22.62 9.45
CA LEU C 328 -12.92 -23.70 8.93
C LEU C 328 -12.17 -25.02 9.06
N LEU C 329 -10.95 -25.07 8.53
CA LEU C 329 -10.15 -26.29 8.62
C LEU C 329 -10.17 -26.83 10.03
N THR C 330 -9.83 -25.99 11.00
CA THR C 330 -9.82 -26.44 12.38
C THR C 330 -11.13 -27.03 12.83
N LEU C 331 -12.24 -26.34 12.52
CA LEU C 331 -13.56 -26.79 12.90
C LEU C 331 -13.86 -28.22 12.44
N MET C 332 -13.46 -28.55 11.22
CA MET C 332 -13.67 -29.88 10.66
C MET C 332 -12.91 -30.91 11.47
N ASP C 333 -11.58 -30.73 11.56
CA ASP C 333 -10.74 -31.64 12.31
C ASP C 333 -11.24 -31.79 13.73
N GLY C 334 -11.84 -30.73 14.25
CA GLY C 334 -12.35 -30.74 15.61
C GLY C 334 -13.62 -31.55 15.79
N LEU C 335 -14.18 -32.02 14.69
CA LEU C 335 -15.39 -32.81 14.77
C LEU C 335 -15.05 -34.24 15.17
N LYS C 336 -15.67 -34.68 16.27
CA LYS C 336 -15.48 -36.03 16.75
C LYS C 336 -16.53 -36.86 16.02
N GLN C 337 -16.08 -37.94 15.40
CA GLN C 337 -16.96 -38.82 14.63
C GLN C 337 -18.26 -39.22 15.34
N ARG C 338 -18.28 -39.16 16.66
CA ARG C 338 -19.46 -39.54 17.45
C ARG C 338 -20.45 -38.37 17.59
N ALA C 339 -20.11 -37.24 16.99
CA ALA C 339 -20.94 -36.05 17.07
C ALA C 339 -22.14 -36.18 16.14
N HIS C 340 -22.09 -37.18 15.26
CA HIS C 340 -23.17 -37.43 14.31
C HIS C 340 -23.46 -36.22 13.45
N VAL C 341 -22.40 -35.61 12.94
CA VAL C 341 -22.54 -34.46 12.07
C VAL C 341 -21.80 -34.76 10.77
N ILE C 342 -22.42 -34.42 9.65
CA ILE C 342 -21.80 -34.60 8.35
C ILE C 342 -21.79 -33.22 7.76
N VAL C 343 -20.67 -32.83 7.16
CA VAL C 343 -20.62 -31.50 6.58
C VAL C 343 -20.68 -31.60 5.07
N MET C 344 -21.57 -30.78 4.51
CA MET C 344 -21.76 -30.72 3.07
C MET C 344 -21.46 -29.33 2.57
N ALA C 345 -20.58 -29.26 1.59
CA ALA C 345 -20.22 -27.99 1.02
C ALA C 345 -20.28 -28.15 -0.48
N ALA C 346 -20.82 -27.13 -1.13
CA ALA C 346 -20.96 -27.11 -2.58
C ALA C 346 -20.13 -25.99 -3.18
N THR C 347 -19.31 -26.34 -4.16
CA THR C 347 -18.48 -25.36 -4.85
C THR C 347 -18.76 -25.53 -6.33
N ASN C 348 -17.95 -24.92 -7.19
CA ASN C 348 -18.21 -25.07 -8.59
C ASN C 348 -17.24 -26.03 -9.23
N ARG C 349 -16.05 -26.12 -8.65
CA ARG C 349 -15.03 -27.03 -9.15
C ARG C 349 -13.84 -27.09 -8.20
N PRO C 350 -13.05 -28.15 -8.31
CA PRO C 350 -11.86 -28.33 -7.46
C PRO C 350 -11.03 -27.05 -7.32
N ASN C 351 -10.75 -26.43 -8.46
CA ASN C 351 -9.95 -25.21 -8.54
C ASN C 351 -10.29 -24.11 -7.54
N SER C 352 -11.58 -23.85 -7.38
CA SER C 352 -12.07 -22.80 -6.49
C SER C 352 -11.57 -22.94 -5.04
N ILE C 353 -11.88 -24.10 -4.45
CA ILE C 353 -11.54 -24.42 -3.08
C ILE C 353 -10.04 -24.54 -2.77
N ASP C 354 -9.69 -24.31 -1.51
CA ASP C 354 -8.32 -24.44 -1.03
C ASP C 354 -8.02 -25.92 -0.78
N PRO C 355 -6.91 -26.42 -1.33
CA PRO C 355 -6.47 -27.82 -1.21
C PRO C 355 -6.51 -28.41 0.20
N ALA C 356 -6.33 -27.59 1.21
CA ALA C 356 -6.35 -28.10 2.57
C ALA C 356 -7.71 -28.69 2.94
N LEU C 357 -8.77 -28.31 2.23
CA LEU C 357 -10.09 -28.84 2.56
C LEU C 357 -10.22 -30.31 2.16
N ARG C 358 -9.40 -30.75 1.23
CA ARG C 358 -9.42 -32.13 0.77
C ARG C 358 -8.74 -33.10 1.74
N ARG C 359 -7.81 -32.60 2.56
CA ARG C 359 -7.09 -33.49 3.48
C ARG C 359 -8.03 -34.54 4.04
N PHE C 360 -7.56 -35.78 3.97
CA PHE C 360 -8.31 -36.94 4.41
C PHE C 360 -9.32 -36.82 5.55
N GLY C 361 -8.98 -36.15 6.63
CA GLY C 361 -9.96 -36.03 7.70
C GLY C 361 -11.05 -34.99 7.47
N ARG C 362 -10.99 -34.30 6.33
CA ARG C 362 -11.95 -33.24 6.06
C ARG C 362 -13.00 -33.60 5.02
N PHE C 363 -13.02 -32.86 3.91
CA PHE C 363 -13.96 -33.13 2.82
C PHE C 363 -13.26 -34.12 1.90
N ASP C 364 -13.16 -35.35 2.39
CA ASP C 364 -12.53 -36.45 1.67
C ASP C 364 -13.46 -37.08 0.64
N ARG C 365 -14.73 -36.71 0.68
CA ARG C 365 -15.72 -37.24 -0.24
C ARG C 365 -16.28 -36.17 -1.16
N GLU C 366 -16.11 -36.37 -2.46
CA GLU C 366 -16.58 -35.44 -3.48
C GLU C 366 -17.59 -36.12 -4.40
N VAL C 367 -18.70 -35.45 -4.68
CA VAL C 367 -19.75 -35.94 -5.57
C VAL C 367 -19.83 -34.97 -6.75
N ASP C 368 -19.75 -35.48 -7.97
CA ASP C 368 -19.81 -34.62 -9.16
C ASP C 368 -21.23 -34.47 -9.71
N ILE C 369 -21.84 -33.30 -9.49
CA ILE C 369 -23.21 -33.06 -9.96
C ILE C 369 -23.30 -32.21 -11.24
N GLY C 370 -22.84 -32.77 -12.36
CA GLY C 370 -22.87 -32.03 -13.61
C GLY C 370 -24.20 -31.46 -14.11
N ILE C 371 -24.22 -31.12 -15.39
CA ILE C 371 -25.42 -30.57 -16.03
C ILE C 371 -26.35 -31.67 -16.53
N PRO C 372 -27.67 -31.45 -16.39
CA PRO C 372 -28.72 -32.38 -16.81
C PRO C 372 -28.65 -32.75 -18.28
N ASP C 373 -29.03 -34.00 -18.57
CA ASP C 373 -29.05 -34.51 -19.94
C ASP C 373 -30.52 -34.48 -20.36
N ALA C 374 -30.80 -34.93 -21.58
CA ALA C 374 -32.17 -34.95 -22.11
C ALA C 374 -33.15 -35.52 -21.10
N THR C 375 -32.88 -36.74 -20.68
CA THR C 375 -33.70 -37.44 -19.71
C THR C 375 -33.93 -36.63 -18.44
N GLY C 376 -32.84 -36.32 -17.74
CA GLY C 376 -32.94 -35.56 -16.52
C GLY C 376 -33.70 -34.28 -16.70
N ARG C 377 -33.39 -33.53 -17.76
CA ARG C 377 -34.09 -32.29 -17.98
C ARG C 377 -35.61 -32.48 -17.92
N LEU C 378 -36.12 -33.50 -18.62
CA LEU C 378 -37.55 -33.78 -18.64
C LEU C 378 -38.03 -33.87 -17.21
N GLU C 379 -37.44 -34.80 -16.47
CA GLU C 379 -37.78 -35.05 -15.08
C GLU C 379 -37.95 -33.78 -14.29
N ILE C 380 -37.07 -32.81 -14.53
CA ILE C 380 -37.10 -31.52 -13.83
C ILE C 380 -38.32 -30.67 -14.25
N LEU C 381 -38.58 -30.66 -15.55
CA LEU C 381 -39.72 -29.93 -16.11
C LEU C 381 -41.04 -30.48 -15.53
N GLN C 382 -41.07 -31.79 -15.28
CA GLN C 382 -42.27 -32.40 -14.72
C GLN C 382 -42.46 -32.01 -13.27
N ILE C 383 -41.36 -31.94 -12.53
CA ILE C 383 -41.45 -31.55 -11.13
C ILE C 383 -41.90 -30.11 -11.04
N HIS C 384 -41.41 -29.27 -11.95
CA HIS C 384 -41.79 -27.87 -11.90
C HIS C 384 -43.05 -27.51 -12.64
N THR C 385 -43.89 -28.51 -12.90
CA THR C 385 -45.16 -28.27 -13.59
C THR C 385 -46.28 -29.00 -12.88
N LYS C 386 -45.90 -29.92 -12.00
CA LYS C 386 -46.85 -30.72 -11.23
C LYS C 386 -47.95 -29.93 -10.52
N ASN C 387 -47.80 -28.60 -10.45
CA ASN C 387 -48.80 -27.78 -9.80
C ASN C 387 -49.59 -26.91 -10.78
N MET C 388 -49.26 -27.02 -12.07
CA MET C 388 -49.97 -26.24 -13.08
C MET C 388 -50.70 -27.11 -14.08
N LYS C 389 -51.79 -26.57 -14.62
CA LYS C 389 -52.62 -27.25 -15.61
C LYS C 389 -51.99 -27.08 -16.99
N LEU C 390 -51.19 -28.05 -17.42
CA LEU C 390 -50.55 -27.91 -18.73
C LEU C 390 -51.44 -28.24 -19.91
N ALA C 391 -51.66 -27.27 -20.80
CA ALA C 391 -52.47 -27.52 -21.98
C ALA C 391 -52.07 -28.86 -22.60
N ASP C 392 -52.95 -29.41 -23.43
CA ASP C 392 -52.66 -30.70 -24.05
C ASP C 392 -51.60 -30.61 -25.14
N ASP C 393 -51.43 -29.42 -25.70
CA ASP C 393 -50.45 -29.23 -26.75
C ASP C 393 -49.05 -29.03 -26.18
N VAL C 394 -48.94 -29.02 -24.86
CA VAL C 394 -47.65 -28.85 -24.21
C VAL C 394 -46.79 -30.12 -24.28
N ASP C 395 -45.73 -30.05 -25.09
CA ASP C 395 -44.79 -31.16 -25.33
C ASP C 395 -43.50 -30.96 -24.48
N LEU C 396 -43.54 -31.32 -23.20
CA LEU C 396 -42.37 -31.12 -22.32
C LEU C 396 -41.09 -31.82 -22.77
N GLU C 397 -41.24 -32.91 -23.51
CA GLU C 397 -40.09 -33.64 -24.02
C GLU C 397 -39.45 -32.84 -25.16
N GLN C 398 -40.25 -32.02 -25.83
CA GLN C 398 -39.74 -31.19 -26.91
C GLN C 398 -38.96 -30.09 -26.22
N VAL C 399 -39.58 -29.52 -25.18
CA VAL C 399 -38.96 -28.46 -24.39
C VAL C 399 -37.63 -28.97 -23.85
N ALA C 400 -37.65 -30.12 -23.19
CA ALA C 400 -36.43 -30.71 -22.64
C ALA C 400 -35.36 -30.91 -23.73
N ASN C 401 -35.82 -31.22 -24.95
CA ASN C 401 -34.90 -31.44 -26.04
C ASN C 401 -34.13 -30.21 -26.47
N GLU C 402 -34.83 -29.08 -26.55
CA GLU C 402 -34.18 -27.86 -27.00
C GLU C 402 -33.55 -26.99 -25.92
N THR C 403 -33.39 -27.53 -24.72
CA THR C 403 -32.74 -26.81 -23.61
C THR C 403 -31.39 -27.46 -23.26
N HIS C 404 -30.69 -27.95 -24.26
CA HIS C 404 -29.39 -28.58 -24.06
C HIS C 404 -28.45 -27.54 -23.47
N GLY C 405 -27.73 -27.93 -22.42
CA GLY C 405 -26.80 -27.03 -21.78
C GLY C 405 -27.32 -26.42 -20.50
N HIS C 406 -28.62 -26.15 -20.46
CA HIS C 406 -29.25 -25.55 -19.30
C HIS C 406 -29.28 -26.45 -18.08
N VAL C 407 -29.35 -25.82 -16.91
CA VAL C 407 -29.38 -26.54 -15.65
C VAL C 407 -30.75 -26.43 -14.97
N GLY C 408 -30.91 -27.19 -13.90
CA GLY C 408 -32.15 -27.22 -13.18
C GLY C 408 -32.72 -25.84 -12.91
N ALA C 409 -31.85 -24.93 -12.50
CA ALA C 409 -32.28 -23.58 -12.21
C ALA C 409 -32.90 -22.94 -13.44
N ASP C 410 -32.25 -23.08 -14.60
CA ASP C 410 -32.75 -22.51 -15.86
C ASP C 410 -34.16 -23.01 -16.18
N LEU C 411 -34.31 -24.32 -16.12
CA LEU C 411 -35.57 -24.96 -16.40
C LEU C 411 -36.64 -24.47 -15.46
N ALA C 412 -36.35 -24.44 -14.16
CA ALA C 412 -37.34 -23.98 -13.19
C ALA C 412 -37.82 -22.54 -13.46
N ALA C 413 -36.93 -21.71 -13.97
CA ALA C 413 -37.28 -20.34 -14.27
C ALA C 413 -38.08 -20.32 -15.57
N LEU C 414 -37.65 -21.15 -16.51
CA LEU C 414 -38.31 -21.26 -17.80
C LEU C 414 -39.80 -21.53 -17.58
N CYS C 415 -40.08 -22.43 -16.63
CA CYS C 415 -41.46 -22.78 -16.28
C CYS C 415 -42.17 -21.63 -15.60
N SER C 416 -41.46 -20.87 -14.77
CA SER C 416 -42.08 -19.74 -14.10
C SER C 416 -42.50 -18.70 -15.15
N GLU C 417 -41.63 -18.47 -16.13
CA GLU C 417 -41.93 -17.50 -17.18
C GLU C 417 -43.06 -17.89 -18.11
N ALA C 418 -43.21 -19.18 -18.38
CA ALA C 418 -44.27 -19.66 -19.25
C ALA C 418 -45.58 -19.47 -18.52
N ALA C 419 -45.57 -19.82 -17.25
CA ALA C 419 -46.76 -19.70 -16.42
C ALA C 419 -47.17 -18.24 -16.24
N LEU C 420 -46.20 -17.34 -16.27
CA LEU C 420 -46.48 -15.93 -16.10
C LEU C 420 -46.97 -15.35 -17.41
N GLN C 421 -46.45 -15.86 -18.51
CA GLN C 421 -46.84 -15.42 -19.83
C GLN C 421 -48.32 -15.73 -19.99
N ALA C 422 -48.71 -16.92 -19.55
CA ALA C 422 -50.09 -17.31 -19.64
C ALA C 422 -50.91 -16.37 -18.78
N ILE C 423 -50.55 -16.25 -17.50
CA ILE C 423 -51.30 -15.39 -16.61
C ILE C 423 -51.40 -13.99 -17.15
N ARG C 424 -50.30 -13.48 -17.72
CA ARG C 424 -50.35 -12.13 -18.25
C ARG C 424 -51.40 -12.08 -19.33
N LYS C 425 -51.42 -13.09 -20.19
CA LYS C 425 -52.38 -13.14 -21.28
C LYS C 425 -53.83 -13.25 -20.83
N LYS C 426 -54.20 -14.41 -20.33
CA LYS C 426 -55.57 -14.63 -19.90
C LYS C 426 -56.13 -13.64 -18.87
N MET C 427 -55.25 -13.00 -18.10
CA MET C 427 -55.72 -12.07 -17.08
C MET C 427 -56.21 -10.73 -17.65
N ASP C 428 -55.58 -10.30 -18.75
CA ASP C 428 -55.96 -9.04 -19.37
C ASP C 428 -57.48 -8.98 -19.55
N LEU C 429 -58.07 -10.11 -19.94
CA LEU C 429 -59.51 -10.23 -20.17
C LEU C 429 -60.25 -11.10 -19.14
N ILE C 430 -59.63 -11.31 -17.99
CA ILE C 430 -60.27 -12.09 -16.95
C ILE C 430 -60.09 -11.39 -15.62
N ASP C 431 -61.01 -11.70 -14.71
CA ASP C 431 -61.00 -11.13 -13.38
C ASP C 431 -59.84 -11.71 -12.58
N LEU C 432 -59.08 -10.83 -11.94
CA LEU C 432 -57.95 -11.26 -11.12
C LEU C 432 -58.23 -11.15 -9.64
N GLU C 433 -59.49 -10.86 -9.29
CA GLU C 433 -59.88 -10.74 -7.89
C GLU C 433 -58.90 -9.81 -7.18
N ASP C 434 -58.45 -8.79 -7.90
CA ASP C 434 -57.49 -7.79 -7.41
C ASP C 434 -57.07 -7.97 -5.95
N GLU C 435 -57.98 -7.75 -5.02
CA GLU C 435 -57.68 -7.89 -3.59
C GLU C 435 -56.96 -9.21 -3.29
N THR C 436 -57.64 -10.31 -3.51
CA THR C 436 -57.06 -11.64 -3.30
C THR C 436 -57.55 -12.58 -4.40
N ILE C 437 -56.64 -13.34 -4.97
CA ILE C 437 -56.96 -14.27 -6.06
C ILE C 437 -57.97 -15.34 -5.68
N ASP C 438 -58.74 -15.76 -6.67
CA ASP C 438 -59.76 -16.78 -6.51
C ASP C 438 -59.21 -18.16 -6.85
N ALA C 439 -59.72 -19.18 -6.18
CA ALA C 439 -59.27 -20.55 -6.39
C ALA C 439 -59.53 -21.09 -7.79
N GLU C 440 -60.81 -21.24 -8.14
CA GLU C 440 -61.20 -21.76 -9.44
C GLU C 440 -60.59 -21.01 -10.61
N VAL C 441 -60.43 -19.70 -10.45
CA VAL C 441 -59.84 -18.86 -11.48
C VAL C 441 -58.47 -19.41 -11.85
N MET C 442 -57.63 -19.58 -10.84
CA MET C 442 -56.30 -20.11 -11.03
C MET C 442 -56.34 -21.52 -11.57
N ASN C 443 -57.44 -22.21 -11.30
CA ASN C 443 -57.57 -23.58 -11.75
C ASN C 443 -57.93 -23.66 -13.22
N SER C 444 -58.59 -22.62 -13.74
CA SER C 444 -58.97 -22.60 -15.13
C SER C 444 -57.75 -22.35 -16.00
N LEU C 445 -56.98 -21.33 -15.63
CA LEU C 445 -55.75 -20.94 -16.32
C LEU C 445 -54.89 -22.15 -16.74
N ALA C 446 -54.69 -22.28 -18.04
CA ALA C 446 -53.93 -23.38 -18.63
C ALA C 446 -52.69 -22.91 -19.36
N VAL C 447 -51.56 -23.58 -19.15
CA VAL C 447 -50.32 -23.18 -19.82
C VAL C 447 -50.17 -23.86 -21.19
N THR C 448 -50.22 -23.07 -22.25
CA THR C 448 -50.12 -23.59 -23.61
C THR C 448 -48.69 -23.79 -24.11
N MET C 449 -48.49 -24.72 -25.04
CA MET C 449 -47.16 -24.98 -25.59
C MET C 449 -46.62 -23.72 -26.24
N ASP C 450 -47.48 -22.73 -26.39
CA ASP C 450 -47.09 -21.47 -26.98
C ASP C 450 -46.35 -20.64 -25.95
N ASP C 451 -46.81 -20.71 -24.71
CA ASP C 451 -46.21 -19.98 -23.62
C ASP C 451 -44.82 -20.52 -23.37
N PHE C 452 -44.62 -21.80 -23.66
CA PHE C 452 -43.31 -22.41 -23.47
C PHE C 452 -42.39 -21.96 -24.58
N ARG C 453 -42.98 -21.75 -25.75
CA ARG C 453 -42.25 -21.30 -26.93
C ARG C 453 -41.73 -19.89 -26.71
N TRP C 454 -42.58 -19.04 -26.14
CA TRP C 454 -42.23 -17.66 -25.88
C TRP C 454 -41.11 -17.57 -24.84
N ALA C 455 -41.23 -18.36 -23.77
CA ALA C 455 -40.25 -18.37 -22.69
C ALA C 455 -38.89 -18.73 -23.24
N LEU C 456 -38.84 -19.74 -24.09
CA LEU C 456 -37.59 -20.16 -24.69
C LEU C 456 -37.02 -19.09 -25.63
N SER C 457 -37.89 -18.19 -26.10
CA SER C 457 -37.48 -17.12 -27.00
C SER C 457 -36.91 -15.93 -26.24
N GLN C 458 -37.02 -15.99 -24.91
CA GLN C 458 -36.52 -14.93 -24.05
C GLN C 458 -35.23 -15.39 -23.37
N PRO D 23 -68.37 -3.37 -24.15
CA PRO D 23 -68.43 -2.55 -25.37
C PRO D 23 -68.02 -1.11 -25.07
N ASN D 24 -67.59 -0.88 -23.84
CA ASN D 24 -67.17 0.46 -23.46
C ASN D 24 -66.00 0.40 -22.48
N ARG D 25 -65.61 -0.81 -22.09
CA ARG D 25 -64.48 -0.97 -21.19
C ARG D 25 -63.25 -1.31 -22.01
N LEU D 26 -62.25 -0.45 -21.96
CA LEU D 26 -61.03 -0.66 -22.73
C LEU D 26 -59.76 -0.62 -21.87
N ILE D 27 -58.69 -1.23 -22.40
CA ILE D 27 -57.40 -1.26 -21.71
C ILE D 27 -56.69 0.03 -22.14
N VAL D 28 -56.12 0.75 -21.19
CA VAL D 28 -55.43 1.98 -21.49
C VAL D 28 -54.01 1.69 -21.95
N ASP D 29 -53.65 2.24 -23.11
CA ASP D 29 -52.31 2.05 -23.68
C ASP D 29 -51.68 3.41 -23.97
N GLU D 30 -50.35 3.46 -24.09
CA GLU D 30 -49.64 4.71 -24.35
C GLU D 30 -50.21 5.54 -25.51
N ALA D 31 -50.07 6.86 -25.42
CA ALA D 31 -50.55 7.76 -26.47
C ALA D 31 -49.58 7.75 -27.65
N ILE D 32 -50.11 7.77 -28.86
CA ILE D 32 -49.25 7.77 -30.05
C ILE D 32 -49.23 9.18 -30.63
N ASN D 33 -50.10 10.04 -30.08
CA ASN D 33 -50.20 11.40 -30.55
C ASN D 33 -50.10 12.33 -29.34
N GLU D 34 -49.04 13.13 -29.28
CA GLU D 34 -48.86 14.05 -28.18
C GLU D 34 -49.94 15.11 -28.24
N ASP D 35 -50.93 15.00 -27.36
CA ASP D 35 -52.01 15.98 -27.32
C ASP D 35 -52.94 15.63 -26.17
N ASN D 36 -53.02 16.53 -25.21
CA ASN D 36 -53.83 16.33 -24.03
C ASN D 36 -55.32 16.14 -24.25
N SER D 37 -55.84 16.61 -25.38
CA SER D 37 -57.25 16.47 -25.65
C SER D 37 -57.58 15.42 -26.70
N VAL D 38 -56.69 14.46 -26.92
CA VAL D 38 -56.93 13.41 -27.90
C VAL D 38 -56.79 12.00 -27.31
N VAL D 39 -57.48 11.05 -27.93
CA VAL D 39 -57.43 9.64 -27.53
C VAL D 39 -57.75 8.86 -28.80
N SER D 40 -57.15 7.68 -28.96
CA SER D 40 -57.42 6.90 -30.16
C SER D 40 -57.90 5.49 -29.89
N LEU D 41 -58.56 4.92 -30.89
CA LEU D 41 -59.09 3.56 -30.83
C LEU D 41 -59.01 3.02 -32.23
N SER D 42 -59.16 1.70 -32.39
CA SER D 42 -59.13 1.14 -33.73
C SER D 42 -60.54 1.32 -34.29
N GLN D 43 -60.64 1.70 -35.56
CA GLN D 43 -61.94 1.91 -36.22
C GLN D 43 -62.91 0.78 -35.96
N PRO D 44 -62.44 -0.48 -36.03
CA PRO D 44 -63.30 -1.64 -35.79
C PRO D 44 -64.01 -1.57 -34.45
N LYS D 45 -63.50 -0.73 -33.55
CA LYS D 45 -64.09 -0.57 -32.24
C LYS D 45 -64.94 0.70 -32.19
N MET D 46 -64.72 1.58 -33.17
CA MET D 46 -65.46 2.84 -33.28
C MET D 46 -66.84 2.51 -33.81
N ASP D 47 -66.84 1.61 -34.78
CA ASP D 47 -68.06 1.16 -35.39
C ASP D 47 -68.92 0.54 -34.30
N GLU D 48 -68.39 -0.48 -33.62
CA GLU D 48 -69.13 -1.11 -32.54
C GLU D 48 -69.66 -0.10 -31.52
N LEU D 49 -68.89 0.96 -31.28
CA LEU D 49 -69.25 1.98 -30.30
C LEU D 49 -70.02 3.20 -30.77
N GLN D 50 -70.56 3.16 -31.97
CA GLN D 50 -71.36 4.29 -32.47
C GLN D 50 -70.64 5.63 -32.57
N LEU D 51 -69.40 5.70 -33.00
CA LEU D 51 -68.78 7.02 -33.03
C LEU D 51 -67.83 7.34 -34.17
N PHE D 52 -67.74 8.63 -34.49
CA PHE D 52 -66.89 9.09 -35.57
C PHE D 52 -65.70 9.94 -35.18
N ARG D 53 -64.73 9.95 -36.10
CA ARG D 53 -63.48 10.68 -35.95
C ARG D 53 -63.68 12.16 -35.67
N GLY D 54 -63.71 12.51 -34.39
CA GLY D 54 -63.90 13.91 -34.02
C GLY D 54 -64.95 14.12 -32.95
N ASP D 55 -65.74 13.10 -32.67
CA ASP D 55 -66.75 13.28 -31.66
C ASP D 55 -66.23 13.19 -30.25
N THR D 56 -66.58 14.20 -29.45
CA THR D 56 -66.16 14.25 -28.07
C THR D 56 -66.73 13.04 -27.34
N VAL D 57 -65.88 12.36 -26.58
CA VAL D 57 -66.31 11.20 -25.83
C VAL D 57 -66.27 11.54 -24.34
N LEU D 58 -66.59 10.57 -23.50
CA LEU D 58 -66.59 10.79 -22.05
C LEU D 58 -66.01 9.54 -21.42
N LEU D 59 -64.97 9.71 -20.61
CA LEU D 59 -64.32 8.58 -19.98
C LEU D 59 -64.51 8.50 -18.47
N LYS D 60 -64.56 7.27 -17.95
CA LYS D 60 -64.74 7.00 -16.52
C LYS D 60 -63.64 6.09 -15.98
N GLY D 61 -63.07 6.46 -14.83
CA GLY D 61 -62.02 5.62 -14.26
C GLY D 61 -62.21 5.22 -12.81
N LYS D 62 -61.10 5.08 -12.09
CA LYS D 62 -61.13 4.71 -10.68
C LYS D 62 -61.35 5.97 -9.86
N LYS D 63 -61.62 5.78 -8.57
CA LYS D 63 -61.86 6.92 -7.69
C LYS D 63 -63.01 7.77 -8.25
N ARG D 64 -63.79 7.18 -9.15
CA ARG D 64 -64.94 7.84 -9.77
C ARG D 64 -64.57 9.08 -10.57
N ARG D 65 -63.43 9.07 -11.25
CA ARG D 65 -63.03 10.24 -12.01
C ARG D 65 -63.46 10.13 -13.46
N GLU D 66 -63.58 11.29 -14.11
CA GLU D 66 -63.97 11.35 -15.50
C GLU D 66 -63.24 12.44 -16.26
N ALA D 67 -63.50 12.52 -17.56
CA ALA D 67 -62.86 13.53 -18.41
C ALA D 67 -63.33 13.40 -19.87
N VAL D 68 -63.35 14.51 -20.61
CA VAL D 68 -63.79 14.50 -22.00
C VAL D 68 -62.60 14.60 -22.95
N CYS D 69 -62.73 14.04 -24.13
CA CYS D 69 -61.61 14.04 -25.07
C CYS D 69 -62.07 13.73 -26.48
N ILE D 70 -61.34 14.27 -27.46
CA ILE D 70 -61.64 14.03 -28.87
C ILE D 70 -61.24 12.59 -29.16
N VAL D 71 -61.98 11.91 -30.03
CA VAL D 71 -61.63 10.52 -30.32
C VAL D 71 -61.28 10.26 -31.78
N LEU D 72 -60.00 10.20 -32.09
CA LEU D 72 -59.58 9.94 -33.45
C LEU D 72 -59.47 8.43 -33.66
N SER D 73 -58.99 8.05 -34.84
CA SER D 73 -58.84 6.64 -35.18
C SER D 73 -57.38 6.26 -35.34
N ASP D 74 -57.04 5.04 -34.91
CA ASP D 74 -55.66 4.57 -35.01
C ASP D 74 -55.67 3.13 -35.44
N ASP D 75 -54.90 2.84 -36.48
CA ASP D 75 -54.79 1.50 -37.03
C ASP D 75 -53.85 0.65 -36.21
N THR D 76 -52.93 1.30 -35.50
CA THR D 76 -51.96 0.59 -34.68
C THR D 76 -52.60 0.22 -33.36
N CYS D 77 -53.67 0.92 -33.01
CA CYS D 77 -54.38 0.68 -31.77
C CYS D 77 -55.12 -0.65 -31.86
N SER D 78 -54.96 -1.50 -30.85
CA SER D 78 -55.63 -2.79 -30.82
C SER D 78 -57.09 -2.56 -30.41
N ASP D 79 -57.99 -3.46 -30.80
CA ASP D 79 -59.42 -3.36 -30.47
C ASP D 79 -59.76 -2.92 -29.05
N GLU D 80 -59.47 -3.78 -28.07
CA GLU D 80 -59.77 -3.47 -26.67
C GLU D 80 -58.83 -2.42 -26.06
N LYS D 81 -57.94 -1.87 -26.87
CA LYS D 81 -57.02 -0.86 -26.38
C LYS D 81 -57.40 0.57 -26.77
N ILE D 82 -57.21 1.50 -25.85
CA ILE D 82 -57.53 2.90 -26.06
C ILE D 82 -56.26 3.73 -25.85
N ARG D 83 -55.80 4.43 -26.88
CA ARG D 83 -54.60 5.26 -26.77
C ARG D 83 -54.88 6.61 -26.12
N MET D 84 -54.05 6.95 -25.13
CA MET D 84 -54.18 8.22 -24.41
C MET D 84 -52.88 8.51 -23.68
N ASN D 85 -52.64 9.78 -23.36
CA ASN D 85 -51.40 10.17 -22.69
C ASN D 85 -51.56 10.54 -21.21
N ARG D 86 -50.42 10.59 -20.54
CA ARG D 86 -50.37 10.88 -19.12
C ARG D 86 -51.29 11.94 -18.55
N VAL D 87 -51.58 13.00 -19.30
CA VAL D 87 -52.44 14.05 -18.77
C VAL D 87 -53.81 13.47 -18.41
N VAL D 88 -54.49 12.95 -19.42
CA VAL D 88 -55.80 12.34 -19.26
C VAL D 88 -55.63 11.22 -18.25
N ARG D 89 -54.86 10.21 -18.64
CA ARG D 89 -54.60 9.06 -17.79
C ARG D 89 -54.45 9.44 -16.32
N ASN D 90 -53.97 10.66 -16.04
CA ASN D 90 -53.80 11.10 -14.67
C ASN D 90 -55.10 11.63 -14.13
N ASN D 91 -55.85 12.29 -15.00
CA ASN D 91 -57.15 12.83 -14.61
C ASN D 91 -58.02 11.65 -14.18
N LEU D 92 -57.93 10.57 -14.95
CA LEU D 92 -58.69 9.36 -14.69
C LEU D 92 -58.09 8.54 -13.57
N ARG D 93 -56.93 8.97 -13.07
CA ARG D 93 -56.25 8.27 -11.99
C ARG D 93 -56.01 6.81 -12.36
N VAL D 94 -55.44 6.59 -13.53
CA VAL D 94 -55.13 5.26 -14.02
C VAL D 94 -53.72 5.16 -14.59
N ARG D 95 -53.19 3.94 -14.61
CA ARG D 95 -51.86 3.64 -15.12
C ARG D 95 -52.10 2.88 -16.42
N LEU D 96 -51.04 2.51 -17.11
CA LEU D 96 -51.20 1.78 -18.36
C LEU D 96 -51.59 0.34 -18.07
N GLY D 97 -52.62 -0.15 -18.76
CA GLY D 97 -53.06 -1.52 -18.55
C GLY D 97 -54.39 -1.63 -17.84
N ASP D 98 -54.81 -0.55 -17.18
CA ASP D 98 -56.07 -0.50 -16.46
C ASP D 98 -57.26 -0.36 -17.40
N VAL D 99 -58.47 -0.51 -16.86
CA VAL D 99 -59.68 -0.41 -17.66
C VAL D 99 -60.47 0.87 -17.48
N ILE D 100 -61.05 1.35 -18.59
CA ILE D 100 -61.86 2.57 -18.60
C ILE D 100 -63.16 2.38 -19.37
N SER D 101 -64.16 3.20 -19.04
CA SER D 101 -65.46 3.13 -19.70
C SER D 101 -65.66 4.34 -20.62
N ILE D 102 -65.68 4.08 -21.93
CA ILE D 102 -65.87 5.14 -22.93
C ILE D 102 -67.34 5.20 -23.37
N GLN D 103 -67.86 6.41 -23.51
CA GLN D 103 -69.25 6.61 -23.90
C GLN D 103 -69.35 7.90 -24.71
N PRO D 104 -70.14 7.91 -25.79
CA PRO D 104 -70.29 9.13 -26.60
C PRO D 104 -70.89 10.22 -25.72
N CYS D 105 -70.74 11.47 -26.14
CA CYS D 105 -71.32 12.55 -25.36
C CYS D 105 -71.54 13.80 -26.19
N PRO D 106 -72.61 13.81 -27.00
CA PRO D 106 -72.97 14.94 -27.86
C PRO D 106 -73.51 16.10 -27.02
N ASP D 107 -73.30 15.99 -25.71
CA ASP D 107 -73.72 16.99 -24.73
C ASP D 107 -72.93 18.30 -24.93
N VAL D 108 -71.97 18.25 -25.85
CA VAL D 108 -71.11 19.39 -26.20
C VAL D 108 -71.66 20.76 -25.82
N LYS D 109 -71.17 21.30 -24.71
CA LYS D 109 -71.61 22.62 -24.25
C LYS D 109 -70.56 23.67 -24.52
N TYR D 110 -70.74 24.47 -25.57
CA TYR D 110 -69.78 25.52 -25.88
C TYR D 110 -69.82 26.53 -24.74
N GLY D 111 -69.03 26.26 -23.71
CA GLY D 111 -69.00 27.14 -22.56
C GLY D 111 -68.80 28.59 -22.87
N LYS D 112 -68.95 29.41 -21.85
CA LYS D 112 -68.80 30.84 -21.98
C LYS D 112 -67.64 31.31 -21.11
N ARG D 113 -67.65 30.88 -19.85
CA ARG D 113 -66.60 31.26 -18.91
C ARG D 113 -65.68 30.12 -18.52
N ILE D 114 -64.55 30.48 -17.89
CA ILE D 114 -63.55 29.51 -17.43
C ILE D 114 -62.67 30.18 -16.37
N HIS D 115 -62.39 29.47 -15.29
CA HIS D 115 -61.55 29.96 -14.20
C HIS D 115 -60.43 28.94 -13.94
N VAL D 116 -59.22 29.25 -14.40
CA VAL D 116 -58.08 28.34 -14.22
C VAL D 116 -56.97 28.90 -13.32
N LEU D 117 -56.42 28.05 -12.45
CA LEU D 117 -55.37 28.44 -11.52
C LEU D 117 -54.13 27.52 -11.60
N PRO D 118 -52.98 28.06 -12.03
CA PRO D 118 -51.73 27.29 -12.14
C PRO D 118 -51.26 26.73 -10.79
N ILE D 119 -50.43 25.69 -10.83
CA ILE D 119 -49.92 25.07 -9.60
C ILE D 119 -48.54 25.56 -9.20
N ASP D 120 -48.50 26.35 -8.13
CA ASP D 120 -47.27 26.94 -7.59
C ASP D 120 -45.93 26.41 -8.05
N ASP D 121 -45.71 25.12 -7.90
CA ASP D 121 -44.43 24.54 -8.30
C ASP D 121 -44.15 24.56 -9.79
N THR D 122 -45.18 24.65 -10.62
CA THR D 122 -44.97 24.69 -12.06
C THR D 122 -44.79 26.11 -12.54
N VAL D 123 -44.88 27.07 -11.62
CA VAL D 123 -44.75 28.48 -11.98
C VAL D 123 -43.69 29.20 -11.16
N GLU D 124 -42.85 28.42 -10.49
CA GLU D 124 -41.80 29.01 -9.68
C GLU D 124 -40.88 29.90 -10.52
N GLY D 125 -40.69 31.13 -10.07
CA GLY D 125 -39.80 32.06 -10.74
C GLY D 125 -40.26 32.73 -12.02
N ILE D 126 -41.25 32.16 -12.70
CA ILE D 126 -41.73 32.77 -13.93
C ILE D 126 -42.80 33.78 -13.59
N THR D 127 -42.73 34.96 -14.21
CA THR D 127 -43.71 36.00 -13.97
C THR D 127 -44.34 36.53 -15.27
N GLY D 128 -45.26 37.49 -15.15
CA GLY D 128 -45.93 38.02 -16.31
C GLY D 128 -47.12 37.14 -16.62
N ASN D 129 -48.20 37.71 -17.15
CA ASN D 129 -49.39 36.92 -17.45
C ASN D 129 -49.02 35.65 -18.21
N LEU D 130 -49.52 34.52 -17.73
CA LEU D 130 -49.24 33.26 -18.40
C LEU D 130 -50.32 33.14 -19.47
N PHE D 131 -51.47 33.75 -19.17
CA PHE D 131 -52.60 33.74 -20.08
C PHE D 131 -52.11 34.00 -21.50
N GLU D 132 -51.41 35.12 -21.70
CA GLU D 132 -50.91 35.48 -23.02
C GLU D 132 -49.85 34.53 -23.57
N VAL D 133 -48.99 34.01 -22.70
CA VAL D 133 -47.90 33.12 -23.11
C VAL D 133 -48.32 31.66 -23.34
N TYR D 134 -49.09 31.11 -22.40
CA TYR D 134 -49.54 29.71 -22.45
C TYR D 134 -51.01 29.49 -22.84
N LEU D 135 -51.92 29.89 -21.95
CA LEU D 135 -53.36 29.74 -22.18
C LEU D 135 -53.79 30.07 -23.60
N LYS D 136 -53.63 31.33 -24.00
CA LYS D 136 -54.00 31.75 -25.35
C LYS D 136 -53.53 30.78 -26.45
N PRO D 137 -52.21 30.55 -26.54
CA PRO D 137 -51.70 29.64 -27.56
C PRO D 137 -52.41 28.28 -27.52
N TYR D 138 -52.54 27.72 -26.32
CA TYR D 138 -53.16 26.41 -26.11
C TYR D 138 -54.57 26.20 -26.67
N PHE D 139 -55.55 26.89 -26.10
CA PHE D 139 -56.95 26.78 -26.52
C PHE D 139 -57.24 27.36 -27.91
N LEU D 140 -56.47 28.36 -28.30
CA LEU D 140 -56.62 29.03 -29.59
C LEU D 140 -56.98 28.10 -30.75
N GLU D 141 -58.21 28.22 -31.22
CA GLU D 141 -58.70 27.42 -32.35
C GLU D 141 -58.54 25.92 -32.15
N ALA D 142 -59.00 25.40 -31.02
CA ALA D 142 -58.87 23.97 -30.77
C ALA D 142 -60.14 23.35 -30.22
N TYR D 143 -60.94 24.17 -29.56
CA TYR D 143 -62.19 23.70 -28.95
C TYR D 143 -61.87 22.56 -28.02
N ARG D 144 -60.71 22.63 -27.39
CA ARG D 144 -60.30 21.59 -26.46
C ARG D 144 -61.35 21.39 -25.39
N PRO D 145 -62.05 20.25 -25.42
CA PRO D 145 -63.07 20.01 -24.41
C PRO D 145 -62.44 19.89 -23.03
N ILE D 146 -63.04 20.50 -22.03
CA ILE D 146 -62.48 20.38 -20.68
C ILE D 146 -63.57 20.10 -19.66
N ARG D 147 -63.18 19.41 -18.58
CA ARG D 147 -64.11 19.08 -17.51
C ARG D 147 -63.58 19.70 -16.22
N LYS D 148 -64.47 20.05 -15.30
CA LYS D 148 -64.05 20.65 -14.05
C LYS D 148 -63.13 19.70 -13.29
N GLY D 149 -62.18 20.25 -12.54
CA GLY D 149 -61.26 19.45 -11.75
C GLY D 149 -60.05 18.90 -12.49
N ASP D 150 -60.10 18.92 -13.82
CA ASP D 150 -59.01 18.41 -14.62
C ASP D 150 -57.73 19.21 -14.46
N ILE D 151 -56.61 18.60 -14.83
CA ILE D 151 -55.31 19.25 -14.75
C ILE D 151 -54.61 19.09 -16.08
N PHE D 152 -54.44 20.17 -16.82
CA PHE D 152 -53.77 20.08 -18.10
C PHE D 152 -52.37 20.67 -18.00
N LEU D 153 -51.57 20.45 -19.04
CA LEU D 153 -50.20 20.95 -19.04
C LEU D 153 -49.88 21.71 -20.32
N VAL D 154 -49.25 22.89 -20.15
CA VAL D 154 -48.88 23.72 -21.30
C VAL D 154 -47.36 23.88 -21.36
N ARG D 155 -46.81 23.60 -22.53
CA ARG D 155 -45.37 23.69 -22.75
C ARG D 155 -44.96 24.92 -23.56
N GLY D 156 -43.81 25.49 -23.16
CA GLY D 156 -43.27 26.68 -23.81
C GLY D 156 -42.46 27.43 -22.77
N GLY D 157 -41.86 28.56 -23.15
CA GLY D 157 -41.05 29.31 -22.20
C GLY D 157 -40.01 28.41 -21.56
N MET D 158 -39.62 27.37 -22.32
CA MET D 158 -38.64 26.37 -21.90
C MET D 158 -38.98 25.68 -20.59
N ARG D 159 -40.24 25.26 -20.48
CA ARG D 159 -40.75 24.58 -19.30
C ARG D 159 -42.21 24.24 -19.53
N ALA D 160 -42.83 23.55 -18.57
CA ALA D 160 -44.23 23.20 -18.71
C ALA D 160 -44.98 23.58 -17.44
N VAL D 161 -46.09 24.28 -17.61
CA VAL D 161 -46.89 24.71 -16.47
C VAL D 161 -48.15 23.88 -16.29
N GLU D 162 -48.46 23.55 -15.03
CA GLU D 162 -49.64 22.76 -14.72
C GLU D 162 -50.82 23.66 -14.36
N PHE D 163 -51.96 23.40 -14.97
CA PHE D 163 -53.16 24.18 -14.73
C PHE D 163 -54.36 23.32 -14.38
N LYS D 164 -55.06 23.68 -13.31
CA LYS D 164 -56.24 22.93 -12.91
C LYS D 164 -57.53 23.71 -13.18
N VAL D 165 -58.42 23.12 -13.97
CA VAL D 165 -59.69 23.76 -14.29
C VAL D 165 -60.56 23.87 -13.04
N VAL D 166 -60.90 25.09 -12.67
CA VAL D 166 -61.74 25.33 -11.51
C VAL D 166 -63.02 26.06 -11.95
N GLU D 167 -64.04 25.24 -12.19
CA GLU D 167 -65.37 25.66 -12.61
C GLU D 167 -65.54 26.17 -14.04
N THR D 168 -66.27 25.36 -14.79
CA THR D 168 -66.62 25.65 -16.17
C THR D 168 -67.95 26.38 -16.07
N ASP D 169 -68.23 27.25 -17.04
CA ASP D 169 -69.49 27.97 -17.07
C ASP D 169 -70.50 26.84 -17.18
N PRO D 170 -70.59 26.20 -18.36
CA PRO D 170 -71.54 25.09 -18.51
C PRO D 170 -70.99 23.89 -17.75
N SER D 171 -71.40 23.73 -16.50
CA SER D 171 -70.95 22.58 -15.72
C SER D 171 -71.92 21.51 -16.22
N PRO D 172 -71.53 20.22 -16.18
CA PRO D 172 -70.32 19.53 -15.72
C PRO D 172 -69.05 19.79 -16.53
N TYR D 173 -69.15 20.60 -17.58
CA TYR D 173 -68.01 20.91 -18.43
C TYR D 173 -68.41 21.63 -19.73
N CYS D 174 -67.42 22.18 -20.42
CA CYS D 174 -67.67 22.90 -21.67
C CYS D 174 -66.51 22.81 -22.64
N ILE D 175 -66.79 23.07 -23.90
CA ILE D 175 -65.75 23.05 -24.90
C ILE D 175 -65.33 24.51 -25.13
N VAL D 176 -64.06 24.80 -24.84
CA VAL D 176 -63.52 26.14 -24.99
C VAL D 176 -63.60 26.63 -26.43
N ALA D 177 -64.55 27.52 -26.69
CA ALA D 177 -64.76 28.08 -28.03
C ALA D 177 -64.08 29.44 -28.11
N PRO D 178 -63.79 29.91 -29.34
CA PRO D 178 -63.14 31.21 -29.50
C PRO D 178 -63.91 32.38 -28.87
N ASP D 179 -65.08 32.08 -28.31
CA ASP D 179 -65.93 33.08 -27.66
C ASP D 179 -66.07 32.75 -26.17
N THR D 180 -65.12 31.97 -25.67
CA THR D 180 -65.12 31.56 -24.26
C THR D 180 -64.14 32.40 -23.43
N VAL D 181 -64.66 33.10 -22.43
CA VAL D 181 -63.81 33.91 -21.57
C VAL D 181 -63.03 33.01 -20.65
N ILE D 182 -61.75 33.31 -20.48
CA ILE D 182 -60.91 32.51 -19.62
C ILE D 182 -60.35 33.41 -18.54
N HIS D 183 -60.95 33.34 -17.37
CA HIS D 183 -60.49 34.17 -16.28
C HIS D 183 -59.39 33.50 -15.48
N CYS D 184 -58.27 34.19 -15.38
CA CYS D 184 -57.16 33.72 -14.57
C CYS D 184 -57.46 34.48 -13.30
N GLU D 185 -57.36 33.82 -12.18
CA GLU D 185 -57.61 34.52 -10.94
C GLU D 185 -56.24 34.73 -10.36
N GLY D 186 -56.16 34.70 -9.04
CA GLY D 186 -54.87 34.91 -8.41
C GLY D 186 -54.60 33.86 -7.37
N GLU D 187 -53.51 33.14 -7.60
CA GLU D 187 -52.98 32.08 -6.73
C GLU D 187 -52.73 30.74 -7.36
N PRO D 188 -51.60 30.13 -6.98
CA PRO D 188 -51.19 28.83 -7.46
C PRO D 188 -52.02 27.85 -6.67
N ILE D 189 -52.45 26.77 -7.29
CA ILE D 189 -53.19 25.77 -6.55
C ILE D 189 -52.03 24.91 -6.13
N LYS D 190 -52.09 24.36 -4.93
CA LYS D 190 -50.98 23.55 -4.49
C LYS D 190 -51.08 22.12 -5.00
N ARG D 191 -50.08 21.32 -4.63
CA ARG D 191 -50.01 19.92 -5.01
C ARG D 191 -50.91 19.07 -4.14
N GLU D 192 -51.87 18.37 -4.75
CA GLU D 192 -52.72 17.49 -3.98
C GLU D 192 -51.91 16.20 -3.98
N ASP D 193 -51.27 15.92 -2.85
CA ASP D 193 -50.43 14.74 -2.66
C ASP D 193 -50.72 13.56 -3.58
N GLU D 194 -51.97 13.44 -4.03
CA GLU D 194 -52.33 12.35 -4.93
C GLU D 194 -52.39 12.78 -6.39
N GLU D 195 -51.55 13.75 -6.75
CA GLU D 195 -51.51 14.23 -8.12
C GLU D 195 -50.04 14.25 -8.56
N GLU D 196 -49.63 13.20 -9.27
CA GLU D 196 -48.26 13.09 -9.75
C GLU D 196 -47.91 14.30 -10.62
N SER D 197 -46.70 14.82 -10.46
CA SER D 197 -46.26 15.95 -11.27
C SER D 197 -45.97 15.50 -12.68
N LEU D 198 -46.31 16.32 -13.66
CA LEU D 198 -46.05 15.93 -15.04
C LEU D 198 -44.58 16.17 -15.41
N ASN D 199 -43.78 16.62 -14.44
CA ASN D 199 -42.36 16.84 -14.68
C ASN D 199 -41.64 15.56 -14.33
N GLU D 200 -42.38 14.63 -13.72
CA GLU D 200 -41.82 13.36 -13.31
C GLU D 200 -41.68 12.43 -14.50
N VAL D 201 -40.64 11.62 -14.46
CA VAL D 201 -40.34 10.69 -15.52
C VAL D 201 -41.49 9.77 -15.86
N GLY D 202 -41.66 9.55 -17.16
CA GLY D 202 -42.71 8.67 -17.64
C GLY D 202 -42.19 8.06 -18.94
N TYR D 203 -42.81 6.98 -19.40
CA TYR D 203 -42.36 6.34 -20.63
C TYR D 203 -42.27 7.29 -21.81
N ASP D 204 -43.04 8.37 -21.77
CA ASP D 204 -43.04 9.34 -22.87
C ASP D 204 -41.82 10.22 -22.86
N ASP D 205 -40.92 9.94 -21.91
CA ASP D 205 -39.67 10.66 -21.75
C ASP D 205 -38.50 9.79 -22.22
N VAL D 206 -38.80 8.55 -22.59
CA VAL D 206 -37.78 7.64 -23.06
C VAL D 206 -37.93 7.46 -24.56
N GLY D 207 -36.84 7.67 -25.28
CA GLY D 207 -36.85 7.50 -26.73
C GLY D 207 -35.76 6.53 -27.12
N GLY D 208 -35.88 5.95 -28.31
CA GLY D 208 -34.87 5.00 -28.74
C GLY D 208 -35.01 3.62 -28.12
N CYS D 209 -35.70 3.52 -27.00
CA CYS D 209 -35.87 2.21 -26.36
C CYS D 209 -37.30 1.74 -26.41
N ARG D 210 -37.57 0.78 -27.27
CA ARG D 210 -38.92 0.22 -27.39
C ARG D 210 -38.83 -1.24 -26.99
N LYS D 211 -37.98 -1.99 -27.68
CA LYS D 211 -37.82 -3.41 -27.41
C LYS D 211 -37.32 -3.63 -25.99
N GLN D 212 -36.52 -2.67 -25.51
CA GLN D 212 -35.96 -2.71 -24.17
C GLN D 212 -37.09 -2.49 -23.18
N LEU D 213 -37.79 -1.37 -23.36
CA LEU D 213 -38.89 -1.04 -22.48
C LEU D 213 -39.99 -2.10 -22.46
N ALA D 214 -40.17 -2.76 -23.60
CA ALA D 214 -41.17 -3.80 -23.74
C ALA D 214 -40.95 -4.91 -22.72
N GLN D 215 -39.75 -5.47 -22.69
CA GLN D 215 -39.42 -6.57 -21.77
C GLN D 215 -39.63 -6.16 -20.32
N ILE D 216 -38.84 -5.19 -19.89
CA ILE D 216 -38.91 -4.66 -18.54
C ILE D 216 -40.34 -4.44 -18.10
N LYS D 217 -41.14 -3.87 -18.99
CA LYS D 217 -42.53 -3.61 -18.70
C LYS D 217 -43.30 -4.86 -18.27
N GLU D 218 -43.26 -5.89 -19.10
CA GLU D 218 -43.99 -7.10 -18.79
C GLU D 218 -43.37 -7.82 -17.61
N MET D 219 -42.04 -7.72 -17.49
CA MET D 219 -41.35 -8.36 -16.41
C MET D 219 -41.96 -7.93 -15.08
N VAL D 220 -42.09 -6.63 -14.92
CA VAL D 220 -42.61 -6.08 -13.67
C VAL D 220 -44.11 -5.94 -13.64
N GLU D 221 -44.73 -6.18 -14.79
CA GLU D 221 -46.17 -6.06 -14.93
C GLU D 221 -46.98 -6.74 -13.85
N LEU D 222 -46.77 -8.04 -13.72
CA LEU D 222 -47.50 -8.85 -12.75
C LEU D 222 -47.16 -8.64 -11.29
N PRO D 223 -45.88 -8.79 -10.92
CA PRO D 223 -45.47 -8.61 -9.53
C PRO D 223 -45.64 -7.20 -8.99
N LEU D 224 -45.58 -6.24 -9.89
CA LEU D 224 -45.68 -4.86 -9.46
C LEU D 224 -47.09 -4.32 -9.47
N ARG D 225 -47.94 -4.87 -10.33
CA ARG D 225 -49.32 -4.38 -10.44
C ARG D 225 -50.42 -5.39 -10.10
N HIS D 226 -50.01 -6.60 -9.74
CA HIS D 226 -50.92 -7.68 -9.36
C HIS D 226 -50.23 -8.47 -8.26
N PRO D 227 -49.78 -7.78 -7.20
CA PRO D 227 -49.10 -8.42 -6.07
C PRO D 227 -49.90 -9.60 -5.55
N ALA D 228 -51.21 -9.38 -5.39
CA ALA D 228 -52.12 -10.42 -4.90
C ALA D 228 -51.76 -11.74 -5.53
N LEU D 229 -51.82 -11.78 -6.85
CA LEU D 229 -51.50 -12.98 -7.62
C LEU D 229 -50.34 -13.78 -7.03
N PHE D 230 -49.28 -13.10 -6.59
CA PHE D 230 -48.12 -13.79 -6.03
C PHE D 230 -48.21 -14.21 -4.58
N LYS D 231 -49.44 -14.29 -4.07
CA LYS D 231 -49.67 -14.73 -2.71
C LYS D 231 -50.51 -16.00 -2.81
N ALA D 232 -51.16 -16.18 -3.95
CA ALA D 232 -52.00 -17.36 -4.16
C ALA D 232 -51.38 -18.33 -5.14
N ILE D 233 -50.20 -17.98 -5.65
CA ILE D 233 -49.52 -18.84 -6.60
C ILE D 233 -48.12 -19.19 -6.13
N GLY D 234 -47.50 -20.15 -6.80
CA GLY D 234 -46.17 -20.57 -6.44
C GLY D 234 -45.19 -20.38 -7.59
N VAL D 235 -45.47 -19.38 -8.43
CA VAL D 235 -44.59 -19.10 -9.56
C VAL D 235 -43.66 -17.97 -9.13
N LYS D 236 -42.38 -18.10 -9.44
CA LYS D 236 -41.39 -17.07 -9.09
C LYS D 236 -41.28 -15.92 -10.10
N PRO D 237 -41.68 -14.71 -9.69
CA PRO D 237 -41.63 -13.54 -10.57
C PRO D 237 -40.21 -12.97 -10.51
N PRO D 238 -39.82 -12.17 -11.51
CA PRO D 238 -38.45 -11.61 -11.50
C PRO D 238 -38.12 -10.81 -10.23
N ARG D 239 -36.89 -10.98 -9.74
CA ARG D 239 -36.43 -10.28 -8.55
C ARG D 239 -35.53 -9.15 -8.98
N GLY D 240 -34.34 -9.54 -9.44
CA GLY D 240 -33.37 -8.56 -9.88
C GLY D 240 -33.27 -8.50 -11.39
N ILE D 241 -33.22 -7.28 -11.89
CA ILE D 241 -33.09 -7.02 -13.31
C ILE D 241 -31.83 -6.19 -13.49
N LEU D 242 -30.94 -6.68 -14.32
CA LEU D 242 -29.70 -6.01 -14.55
C LEU D 242 -29.68 -5.26 -15.88
N LEU D 243 -29.49 -3.95 -15.80
CA LEU D 243 -29.44 -3.10 -16.99
C LEU D 243 -28.00 -2.83 -17.39
N TYR D 244 -27.70 -3.08 -18.67
CA TYR D 244 -26.37 -2.91 -19.25
C TYR D 244 -26.31 -1.79 -20.27
N GLY D 245 -25.10 -1.31 -20.55
CA GLY D 245 -24.92 -0.28 -21.54
C GLY D 245 -24.02 0.85 -21.09
N PRO D 246 -23.44 1.59 -22.05
CA PRO D 246 -22.56 2.72 -21.73
C PRO D 246 -23.30 3.82 -20.99
N PRO D 247 -22.57 4.75 -20.38
CA PRO D 247 -23.17 5.86 -19.63
C PRO D 247 -24.13 6.76 -20.40
N GLY D 248 -25.04 7.39 -19.66
CA GLY D 248 -26.01 8.30 -20.24
C GLY D 248 -26.96 7.66 -21.21
N THR D 249 -27.25 6.38 -20.98
CA THR D 249 -28.16 5.64 -21.83
C THR D 249 -29.60 5.73 -21.36
N GLY D 250 -29.80 6.24 -20.15
CA GLY D 250 -31.15 6.38 -19.63
C GLY D 250 -31.62 5.22 -18.75
N LYS D 251 -30.68 4.45 -18.22
CA LYS D 251 -31.03 3.32 -17.35
C LYS D 251 -31.72 3.85 -16.11
N THR D 252 -31.16 4.91 -15.54
CA THR D 252 -31.76 5.50 -14.35
C THR D 252 -33.15 6.04 -14.69
N LEU D 253 -33.26 6.63 -15.87
CA LEU D 253 -34.51 7.20 -16.34
C LEU D 253 -35.52 6.08 -16.48
N ILE D 254 -35.16 5.07 -17.26
CA ILE D 254 -36.02 3.93 -17.48
C ILE D 254 -36.53 3.39 -16.16
N ALA D 255 -35.60 3.06 -15.27
CA ALA D 255 -35.92 2.51 -13.96
C ALA D 255 -36.91 3.39 -13.23
N ARG D 256 -36.63 4.69 -13.19
CA ARG D 256 -37.50 5.62 -12.51
C ARG D 256 -38.81 5.74 -13.28
N ALA D 257 -38.73 5.75 -14.59
CA ALA D 257 -39.94 5.86 -15.39
C ALA D 257 -40.92 4.79 -14.96
N VAL D 258 -40.54 3.55 -15.18
CA VAL D 258 -41.37 2.43 -14.82
C VAL D 258 -41.95 2.54 -13.41
N ALA D 259 -41.13 2.92 -12.44
CA ALA D 259 -41.60 3.03 -11.07
C ALA D 259 -42.80 3.94 -11.00
N ASN D 260 -42.67 5.15 -11.52
CA ASN D 260 -43.78 6.09 -11.48
C ASN D 260 -44.94 5.56 -12.28
N GLU D 261 -44.62 5.08 -13.47
CA GLU D 261 -45.63 4.57 -14.40
C GLU D 261 -46.49 3.44 -13.85
N THR D 262 -45.97 2.70 -12.87
CA THR D 262 -46.74 1.62 -12.27
C THR D 262 -47.16 1.95 -10.83
N GLY D 263 -46.99 3.21 -10.44
CA GLY D 263 -47.35 3.61 -9.09
C GLY D 263 -46.53 2.86 -8.07
N ALA D 264 -45.33 2.45 -8.49
CA ALA D 264 -44.45 1.71 -7.62
C ALA D 264 -43.52 2.61 -6.80
N PHE D 265 -43.21 2.20 -5.57
CA PHE D 265 -42.32 2.98 -4.74
C PHE D 265 -40.93 2.86 -5.35
N PHE D 266 -40.21 3.97 -5.39
CA PHE D 266 -38.86 3.99 -5.94
C PHE D 266 -37.83 4.46 -4.92
N PHE D 267 -36.76 3.69 -4.72
CA PHE D 267 -35.71 4.09 -3.78
C PHE D 267 -34.37 3.96 -4.49
N LEU D 268 -33.64 5.07 -4.55
CA LEU D 268 -32.34 5.13 -5.23
C LEU D 268 -31.12 4.85 -4.35
N ILE D 269 -30.30 3.89 -4.78
CA ILE D 269 -29.09 3.51 -4.08
C ILE D 269 -27.93 3.79 -5.04
N ASN D 270 -27.14 4.81 -4.74
CA ASN D 270 -26.04 5.12 -5.63
C ASN D 270 -24.80 4.43 -5.13
N GLY D 271 -24.07 3.81 -6.06
CA GLY D 271 -22.85 3.10 -5.71
C GLY D 271 -21.89 3.99 -4.92
N PRO D 272 -21.32 5.01 -5.57
CA PRO D 272 -20.39 5.90 -4.88
C PRO D 272 -20.94 6.33 -3.52
N GLU D 273 -22.21 6.73 -3.50
CA GLU D 273 -22.88 7.15 -2.28
C GLU D 273 -22.63 6.13 -1.15
N ILE D 274 -22.83 4.85 -1.46
CA ILE D 274 -22.62 3.81 -0.46
C ILE D 274 -21.17 3.66 -0.11
N MET D 275 -20.35 3.52 -1.14
CA MET D 275 -18.92 3.36 -0.94
C MET D 275 -18.21 4.55 -0.28
N SER D 276 -18.93 5.63 -0.05
CA SER D 276 -18.31 6.81 0.55
C SER D 276 -18.37 6.70 2.05
N LYS D 277 -19.35 5.92 2.53
CA LYS D 277 -19.54 5.76 3.96
C LYS D 277 -18.40 5.02 4.66
N LEU D 278 -18.45 5.07 5.98
CA LEU D 278 -17.44 4.41 6.79
C LEU D 278 -17.78 2.93 6.84
N ALA D 279 -16.76 2.10 6.95
CA ALA D 279 -16.97 0.65 7.02
C ALA D 279 -18.12 0.35 7.98
N GLY D 280 -19.01 -0.54 7.57
CA GLY D 280 -20.15 -0.89 8.40
C GLY D 280 -21.31 0.07 8.19
N GLU D 281 -21.02 1.36 8.15
CA GLU D 281 -22.07 2.36 7.93
C GLU D 281 -22.60 2.20 6.52
N SER D 282 -21.81 1.53 5.69
CA SER D 282 -22.20 1.28 4.32
C SER D 282 -23.20 0.13 4.28
N GLU D 283 -22.82 -1.01 4.87
CA GLU D 283 -23.69 -2.17 4.90
C GLU D 283 -24.97 -1.81 5.64
N SER D 284 -24.82 -1.00 6.68
CA SER D 284 -25.95 -0.55 7.46
C SER D 284 -26.96 0.12 6.53
N ASN D 285 -26.47 0.98 5.64
CA ASN D 285 -27.35 1.69 4.73
C ASN D 285 -27.99 0.79 3.68
N LEU D 286 -27.27 -0.22 3.22
CA LEU D 286 -27.83 -1.15 2.25
C LEU D 286 -29.04 -1.82 2.90
N ARG D 287 -28.83 -2.34 4.10
CA ARG D 287 -29.89 -3.01 4.82
C ARG D 287 -31.12 -2.12 4.95
N LYS D 288 -30.93 -0.89 5.40
CA LYS D 288 -32.05 0.02 5.57
C LYS D 288 -32.73 0.26 4.23
N ALA D 289 -31.93 0.32 3.17
CA ALA D 289 -32.43 0.58 1.82
C ALA D 289 -33.51 -0.41 1.41
N PHE D 290 -33.14 -1.69 1.39
CA PHE D 290 -34.08 -2.73 1.03
C PHE D 290 -35.23 -2.72 2.01
N GLU D 291 -34.90 -2.47 3.28
CA GLU D 291 -35.87 -2.43 4.36
C GLU D 291 -36.97 -1.39 4.05
N GLU D 292 -36.54 -0.17 3.75
CA GLU D 292 -37.48 0.91 3.43
C GLU D 292 -38.42 0.48 2.31
N ALA D 293 -37.84 0.05 1.19
CA ALA D 293 -38.60 -0.38 0.02
C ALA D 293 -39.59 -1.52 0.30
N GLU D 294 -39.18 -2.50 1.09
CA GLU D 294 -40.06 -3.61 1.41
C GLU D 294 -41.29 -3.04 2.10
N LYS D 295 -41.08 -2.02 2.92
CA LYS D 295 -42.16 -1.36 3.65
C LYS D 295 -43.18 -0.72 2.73
N ASN D 296 -42.70 -0.06 1.67
CA ASN D 296 -43.60 0.58 0.73
C ASN D 296 -43.94 -0.28 -0.49
N ALA D 297 -43.75 -1.58 -0.37
CA ALA D 297 -44.04 -2.51 -1.45
C ALA D 297 -45.44 -2.25 -1.99
N PRO D 298 -45.63 -2.46 -3.30
CA PRO D 298 -44.54 -2.90 -4.18
C PRO D 298 -43.52 -1.78 -4.46
N ALA D 299 -42.26 -2.17 -4.58
CA ALA D 299 -41.20 -1.20 -4.82
C ALA D 299 -40.15 -1.63 -5.84
N ILE D 300 -39.32 -0.66 -6.20
CA ILE D 300 -38.24 -0.90 -7.12
C ILE D 300 -37.00 -0.20 -6.56
N ILE D 301 -36.04 -1.02 -6.10
CA ILE D 301 -34.78 -0.51 -5.59
C ILE D 301 -33.79 -0.42 -6.76
N PHE D 302 -33.43 0.79 -7.14
CA PHE D 302 -32.49 0.96 -8.24
C PHE D 302 -31.09 1.24 -7.74
N ILE D 303 -30.17 0.34 -8.03
CA ILE D 303 -28.78 0.52 -7.62
C ILE D 303 -28.00 1.08 -8.81
N ASP D 304 -27.72 2.38 -8.71
CA ASP D 304 -26.98 3.14 -9.72
C ASP D 304 -25.51 2.85 -9.53
N GLU D 305 -24.84 2.56 -10.64
CA GLU D 305 -23.40 2.28 -10.65
C GLU D 305 -23.04 1.09 -9.77
N LEU D 306 -23.74 0.00 -10.03
CA LEU D 306 -23.56 -1.25 -9.32
C LEU D 306 -22.11 -1.71 -9.24
N ASP D 307 -21.33 -1.47 -10.30
CA ASP D 307 -19.92 -1.89 -10.32
C ASP D 307 -19.10 -1.15 -9.26
N ALA D 308 -19.65 -0.06 -8.75
CA ALA D 308 -18.98 0.69 -7.71
C ALA D 308 -19.02 -0.12 -6.42
N ILE D 309 -20.05 -0.94 -6.28
CA ILE D 309 -20.20 -1.75 -5.09
C ILE D 309 -19.78 -3.21 -5.23
N ALA D 310 -20.21 -3.85 -6.31
CA ALA D 310 -19.88 -5.26 -6.51
C ALA D 310 -19.02 -5.52 -7.72
N PRO D 311 -17.71 -5.27 -7.60
CA PRO D 311 -16.75 -5.49 -8.70
C PRO D 311 -16.28 -6.95 -8.76
N LYS D 312 -15.98 -7.43 -9.98
CA LYS D 312 -15.53 -8.80 -10.18
C LYS D 312 -14.40 -9.18 -9.22
N ARG D 313 -14.58 -10.27 -8.48
CA ARG D 313 -13.59 -10.76 -7.50
C ARG D 313 -12.11 -10.57 -7.86
N GLU D 314 -11.78 -10.57 -9.14
CA GLU D 314 -10.39 -10.38 -9.57
C GLU D 314 -9.94 -8.93 -9.30
N LYS D 315 -10.91 -8.03 -9.19
CA LYS D 315 -10.62 -6.60 -8.97
C LYS D 315 -10.83 -6.01 -7.55
N THR D 316 -11.75 -6.55 -6.77
CA THR D 316 -11.99 -6.01 -5.42
C THR D 316 -10.80 -6.28 -4.47
N HIS D 317 -10.56 -5.36 -3.55
CA HIS D 317 -9.47 -5.52 -2.59
C HIS D 317 -9.73 -4.82 -1.26
N GLY D 318 -10.02 -5.60 -0.22
CA GLY D 318 -10.28 -5.00 1.08
C GLY D 318 -11.29 -5.71 1.94
N GLU D 319 -10.98 -5.77 3.23
CA GLU D 319 -11.83 -6.44 4.20
C GLU D 319 -13.15 -5.67 4.37
N VAL D 320 -13.33 -4.62 3.59
CA VAL D 320 -14.56 -3.83 3.66
C VAL D 320 -15.16 -3.75 2.28
N GLU D 321 -14.29 -3.87 1.29
CA GLU D 321 -14.72 -3.81 -0.10
C GLU D 321 -15.55 -5.06 -0.33
N ARG D 322 -14.97 -6.22 0.01
CA ARG D 322 -15.62 -7.51 -0.15
C ARG D 322 -16.77 -7.75 0.83
N ARG D 323 -16.67 -7.15 2.01
CA ARG D 323 -17.71 -7.29 3.02
C ARG D 323 -18.99 -6.64 2.49
N ILE D 324 -18.83 -5.72 1.54
CA ILE D 324 -19.99 -5.02 0.97
C ILE D 324 -20.61 -5.84 -0.16
N VAL D 325 -19.77 -6.39 -1.04
CA VAL D 325 -20.29 -7.20 -2.13
C VAL D 325 -21.13 -8.30 -1.50
N SER D 326 -20.62 -8.88 -0.43
CA SER D 326 -21.29 -9.96 0.29
C SER D 326 -22.63 -9.54 0.88
N GLN D 327 -22.64 -8.42 1.59
CA GLN D 327 -23.87 -7.92 2.18
C GLN D 327 -24.95 -7.85 1.10
N LEU D 328 -24.56 -7.36 -0.08
CA LEU D 328 -25.48 -7.22 -1.20
C LEU D 328 -26.06 -8.53 -1.64
N LEU D 329 -25.22 -9.55 -1.75
CA LEU D 329 -25.68 -10.87 -2.15
C LEU D 329 -26.71 -11.29 -1.12
N THR D 330 -26.30 -11.33 0.15
CA THR D 330 -27.19 -11.69 1.24
C THR D 330 -28.54 -10.99 1.16
N LEU D 331 -28.53 -9.66 1.05
CA LEU D 331 -29.77 -8.88 0.95
C LEU D 331 -30.65 -9.40 -0.18
N MET D 332 -30.03 -9.79 -1.29
CA MET D 332 -30.75 -10.31 -2.45
C MET D 332 -31.38 -11.65 -2.12
N ASP D 333 -30.58 -12.58 -1.62
CA ASP D 333 -31.10 -13.89 -1.25
C ASP D 333 -32.12 -13.65 -0.15
N GLY D 334 -31.97 -12.52 0.55
CA GLY D 334 -32.88 -12.21 1.62
C GLY D 334 -34.31 -11.95 1.18
N LEU D 335 -34.48 -11.31 0.03
CA LEU D 335 -35.82 -11.02 -0.43
C LEU D 335 -36.68 -12.26 -0.56
N LYS D 336 -37.93 -12.13 -0.13
CA LYS D 336 -38.90 -13.21 -0.24
C LYS D 336 -39.92 -12.49 -1.13
N GLN D 337 -40.69 -13.23 -1.95
CA GLN D 337 -41.65 -12.55 -2.82
C GLN D 337 -42.63 -11.67 -2.05
N ARG D 338 -42.96 -12.05 -0.82
CA ARG D 338 -43.90 -11.31 0.01
C ARG D 338 -43.74 -9.80 -0.05
N ALA D 339 -42.50 -9.32 -0.02
CA ALA D 339 -42.26 -7.88 -0.05
C ALA D 339 -42.62 -7.27 -1.41
N HIS D 340 -42.80 -8.13 -2.43
CA HIS D 340 -43.13 -7.67 -3.78
C HIS D 340 -42.23 -6.48 -4.13
N VAL D 341 -40.94 -6.79 -4.28
CA VAL D 341 -39.94 -5.79 -4.58
C VAL D 341 -39.02 -6.23 -5.70
N ILE D 342 -38.79 -5.34 -6.66
CA ILE D 342 -37.88 -5.66 -7.76
C ILE D 342 -36.64 -4.78 -7.64
N VAL D 343 -35.48 -5.41 -7.72
CA VAL D 343 -34.25 -4.65 -7.61
C VAL D 343 -33.59 -4.51 -8.95
N MET D 344 -33.65 -3.30 -9.50
CA MET D 344 -33.01 -3.03 -10.76
C MET D 344 -31.64 -2.45 -10.43
N ALA D 345 -30.65 -2.86 -11.20
CA ALA D 345 -29.32 -2.38 -10.99
C ALA D 345 -28.83 -2.04 -12.39
N ALA D 346 -27.92 -1.08 -12.48
CA ALA D 346 -27.36 -0.65 -13.77
C ALA D 346 -25.84 -0.69 -13.75
N THR D 347 -25.23 -1.01 -14.88
CA THR D 347 -23.77 -1.09 -14.99
C THR D 347 -23.36 -0.92 -16.43
N ASN D 348 -22.08 -0.70 -16.68
CA ASN D 348 -21.61 -0.54 -18.04
C ASN D 348 -21.55 -1.85 -18.82
N ARG D 349 -21.10 -2.93 -18.19
CA ARG D 349 -21.01 -4.23 -18.87
C ARG D 349 -21.09 -5.43 -17.92
N PRO D 350 -21.11 -6.66 -18.48
CA PRO D 350 -21.19 -7.82 -17.60
C PRO D 350 -19.90 -7.99 -16.82
N ASN D 351 -18.79 -7.85 -17.52
CA ASN D 351 -17.46 -7.99 -16.93
C ASN D 351 -17.25 -7.03 -15.79
N SER D 352 -18.04 -5.96 -15.75
CA SER D 352 -17.92 -4.96 -14.70
C SER D 352 -18.32 -5.52 -13.34
N ILE D 353 -19.37 -6.32 -13.35
CA ILE D 353 -19.94 -6.93 -12.16
C ILE D 353 -19.32 -8.28 -11.76
N ASP D 354 -19.53 -8.67 -10.50
CA ASP D 354 -19.05 -9.96 -10.00
C ASP D 354 -20.10 -11.05 -10.24
N PRO D 355 -19.71 -12.15 -10.91
CA PRO D 355 -20.62 -13.26 -11.21
C PRO D 355 -21.56 -13.66 -10.11
N ALA D 356 -21.17 -13.47 -8.86
CA ALA D 356 -22.04 -13.85 -7.76
C ALA D 356 -23.40 -13.18 -7.82
N LEU D 357 -23.47 -12.07 -8.56
CA LEU D 357 -24.73 -11.36 -8.66
C LEU D 357 -25.68 -11.93 -9.71
N ARG D 358 -25.15 -12.77 -10.59
CA ARG D 358 -25.92 -13.42 -11.65
C ARG D 358 -26.71 -14.62 -11.14
N ARG D 359 -26.14 -15.32 -10.16
CA ARG D 359 -26.77 -16.51 -9.57
C ARG D 359 -28.28 -16.34 -9.40
N PHE D 360 -29.00 -17.16 -10.15
CA PHE D 360 -30.45 -17.20 -10.20
C PHE D 360 -31.32 -16.42 -9.21
N GLY D 361 -31.15 -16.62 -7.91
CA GLY D 361 -31.98 -15.90 -6.98
C GLY D 361 -31.79 -14.37 -6.97
N ARG D 362 -30.71 -13.95 -7.63
CA ARG D 362 -30.34 -12.55 -7.69
C ARG D 362 -30.69 -11.87 -9.02
N PHE D 363 -29.68 -11.35 -9.72
CA PHE D 363 -29.90 -10.68 -10.99
C PHE D 363 -29.81 -11.67 -12.13
N ASP D 364 -30.88 -12.42 -12.30
CA ASP D 364 -30.99 -13.43 -13.34
C ASP D 364 -31.58 -12.89 -14.63
N ARG D 365 -32.24 -11.72 -14.58
CA ARG D 365 -32.84 -11.13 -15.77
C ARG D 365 -32.05 -9.89 -16.15
N GLU D 366 -31.49 -9.88 -17.36
CA GLU D 366 -30.70 -8.75 -17.82
C GLU D 366 -31.23 -8.16 -19.13
N VAL D 367 -31.12 -6.85 -19.28
CA VAL D 367 -31.58 -6.17 -20.48
C VAL D 367 -30.47 -5.29 -21.02
N ASP D 368 -30.20 -5.40 -22.30
CA ASP D 368 -29.19 -4.58 -22.92
C ASP D 368 -29.85 -3.26 -23.34
N ILE D 369 -29.18 -2.14 -23.10
CA ILE D 369 -29.72 -0.84 -23.51
C ILE D 369 -28.56 -0.08 -24.15
N GLY D 370 -28.36 -0.30 -25.45
CA GLY D 370 -27.24 0.33 -26.14
C GLY D 370 -27.44 1.71 -26.68
N ILE D 371 -26.59 2.10 -27.62
CA ILE D 371 -26.67 3.42 -28.23
C ILE D 371 -27.84 3.48 -29.19
N PRO D 372 -28.61 4.60 -29.16
CA PRO D 372 -29.77 4.79 -30.02
C PRO D 372 -29.34 4.89 -31.48
N ASP D 373 -30.21 4.51 -32.40
CA ASP D 373 -29.88 4.61 -33.81
C ASP D 373 -30.48 5.91 -34.35
N ALA D 374 -30.24 6.18 -35.64
CA ALA D 374 -30.74 7.39 -36.27
C ALA D 374 -32.17 7.71 -35.82
N THR D 375 -33.02 6.70 -35.81
CA THR D 375 -34.41 6.85 -35.42
C THR D 375 -34.55 7.23 -33.96
N GLY D 376 -33.90 6.45 -33.10
CA GLY D 376 -33.97 6.71 -31.67
C GLY D 376 -33.50 8.11 -31.34
N ARG D 377 -32.34 8.49 -31.87
CA ARG D 377 -31.79 9.81 -31.61
C ARG D 377 -32.80 10.91 -31.90
N LEU D 378 -33.58 10.72 -32.97
CA LEU D 378 -34.60 11.70 -33.37
C LEU D 378 -35.61 11.91 -32.24
N GLU D 379 -36.18 10.79 -31.81
CA GLU D 379 -37.19 10.74 -30.75
C GLU D 379 -36.69 11.45 -29.52
N ILE D 380 -35.44 11.16 -29.17
CA ILE D 380 -34.80 11.75 -28.01
C ILE D 380 -34.79 13.27 -28.16
N LEU D 381 -34.22 13.74 -29.26
CA LEU D 381 -34.15 15.16 -29.51
C LEU D 381 -35.53 15.81 -29.33
N GLN D 382 -36.56 15.14 -29.82
CA GLN D 382 -37.93 15.66 -29.72
C GLN D 382 -38.38 15.80 -28.27
N ILE D 383 -38.01 14.82 -27.47
CA ILE D 383 -38.33 14.85 -26.05
C ILE D 383 -37.67 16.03 -25.34
N HIS D 384 -36.45 16.38 -25.71
CA HIS D 384 -35.76 17.47 -25.03
C HIS D 384 -35.88 18.84 -25.69
N THR D 385 -36.92 19.01 -26.50
CA THR D 385 -37.15 20.26 -27.18
C THR D 385 -38.63 20.63 -27.10
N LYS D 386 -39.39 19.82 -26.37
CA LYS D 386 -40.83 20.01 -26.21
C LYS D 386 -41.19 21.23 -25.39
N ASN D 387 -40.20 21.82 -24.73
CA ASN D 387 -40.46 22.99 -23.92
C ASN D 387 -39.91 24.25 -24.57
N MET D 388 -39.05 24.07 -25.56
CA MET D 388 -38.49 25.23 -26.24
C MET D 388 -39.06 25.36 -27.64
N LYS D 389 -39.21 26.61 -28.06
CA LYS D 389 -39.75 26.94 -29.37
C LYS D 389 -38.68 26.77 -30.45
N LEU D 390 -38.75 25.69 -31.21
CA LEU D 390 -37.76 25.48 -32.25
C LEU D 390 -38.10 26.29 -33.50
N ALA D 391 -37.12 26.99 -34.04
CA ALA D 391 -37.33 27.80 -35.24
C ALA D 391 -37.51 26.93 -36.45
N ASP D 392 -38.40 27.36 -37.33
CA ASP D 392 -38.72 26.64 -38.55
C ASP D 392 -37.53 26.04 -39.27
N ASP D 393 -36.39 26.73 -39.21
CA ASP D 393 -35.17 26.27 -39.88
C ASP D 393 -34.53 25.12 -39.14
N VAL D 394 -35.03 24.85 -37.93
CA VAL D 394 -34.52 23.75 -37.13
C VAL D 394 -34.91 22.43 -37.81
N ASP D 395 -33.95 21.54 -37.99
CA ASP D 395 -34.24 20.27 -38.63
C ASP D 395 -33.70 19.13 -37.77
N LEU D 396 -34.46 18.74 -36.76
CA LEU D 396 -34.06 17.68 -35.85
C LEU D 396 -33.63 16.38 -36.52
N GLU D 397 -34.29 16.01 -37.61
CA GLU D 397 -33.92 14.77 -38.29
C GLU D 397 -32.49 14.89 -38.77
N GLN D 398 -32.12 16.11 -39.17
CA GLN D 398 -30.77 16.41 -39.63
C GLN D 398 -29.82 16.16 -38.48
N VAL D 399 -30.03 16.92 -37.40
CA VAL D 399 -29.21 16.80 -36.20
C VAL D 399 -29.03 15.32 -35.87
N ALA D 400 -30.14 14.60 -35.83
CA ALA D 400 -30.14 13.18 -35.51
C ALA D 400 -29.25 12.34 -36.43
N ASN D 401 -29.14 12.74 -37.69
CA ASN D 401 -28.34 12.02 -38.67
C ASN D 401 -26.83 12.24 -38.52
N GLU D 402 -26.46 13.40 -37.97
CA GLU D 402 -25.06 13.73 -37.78
C GLU D 402 -24.75 13.55 -36.31
N THR D 403 -25.20 12.45 -35.73
CA THR D 403 -24.97 12.22 -34.31
C THR D 403 -24.43 10.81 -34.02
N HIS D 404 -24.64 9.90 -34.96
CA HIS D 404 -24.18 8.52 -34.84
C HIS D 404 -24.02 8.00 -33.41
N GLY D 405 -22.79 8.03 -32.92
CA GLY D 405 -22.51 7.52 -31.59
C GLY D 405 -23.07 8.21 -30.36
N HIS D 406 -23.68 9.39 -30.49
CA HIS D 406 -24.20 10.03 -29.28
C HIS D 406 -25.29 9.18 -28.65
N VAL D 407 -25.40 9.31 -27.34
CA VAL D 407 -26.40 8.62 -26.54
C VAL D 407 -27.37 9.71 -26.05
N GLY D 408 -28.46 9.29 -25.43
CA GLY D 408 -29.44 10.25 -24.95
C GLY D 408 -28.82 11.31 -24.06
N ALA D 409 -27.82 10.94 -23.27
CA ALA D 409 -27.16 11.90 -22.37
C ALA D 409 -26.60 13.08 -23.16
N ASP D 410 -25.93 12.75 -24.26
CA ASP D 410 -25.31 13.73 -25.18
C ASP D 410 -26.34 14.64 -25.78
N LEU D 411 -27.33 14.01 -26.42
CA LEU D 411 -28.40 14.75 -27.06
C LEU D 411 -29.09 15.60 -26.00
N ALA D 412 -29.31 15.03 -24.81
CA ALA D 412 -29.94 15.76 -23.73
C ALA D 412 -29.15 17.03 -23.40
N ALA D 413 -27.82 16.94 -23.52
CA ALA D 413 -26.93 18.06 -23.25
C ALA D 413 -26.83 19.02 -24.42
N LEU D 414 -26.72 18.44 -25.62
CA LEU D 414 -26.63 19.21 -26.86
C LEU D 414 -27.75 20.21 -26.96
N CYS D 415 -28.94 19.79 -26.56
CA CYS D 415 -30.10 20.66 -26.58
C CYS D 415 -29.88 21.81 -25.62
N SER D 416 -29.44 21.51 -24.41
CA SER D 416 -29.19 22.58 -23.45
C SER D 416 -28.11 23.51 -23.95
N GLU D 417 -27.18 22.99 -24.74
CA GLU D 417 -26.09 23.80 -25.26
C GLU D 417 -26.45 24.59 -26.49
N ALA D 418 -27.65 24.38 -27.02
CA ALA D 418 -28.06 25.15 -28.18
C ALA D 418 -29.04 26.13 -27.59
N ALA D 419 -29.72 25.69 -26.54
CA ALA D 419 -30.72 26.49 -25.87
C ALA D 419 -30.05 27.66 -25.16
N LEU D 420 -28.84 27.43 -24.68
CA LEU D 420 -28.11 28.48 -23.98
C LEU D 420 -27.47 29.46 -24.96
N GLN D 421 -27.03 28.94 -26.10
CA GLN D 421 -26.40 29.76 -27.11
C GLN D 421 -27.40 30.80 -27.60
N ALA D 422 -28.64 30.36 -27.74
CA ALA D 422 -29.71 31.25 -28.19
C ALA D 422 -30.00 32.30 -27.12
N ILE D 423 -29.96 31.89 -25.84
CA ILE D 423 -30.21 32.82 -24.73
C ILE D 423 -29.10 33.85 -24.64
N ARG D 424 -27.86 33.39 -24.77
CA ARG D 424 -26.73 34.31 -24.70
C ARG D 424 -26.79 35.29 -25.87
N LYS D 425 -27.06 34.78 -27.06
CA LYS D 425 -27.15 35.68 -28.20
C LYS D 425 -28.25 36.69 -28.00
N LYS D 426 -29.45 36.20 -27.72
CA LYS D 426 -30.61 37.06 -27.53
C LYS D 426 -30.44 37.93 -26.29
N MET D 427 -31.49 37.96 -25.48
CA MET D 427 -31.57 38.76 -24.26
C MET D 427 -30.26 39.19 -23.59
N ASP D 428 -29.19 38.42 -23.73
CA ASP D 428 -27.93 38.80 -23.11
C ASP D 428 -27.37 40.15 -23.62
N LEU D 429 -27.72 40.50 -24.85
CA LEU D 429 -27.28 41.77 -25.41
C LEU D 429 -28.42 42.77 -25.21
N ILE D 430 -29.67 42.29 -25.23
CA ILE D 430 -30.86 43.12 -25.03
C ILE D 430 -31.03 43.45 -23.53
N ASP D 431 -30.13 42.91 -22.71
CA ASP D 431 -30.05 43.01 -21.25
C ASP D 431 -31.03 42.08 -20.55
N LEU D 432 -30.95 42.03 -19.24
CA LEU D 432 -31.87 41.21 -18.50
C LEU D 432 -32.78 42.22 -17.78
N GLU D 433 -33.93 42.37 -18.43
CA GLU D 433 -35.06 43.26 -18.10
C GLU D 433 -35.49 43.29 -16.65
N ASP D 434 -35.55 42.12 -16.03
CA ASP D 434 -35.94 42.02 -14.63
C ASP D 434 -35.28 40.90 -13.83
N GLU D 435 -35.36 41.07 -12.50
CA GLU D 435 -34.79 40.18 -11.48
C GLU D 435 -35.04 38.67 -11.52
N THR D 436 -36.28 38.28 -11.80
CA THR D 436 -36.65 36.87 -11.93
C THR D 436 -37.33 36.87 -13.31
N ILE D 437 -36.77 36.14 -14.26
CA ILE D 437 -37.28 36.11 -15.63
C ILE D 437 -38.79 35.94 -15.83
N ASP D 438 -39.32 36.77 -16.73
CA ASP D 438 -40.73 36.77 -17.09
C ASP D 438 -41.02 35.70 -18.14
N ALA D 439 -42.29 35.34 -18.26
CA ALA D 439 -42.72 34.32 -19.22
C ALA D 439 -42.57 34.80 -20.68
N GLU D 440 -43.23 35.91 -20.98
CA GLU D 440 -43.23 36.51 -22.32
C GLU D 440 -41.89 36.40 -23.04
N VAL D 441 -40.87 36.98 -22.43
CA VAL D 441 -39.52 37.00 -22.97
C VAL D 441 -39.08 35.62 -23.51
N MET D 442 -39.03 34.65 -22.61
CA MET D 442 -38.62 33.28 -22.93
C MET D 442 -39.38 32.68 -24.10
N ASN D 443 -40.70 32.79 -24.06
CA ASN D 443 -41.54 32.24 -25.12
C ASN D 443 -41.11 32.77 -26.48
N SER D 444 -40.90 34.08 -26.55
CA SER D 444 -40.51 34.72 -27.80
C SER D 444 -39.18 34.20 -28.33
N LEU D 445 -38.27 33.87 -27.42
CA LEU D 445 -36.95 33.38 -27.78
C LEU D 445 -36.98 31.97 -28.38
N ALA D 446 -36.56 31.86 -29.64
CA ALA D 446 -36.57 30.58 -30.33
C ALA D 446 -35.20 30.08 -30.72
N VAL D 447 -34.93 28.80 -30.49
CA VAL D 447 -33.63 28.25 -30.87
C VAL D 447 -33.60 27.95 -32.37
N THR D 448 -32.66 28.57 -33.06
CA THR D 448 -32.52 28.39 -34.50
C THR D 448 -31.61 27.21 -34.83
N MET D 449 -31.81 26.63 -36.01
CA MET D 449 -30.98 25.52 -36.44
C MET D 449 -29.52 25.97 -36.34
N ASP D 450 -29.32 27.28 -36.21
CA ASP D 450 -27.98 27.87 -36.10
C ASP D 450 -27.31 27.53 -34.75
N ASP D 451 -28.12 27.53 -33.69
CA ASP D 451 -27.63 27.22 -32.34
C ASP D 451 -27.22 25.75 -32.19
N PHE D 452 -27.90 24.87 -32.92
CA PHE D 452 -27.61 23.43 -32.88
C PHE D 452 -26.30 23.14 -33.56
N ARG D 453 -26.10 23.76 -34.71
CA ARG D 453 -24.88 23.60 -35.48
C ARG D 453 -23.74 24.01 -34.56
N TRP D 454 -24.00 25.03 -33.73
CA TRP D 454 -23.01 25.54 -32.80
C TRP D 454 -22.63 24.51 -31.75
N ALA D 455 -23.61 24.12 -30.94
CA ALA D 455 -23.41 23.13 -29.89
C ALA D 455 -22.81 21.85 -30.48
N LEU D 456 -23.09 21.61 -31.75
CA LEU D 456 -22.58 20.44 -32.46
C LEU D 456 -21.08 20.56 -32.71
N SER D 457 -20.61 21.80 -32.87
CA SER D 457 -19.20 22.05 -33.12
C SER D 457 -18.47 22.20 -31.78
N GLN D 458 -19.13 21.75 -30.72
CA GLN D 458 -18.57 21.80 -29.37
C GLN D 458 -18.06 20.43 -28.97
N PRO E 23 23.75 -65.66 30.39
CA PRO E 23 23.10 -64.57 31.16
C PRO E 23 21.68 -64.32 30.65
N ASN E 24 20.79 -63.91 31.54
CA ASN E 24 19.39 -63.66 31.18
C ASN E 24 18.97 -62.19 31.05
N ARG E 25 19.87 -61.36 30.54
CA ARG E 25 19.55 -59.95 30.35
C ARG E 25 19.51 -59.64 28.87
N LEU E 26 18.36 -59.10 28.43
CA LEU E 26 18.19 -58.77 27.02
C LEU E 26 17.43 -57.47 26.77
N ILE E 27 17.71 -56.88 25.60
CA ILE E 27 17.10 -55.63 25.16
C ILE E 27 15.83 -55.90 24.37
N VAL E 28 14.73 -55.33 24.83
CA VAL E 28 13.46 -55.51 24.16
C VAL E 28 13.43 -54.82 22.79
N ASP E 29 13.35 -55.63 21.76
CA ASP E 29 13.29 -55.13 20.39
C ASP E 29 11.84 -55.32 19.91
N GLU E 30 11.58 -55.11 18.62
CA GLU E 30 10.22 -55.27 18.10
C GLU E 30 9.92 -56.76 17.84
N ALA E 31 8.63 -57.12 17.78
CA ALA E 31 8.23 -58.50 17.55
C ALA E 31 7.82 -58.75 16.09
N ILE E 32 7.99 -59.99 15.64
CA ILE E 32 7.62 -60.38 14.29
C ILE E 32 6.30 -61.13 14.35
N ASN E 33 6.14 -61.92 15.41
CA ASN E 33 4.91 -62.66 15.62
C ASN E 33 3.97 -61.71 16.35
N GLU E 34 2.72 -61.66 15.90
CA GLU E 34 1.76 -60.74 16.49
C GLU E 34 0.90 -61.32 17.61
N ASP E 35 1.49 -62.15 18.46
CA ASP E 35 0.73 -62.74 19.57
C ASP E 35 1.12 -62.08 20.88
N ASN E 36 0.12 -61.77 21.72
CA ASN E 36 0.39 -61.10 22.97
C ASN E 36 0.93 -61.97 24.09
N SER E 37 1.33 -63.18 23.74
CA SER E 37 1.90 -64.10 24.72
C SER E 37 3.14 -64.79 24.14
N VAL E 38 3.54 -64.36 22.94
CA VAL E 38 4.72 -64.92 22.29
C VAL E 38 5.90 -63.96 22.37
N VAL E 39 7.07 -64.52 22.62
CA VAL E 39 8.33 -63.75 22.71
C VAL E 39 9.37 -64.48 21.88
N SER E 40 10.09 -63.74 21.04
CA SER E 40 11.08 -64.40 20.20
C SER E 40 12.54 -64.07 20.54
N LEU E 41 13.38 -65.09 20.54
CA LEU E 41 14.79 -64.93 20.84
C LEU E 41 15.60 -65.54 19.68
N SER E 42 16.93 -65.44 19.76
CA SER E 42 17.78 -65.98 18.71
C SER E 42 18.13 -67.45 19.02
N GLN E 43 18.18 -68.28 17.98
CA GLN E 43 18.48 -69.70 18.14
C GLN E 43 19.61 -69.95 19.14
N PRO E 44 20.76 -69.28 18.96
CA PRO E 44 21.92 -69.42 19.85
C PRO E 44 21.62 -68.97 21.28
N LYS E 45 21.05 -67.76 21.42
CA LYS E 45 20.75 -67.21 22.73
C LYS E 45 19.80 -68.11 23.51
N MET E 46 18.98 -68.88 22.80
CA MET E 46 18.05 -69.81 23.47
C MET E 46 18.81 -71.03 23.93
N ASP E 47 19.72 -71.51 23.10
CA ASP E 47 20.53 -72.68 23.44
C ASP E 47 21.48 -72.40 24.61
N GLU E 48 22.05 -71.19 24.66
CA GLU E 48 22.99 -70.83 25.73
C GLU E 48 22.36 -71.02 27.11
N LEU E 49 21.29 -70.29 27.36
CA LEU E 49 20.59 -70.38 28.62
C LEU E 49 19.88 -71.74 28.60
N GLN E 50 19.82 -72.31 27.40
CA GLN E 50 19.14 -73.58 27.09
C GLN E 50 17.65 -73.53 27.41
N LEU E 51 16.90 -73.37 26.33
CA LEU E 51 15.44 -73.29 26.39
C LEU E 51 14.87 -73.92 25.12
N PHE E 52 13.62 -74.36 25.23
CA PHE E 52 12.94 -75.02 24.13
C PHE E 52 11.89 -74.20 23.40
N ARG E 53 11.54 -74.69 22.22
CA ARG E 53 10.57 -74.07 21.33
C ARG E 53 9.27 -73.74 22.04
N GLY E 54 8.82 -74.64 22.91
CA GLY E 54 7.56 -74.42 23.60
C GLY E 54 7.60 -73.85 25.00
N ASP E 55 8.80 -73.77 25.59
CA ASP E 55 8.93 -73.25 26.95
C ASP E 55 8.11 -72.02 27.29
N THR E 56 7.61 -72.00 28.53
CA THR E 56 6.85 -70.88 29.03
C THR E 56 7.78 -70.20 30.06
N VAL E 57 8.29 -69.02 29.70
CA VAL E 57 9.23 -68.28 30.56
C VAL E 57 8.63 -67.11 31.35
N LEU E 58 9.31 -66.71 32.42
CA LEU E 58 8.88 -65.60 33.27
C LEU E 58 9.75 -64.37 33.02
N LEU E 59 9.12 -63.20 32.94
CA LEU E 59 9.88 -61.98 32.67
C LEU E 59 9.72 -60.95 33.75
N LYS E 60 10.73 -60.11 33.87
CA LYS E 60 10.76 -59.04 34.85
C LYS E 60 11.31 -57.76 34.22
N GLY E 61 10.68 -56.63 34.56
CA GLY E 61 11.11 -55.35 34.04
C GLY E 61 11.08 -54.28 35.10
N LYS E 62 10.59 -53.10 34.73
CA LYS E 62 10.53 -51.99 35.67
C LYS E 62 9.33 -52.04 36.60
N LYS E 63 9.29 -51.13 37.56
CA LYS E 63 8.21 -51.04 38.54
C LYS E 63 7.86 -52.40 39.15
N ARG E 64 8.90 -53.21 39.41
CA ARG E 64 8.73 -54.54 40.00
C ARG E 64 7.52 -55.29 39.44
N ARG E 65 7.55 -55.56 38.14
CA ARG E 65 6.45 -56.26 37.49
C ARG E 65 6.93 -57.50 36.75
N GLU E 66 5.99 -58.44 36.55
CA GLU E 66 6.29 -59.69 35.87
C GLU E 66 5.27 -60.01 34.78
N ALA E 67 5.63 -60.94 33.91
CA ALA E 67 4.75 -61.35 32.84
C ALA E 67 5.20 -62.72 32.33
N VAL E 68 4.22 -63.61 32.19
CA VAL E 68 4.45 -64.97 31.72
C VAL E 68 4.04 -65.10 30.24
N CYS E 69 4.93 -65.65 29.43
CA CYS E 69 4.68 -65.81 27.99
C CYS E 69 5.37 -67.05 27.42
N ILE E 70 5.09 -67.33 26.15
CA ILE E 70 5.68 -68.47 25.44
C ILE E 70 6.90 -67.98 24.69
N VAL E 71 7.97 -68.75 24.73
CA VAL E 71 9.20 -68.38 24.04
C VAL E 71 9.38 -69.21 22.77
N LEU E 72 9.77 -68.56 21.68
CA LEU E 72 10.00 -69.25 20.41
C LEU E 72 11.38 -68.88 19.84
N SER E 73 11.74 -69.49 18.71
CA SER E 73 13.03 -69.22 18.06
C SER E 73 12.90 -68.53 16.70
N ASP E 74 13.65 -67.44 16.52
CA ASP E 74 13.65 -66.66 15.28
C ASP E 74 15.08 -66.56 14.78
N ASP E 75 15.26 -66.59 13.46
CA ASP E 75 16.60 -66.46 12.94
C ASP E 75 16.85 -65.09 12.32
N THR E 76 16.19 -64.08 12.88
CA THR E 76 16.36 -62.71 12.41
C THR E 76 16.43 -61.88 13.69
N CYS E 77 16.49 -62.58 14.81
CA CYS E 77 16.56 -61.95 16.14
C CYS E 77 18.01 -61.83 16.61
N SER E 78 18.43 -60.60 16.95
CA SER E 78 19.79 -60.36 17.43
C SER E 78 19.96 -60.96 18.80
N ASP E 79 20.99 -61.78 18.96
CA ASP E 79 21.26 -62.49 20.20
C ASP E 79 20.90 -61.77 21.50
N GLU E 80 21.49 -60.61 21.74
CA GLU E 80 21.20 -59.87 22.97
C GLU E 80 19.77 -59.35 23.10
N LYS E 81 19.01 -59.35 22.01
CA LYS E 81 17.65 -58.84 22.04
C LYS E 81 16.50 -59.86 22.06
N ILE E 82 15.33 -59.39 22.47
CA ILE E 82 14.13 -60.20 22.57
C ILE E 82 12.93 -59.54 21.87
N ARG E 83 12.32 -60.25 20.92
CA ARG E 83 11.16 -59.72 20.20
C ARG E 83 9.90 -59.89 21.05
N MET E 84 8.99 -58.94 20.96
CA MET E 84 7.76 -59.01 21.72
C MET E 84 6.80 -57.88 21.33
N ASN E 85 5.51 -58.12 21.58
CA ASN E 85 4.47 -57.15 21.27
C ASN E 85 4.32 -56.11 22.37
N ARG E 86 3.65 -55.01 22.03
CA ARG E 86 3.44 -53.89 22.95
C ARG E 86 2.61 -54.27 24.19
N VAL E 87 2.01 -55.46 24.19
CA VAL E 87 1.18 -55.89 25.30
C VAL E 87 2.04 -56.38 26.46
N VAL E 88 2.86 -57.38 26.18
CA VAL E 88 3.75 -57.92 27.20
C VAL E 88 4.63 -56.77 27.66
N ARG E 89 5.16 -56.03 26.70
CA ARG E 89 6.01 -54.89 26.98
C ARG E 89 5.31 -53.96 27.98
N ASN E 90 4.04 -53.68 27.75
CA ASN E 90 3.26 -52.82 28.65
C ASN E 90 3.13 -53.41 30.03
N ASN E 91 2.74 -54.68 30.08
CA ASN E 91 2.58 -55.34 31.36
C ASN E 91 3.92 -55.31 32.08
N LEU E 92 5.01 -55.17 31.31
CA LEU E 92 6.34 -55.12 31.89
C LEU E 92 6.79 -53.71 32.19
N ARG E 93 5.94 -52.74 31.87
CA ARG E 93 6.30 -51.36 32.12
C ARG E 93 7.63 -51.03 31.43
N VAL E 94 7.79 -51.43 30.18
CA VAL E 94 9.02 -51.15 29.45
C VAL E 94 8.80 -50.60 28.04
N ARG E 95 9.89 -50.17 27.42
CA ARG E 95 9.85 -49.62 26.06
C ARG E 95 10.94 -50.31 25.26
N LEU E 96 10.82 -50.25 23.94
CA LEU E 96 11.84 -50.88 23.10
C LEU E 96 13.20 -50.31 23.46
N GLY E 97 14.15 -51.19 23.70
CA GLY E 97 15.48 -50.72 24.03
C GLY E 97 15.85 -50.89 25.50
N ASP E 98 14.86 -51.10 26.35
CA ASP E 98 15.15 -51.30 27.77
C ASP E 98 15.76 -52.69 28.01
N VAL E 99 16.08 -52.99 29.27
CA VAL E 99 16.68 -54.28 29.63
C VAL E 99 15.68 -55.10 30.46
N ILE E 100 15.66 -56.41 30.27
CA ILE E 100 14.75 -57.28 31.04
C ILE E 100 15.47 -58.53 31.53
N SER E 101 14.88 -59.18 32.55
CA SER E 101 15.44 -60.40 33.12
C SER E 101 14.49 -61.56 32.79
N ILE E 102 14.93 -62.46 31.92
CA ILE E 102 14.12 -63.61 31.53
C ILE E 102 14.56 -64.84 32.31
N GLN E 103 13.62 -65.67 32.75
CA GLN E 103 13.94 -66.87 33.52
C GLN E 103 12.97 -68.04 33.24
N PRO E 104 13.51 -69.23 32.90
CA PRO E 104 12.66 -70.40 32.63
C PRO E 104 11.70 -70.67 33.79
N CYS E 105 10.44 -70.93 33.44
CA CYS E 105 9.42 -71.16 34.45
C CYS E 105 8.59 -72.42 34.17
N PRO E 106 9.16 -73.61 34.46
CA PRO E 106 8.52 -74.91 34.25
C PRO E 106 7.45 -75.26 35.29
N ASP E 107 7.33 -74.41 36.31
CA ASP E 107 6.40 -74.59 37.43
C ASP E 107 4.95 -74.18 37.21
N VAL E 108 4.56 -73.97 35.95
CA VAL E 108 3.19 -73.56 35.62
C VAL E 108 2.23 -74.74 35.52
N LYS E 109 1.10 -74.61 36.19
CA LYS E 109 0.08 -75.63 36.18
C LYS E 109 -1.22 -75.07 35.61
N TYR E 110 -1.97 -75.92 34.90
CA TYR E 110 -3.24 -75.53 34.29
C TYR E 110 -4.14 -74.78 35.26
N GLY E 111 -4.73 -73.71 34.76
CA GLY E 111 -5.59 -72.88 35.59
C GLY E 111 -6.85 -73.50 36.12
N LYS E 112 -7.17 -73.17 37.37
CA LYS E 112 -8.39 -73.67 37.98
C LYS E 112 -9.47 -72.68 37.62
N ARG E 113 -9.41 -71.51 38.25
CA ARG E 113 -10.39 -70.46 37.99
C ARG E 113 -9.68 -69.28 37.32
N ILE E 114 -10.46 -68.39 36.72
CA ILE E 114 -9.92 -67.18 36.09
C ILE E 114 -10.95 -66.07 36.24
N HIS E 115 -10.49 -64.92 36.69
CA HIS E 115 -11.37 -63.80 36.88
C HIS E 115 -10.79 -62.54 36.26
N VAL E 116 -11.33 -62.14 35.12
CA VAL E 116 -10.87 -60.95 34.41
C VAL E 116 -12.02 -59.94 34.31
N LEU E 117 -11.67 -58.67 34.11
CA LEU E 117 -12.66 -57.59 33.95
C LEU E 117 -12.29 -56.65 32.80
N PRO E 118 -13.28 -56.20 32.02
CA PRO E 118 -13.06 -55.30 30.88
C PRO E 118 -12.70 -53.88 31.33
N ILE E 119 -11.83 -53.22 30.57
CA ILE E 119 -11.43 -51.87 30.92
C ILE E 119 -12.49 -50.88 30.41
N ASP E 120 -13.30 -50.38 31.34
CA ASP E 120 -14.39 -49.44 31.06
C ASP E 120 -14.38 -48.69 29.72
N ASP E 121 -13.26 -48.05 29.41
CA ASP E 121 -13.14 -47.28 28.17
C ASP E 121 -13.19 -48.12 26.89
N THR E 122 -12.49 -49.25 26.86
CA THR E 122 -12.45 -50.09 25.67
C THR E 122 -13.67 -50.98 25.49
N VAL E 123 -14.73 -50.67 26.23
CA VAL E 123 -15.96 -51.46 26.19
C VAL E 123 -17.20 -50.60 25.89
N GLU E 124 -17.12 -49.30 26.18
CA GLU E 124 -18.24 -48.39 25.94
C GLU E 124 -18.75 -48.56 24.51
N GLY E 125 -20.08 -48.47 24.36
CA GLY E 125 -20.65 -48.60 23.03
C GLY E 125 -21.20 -49.98 22.71
N ILE E 126 -20.60 -51.03 23.25
CA ILE E 126 -21.08 -52.39 22.99
C ILE E 126 -21.55 -53.13 24.23
N THR E 127 -22.73 -53.75 24.12
CA THR E 127 -23.32 -54.51 25.20
C THR E 127 -23.54 -55.96 24.77
N GLY E 128 -23.62 -56.87 25.75
CA GLY E 128 -23.83 -58.28 25.44
C GLY E 128 -22.82 -59.16 26.14
N ASN E 129 -22.71 -60.42 25.72
CA ASN E 129 -21.75 -61.35 26.33
C ASN E 129 -20.38 -61.19 25.69
N LEU E 130 -19.47 -60.62 26.47
CA LEU E 130 -18.10 -60.38 26.02
C LEU E 130 -17.29 -61.66 26.04
N PHE E 131 -17.76 -62.65 26.80
CA PHE E 131 -17.08 -63.93 26.93
C PHE E 131 -17.13 -64.77 25.68
N GLU E 132 -18.32 -64.94 25.13
CA GLU E 132 -18.47 -65.75 23.93
C GLU E 132 -17.78 -65.13 22.73
N VAL E 133 -17.93 -63.82 22.60
CA VAL E 133 -17.36 -63.08 21.48
C VAL E 133 -15.85 -62.79 21.56
N TYR E 134 -15.32 -62.60 22.77
CA TYR E 134 -13.90 -62.27 22.95
C TYR E 134 -13.00 -63.32 23.62
N LEU E 135 -13.08 -63.39 24.95
CA LEU E 135 -12.30 -64.31 25.77
C LEU E 135 -12.22 -65.72 25.19
N LYS E 136 -13.38 -66.24 24.79
CA LYS E 136 -13.47 -67.58 24.20
C LYS E 136 -12.58 -67.75 22.97
N PRO E 137 -12.94 -67.12 21.82
CA PRO E 137 -12.11 -67.28 20.63
C PRO E 137 -10.63 -67.03 20.90
N TYR E 138 -10.36 -66.02 21.72
CA TYR E 138 -9.00 -65.65 22.07
C TYR E 138 -8.21 -66.79 22.71
N PHE E 139 -8.70 -67.27 23.85
CA PHE E 139 -8.05 -68.34 24.59
C PHE E 139 -8.28 -69.76 24.03
N LEU E 140 -9.35 -69.93 23.26
CA LEU E 140 -9.75 -71.21 22.68
C LEU E 140 -8.57 -72.08 22.18
N GLU E 141 -8.32 -73.17 22.91
CA GLU E 141 -7.24 -74.09 22.59
C GLU E 141 -5.98 -73.32 22.19
N ALA E 142 -5.55 -72.45 23.10
CA ALA E 142 -4.36 -71.62 22.92
C ALA E 142 -3.36 -71.94 24.03
N TYR E 143 -3.88 -72.19 25.23
CA TYR E 143 -3.07 -72.53 26.39
C TYR E 143 -2.19 -71.35 26.77
N ARG E 144 -2.73 -70.15 26.58
CA ARG E 144 -2.01 -68.92 26.88
C ARG E 144 -1.65 -68.84 28.36
N PRO E 145 -0.34 -68.75 28.68
CA PRO E 145 0.13 -68.65 30.07
C PRO E 145 -0.14 -67.22 30.52
N ILE E 146 -0.94 -67.05 31.57
CA ILE E 146 -1.28 -65.72 32.05
C ILE E 146 -0.90 -65.46 33.51
N ARG E 147 -0.49 -64.23 33.81
CA ARG E 147 -0.12 -63.89 35.18
C ARG E 147 -1.08 -62.81 35.69
N LYS E 148 -1.39 -62.83 36.99
CA LYS E 148 -2.33 -61.88 37.59
C LYS E 148 -1.93 -60.42 37.42
N GLY E 149 -2.92 -59.58 37.14
CA GLY E 149 -2.66 -58.16 36.95
C GLY E 149 -2.48 -57.78 35.49
N ASP E 150 -2.00 -58.71 34.68
CA ASP E 150 -1.79 -58.49 33.25
C ASP E 150 -2.99 -57.84 32.59
N ILE E 151 -2.75 -57.25 31.43
CA ILE E 151 -3.81 -56.62 30.66
C ILE E 151 -3.58 -57.04 29.23
N PHE E 152 -4.54 -57.77 28.66
CA PHE E 152 -4.40 -58.22 27.28
C PHE E 152 -5.40 -57.55 26.34
N LEU E 153 -5.23 -57.82 25.05
CA LEU E 153 -6.09 -57.23 24.02
C LEU E 153 -6.76 -58.27 23.14
N VAL E 154 -8.06 -58.07 22.90
CA VAL E 154 -8.82 -58.98 22.07
C VAL E 154 -9.48 -58.19 20.95
N ARG E 155 -9.08 -58.46 19.71
CA ARG E 155 -9.63 -57.76 18.55
C ARG E 155 -10.84 -58.46 17.96
N GLY E 156 -12.01 -57.83 18.07
CA GLY E 156 -13.23 -58.41 17.54
C GLY E 156 -14.41 -57.46 17.58
N GLY E 157 -15.45 -57.74 16.81
CA GLY E 157 -16.61 -56.87 16.78
C GLY E 157 -16.21 -55.53 16.19
N MET E 158 -15.13 -55.55 15.42
CA MET E 158 -14.59 -54.35 14.79
C MET E 158 -14.22 -53.31 15.83
N ARG E 159 -13.20 -53.66 16.62
CA ARG E 159 -12.66 -52.83 17.71
C ARG E 159 -11.88 -53.76 18.61
N ALA E 160 -11.07 -53.21 19.51
CA ALA E 160 -10.30 -54.04 20.42
C ALA E 160 -10.63 -53.76 21.87
N VAL E 161 -10.87 -54.82 22.64
CA VAL E 161 -11.19 -54.66 24.05
C VAL E 161 -10.04 -55.15 24.91
N GLU E 162 -9.73 -54.35 25.92
CA GLU E 162 -8.65 -54.62 26.87
C GLU E 162 -9.20 -55.18 28.18
N PHE E 163 -8.70 -56.35 28.54
CA PHE E 163 -9.11 -57.01 29.78
C PHE E 163 -7.98 -57.06 30.79
N LYS E 164 -8.35 -57.07 32.07
CA LYS E 164 -7.36 -57.14 33.14
C LYS E 164 -7.57 -58.37 34.03
N VAL E 165 -6.49 -59.12 34.25
CA VAL E 165 -6.53 -60.31 35.11
C VAL E 165 -6.62 -59.86 36.56
N VAL E 166 -7.75 -60.12 37.20
CA VAL E 166 -7.96 -59.71 38.58
C VAL E 166 -7.65 -60.85 39.56
N GLU E 167 -7.49 -62.05 39.00
CA GLU E 167 -7.17 -63.23 39.78
C GLU E 167 -7.20 -64.52 38.97
N THR E 168 -6.25 -65.41 39.26
CA THR E 168 -6.21 -66.73 38.65
C THR E 168 -6.12 -67.63 39.87
N ASP E 169 -6.96 -68.66 39.91
CA ASP E 169 -6.99 -69.59 41.03
C ASP E 169 -5.56 -70.03 41.31
N PRO E 170 -4.85 -70.51 40.28
CA PRO E 170 -3.46 -70.95 40.48
C PRO E 170 -2.54 -69.72 40.58
N SER E 171 -2.64 -69.00 41.70
CA SER E 171 -1.83 -67.81 41.93
C SER E 171 -0.34 -68.17 42.05
N PRO E 172 0.54 -67.31 41.52
CA PRO E 172 0.18 -66.06 40.84
C PRO E 172 -0.20 -66.26 39.38
N TYR E 173 0.48 -67.20 38.72
CA TYR E 173 0.23 -67.46 37.32
C TYR E 173 -0.27 -68.89 37.00
N CYS E 174 -0.93 -69.04 35.86
CA CYS E 174 -1.47 -70.34 35.42
C CYS E 174 -1.75 -70.30 33.93
N ILE E 175 -1.80 -71.46 33.28
CA ILE E 175 -2.11 -71.51 31.85
C ILE E 175 -3.63 -71.65 31.64
N VAL E 176 -4.18 -70.92 30.68
CA VAL E 176 -5.61 -71.02 30.39
C VAL E 176 -5.83 -72.32 29.62
N ALA E 177 -6.22 -73.37 30.35
CA ALA E 177 -6.45 -74.69 29.79
C ALA E 177 -7.93 -74.91 29.43
N PRO E 178 -8.19 -75.83 28.50
CA PRO E 178 -9.59 -76.05 28.15
C PRO E 178 -10.40 -76.46 29.37
N ASP E 179 -9.70 -76.75 30.46
CA ASP E 179 -10.34 -77.17 31.69
C ASP E 179 -10.59 -75.98 32.63
N THR E 180 -9.74 -74.96 32.51
CA THR E 180 -9.81 -73.76 33.34
C THR E 180 -11.14 -73.01 33.21
N VAL E 181 -11.66 -72.55 34.35
CA VAL E 181 -12.91 -71.78 34.36
C VAL E 181 -12.58 -70.31 34.15
N ILE E 182 -13.49 -69.56 33.56
CA ILE E 182 -13.25 -68.14 33.28
C ILE E 182 -14.42 -67.23 33.66
N HIS E 183 -14.33 -66.66 34.87
CA HIS E 183 -15.36 -65.75 35.36
C HIS E 183 -15.25 -64.40 34.66
N CYS E 184 -16.38 -63.71 34.55
CA CYS E 184 -16.43 -62.42 33.88
C CYS E 184 -17.50 -61.53 34.52
N GLU E 185 -17.30 -61.14 35.77
CA GLU E 185 -18.29 -60.32 36.48
C GLU E 185 -18.68 -59.06 35.70
N GLY E 186 -19.88 -58.56 36.03
CA GLY E 186 -20.49 -57.43 35.35
C GLY E 186 -20.12 -55.96 35.38
N GLU E 187 -19.02 -55.57 36.01
CA GLU E 187 -18.67 -54.16 35.96
C GLU E 187 -17.21 -54.00 35.53
N PRO E 188 -16.98 -53.13 34.52
CA PRO E 188 -15.69 -52.78 33.90
C PRO E 188 -14.84 -51.97 34.89
N ILE E 189 -13.51 -52.06 34.75
CA ILE E 189 -12.64 -51.34 35.66
C ILE E 189 -12.10 -50.06 35.04
N LYS E 190 -11.70 -49.12 35.90
CA LYS E 190 -11.16 -47.84 35.47
C LYS E 190 -9.82 -48.00 34.77
N ARG E 191 -9.37 -46.88 34.23
CA ARG E 191 -8.10 -46.80 33.55
C ARG E 191 -7.17 -46.13 34.55
N GLU E 192 -6.14 -46.84 34.99
CA GLU E 192 -5.18 -46.24 35.90
C GLU E 192 -4.25 -45.79 34.81
N ASP E 193 -4.05 -44.49 34.67
CA ASP E 193 -3.21 -44.02 33.58
C ASP E 193 -1.72 -44.21 33.78
N GLU E 194 -1.39 -45.30 34.46
CA GLU E 194 -0.02 -45.71 34.69
C GLU E 194 0.14 -46.81 33.65
N GLU E 195 -1.01 -47.23 33.11
CA GLU E 195 -1.08 -48.22 32.05
C GLU E 195 -1.48 -47.41 30.82
N GLU E 196 -0.88 -47.73 29.68
CA GLU E 196 -1.21 -47.05 28.45
C GLU E 196 -2.02 -47.97 27.60
N SER E 197 -3.03 -47.42 26.94
CA SER E 197 -3.89 -48.21 26.10
C SER E 197 -3.11 -48.68 24.89
N LEU E 198 -3.63 -49.74 24.27
CA LEU E 198 -3.02 -50.30 23.08
C LEU E 198 -3.84 -49.77 21.93
N ASN E 199 -4.63 -48.74 22.26
CA ASN E 199 -5.49 -48.05 21.32
C ASN E 199 -4.69 -46.86 20.81
N GLU E 200 -3.47 -46.71 21.32
CA GLU E 200 -2.61 -45.63 20.91
C GLU E 200 -1.61 -46.08 19.83
N VAL E 201 -1.19 -45.12 18.99
CA VAL E 201 -0.27 -45.40 17.90
C VAL E 201 1.05 -46.00 18.37
N GLY E 202 1.43 -47.12 17.77
CA GLY E 202 2.68 -47.80 18.07
C GLY E 202 3.38 -48.01 16.74
N TYR E 203 4.63 -48.47 16.74
CA TYR E 203 5.32 -48.68 15.47
C TYR E 203 4.57 -49.71 14.63
N ASP E 204 3.92 -50.65 15.32
CA ASP E 204 3.16 -51.74 14.69
C ASP E 204 2.02 -51.24 13.80
N ASP E 205 1.61 -49.99 13.97
CA ASP E 205 0.58 -49.39 13.17
C ASP E 205 1.20 -48.85 11.88
N VAL E 206 2.49 -48.60 11.89
CA VAL E 206 3.12 -48.08 10.69
C VAL E 206 3.56 -49.23 9.79
N GLY E 207 3.01 -49.23 8.58
CA GLY E 207 3.36 -50.25 7.61
C GLY E 207 3.92 -49.61 6.36
N GLY E 208 4.92 -50.24 5.76
CA GLY E 208 5.51 -49.69 4.55
C GLY E 208 6.60 -48.66 4.78
N CYS E 209 6.78 -48.25 6.03
CA CYS E 209 7.79 -47.25 6.37
C CYS E 209 8.94 -47.92 7.13
N ARG E 210 9.72 -48.73 6.44
CA ARG E 210 10.82 -49.45 7.08
C ARG E 210 12.03 -48.58 7.25
N LYS E 211 12.77 -48.40 6.16
CA LYS E 211 13.96 -47.58 6.20
C LYS E 211 13.69 -46.23 6.86
N GLN E 212 12.44 -45.75 6.71
CA GLN E 212 12.01 -44.48 7.27
C GLN E 212 11.99 -44.52 8.80
N LEU E 213 11.17 -45.40 9.36
CA LEU E 213 11.08 -45.52 10.80
C LEU E 213 12.44 -45.85 11.39
N ALA E 214 13.27 -46.52 10.60
CA ALA E 214 14.60 -46.89 11.05
C ALA E 214 15.36 -45.65 11.49
N GLN E 215 15.59 -44.74 10.54
CA GLN E 215 16.32 -43.49 10.79
C GLN E 215 15.80 -42.66 11.94
N ILE E 216 14.51 -42.38 11.90
CA ILE E 216 13.88 -41.57 12.93
C ILE E 216 14.16 -42.16 14.30
N LYS E 217 13.98 -43.46 14.43
CA LYS E 217 14.22 -44.11 15.70
C LYS E 217 15.66 -43.89 16.13
N GLU E 218 16.61 -44.13 15.24
CA GLU E 218 18.00 -43.95 15.63
C GLU E 218 18.46 -42.51 15.71
N MET E 219 17.54 -41.58 15.52
CA MET E 219 17.88 -40.18 15.60
C MET E 219 17.40 -39.62 16.92
N VAL E 220 16.26 -40.10 17.38
CA VAL E 220 15.72 -39.59 18.65
C VAL E 220 16.10 -40.50 19.82
N GLU E 221 16.61 -41.67 19.49
CA GLU E 221 16.98 -42.67 20.48
C GLU E 221 17.72 -42.11 21.68
N LEU E 222 18.94 -41.66 21.44
CA LEU E 222 19.76 -41.14 22.52
C LEU E 222 19.24 -39.90 23.24
N PRO E 223 18.88 -38.84 22.52
CA PRO E 223 18.39 -37.64 23.20
C PRO E 223 17.07 -37.77 23.93
N LEU E 224 16.21 -38.62 23.38
CA LEU E 224 14.88 -38.83 23.91
C LEU E 224 14.83 -39.96 24.95
N ARG E 225 15.83 -40.84 24.89
CA ARG E 225 15.93 -41.98 25.79
C ARG E 225 17.10 -41.95 26.78
N HIS E 226 18.22 -41.42 26.33
CA HIS E 226 19.40 -41.34 27.17
C HIS E 226 19.80 -39.88 27.34
N PRO E 227 18.87 -39.03 27.84
CA PRO E 227 19.12 -37.60 28.06
C PRO E 227 20.43 -37.31 28.78
N ALA E 228 20.61 -37.96 29.94
CA ALA E 228 21.81 -37.77 30.74
C ALA E 228 23.07 -37.86 29.89
N LEU E 229 23.01 -38.63 28.82
CA LEU E 229 24.18 -38.77 27.95
C LEU E 229 24.70 -37.44 27.41
N PHE E 230 23.78 -36.54 27.10
CA PHE E 230 24.17 -35.25 26.56
C PHE E 230 24.54 -34.23 27.63
N LYS E 231 24.24 -34.55 28.89
CA LYS E 231 24.60 -33.65 29.98
C LYS E 231 26.09 -33.82 30.27
N ALA E 232 26.55 -35.06 30.12
CA ALA E 232 27.94 -35.39 30.36
C ALA E 232 28.71 -35.47 29.05
N ILE E 233 28.15 -34.86 28.02
CA ILE E 233 28.82 -34.89 26.72
C ILE E 233 28.85 -33.54 26.06
N GLY E 234 29.49 -33.49 24.89
CA GLY E 234 29.60 -32.26 24.15
C GLY E 234 29.05 -32.37 22.74
N VAL E 235 28.50 -33.54 22.43
CA VAL E 235 27.94 -33.78 21.10
C VAL E 235 26.54 -33.19 21.05
N LYS E 236 26.16 -32.58 19.92
CA LYS E 236 24.83 -32.01 19.83
C LYS E 236 23.90 -32.97 19.07
N PRO E 237 22.77 -33.33 19.69
CA PRO E 237 21.79 -34.23 19.09
C PRO E 237 20.85 -33.49 18.14
N PRO E 238 20.20 -34.22 17.22
CA PRO E 238 19.27 -33.58 16.27
C PRO E 238 18.12 -32.94 17.04
N ARG E 239 17.78 -31.71 16.69
CA ARG E 239 16.71 -30.99 17.37
C ARG E 239 15.42 -30.94 16.56
N GLY E 240 15.55 -30.80 15.24
CA GLY E 240 14.36 -30.73 14.44
C GLY E 240 14.33 -31.64 13.24
N ILE E 241 13.28 -32.42 13.14
CA ILE E 241 13.18 -33.33 12.02
C ILE E 241 12.07 -32.91 11.09
N LEU E 242 12.36 -33.01 9.80
CA LEU E 242 11.39 -32.63 8.79
C LEU E 242 10.93 -33.83 7.98
N LEU E 243 9.62 -34.06 7.96
CA LEU E 243 9.06 -35.19 7.22
C LEU E 243 8.36 -34.76 5.93
N TYR E 244 8.89 -35.23 4.79
CA TYR E 244 8.35 -34.94 3.46
C TYR E 244 7.37 -36.01 2.97
N GLY E 245 6.58 -35.68 1.96
CA GLY E 245 5.64 -36.66 1.44
C GLY E 245 4.26 -36.13 1.15
N PRO E 246 3.45 -36.88 0.38
CA PRO E 246 2.08 -36.49 0.03
C PRO E 246 1.17 -36.61 1.25
N PRO E 247 0.01 -35.97 1.19
CA PRO E 247 -0.87 -36.08 2.35
C PRO E 247 -1.24 -37.54 2.58
N GLY E 248 -1.62 -37.88 3.81
CA GLY E 248 -2.02 -39.23 4.13
C GLY E 248 -0.96 -40.30 4.13
N THR E 249 0.31 -39.90 4.12
CA THR E 249 1.41 -40.86 4.13
C THR E 249 1.73 -41.33 5.56
N GLY E 250 0.99 -40.83 6.55
CA GLY E 250 1.21 -41.26 7.93
C GLY E 250 2.29 -40.58 8.74
N LYS E 251 2.55 -39.31 8.44
CA LYS E 251 3.58 -38.54 9.15
C LYS E 251 3.13 -38.22 10.56
N THR E 252 1.91 -37.74 10.67
CA THR E 252 1.34 -37.41 11.96
C THR E 252 1.34 -38.69 12.77
N LEU E 253 1.26 -39.81 12.08
CA LEU E 253 1.24 -41.11 12.74
C LEU E 253 2.59 -41.38 13.38
N ILE E 254 3.62 -41.49 12.56
CA ILE E 254 4.99 -41.73 13.01
C ILE E 254 5.38 -40.82 14.17
N ALA E 255 5.06 -39.55 14.04
CA ALA E 255 5.39 -38.58 15.08
C ALA E 255 4.85 -39.05 16.39
N ARG E 256 3.53 -39.22 16.44
CA ARG E 256 2.86 -39.64 17.65
C ARG E 256 3.31 -41.03 18.08
N ALA E 257 3.69 -41.85 17.10
CA ALA E 257 4.14 -43.20 17.36
C ALA E 257 5.43 -43.14 18.15
N VAL E 258 6.50 -42.67 17.51
CA VAL E 258 7.81 -42.54 18.14
C VAL E 258 7.70 -41.93 19.53
N ALA E 259 6.77 -40.99 19.68
CA ALA E 259 6.56 -40.34 20.94
C ALA E 259 6.09 -41.35 21.98
N ASN E 260 4.98 -42.03 21.71
CA ASN E 260 4.45 -43.01 22.67
C ASN E 260 5.49 -44.10 22.90
N GLU E 261 5.89 -44.75 21.82
CA GLU E 261 6.88 -45.81 21.84
C GLU E 261 8.17 -45.48 22.61
N THR E 262 8.39 -44.21 22.93
CA THR E 262 9.61 -43.80 23.66
C THR E 262 9.20 -43.03 24.90
N GLY E 263 7.95 -43.22 25.31
CA GLY E 263 7.43 -42.56 26.50
C GLY E 263 7.66 -41.06 26.51
N ALA E 264 7.95 -40.51 25.34
CA ALA E 264 8.21 -39.09 25.18
C ALA E 264 6.93 -38.24 25.15
N PHE E 265 6.86 -37.22 26.00
CA PHE E 265 5.69 -36.32 26.05
C PHE E 265 5.45 -35.81 24.62
N PHE E 266 4.20 -35.85 24.16
CA PHE E 266 3.89 -35.43 22.80
C PHE E 266 2.90 -34.27 22.69
N PHE E 267 3.39 -33.12 22.22
CA PHE E 267 2.53 -31.96 22.04
C PHE E 267 2.30 -31.74 20.55
N LEU E 268 1.05 -31.46 20.19
CA LEU E 268 0.67 -31.25 18.81
C LEU E 268 0.38 -29.80 18.48
N ILE E 269 1.04 -29.31 17.45
CA ILE E 269 0.82 -27.96 16.99
C ILE E 269 0.31 -28.16 15.58
N ASN E 270 -0.89 -27.68 15.31
CA ASN E 270 -1.47 -27.84 14.00
C ASN E 270 -1.51 -26.51 13.26
N GLY E 271 -0.86 -26.45 12.09
CA GLY E 271 -0.85 -25.22 11.32
C GLY E 271 -2.13 -24.41 11.28
N PRO E 272 -3.23 -24.93 10.70
CA PRO E 272 -4.50 -24.20 10.63
C PRO E 272 -4.99 -23.76 12.01
N GLU E 273 -4.76 -24.59 13.01
CA GLU E 273 -5.14 -24.32 14.38
C GLU E 273 -4.55 -23.01 14.84
N ILE E 274 -3.26 -22.82 14.55
CA ILE E 274 -2.54 -21.61 14.94
C ILE E 274 -2.94 -20.41 14.09
N MET E 275 -2.99 -20.59 12.77
CA MET E 275 -3.32 -19.50 11.86
C MET E 275 -4.76 -19.02 11.95
N SER E 276 -5.55 -19.70 12.77
CA SER E 276 -6.95 -19.35 12.93
C SER E 276 -7.10 -18.32 14.03
N LYS E 277 -6.10 -18.26 14.91
CA LYS E 277 -6.08 -17.35 16.06
C LYS E 277 -5.97 -15.90 15.62
N LEU E 278 -5.96 -14.99 16.58
CA LEU E 278 -5.84 -13.56 16.23
C LEU E 278 -4.37 -13.19 16.16
N ALA E 279 -4.05 -12.16 15.38
CA ALA E 279 -2.67 -11.70 15.26
C ALA E 279 -2.17 -11.50 16.69
N GLY E 280 -1.01 -12.06 17.01
CA GLY E 280 -0.48 -11.95 18.36
C GLY E 280 -0.85 -13.17 19.19
N GLU E 281 -2.14 -13.52 19.18
CA GLU E 281 -2.60 -14.69 19.91
C GLU E 281 -2.04 -15.94 19.23
N SER E 282 -1.76 -15.79 17.94
CA SER E 282 -1.20 -16.85 17.13
C SER E 282 0.24 -17.15 17.58
N GLU E 283 1.08 -16.12 17.64
CA GLU E 283 2.48 -16.27 18.08
C GLU E 283 2.44 -16.69 19.54
N SER E 284 1.43 -16.18 20.23
CA SER E 284 1.26 -16.48 21.63
C SER E 284 1.27 -17.98 21.89
N ASN E 285 0.39 -18.72 21.20
CA ASN E 285 0.29 -20.17 21.38
C ASN E 285 1.59 -20.87 21.05
N LEU E 286 2.27 -20.43 20.00
CA LEU E 286 3.53 -21.05 19.62
C LEU E 286 4.52 -21.12 20.78
N ARG E 287 4.70 -20.01 21.47
CA ARG E 287 5.64 -19.97 22.58
C ARG E 287 5.19 -20.91 23.69
N LYS E 288 3.92 -20.77 24.08
CA LYS E 288 3.38 -21.62 25.15
C LYS E 288 3.56 -23.09 24.78
N ALA E 289 3.50 -23.36 23.49
CA ALA E 289 3.65 -24.71 22.98
C ALA E 289 5.03 -25.23 23.32
N PHE E 290 6.05 -24.52 22.86
CA PHE E 290 7.40 -24.94 23.14
C PHE E 290 7.60 -25.02 24.65
N GLU E 291 7.12 -24.00 25.35
CA GLU E 291 7.21 -23.92 26.81
C GLU E 291 6.72 -25.20 27.47
N GLU E 292 5.45 -25.52 27.25
CA GLU E 292 4.87 -26.72 27.84
C GLU E 292 5.72 -27.93 27.49
N ALA E 293 6.27 -27.95 26.29
CA ALA E 293 7.10 -29.08 25.86
C ALA E 293 8.45 -29.14 26.58
N GLU E 294 8.90 -27.99 27.06
CA GLU E 294 10.18 -27.92 27.77
C GLU E 294 9.96 -28.50 29.15
N LYS E 295 8.84 -28.13 29.75
CA LYS E 295 8.51 -28.60 31.07
C LYS E 295 8.59 -30.11 31.16
N ASN E 296 7.78 -30.80 30.37
CA ASN E 296 7.72 -32.24 30.45
C ASN E 296 8.61 -33.04 29.51
N ALA E 297 9.84 -32.59 29.30
CA ALA E 297 10.74 -33.31 28.41
C ALA E 297 11.31 -34.56 29.10
N PRO E 298 11.72 -35.58 28.33
CA PRO E 298 11.72 -35.69 26.87
C PRO E 298 10.36 -35.36 26.29
N ALA E 299 10.36 -34.65 25.18
CA ALA E 299 9.12 -34.25 24.55
C ALA E 299 9.34 -34.11 23.06
N ILE E 300 8.28 -34.34 22.30
CA ILE E 300 8.33 -34.21 20.86
C ILE E 300 7.24 -33.26 20.44
N ILE E 301 7.62 -32.15 19.82
CA ILE E 301 6.60 -31.23 19.35
C ILE E 301 6.38 -31.60 17.89
N PHE E 302 5.13 -31.82 17.53
CA PHE E 302 4.86 -32.15 16.14
C PHE E 302 4.09 -31.04 15.45
N ILE E 303 4.72 -30.46 14.44
CA ILE E 303 4.08 -29.38 13.70
C ILE E 303 3.46 -30.07 12.50
N ASP E 304 2.12 -30.11 12.52
CA ASP E 304 1.36 -30.79 11.49
C ASP E 304 1.49 -30.20 10.10
N GLU E 305 0.76 -29.14 9.82
CA GLU E 305 0.83 -28.58 8.48
C GLU E 305 1.72 -27.36 8.46
N LEU E 306 3.01 -27.64 8.61
CA LEU E 306 4.04 -26.63 8.66
C LEU E 306 3.95 -25.56 7.59
N ASP E 307 3.76 -25.97 6.35
CA ASP E 307 3.67 -25.03 5.24
C ASP E 307 2.52 -24.04 5.43
N ALA E 308 1.65 -24.34 6.37
CA ALA E 308 0.51 -23.47 6.66
C ALA E 308 0.89 -22.33 7.61
N ILE E 309 2.11 -22.41 8.16
CA ILE E 309 2.62 -21.41 9.08
C ILE E 309 3.86 -20.75 8.51
N ALA E 310 4.69 -21.52 7.83
CA ALA E 310 5.92 -20.95 7.31
C ALA E 310 6.16 -21.09 5.81
N PRO E 311 5.36 -20.40 5.00
CA PRO E 311 5.60 -20.52 3.55
C PRO E 311 6.72 -19.53 3.19
N LYS E 312 7.59 -19.93 2.25
CA LYS E 312 8.70 -19.08 1.83
C LYS E 312 8.29 -17.64 1.47
N ARG E 313 9.26 -16.72 1.45
CA ARG E 313 8.99 -15.32 1.10
C ARG E 313 8.12 -15.18 -0.15
N GLU E 314 8.48 -15.91 -1.21
CA GLU E 314 7.75 -15.85 -2.47
C GLU E 314 6.25 -16.02 -2.28
N LYS E 315 5.85 -16.79 -1.27
CA LYS E 315 4.45 -17.06 -1.01
C LYS E 315 3.86 -16.33 0.17
N THR E 316 4.64 -15.45 0.80
CA THR E 316 4.14 -14.70 1.94
C THR E 316 3.66 -13.33 1.50
N HIS E 317 2.82 -12.72 2.34
CA HIS E 317 2.28 -11.39 2.07
C HIS E 317 1.44 -10.92 3.26
N GLY E 318 2.10 -10.65 4.38
CA GLY E 318 1.38 -10.21 5.55
C GLY E 318 2.26 -9.86 6.73
N GLU E 319 2.02 -8.68 7.28
CA GLU E 319 2.76 -8.18 8.43
C GLU E 319 2.65 -9.21 9.55
N VAL E 320 1.55 -9.96 9.56
CA VAL E 320 1.32 -10.98 10.58
C VAL E 320 1.79 -12.36 10.12
N GLU E 321 1.67 -12.62 8.84
CA GLU E 321 2.10 -13.90 8.28
C GLU E 321 3.59 -14.02 8.56
N ARG E 322 4.36 -13.00 8.16
CA ARG E 322 5.80 -12.99 8.38
C ARG E 322 6.18 -13.09 9.87
N ARG E 323 5.49 -12.34 10.72
CA ARG E 323 5.78 -12.33 12.15
C ARG E 323 5.73 -13.73 12.78
N ILE E 324 4.79 -14.55 12.33
CA ILE E 324 4.66 -15.89 12.86
C ILE E 324 5.79 -16.80 12.42
N VAL E 325 6.13 -16.78 11.14
CA VAL E 325 7.22 -17.62 10.69
C VAL E 325 8.44 -17.28 11.54
N SER E 326 8.75 -15.98 11.64
CA SER E 326 9.87 -15.50 12.42
C SER E 326 9.81 -16.10 13.82
N GLN E 327 8.65 -15.94 14.46
CA GLN E 327 8.43 -16.51 15.79
C GLN E 327 8.86 -17.98 15.83
N LEU E 328 8.37 -18.77 14.87
CA LEU E 328 8.73 -20.18 14.85
C LEU E 328 10.23 -20.41 14.76
N LEU E 329 10.90 -19.65 13.89
CA LEU E 329 12.35 -19.78 13.74
C LEU E 329 13.03 -19.48 15.07
N THR E 330 12.61 -18.40 15.71
CA THR E 330 13.19 -17.99 16.98
C THR E 330 13.09 -19.01 18.08
N LEU E 331 11.95 -19.71 18.13
CA LEU E 331 11.70 -20.75 19.13
C LEU E 331 12.65 -21.93 18.93
N MET E 332 12.97 -22.19 17.67
CA MET E 332 13.89 -23.27 17.32
C MET E 332 15.28 -22.91 17.76
N ASP E 333 15.68 -21.67 17.49
CA ASP E 333 16.99 -21.23 17.89
C ASP E 333 17.08 -21.30 19.41
N GLY E 334 16.10 -20.72 20.09
CA GLY E 334 16.09 -20.73 21.54
C GLY E 334 15.84 -22.10 22.13
N LEU E 335 16.20 -23.15 21.42
CA LEU E 335 15.98 -24.50 21.91
C LEU E 335 17.30 -25.22 22.10
N LYS E 336 17.82 -25.14 23.31
CA LYS E 336 19.09 -25.76 23.66
C LYS E 336 18.96 -27.19 24.20
N GLN E 337 19.98 -28.00 23.91
CA GLN E 337 20.06 -29.41 24.29
C GLN E 337 19.54 -29.82 25.66
N ARG E 338 19.66 -28.92 26.64
CA ARG E 338 19.20 -29.23 28.00
C ARG E 338 17.68 -29.41 28.07
N ALA E 339 16.97 -28.76 27.15
CA ALA E 339 15.52 -28.85 27.13
C ALA E 339 15.03 -30.27 26.86
N HIS E 340 15.82 -31.07 26.13
CA HIS E 340 15.49 -32.47 25.78
C HIS E 340 14.35 -32.63 24.78
N VAL E 341 14.13 -31.60 23.97
CA VAL E 341 13.05 -31.65 23.01
C VAL E 341 13.48 -31.86 21.57
N ILE E 342 12.60 -32.49 20.82
CA ILE E 342 12.86 -32.69 19.41
C ILE E 342 11.60 -32.18 18.70
N VAL E 343 11.81 -31.34 17.69
CA VAL E 343 10.67 -30.81 16.95
C VAL E 343 10.57 -31.58 15.65
N MET E 344 9.34 -31.98 15.35
CA MET E 344 9.05 -32.73 14.15
C MET E 344 7.96 -32.00 13.39
N ALA E 345 8.24 -31.69 12.13
CA ALA E 345 7.25 -31.01 11.31
C ALA E 345 7.00 -31.87 10.09
N ALA E 346 5.81 -31.71 9.53
CA ALA E 346 5.43 -32.44 8.33
C ALA E 346 5.03 -31.46 7.25
N THR E 347 5.43 -31.74 6.02
CA THR E 347 5.09 -30.89 4.90
C THR E 347 4.95 -31.70 3.63
N ASN E 348 4.46 -31.07 2.58
CA ASN E 348 4.28 -31.77 1.32
C ASN E 348 5.56 -31.93 0.52
N ARG E 349 6.43 -30.92 0.59
CA ARG E 349 7.71 -30.96 -0.11
C ARG E 349 8.54 -29.73 0.24
N PRO E 350 9.87 -29.81 0.02
CA PRO E 350 10.79 -28.71 0.31
C PRO E 350 10.26 -27.34 -0.07
N ASN E 351 9.98 -27.17 -1.35
CA ASN E 351 9.47 -25.92 -1.91
C ASN E 351 8.49 -25.19 -1.01
N SER E 352 7.60 -25.95 -0.40
CA SER E 352 6.58 -25.42 0.50
C SER E 352 7.11 -24.39 1.53
N ILE E 353 7.96 -24.92 2.40
CA ILE E 353 8.61 -24.20 3.50
C ILE E 353 9.60 -23.10 3.13
N ASP E 354 9.86 -22.25 4.11
CA ASP E 354 10.80 -21.13 4.01
C ASP E 354 12.21 -21.66 4.26
N PRO E 355 13.15 -21.42 3.31
CA PRO E 355 14.54 -21.86 3.40
C PRO E 355 15.16 -21.70 4.79
N ALA E 356 14.71 -20.69 5.52
CA ALA E 356 15.24 -20.43 6.85
C ALA E 356 15.08 -21.60 7.84
N LEU E 357 13.98 -22.34 7.74
CA LEU E 357 13.74 -23.47 8.63
C LEU E 357 14.73 -24.60 8.45
N ARG E 358 15.52 -24.54 7.39
CA ARG E 358 16.55 -25.55 7.09
C ARG E 358 17.88 -25.28 7.81
N ARG E 359 18.15 -24.02 8.17
CA ARG E 359 19.40 -23.65 8.84
C ARG E 359 19.78 -24.66 9.93
N PHE E 360 21.03 -25.10 9.89
CA PHE E 360 21.54 -26.09 10.80
C PHE E 360 21.08 -26.04 12.25
N GLY E 361 20.78 -24.87 12.78
CA GLY E 361 20.33 -24.85 14.17
C GLY E 361 18.87 -25.23 14.33
N ARG E 362 18.22 -25.57 13.22
CA ARG E 362 16.80 -25.89 13.27
C ARG E 362 16.47 -27.27 12.73
N PHE E 363 15.60 -27.31 11.70
CA PHE E 363 15.20 -28.56 11.05
C PHE E 363 16.27 -28.91 10.05
N ASP E 364 17.41 -29.36 10.55
CA ASP E 364 18.55 -29.72 9.73
C ASP E 364 18.55 -31.20 9.35
N ARG E 365 17.55 -31.92 9.82
CA ARG E 365 17.43 -33.35 9.49
C ARG E 365 16.12 -33.48 8.73
N GLU E 366 16.14 -34.24 7.63
CA GLU E 366 14.96 -34.42 6.79
C GLU E 366 14.72 -35.88 6.45
N VAL E 367 13.47 -36.29 6.46
CA VAL E 367 13.15 -37.67 6.14
C VAL E 367 12.05 -37.69 5.09
N ASP E 368 12.33 -38.36 3.98
CA ASP E 368 11.36 -38.44 2.89
C ASP E 368 10.53 -39.70 2.99
N ILE E 369 9.25 -39.52 3.29
CA ILE E 369 8.32 -40.63 3.44
C ILE E 369 7.40 -40.69 2.20
N GLY E 370 7.88 -41.31 1.12
CA GLY E 370 7.09 -41.39 -0.10
C GLY E 370 5.83 -42.22 -0.06
N ILE E 371 5.30 -42.52 -1.24
CA ILE E 371 4.08 -43.32 -1.37
C ILE E 371 4.47 -44.78 -1.17
N PRO E 372 3.60 -45.56 -0.49
CA PRO E 372 3.91 -46.97 -0.25
C PRO E 372 4.19 -47.73 -1.54
N ASP E 373 4.63 -48.97 -1.39
CA ASP E 373 4.91 -49.84 -2.52
C ASP E 373 3.96 -51.02 -2.40
N ALA E 374 4.15 -52.02 -3.25
CA ALA E 374 3.29 -53.20 -3.22
C ALA E 374 3.26 -53.87 -1.85
N THR E 375 4.44 -54.07 -1.27
CA THR E 375 4.56 -54.72 0.04
C THR E 375 3.96 -53.85 1.14
N GLY E 376 4.32 -52.57 1.10
CA GLY E 376 3.83 -51.64 2.09
C GLY E 376 2.32 -51.55 2.13
N ARG E 377 1.73 -51.33 0.97
CA ARG E 377 0.28 -51.22 0.87
C ARG E 377 -0.43 -52.40 1.50
N LEU E 378 0.11 -53.59 1.28
CA LEU E 378 -0.46 -54.80 1.83
C LEU E 378 -0.42 -54.73 3.36
N GLU E 379 0.77 -54.42 3.89
CA GLU E 379 1.01 -54.33 5.32
C GLU E 379 0.00 -53.42 6.00
N ILE E 380 -0.25 -52.27 5.38
CA ILE E 380 -1.19 -51.28 5.88
C ILE E 380 -2.60 -51.85 5.91
N LEU E 381 -3.01 -52.45 4.80
CA LEU E 381 -4.33 -53.06 4.67
C LEU E 381 -4.58 -54.09 5.77
N GLN E 382 -3.51 -54.72 6.23
CA GLN E 382 -3.61 -55.72 7.28
C GLN E 382 -3.74 -55.06 8.64
N ILE E 383 -3.18 -53.87 8.74
CA ILE E 383 -3.23 -53.13 9.99
C ILE E 383 -4.62 -52.55 10.22
N HIS E 384 -5.29 -52.14 9.15
CA HIS E 384 -6.64 -51.56 9.31
C HIS E 384 -7.78 -52.54 9.17
N THR E 385 -7.53 -53.79 9.52
CA THR E 385 -8.55 -54.84 9.42
C THR E 385 -8.40 -55.81 10.58
N LYS E 386 -7.36 -55.62 11.37
CA LYS E 386 -7.10 -56.49 12.49
C LYS E 386 -8.21 -56.48 13.52
N ASN E 387 -9.23 -55.66 13.32
CA ASN E 387 -10.33 -55.63 14.27
C ASN E 387 -11.62 -56.14 13.65
N MET E 388 -11.57 -56.46 12.37
CA MET E 388 -12.75 -56.97 11.69
C MET E 388 -12.59 -58.40 11.20
N LYS E 389 -13.72 -59.05 10.95
CA LYS E 389 -13.75 -60.43 10.51
C LYS E 389 -13.71 -60.54 8.98
N LEU E 390 -12.53 -60.45 8.38
CA LEU E 390 -12.44 -60.56 6.93
C LEU E 390 -13.05 -61.88 6.47
N ALA E 391 -13.31 -62.00 5.17
CA ALA E 391 -13.88 -63.23 4.61
C ALA E 391 -12.75 -64.04 3.99
N ASP E 392 -12.95 -65.36 3.88
CA ASP E 392 -11.91 -66.22 3.34
C ASP E 392 -11.55 -65.90 1.89
N ASP E 393 -12.53 -65.42 1.14
CA ASP E 393 -12.31 -65.05 -0.26
C ASP E 393 -11.44 -63.80 -0.37
N VAL E 394 -11.45 -62.98 0.68
CA VAL E 394 -10.67 -61.75 0.69
C VAL E 394 -9.21 -62.05 0.35
N ASP E 395 -8.67 -61.30 -0.61
CA ASP E 395 -7.28 -61.46 -1.04
C ASP E 395 -6.59 -60.09 -0.94
N LEU E 396 -6.43 -59.60 0.29
CA LEU E 396 -5.81 -58.30 0.53
C LEU E 396 -4.62 -58.02 -0.38
N GLU E 397 -3.80 -59.05 -0.65
CA GLU E 397 -2.65 -58.88 -1.53
C GLU E 397 -3.15 -58.41 -2.88
N GLN E 398 -4.31 -58.91 -3.28
CA GLN E 398 -4.91 -58.50 -4.55
C GLN E 398 -5.17 -56.99 -4.48
N VAL E 399 -5.96 -56.57 -3.49
CA VAL E 399 -6.28 -55.16 -3.30
C VAL E 399 -5.01 -54.30 -3.25
N ALA E 400 -4.00 -54.82 -2.57
CA ALA E 400 -2.74 -54.11 -2.45
C ALA E 400 -2.07 -54.02 -3.83
N ASN E 401 -2.51 -54.88 -4.74
CA ASN E 401 -1.96 -54.91 -6.09
C ASN E 401 -2.57 -53.94 -7.09
N GLU E 402 -3.85 -53.64 -6.92
CA GLU E 402 -4.53 -52.74 -7.85
C GLU E 402 -4.83 -51.35 -7.34
N THR E 403 -3.91 -50.82 -6.54
CA THR E 403 -4.03 -49.49 -5.95
C THR E 403 -2.90 -48.61 -6.49
N HIS E 404 -1.84 -49.29 -6.94
CA HIS E 404 -0.56 -48.74 -7.40
C HIS E 404 -0.09 -47.39 -6.87
N GLY E 405 -0.99 -46.43 -6.68
CA GLY E 405 -0.55 -45.13 -6.17
C GLY E 405 -1.16 -44.66 -4.85
N HIS E 406 -2.28 -45.28 -4.44
CA HIS E 406 -2.94 -44.90 -3.20
C HIS E 406 -2.03 -44.95 -1.96
N VAL E 407 -2.06 -43.90 -1.15
CA VAL E 407 -1.27 -43.84 0.08
C VAL E 407 -1.98 -44.55 1.24
N GLY E 408 -1.30 -44.66 2.38
CA GLY E 408 -1.90 -45.32 3.51
C GLY E 408 -3.26 -44.74 3.91
N ALA E 409 -3.48 -43.47 3.63
CA ALA E 409 -4.74 -42.86 4.00
C ALA E 409 -5.89 -43.41 3.16
N ASP E 410 -5.65 -43.55 1.85
CA ASP E 410 -6.67 -44.06 0.93
C ASP E 410 -7.09 -45.46 1.36
N LEU E 411 -6.08 -46.31 1.55
CA LEU E 411 -6.30 -47.70 1.97
C LEU E 411 -7.01 -47.75 3.31
N ALA E 412 -6.69 -46.83 4.20
CA ALA E 412 -7.33 -46.78 5.50
C ALA E 412 -8.83 -46.55 5.33
N ALA E 413 -9.18 -45.72 4.35
CA ALA E 413 -10.57 -45.41 4.09
C ALA E 413 -11.20 -46.56 3.31
N LEU E 414 -10.45 -47.09 2.35
CA LEU E 414 -10.95 -48.18 1.55
C LEU E 414 -11.60 -49.20 2.47
N CYS E 415 -10.88 -49.58 3.52
CA CYS E 415 -11.38 -50.54 4.49
C CYS E 415 -12.66 -50.05 5.13
N SER E 416 -12.60 -48.86 5.73
CA SER E 416 -13.78 -48.31 6.36
C SER E 416 -14.94 -48.44 5.39
N GLU E 417 -14.68 -48.12 4.14
CA GLU E 417 -15.75 -48.17 3.15
C GLU E 417 -16.29 -49.59 3.04
N ALA E 418 -15.40 -50.55 2.81
CA ALA E 418 -15.80 -51.95 2.69
C ALA E 418 -16.57 -52.41 3.93
N ALA E 419 -16.04 -52.05 5.09
CA ALA E 419 -16.66 -52.41 6.36
C ALA E 419 -18.07 -51.85 6.44
N LEU E 420 -18.23 -50.62 5.98
CA LEU E 420 -19.52 -49.98 6.01
C LEU E 420 -20.43 -50.59 4.95
N GLN E 421 -19.83 -51.06 3.87
CA GLN E 421 -20.61 -51.67 2.82
C GLN E 421 -21.25 -52.95 3.36
N ALA E 422 -20.42 -53.77 3.99
CA ALA E 422 -20.89 -55.01 4.55
C ALA E 422 -22.02 -54.72 5.52
N ILE E 423 -21.73 -53.92 6.53
CA ILE E 423 -22.74 -53.58 7.53
C ILE E 423 -24.04 -53.20 6.86
N ARG E 424 -23.95 -52.29 5.90
CA ARG E 424 -25.11 -51.80 5.17
C ARG E 424 -25.84 -52.92 4.40
N LYS E 425 -25.09 -53.88 3.88
CA LYS E 425 -25.69 -54.96 3.10
C LYS E 425 -26.17 -56.14 3.93
N LYS E 426 -25.70 -56.26 5.16
CA LYS E 426 -26.10 -57.38 6.00
C LYS E 426 -27.12 -56.95 7.06
N MET E 427 -26.65 -56.77 8.28
CA MET E 427 -27.54 -56.40 9.37
C MET E 427 -28.26 -55.07 9.18
N ASP E 428 -27.75 -54.21 8.29
CA ASP E 428 -28.41 -52.92 8.03
C ASP E 428 -29.86 -53.26 7.68
N LEU E 429 -30.00 -54.15 6.69
CA LEU E 429 -31.30 -54.61 6.22
C LEU E 429 -32.01 -55.48 7.26
N ILE E 430 -31.35 -56.56 7.69
CA ILE E 430 -31.89 -57.47 8.70
C ILE E 430 -32.35 -56.65 9.92
N ASP E 431 -32.07 -55.35 9.85
CA ASP E 431 -32.45 -54.35 10.87
C ASP E 431 -32.28 -54.76 12.33
N LEU E 432 -31.11 -54.49 12.88
CA LEU E 432 -30.81 -54.79 14.27
C LEU E 432 -29.80 -53.77 14.78
N GLU E 433 -29.95 -52.52 14.32
CA GLU E 433 -29.07 -51.44 14.72
C GLU E 433 -29.57 -50.81 16.01
N ASP E 434 -30.82 -51.10 16.36
CA ASP E 434 -31.46 -50.56 17.54
C ASP E 434 -30.65 -50.60 18.83
N GLU E 435 -30.50 -49.44 19.46
CA GLU E 435 -29.78 -49.29 20.72
C GLU E 435 -28.25 -49.34 20.61
N THR E 436 -27.61 -49.71 21.72
CA THR E 436 -26.15 -49.82 21.81
C THR E 436 -25.73 -51.21 21.35
N ILE E 437 -25.72 -51.36 20.03
CA ILE E 437 -25.39 -52.60 19.33
C ILE E 437 -24.61 -53.68 20.06
N ASP E 438 -25.09 -54.91 19.93
CA ASP E 438 -24.50 -56.09 20.54
C ASP E 438 -23.21 -56.56 19.88
N ALA E 439 -22.33 -57.14 20.67
CA ALA E 439 -21.05 -57.65 20.19
C ALA E 439 -21.28 -58.84 19.26
N GLU E 440 -22.27 -59.65 19.61
CA GLU E 440 -22.63 -60.85 18.84
C GLU E 440 -22.84 -60.45 17.39
N VAL E 441 -23.82 -59.57 17.17
CA VAL E 441 -24.15 -59.10 15.85
C VAL E 441 -22.89 -58.71 15.09
N MET E 442 -22.17 -57.72 15.61
CA MET E 442 -20.97 -57.26 14.96
C MET E 442 -19.91 -58.34 14.81
N ASN E 443 -19.86 -59.27 15.76
CA ASN E 443 -18.88 -60.34 15.69
C ASN E 443 -19.18 -61.24 14.48
N SER E 444 -20.42 -61.21 14.01
CA SER E 444 -20.83 -62.01 12.85
C SER E 444 -20.50 -61.31 11.53
N LEU E 445 -20.65 -59.98 11.50
CA LEU E 445 -20.34 -59.19 10.31
C LEU E 445 -18.99 -59.63 9.75
N ALA E 446 -18.96 -60.07 8.50
CA ALA E 446 -17.72 -60.49 7.88
C ALA E 446 -17.60 -59.86 6.49
N VAL E 447 -16.65 -58.97 6.32
CA VAL E 447 -16.53 -58.33 5.01
C VAL E 447 -16.01 -59.33 4.01
N THR E 448 -16.57 -59.31 2.79
CA THR E 448 -16.17 -60.23 1.74
C THR E 448 -15.33 -59.54 0.71
N MET E 449 -14.53 -60.31 -0.02
CA MET E 449 -13.67 -59.78 -1.07
C MET E 449 -14.55 -59.06 -2.10
N ASP E 450 -15.87 -59.19 -1.94
CA ASP E 450 -16.81 -58.54 -2.84
C ASP E 450 -17.01 -57.09 -2.40
N ASP E 451 -17.07 -56.89 -1.09
CA ASP E 451 -17.22 -55.56 -0.52
C ASP E 451 -15.98 -54.72 -0.86
N PHE E 452 -14.86 -55.41 -1.05
CA PHE E 452 -13.60 -54.77 -1.40
C PHE E 452 -13.54 -54.31 -2.86
N ARG E 453 -14.24 -55.03 -3.73
CA ARG E 453 -14.28 -54.68 -5.14
C ARG E 453 -15.24 -53.50 -5.31
N TRP E 454 -16.23 -53.42 -4.41
CA TRP E 454 -17.19 -52.35 -4.45
C TRP E 454 -16.50 -51.04 -4.12
N ALA E 455 -15.74 -51.05 -3.03
CA ALA E 455 -15.02 -49.88 -2.58
C ALA E 455 -14.07 -49.38 -3.65
N LEU E 456 -13.33 -50.30 -4.26
CA LEU E 456 -12.36 -49.94 -5.30
C LEU E 456 -12.98 -49.10 -6.41
N SER E 457 -14.18 -49.49 -6.85
CA SER E 457 -14.91 -48.80 -7.92
C SER E 457 -15.61 -47.55 -7.41
N GLN E 458 -14.94 -46.78 -6.56
CA GLN E 458 -15.52 -45.56 -6.02
C GLN E 458 -14.53 -44.41 -6.18
N LYS F 18 37.99 54.57 -10.81
CA LYS F 18 37.02 54.03 -11.80
C LYS F 18 35.68 54.71 -11.54
N GLN F 19 35.66 55.46 -10.43
CA GLN F 19 34.54 56.23 -9.89
C GLN F 19 33.69 55.44 -8.88
N LYS F 20 33.90 55.79 -7.61
CA LYS F 20 33.26 55.19 -6.44
C LYS F 20 33.63 53.73 -6.24
N ASN F 21 34.48 53.54 -5.25
CA ASN F 21 35.00 52.27 -4.78
C ASN F 21 36.19 52.74 -3.95
N ARG F 22 36.48 54.04 -4.06
CA ARG F 22 37.59 54.67 -3.34
C ARG F 22 38.78 53.73 -3.46
N PRO F 23 39.00 53.17 -4.68
CA PRO F 23 40.02 52.25 -5.15
C PRO F 23 40.54 51.18 -4.18
N ASN F 24 39.93 51.07 -3.01
CA ASN F 24 40.37 50.07 -2.04
C ASN F 24 39.24 49.18 -1.54
N ARG F 25 38.03 49.41 -2.05
CA ARG F 25 36.88 48.59 -1.70
C ARG F 25 36.82 47.40 -2.66
N LEU F 26 36.98 46.20 -2.14
CA LEU F 26 36.94 45.02 -2.99
C LEU F 26 35.91 43.99 -2.52
N ILE F 27 35.51 43.12 -3.44
CA ILE F 27 34.55 42.07 -3.16
C ILE F 27 35.35 40.80 -2.85
N VAL F 28 35.05 40.17 -1.72
CA VAL F 28 35.75 38.94 -1.34
C VAL F 28 35.32 37.72 -2.17
N ASP F 29 36.28 37.18 -2.92
CA ASP F 29 36.10 36.02 -3.80
C ASP F 29 36.85 34.83 -3.15
N GLU F 30 36.66 33.63 -3.67
CA GLU F 30 37.33 32.44 -3.14
C GLU F 30 38.85 32.52 -3.35
N ALA F 31 39.61 31.83 -2.51
CA ALA F 31 41.06 31.84 -2.61
C ALA F 31 41.59 30.83 -3.63
N ILE F 32 42.74 31.14 -4.22
CA ILE F 32 43.38 30.24 -5.17
C ILE F 32 44.59 29.65 -4.48
N ASN F 33 45.28 30.48 -3.69
CA ASN F 33 46.45 30.03 -2.93
C ASN F 33 45.98 29.56 -1.56
N GLU F 34 46.25 28.29 -1.25
CA GLU F 34 45.83 27.69 0.00
C GLU F 34 46.43 28.28 1.28
N ASP F 35 47.41 29.17 1.12
CA ASP F 35 48.07 29.84 2.26
C ASP F 35 47.13 30.85 2.91
N ASN F 36 46.97 30.77 4.23
CA ASN F 36 46.10 31.68 4.94
C ASN F 36 46.59 33.11 5.02
N SER F 37 47.90 33.28 5.07
CA SER F 37 48.46 34.62 5.14
C SER F 37 48.36 35.37 3.79
N VAL F 38 48.05 34.65 2.72
CA VAL F 38 47.95 35.22 1.39
C VAL F 38 46.56 35.65 0.92
N VAL F 39 46.52 36.77 0.21
CA VAL F 39 45.29 37.29 -0.40
C VAL F 39 45.74 37.73 -1.80
N SER F 40 44.85 37.68 -2.78
CA SER F 40 45.26 38.04 -4.14
C SER F 40 44.46 39.13 -4.78
N LEU F 41 45.11 39.88 -5.68
CA LEU F 41 44.45 40.95 -6.42
C LEU F 41 44.93 40.81 -7.85
N SER F 42 44.24 41.45 -8.79
CA SER F 42 44.67 41.38 -10.19
C SER F 42 45.76 42.42 -10.27
N GLN F 43 46.78 42.15 -11.07
CA GLN F 43 47.87 43.09 -11.22
C GLN F 43 47.33 44.51 -11.51
N PRO F 44 46.51 44.65 -12.57
CA PRO F 44 45.99 45.99 -12.86
C PRO F 44 45.38 46.68 -11.65
N LYS F 45 45.13 45.92 -10.59
CA LYS F 45 44.53 46.47 -9.37
C LYS F 45 45.61 46.89 -8.37
N MET F 46 46.70 46.15 -8.33
CA MET F 46 47.80 46.48 -7.43
C MET F 46 48.45 47.76 -7.92
N ASP F 47 48.62 47.86 -9.24
CA ASP F 47 49.25 49.04 -9.84
C ASP F 47 48.48 50.29 -9.47
N GLU F 48 47.16 50.18 -9.51
CA GLU F 48 46.31 51.31 -9.17
C GLU F 48 46.54 51.66 -7.69
N LEU F 49 46.59 50.65 -6.83
CA LEU F 49 46.81 50.87 -5.40
C LEU F 49 48.29 50.87 -5.02
N GLN F 50 49.14 50.79 -6.03
CA GLN F 50 50.59 50.80 -5.85
C GLN F 50 51.10 49.95 -4.69
N LEU F 51 50.80 48.65 -4.73
CA LEU F 51 51.22 47.72 -3.70
C LEU F 51 52.29 46.83 -4.34
N PHE F 52 53.10 46.16 -3.54
CA PHE F 52 54.14 45.31 -4.12
C PHE F 52 53.82 43.82 -4.04
N ARG F 53 54.46 43.05 -4.91
CA ARG F 53 54.25 41.61 -4.97
C ARG F 53 54.47 40.86 -3.66
N GLY F 54 54.55 41.57 -2.55
CA GLY F 54 54.75 40.90 -1.28
C GLY F 54 54.43 41.91 -0.21
N ASP F 55 54.03 43.10 -0.67
CA ASP F 55 53.68 44.19 0.23
C ASP F 55 52.77 43.60 1.32
N THR F 56 52.89 44.08 2.54
CA THR F 56 52.02 43.57 3.59
C THR F 56 50.84 44.55 3.70
N VAL F 57 49.63 44.03 3.49
CA VAL F 57 48.43 44.86 3.53
C VAL F 57 47.58 44.68 4.77
N LEU F 58 46.75 45.70 5.02
CA LEU F 58 45.84 45.70 6.15
C LEU F 58 44.43 45.75 5.61
N LEU F 59 43.65 44.74 5.96
CA LEU F 59 42.27 44.62 5.50
C LEU F 59 41.29 44.90 6.62
N LYS F 60 40.25 45.63 6.25
CA LYS F 60 39.21 45.99 7.19
C LYS F 60 37.88 45.36 6.76
N GLY F 61 37.24 44.66 7.71
CA GLY F 61 35.98 43.99 7.42
C GLY F 61 34.78 44.50 8.18
N LYS F 62 33.96 43.56 8.65
CA LYS F 62 32.77 43.90 9.41
C LYS F 62 33.05 43.84 10.90
N LYS F 63 32.07 44.25 11.69
CA LYS F 63 32.21 44.27 13.15
C LYS F 63 33.54 44.95 13.48
N ARG F 64 33.85 45.97 12.68
CA ARG F 64 35.08 46.75 12.82
C ARG F 64 36.31 45.87 13.09
N ARG F 65 36.42 44.78 12.34
CA ARG F 65 37.54 43.87 12.49
C ARG F 65 38.62 44.14 11.44
N GLU F 66 39.84 43.75 11.76
CA GLU F 66 40.99 43.91 10.88
C GLU F 66 41.80 42.64 10.72
N ALA F 67 42.57 42.58 9.64
CA ALA F 67 43.42 41.44 9.37
C ALA F 67 44.64 41.97 8.67
N VAL F 68 45.76 41.27 8.81
CA VAL F 68 47.00 41.68 8.17
C VAL F 68 47.44 40.54 7.26
N CYS F 69 47.43 40.79 5.96
CA CYS F 69 47.83 39.75 5.01
C CYS F 69 48.84 40.24 3.98
N ILE F 70 49.37 39.28 3.22
CA ILE F 70 50.36 39.59 2.22
C ILE F 70 49.74 39.48 0.83
N VAL F 71 50.04 40.44 -0.04
CA VAL F 71 49.46 40.46 -1.37
C VAL F 71 50.30 39.98 -2.53
N LEU F 72 49.68 39.18 -3.38
CA LEU F 72 50.30 38.62 -4.57
C LEU F 72 49.36 38.89 -5.76
N SER F 73 49.94 38.92 -6.95
CA SER F 73 49.16 39.17 -8.16
C SER F 73 48.47 37.88 -8.63
N ASP F 74 47.38 38.06 -9.37
CA ASP F 74 46.63 36.92 -9.90
C ASP F 74 46.17 37.19 -11.33
N ASP F 75 46.46 36.25 -12.23
CA ASP F 75 46.06 36.38 -13.62
C ASP F 75 44.59 36.03 -13.77
N THR F 76 44.05 35.24 -12.84
CA THR F 76 42.64 34.85 -12.91
C THR F 76 41.79 35.65 -11.96
N CYS F 77 42.40 36.54 -11.20
CA CYS F 77 41.62 37.36 -10.29
C CYS F 77 40.96 38.48 -11.07
N SER F 78 39.79 38.92 -10.60
CA SER F 78 39.05 39.98 -11.27
C SER F 78 39.25 41.31 -10.55
N ASP F 79 39.56 42.33 -11.34
CA ASP F 79 39.81 43.70 -10.87
C ASP F 79 39.14 44.18 -9.58
N GLU F 80 37.84 43.96 -9.45
CA GLU F 80 37.11 44.42 -8.28
C GLU F 80 37.24 43.48 -7.06
N LYS F 81 37.37 42.19 -7.33
CA LYS F 81 37.44 41.20 -6.27
C LYS F 81 38.82 40.98 -5.65
N ILE F 82 38.84 40.36 -4.48
CA ILE F 82 40.06 40.06 -3.74
C ILE F 82 40.01 38.62 -3.19
N ARG F 83 40.88 37.75 -3.69
CA ARG F 83 40.89 36.37 -3.22
C ARG F 83 41.49 36.23 -1.84
N MET F 84 40.89 35.35 -1.02
CA MET F 84 41.37 35.08 0.33
C MET F 84 40.65 33.85 0.90
N ASN F 85 41.40 32.99 1.58
CA ASN F 85 40.80 31.79 2.16
C ASN F 85 39.97 32.06 3.41
N ARG F 86 39.11 31.10 3.71
CA ARG F 86 38.19 31.17 4.82
C ARG F 86 38.73 31.67 6.14
N VAL F 87 40.00 31.41 6.42
CA VAL F 87 40.63 31.83 7.67
C VAL F 87 40.59 33.33 7.80
N VAL F 88 41.01 34.00 6.72
CA VAL F 88 41.03 35.44 6.71
C VAL F 88 39.61 35.99 6.62
N ARG F 89 38.82 35.33 5.79
CA ARG F 89 37.44 35.72 5.57
C ARG F 89 36.69 35.77 6.89
N ASN F 90 36.98 34.82 7.77
CA ASN F 90 36.35 34.77 9.08
C ASN F 90 36.85 35.91 9.91
N ASN F 91 38.18 35.95 10.12
CA ASN F 91 38.81 37.00 10.91
C ASN F 91 38.23 38.38 10.59
N LEU F 92 37.85 38.56 9.34
CA LEU F 92 37.28 39.79 8.86
C LEU F 92 35.77 39.86 9.09
N ARG F 93 35.17 38.76 9.54
CA ARG F 93 33.73 38.66 9.78
C ARG F 93 32.97 38.93 8.49
N VAL F 94 33.41 38.29 7.41
CA VAL F 94 32.78 38.47 6.11
C VAL F 94 32.52 37.14 5.39
N ARG F 95 31.64 37.17 4.41
CA ARG F 95 31.30 35.99 3.65
C ARG F 95 31.67 36.29 2.21
N LEU F 96 31.76 35.26 1.37
CA LEU F 96 32.10 35.52 -0.01
C LEU F 96 31.05 36.45 -0.58
N GLY F 97 31.48 37.52 -1.24
CA GLY F 97 30.51 38.42 -1.82
C GLY F 97 30.44 39.77 -1.12
N ASP F 98 30.85 39.82 0.14
CA ASP F 98 30.82 41.08 0.86
C ASP F 98 31.94 41.97 0.34
N VAL F 99 32.11 43.13 0.95
CA VAL F 99 33.17 44.06 0.55
C VAL F 99 34.09 44.41 1.72
N ILE F 100 35.34 44.65 1.38
CA ILE F 100 36.33 45.03 2.36
C ILE F 100 37.13 46.17 1.80
N SER F 101 37.92 46.80 2.66
CA SER F 101 38.78 47.91 2.27
C SER F 101 40.21 47.40 2.50
N ILE F 102 41.01 47.41 1.43
CA ILE F 102 42.40 46.98 1.51
C ILE F 102 43.24 48.25 1.58
N GLN F 103 44.29 48.23 2.40
CA GLN F 103 45.14 49.40 2.60
C GLN F 103 46.59 48.98 2.79
N PRO F 104 47.55 49.78 2.29
CA PRO F 104 48.96 49.42 2.46
C PRO F 104 49.32 49.52 3.95
N CYS F 105 50.25 48.68 4.38
CA CYS F 105 50.63 48.68 5.77
C CYS F 105 52.14 48.62 5.93
N PRO F 106 52.85 49.66 5.47
CA PRO F 106 54.32 49.71 5.57
C PRO F 106 54.90 49.89 6.96
N ASP F 107 54.02 50.09 7.95
CA ASP F 107 54.44 50.29 9.33
C ASP F 107 54.60 49.00 10.13
N VAL F 108 54.25 47.86 9.54
CA VAL F 108 54.39 46.59 10.26
C VAL F 108 55.86 46.38 10.59
N LYS F 109 56.13 45.87 11.79
CA LYS F 109 57.52 45.66 12.16
C LYS F 109 57.71 44.27 12.75
N TYR F 110 58.84 43.65 12.45
CA TYR F 110 59.13 42.31 12.96
C TYR F 110 58.83 42.29 14.44
N GLY F 111 58.11 41.28 14.88
CA GLY F 111 57.72 41.19 16.27
C GLY F 111 58.69 40.60 17.27
N LYS F 112 58.69 41.19 18.46
CA LYS F 112 59.56 40.73 19.54
C LYS F 112 59.04 39.40 20.09
N ARG F 113 57.97 39.50 20.87
CA ARG F 113 57.33 38.33 21.50
C ARG F 113 55.90 38.16 21.00
N ILE F 114 55.38 36.94 21.15
CA ILE F 114 54.03 36.63 20.72
C ILE F 114 53.43 35.49 21.56
N HIS F 115 52.18 35.65 21.94
CA HIS F 115 51.51 34.63 22.73
C HIS F 115 50.23 34.21 22.04
N VAL F 116 50.19 32.94 21.65
CA VAL F 116 49.03 32.35 21.00
C VAL F 116 48.55 31.18 21.85
N LEU F 117 47.29 30.83 21.71
CA LEU F 117 46.71 29.73 22.47
C LEU F 117 45.74 28.90 21.63
N PRO F 118 45.85 27.58 21.70
CA PRO F 118 44.96 26.74 20.92
C PRO F 118 43.52 26.82 21.45
N ILE F 119 42.58 26.37 20.64
CA ILE F 119 41.19 26.40 21.03
C ILE F 119 40.81 25.03 21.53
N ASP F 120 40.15 25.02 22.68
CA ASP F 120 39.72 23.81 23.35
C ASP F 120 39.33 22.63 22.49
N ASP F 121 38.35 22.83 21.60
CA ASP F 121 37.89 21.74 20.76
C ASP F 121 38.86 21.25 19.69
N THR F 122 39.82 22.10 19.32
CA THR F 122 40.77 21.73 18.28
C THR F 122 41.98 20.93 18.75
N VAL F 123 42.16 20.80 20.06
CA VAL F 123 43.30 20.07 20.59
C VAL F 123 42.89 18.89 21.47
N GLU F 124 41.59 18.68 21.62
CA GLU F 124 41.11 17.59 22.45
C GLU F 124 41.55 16.28 21.86
N GLY F 125 42.23 15.46 22.66
CA GLY F 125 42.69 14.16 22.20
C GLY F 125 44.20 14.10 22.11
N ILE F 126 44.80 15.11 21.48
CA ILE F 126 46.24 15.13 21.34
C ILE F 126 46.91 15.83 22.50
N THR F 127 48.16 15.43 22.75
CA THR F 127 48.93 16.00 23.83
C THR F 127 50.40 16.05 23.40
N GLY F 128 51.15 16.96 24.02
CA GLY F 128 52.55 17.09 23.67
C GLY F 128 52.87 18.53 23.34
N ASN F 129 54.07 18.77 22.83
CA ASN F 129 54.46 20.14 22.52
C ASN F 129 53.85 20.61 21.20
N LEU F 130 52.75 21.36 21.31
CA LEU F 130 52.07 21.89 20.13
C LEU F 130 52.97 22.86 19.38
N PHE F 131 54.00 23.35 20.05
CA PHE F 131 54.91 24.30 19.45
C PHE F 131 55.79 23.66 18.38
N GLU F 132 56.55 22.67 18.80
CA GLU F 132 57.45 21.97 17.90
C GLU F 132 56.74 21.10 16.86
N VAL F 133 55.46 20.87 17.08
CA VAL F 133 54.68 20.04 16.16
C VAL F 133 53.86 20.88 15.18
N TYR F 134 53.46 22.07 15.61
CA TYR F 134 52.66 22.96 14.78
C TYR F 134 53.19 24.38 14.58
N LEU F 135 53.29 25.14 15.66
CA LEU F 135 53.75 26.53 15.59
C LEU F 135 55.11 26.75 14.96
N LYS F 136 56.01 25.80 15.17
CA LYS F 136 57.36 25.93 14.65
C LYS F 136 57.43 25.75 13.15
N PRO F 137 56.99 24.60 12.63
CA PRO F 137 57.08 24.44 11.17
C PRO F 137 56.23 25.47 10.43
N TYR F 138 55.16 25.93 11.07
CA TYR F 138 54.24 26.91 10.48
C TYR F 138 54.86 28.29 10.21
N PHE F 139 55.31 28.97 11.26
CA PHE F 139 55.92 30.30 11.14
C PHE F 139 57.35 30.28 10.63
N LEU F 140 58.00 29.12 10.70
CA LEU F 140 59.38 28.98 10.28
C LEU F 140 59.78 29.54 8.91
N GLU F 141 60.53 30.65 8.99
CA GLU F 141 61.06 31.35 7.83
C GLU F 141 60.03 31.75 6.79
N ALA F 142 58.79 31.90 7.23
CA ALA F 142 57.72 32.27 6.34
C ALA F 142 57.53 33.78 6.34
N TYR F 143 57.58 34.36 7.54
CA TYR F 143 57.41 35.79 7.69
C TYR F 143 55.93 36.07 7.64
N ARG F 144 55.18 35.39 8.48
CA ARG F 144 53.73 35.56 8.53
C ARG F 144 53.29 36.77 9.34
N PRO F 145 52.66 37.74 8.67
CA PRO F 145 52.19 38.95 9.36
C PRO F 145 50.94 38.65 10.16
N ILE F 146 50.99 38.74 11.49
CA ILE F 146 49.79 38.47 12.27
C ILE F 146 49.29 39.63 13.11
N ARG F 147 47.98 39.75 13.19
CA ARG F 147 47.33 40.80 13.96
C ARG F 147 46.88 40.18 15.26
N LYS F 148 46.54 41.02 16.24
CA LYS F 148 46.09 40.49 17.53
C LYS F 148 44.62 40.12 17.44
N GLY F 149 44.28 38.93 17.89
CA GLY F 149 42.88 38.52 17.84
C GLY F 149 42.53 37.58 16.70
N ASP F 150 43.39 37.53 15.68
CA ASP F 150 43.19 36.65 14.55
C ASP F 150 43.22 35.19 14.97
N ILE F 151 42.65 34.33 14.16
CA ILE F 151 42.67 32.90 14.43
C ILE F 151 43.23 32.23 13.20
N PHE F 152 44.29 31.48 13.40
CA PHE F 152 44.88 30.77 12.29
C PHE F 152 44.79 29.28 12.49
N LEU F 153 44.92 28.56 11.39
CA LEU F 153 44.82 27.12 11.43
C LEU F 153 46.12 26.50 11.01
N VAL F 154 46.47 25.40 11.69
CA VAL F 154 47.69 24.67 11.38
C VAL F 154 47.33 23.21 11.23
N ARG F 155 47.67 22.66 10.07
CA ARG F 155 47.38 21.28 9.74
C ARG F 155 48.58 20.38 10.01
N GLY F 156 48.31 19.14 10.35
CA GLY F 156 49.37 18.19 10.63
C GLY F 156 48.97 17.16 11.66
N GLY F 157 49.77 16.12 11.80
CA GLY F 157 49.44 15.10 12.78
C GLY F 157 48.01 14.64 12.58
N MET F 158 47.63 14.56 11.31
CA MET F 158 46.31 14.13 10.92
C MET F 158 45.16 14.86 11.60
N ARG F 159 45.29 16.18 11.65
CA ARG F 159 44.27 17.06 12.20
C ARG F 159 44.72 18.48 11.97
N ALA F 160 43.90 19.45 12.39
CA ALA F 160 44.21 20.85 12.22
C ALA F 160 43.84 21.54 13.52
N VAL F 161 44.78 22.28 14.08
CA VAL F 161 44.56 22.97 15.34
C VAL F 161 44.32 24.45 15.08
N GLU F 162 43.39 25.05 15.83
CA GLU F 162 43.12 26.46 15.66
C GLU F 162 43.86 27.17 16.78
N PHE F 163 44.46 28.32 16.47
CA PHE F 163 45.21 29.09 17.44
C PHE F 163 44.75 30.52 17.34
N LYS F 164 44.55 31.17 18.48
CA LYS F 164 44.14 32.56 18.50
C LYS F 164 45.26 33.43 19.01
N VAL F 165 45.66 34.41 18.23
CA VAL F 165 46.75 35.28 18.65
C VAL F 165 46.25 36.13 19.82
N VAL F 166 46.75 35.76 21.00
CA VAL F 166 46.42 36.43 22.26
C VAL F 166 47.10 37.80 22.36
N GLU F 167 48.41 37.84 22.14
CA GLU F 167 49.15 39.09 22.21
C GLU F 167 50.38 39.16 21.32
N THR F 168 50.58 40.29 20.65
CA THR F 168 51.76 40.50 19.79
C THR F 168 52.62 41.59 20.44
N ASP F 169 53.94 41.40 20.42
CA ASP F 169 54.83 42.36 21.05
C ASP F 169 54.57 43.80 20.60
N PRO F 170 55.00 44.18 19.38
CA PRO F 170 54.87 45.49 18.72
C PRO F 170 53.40 45.77 18.41
N SER F 171 52.62 45.59 19.47
CA SER F 171 51.17 45.74 19.64
C SER F 171 50.02 45.32 18.74
N PRO F 172 49.56 46.17 17.82
CA PRO F 172 48.44 45.59 17.07
C PRO F 172 48.80 44.41 16.18
N TYR F 173 49.83 44.60 15.37
CA TYR F 173 50.28 43.56 14.45
C TYR F 173 51.79 43.55 14.36
N CYS F 174 52.33 42.41 13.97
CA CYS F 174 53.77 42.25 13.85
C CYS F 174 54.06 41.07 12.93
N ILE F 175 55.23 41.05 12.30
CA ILE F 175 55.61 39.95 11.41
C ILE F 175 56.47 38.97 12.19
N VAL F 176 56.04 37.70 12.24
CA VAL F 176 56.81 36.71 13.00
C VAL F 176 58.14 36.38 12.34
N ALA F 177 59.16 37.14 12.75
CA ALA F 177 60.52 36.98 12.25
C ALA F 177 61.17 35.78 12.92
N PRO F 178 62.36 35.37 12.44
CA PRO F 178 63.05 34.22 13.02
C PRO F 178 63.50 34.40 14.47
N ASP F 179 63.61 35.66 14.90
CA ASP F 179 64.02 35.99 16.26
C ASP F 179 62.85 36.27 17.19
N THR F 180 61.65 36.31 16.62
CA THR F 180 60.46 36.58 17.43
C THR F 180 60.22 35.46 18.43
N VAL F 181 60.10 35.84 19.70
CA VAL F 181 59.86 34.88 20.78
C VAL F 181 58.40 34.44 20.77
N ILE F 182 58.19 33.12 20.72
CA ILE F 182 56.84 32.59 20.68
C ILE F 182 56.41 31.90 21.96
N HIS F 183 55.39 32.47 22.60
CA HIS F 183 54.85 31.93 23.84
C HIS F 183 53.49 31.25 23.58
N CYS F 184 53.34 30.02 24.06
CA CYS F 184 52.09 29.28 23.92
C CYS F 184 51.81 28.56 25.23
N GLU F 185 51.93 29.30 26.32
CA GLU F 185 51.75 28.82 27.69
C GLU F 185 50.49 28.02 27.96
N GLY F 186 50.68 26.91 28.65
CA GLY F 186 49.58 26.03 28.99
C GLY F 186 48.22 26.67 29.17
N GLU F 187 47.29 26.16 28.38
CA GLU F 187 45.88 26.49 28.35
C GLU F 187 45.32 26.56 26.96
N PRO F 188 44.09 26.05 26.81
CA PRO F 188 43.32 26.01 25.58
C PRO F 188 42.12 26.90 25.86
N ILE F 189 41.97 27.98 25.08
CA ILE F 189 40.88 28.92 25.31
C ILE F 189 39.57 28.47 24.70
N LYS F 190 38.50 29.17 25.06
CA LYS F 190 37.17 28.85 24.58
C LYS F 190 36.80 29.54 23.27
N ARG F 191 35.99 28.84 22.48
CA ARG F 191 35.52 29.36 21.20
C ARG F 191 34.34 30.26 21.46
N GLU F 192 34.40 31.50 20.99
CA GLU F 192 33.29 32.42 21.16
C GLU F 192 32.14 32.16 20.17
N ASP F 193 31.05 32.90 20.33
CA ASP F 193 29.84 32.74 19.49
C ASP F 193 30.00 33.07 18.01
N GLU F 194 30.51 34.26 17.71
CA GLU F 194 30.67 34.68 16.32
C GLU F 194 31.92 34.10 15.65
N GLU F 195 32.56 33.14 16.32
CA GLU F 195 33.77 32.53 15.77
C GLU F 195 33.53 31.08 15.35
N GLU F 196 33.24 30.90 14.07
CA GLU F 196 32.95 29.58 13.51
C GLU F 196 34.19 28.69 13.49
N SER F 197 33.99 27.38 13.42
CA SER F 197 35.14 26.48 13.39
C SER F 197 35.59 26.31 11.96
N LEU F 198 36.90 26.30 11.74
CA LEU F 198 37.37 26.12 10.38
C LEU F 198 37.22 24.65 10.08
N ASN F 199 36.59 23.94 11.01
CA ASN F 199 36.35 22.53 10.82
C ASN F 199 34.97 22.37 10.20
N GLU F 200 34.24 23.48 10.11
CA GLU F 200 32.92 23.49 9.48
C GLU F 200 33.12 23.28 7.98
N VAL F 201 32.07 22.94 7.26
CA VAL F 201 32.22 22.70 5.83
C VAL F 201 32.20 23.99 5.03
N GLY F 202 33.15 24.12 4.11
CA GLY F 202 33.22 25.29 3.25
C GLY F 202 33.37 24.83 1.80
N TYR F 203 33.38 25.77 0.85
CA TYR F 203 33.49 25.41 -0.54
C TYR F 203 34.84 24.79 -0.85
N ASP F 204 35.81 25.00 0.05
CA ASP F 204 37.16 24.47 -0.16
C ASP F 204 37.24 23.00 0.16
N ASP F 205 36.14 22.46 0.68
CA ASP F 205 36.07 21.06 1.02
C ASP F 205 35.39 20.29 -0.07
N VAL F 206 35.03 20.97 -1.15
CA VAL F 206 34.36 20.30 -2.25
C VAL F 206 35.30 20.38 -3.46
N GLY F 207 35.57 19.24 -4.08
CA GLY F 207 36.43 19.19 -5.25
C GLY F 207 35.71 18.48 -6.38
N GLY F 208 36.06 18.79 -7.61
CA GLY F 208 35.40 18.11 -8.71
C GLY F 208 34.06 18.69 -9.07
N CYS F 209 33.69 19.79 -8.43
CA CYS F 209 32.45 20.47 -8.72
C CYS F 209 32.84 21.91 -8.69
N ARG F 210 32.64 22.59 -9.79
CA ARG F 210 32.96 24.01 -9.87
C ARG F 210 31.78 24.49 -10.66
N LYS F 211 31.57 23.86 -11.80
CA LYS F 211 30.48 24.19 -12.69
C LYS F 211 29.21 24.16 -11.88
N GLN F 212 28.91 22.99 -11.31
CA GLN F 212 27.69 22.85 -10.52
C GLN F 212 27.70 23.71 -9.29
N LEU F 213 28.86 23.78 -8.62
CA LEU F 213 28.96 24.61 -7.43
C LEU F 213 28.69 26.07 -7.79
N ALA F 214 29.00 26.44 -9.03
CA ALA F 214 28.81 27.80 -9.51
C ALA F 214 27.35 28.07 -9.74
N GLN F 215 26.66 27.12 -10.37
CA GLN F 215 25.24 27.30 -10.65
C GLN F 215 24.46 27.55 -9.37
N ILE F 216 24.69 26.69 -8.40
CA ILE F 216 24.03 26.75 -7.12
C ILE F 216 24.33 28.05 -6.41
N LYS F 217 25.59 28.45 -6.43
CA LYS F 217 25.96 29.70 -5.78
C LYS F 217 25.12 30.89 -6.25
N GLU F 218 24.99 31.06 -7.57
CA GLU F 218 24.24 32.18 -8.09
C GLU F 218 22.77 32.05 -7.83
N MET F 219 22.28 30.80 -7.87
CA MET F 219 20.87 30.56 -7.63
C MET F 219 20.46 31.07 -6.26
N VAL F 220 21.23 30.70 -5.25
CA VAL F 220 20.93 31.09 -3.88
C VAL F 220 21.45 32.47 -3.48
N GLU F 221 22.42 32.98 -4.25
CA GLU F 221 23.05 34.27 -3.99
C GLU F 221 22.12 35.38 -3.53
N LEU F 222 21.19 35.77 -4.39
CA LEU F 222 20.26 36.84 -4.04
C LEU F 222 19.29 36.48 -2.91
N PRO F 223 18.54 35.37 -3.03
CA PRO F 223 17.57 34.96 -2.00
C PRO F 223 18.11 34.81 -0.60
N LEU F 224 19.36 34.36 -0.50
CA LEU F 224 19.99 34.12 0.79
C LEU F 224 20.91 35.24 1.27
N ARG F 225 21.41 36.07 0.36
CA ARG F 225 22.32 37.16 0.73
C ARG F 225 21.64 38.52 0.72
N HIS F 226 20.62 38.65 -0.12
CA HIS F 226 19.85 39.90 -0.24
C HIS F 226 18.36 39.62 -0.14
N PRO F 227 17.93 39.08 1.00
CA PRO F 227 16.52 38.78 1.22
C PRO F 227 15.62 39.97 0.89
N ALA F 228 15.93 41.12 1.51
CA ALA F 228 15.19 42.37 1.33
C ALA F 228 14.77 42.60 -0.12
N LEU F 229 15.67 42.24 -1.03
CA LEU F 229 15.43 42.40 -2.45
C LEU F 229 14.05 41.90 -2.79
N PHE F 230 13.84 40.60 -2.65
CA PHE F 230 12.56 39.98 -2.95
C PHE F 230 11.38 40.49 -2.13
N LYS F 231 11.68 41.26 -1.09
CA LYS F 231 10.62 41.82 -0.25
C LYS F 231 9.99 42.94 -1.09
N ALA F 232 10.86 43.71 -1.78
CA ALA F 232 10.46 44.84 -2.63
C ALA F 232 10.39 44.49 -4.11
N ILE F 233 10.47 43.21 -4.43
CA ILE F 233 10.43 42.77 -5.82
C ILE F 233 9.23 41.86 -6.11
N GLY F 234 8.92 41.74 -7.40
CA GLY F 234 7.83 40.88 -7.82
C GLY F 234 8.39 39.68 -8.57
N VAL F 235 9.72 39.61 -8.64
CA VAL F 235 10.38 38.50 -9.32
C VAL F 235 10.37 37.28 -8.43
N LYS F 236 10.31 36.10 -9.04
CA LYS F 236 10.28 34.86 -8.29
C LYS F 236 11.62 34.09 -8.25
N PRO F 237 12.25 34.03 -7.07
CA PRO F 237 13.52 33.33 -6.89
C PRO F 237 13.24 31.84 -6.86
N PRO F 238 14.28 31.01 -6.95
CA PRO F 238 14.05 29.57 -6.91
C PRO F 238 13.76 29.16 -5.47
N ARG F 239 12.93 28.14 -5.30
CA ARG F 239 12.56 27.64 -3.97
C ARG F 239 13.21 26.29 -3.75
N GLY F 240 12.89 25.36 -4.62
CA GLY F 240 13.43 24.01 -4.54
C GLY F 240 14.52 23.71 -5.57
N ILE F 241 15.59 23.11 -5.09
CA ILE F 241 16.68 22.73 -5.93
C ILE F 241 16.87 21.23 -5.73
N LEU F 242 16.88 20.51 -6.83
CA LEU F 242 17.03 19.10 -6.79
C LEU F 242 18.46 18.71 -7.16
N LEU F 243 19.15 18.03 -6.26
CA LEU F 243 20.53 17.59 -6.51
C LEU F 243 20.52 16.09 -6.77
N TYR F 244 20.81 15.69 -8.01
CA TYR F 244 20.84 14.28 -8.34
C TYR F 244 22.23 13.77 -8.68
N GLY F 245 22.49 12.53 -8.32
CA GLY F 245 23.78 11.92 -8.58
C GLY F 245 23.88 10.68 -7.73
N PRO F 246 24.85 9.81 -7.99
CA PRO F 246 25.04 8.58 -7.20
C PRO F 246 25.30 8.91 -5.74
N PRO F 247 25.33 7.89 -4.88
CA PRO F 247 25.59 8.23 -3.48
C PRO F 247 27.04 8.55 -3.20
N GLY F 248 27.27 9.43 -2.23
CA GLY F 248 28.62 9.78 -1.86
C GLY F 248 29.23 10.80 -2.78
N THR F 249 28.40 11.40 -3.62
CA THR F 249 28.82 12.40 -4.57
C THR F 249 29.08 13.78 -3.99
N GLY F 250 28.64 14.01 -2.76
CA GLY F 250 28.87 15.29 -2.11
C GLY F 250 27.68 16.22 -2.03
N LYS F 251 26.49 15.73 -2.36
CA LYS F 251 25.31 16.55 -2.31
C LYS F 251 25.07 17.07 -0.90
N THR F 252 25.09 16.20 0.09
CA THR F 252 24.87 16.66 1.45
C THR F 252 25.94 17.68 1.75
N LEU F 253 27.19 17.32 1.45
CA LEU F 253 28.33 18.19 1.66
C LEU F 253 28.10 19.54 1.03
N ILE F 254 27.68 19.56 -0.24
CA ILE F 254 27.43 20.82 -0.94
C ILE F 254 26.41 21.70 -0.23
N ALA F 255 25.24 21.12 0.04
CA ALA F 255 24.17 21.82 0.71
C ALA F 255 24.60 22.44 2.05
N ARG F 256 25.41 21.72 2.82
CA ARG F 256 25.85 22.20 4.10
C ARG F 256 26.89 23.27 3.90
N ALA F 257 27.70 23.10 2.86
CA ALA F 257 28.76 24.06 2.56
C ALA F 257 28.18 25.37 2.12
N VAL F 258 27.10 25.30 1.35
CA VAL F 258 26.44 26.50 0.84
C VAL F 258 25.77 27.29 1.96
N ALA F 259 25.21 26.57 2.93
CA ALA F 259 24.53 27.19 4.04
C ALA F 259 25.53 27.99 4.87
N ASN F 260 26.58 27.34 5.37
CA ASN F 260 27.60 28.02 6.15
C ASN F 260 28.21 29.19 5.40
N GLU F 261 28.72 28.89 4.20
CA GLU F 261 29.35 29.89 3.37
C GLU F 261 28.47 31.11 3.08
N THR F 262 27.22 31.08 3.49
CA THR F 262 26.35 32.23 3.24
C THR F 262 25.69 32.60 4.53
N GLY F 263 26.18 32.00 5.61
CA GLY F 263 25.63 32.25 6.93
C GLY F 263 24.14 32.00 7.01
N ALA F 264 23.64 31.00 6.30
CA ALA F 264 22.22 30.72 6.36
C ALA F 264 21.95 29.59 7.34
N PHE F 265 20.72 29.54 7.84
CA PHE F 265 20.35 28.50 8.79
C PHE F 265 20.23 27.23 7.96
N PHE F 266 20.73 26.13 8.51
CA PHE F 266 20.71 24.87 7.83
C PHE F 266 19.97 23.83 8.64
N PHE F 267 18.91 23.28 8.06
CA PHE F 267 18.11 22.24 8.71
C PHE F 267 18.18 20.97 7.88
N LEU F 268 18.43 19.86 8.54
CA LEU F 268 18.57 18.57 7.87
C LEU F 268 17.46 17.57 8.14
N ILE F 269 16.90 17.05 7.05
CA ILE F 269 15.83 16.04 7.08
C ILE F 269 16.42 14.79 6.42
N ASN F 270 16.35 13.65 7.07
CA ASN F 270 16.93 12.48 6.45
C ASN F 270 15.85 11.45 6.08
N GLY F 271 15.80 11.04 4.82
CA GLY F 271 14.79 10.08 4.39
C GLY F 271 14.48 8.95 5.35
N PRO F 272 15.48 8.13 5.69
CA PRO F 272 15.30 7.00 6.59
C PRO F 272 14.74 7.43 7.96
N GLU F 273 15.29 8.51 8.49
CA GLU F 273 14.86 9.03 9.77
C GLU F 273 13.34 9.20 9.69
N ILE F 274 12.91 9.96 8.70
CA ILE F 274 11.50 10.27 8.50
C ILE F 274 10.66 9.02 8.35
N MET F 275 11.19 8.04 7.63
CA MET F 275 10.46 6.83 7.37
C MET F 275 10.56 5.79 8.47
N SER F 276 11.32 6.08 9.51
CA SER F 276 11.45 5.13 10.60
C SER F 276 10.32 5.38 11.58
N LYS F 277 9.79 6.60 11.53
CA LYS F 277 8.73 7.01 12.43
C LYS F 277 7.43 6.40 11.94
N LEU F 278 6.40 6.56 12.78
CA LEU F 278 5.06 6.12 12.49
C LEU F 278 4.54 7.29 11.65
N ALA F 279 3.61 7.02 10.74
CA ALA F 279 3.04 8.02 9.82
C ALA F 279 2.76 9.47 10.27
N GLY F 280 1.90 9.66 11.26
CA GLY F 280 1.58 11.00 11.72
C GLY F 280 2.80 11.73 12.23
N GLU F 281 3.66 11.00 12.95
CA GLU F 281 4.90 11.57 13.47
C GLU F 281 5.76 12.13 12.32
N SER F 282 5.86 11.34 11.24
CA SER F 282 6.62 11.72 10.07
C SER F 282 6.17 13.08 9.55
N GLU F 283 4.87 13.24 9.30
CA GLU F 283 4.39 14.52 8.79
C GLU F 283 4.77 15.61 9.75
N SER F 284 4.40 15.39 11.00
CA SER F 284 4.68 16.31 12.08
C SER F 284 6.10 16.86 11.91
N ASN F 285 7.08 15.95 11.83
CA ASN F 285 8.48 16.30 11.68
C ASN F 285 8.70 17.12 10.44
N LEU F 286 8.08 16.69 9.35
CA LEU F 286 8.23 17.44 8.13
C LEU F 286 7.83 18.88 8.32
N ARG F 287 6.57 19.13 8.71
CA ARG F 287 6.17 20.52 8.90
C ARG F 287 7.00 21.21 9.97
N LYS F 288 7.55 20.45 10.92
CA LYS F 288 8.39 21.06 11.95
C LYS F 288 9.65 21.61 11.34
N ALA F 289 10.22 20.87 10.39
CA ALA F 289 11.44 21.31 9.72
C ALA F 289 11.20 22.63 8.99
N PHE F 290 10.12 22.66 8.21
CA PHE F 290 9.78 23.85 7.49
C PHE F 290 9.45 25.00 8.45
N GLU F 291 8.82 24.67 9.56
CA GLU F 291 8.48 25.67 10.55
C GLU F 291 9.76 26.28 11.13
N GLU F 292 10.60 25.43 11.70
CA GLU F 292 11.84 25.93 12.28
C GLU F 292 12.68 26.67 11.24
N ALA F 293 12.65 26.20 10.01
CA ALA F 293 13.43 26.85 8.98
C ALA F 293 12.98 28.29 8.77
N GLU F 294 11.68 28.49 8.59
CA GLU F 294 11.20 29.85 8.39
C GLU F 294 11.50 30.78 9.58
N LYS F 295 11.50 30.25 10.80
CA LYS F 295 11.78 31.10 11.93
C LYS F 295 13.20 31.67 11.88
N ASN F 296 14.15 30.87 11.45
CA ASN F 296 15.52 31.38 11.39
C ASN F 296 16.01 31.77 10.01
N ALA F 297 15.10 32.09 9.10
CA ALA F 297 15.50 32.47 7.75
C ALA F 297 16.45 33.67 7.75
N PRO F 298 17.27 33.83 6.70
CA PRO F 298 17.33 32.92 5.56
C PRO F 298 17.77 31.52 5.98
N ALA F 299 17.16 30.50 5.37
CA ALA F 299 17.50 29.12 5.69
C ALA F 299 17.53 28.23 4.45
N ILE F 300 18.17 27.08 4.61
CA ILE F 300 18.26 26.07 3.56
C ILE F 300 17.82 24.76 4.20
N ILE F 301 16.75 24.20 3.68
CA ILE F 301 16.29 22.91 4.18
C ILE F 301 16.87 21.85 3.25
N PHE F 302 17.56 20.88 3.81
CA PHE F 302 18.13 19.82 3.00
C PHE F 302 17.53 18.48 3.32
N ILE F 303 16.85 17.93 2.32
CA ILE F 303 16.23 16.63 2.43
C ILE F 303 17.22 15.64 1.82
N ASP F 304 17.82 14.83 2.67
CA ASP F 304 18.78 13.84 2.24
C ASP F 304 18.00 12.57 1.98
N GLU F 305 18.22 11.97 0.81
CA GLU F 305 17.54 10.74 0.46
C GLU F 305 16.07 10.97 0.30
N LEU F 306 15.74 11.92 -0.57
CA LEU F 306 14.36 12.29 -0.88
C LEU F 306 13.59 11.13 -1.48
N ASP F 307 14.29 10.31 -2.26
CA ASP F 307 13.66 9.16 -2.91
C ASP F 307 13.20 8.15 -1.89
N ALA F 308 13.70 8.28 -0.66
CA ALA F 308 13.32 7.37 0.40
C ALA F 308 11.93 7.75 0.91
N ILE F 309 11.55 8.99 0.69
CA ILE F 309 10.27 9.51 1.15
C ILE F 309 9.25 9.61 0.03
N ALA F 310 9.69 10.13 -1.12
CA ALA F 310 8.78 10.31 -2.24
C ALA F 310 9.26 9.57 -3.45
N PRO F 311 9.12 8.24 -3.44
CA PRO F 311 9.55 7.41 -4.56
C PRO F 311 8.64 7.67 -5.76
N LYS F 312 9.03 7.17 -6.93
CA LYS F 312 8.26 7.33 -8.17
C LYS F 312 6.77 6.96 -8.03
N ARG F 313 5.96 7.40 -8.99
CA ARG F 313 4.52 7.14 -9.00
C ARG F 313 4.12 5.71 -8.64
N GLU F 314 4.78 4.72 -9.26
CA GLU F 314 4.45 3.32 -9.01
C GLU F 314 5.35 2.59 -8.02
N LYS F 315 5.66 3.26 -6.92
CA LYS F 315 6.47 2.68 -5.86
C LYS F 315 5.65 2.94 -4.59
N THR F 316 4.48 3.53 -4.82
CA THR F 316 3.52 3.86 -3.77
C THR F 316 3.00 2.56 -3.17
N HIS F 317 3.05 2.43 -1.85
CA HIS F 317 2.58 1.20 -1.23
C HIS F 317 1.49 1.29 -0.18
N GLY F 318 0.99 2.47 0.11
CA GLY F 318 -0.06 2.54 1.13
C GLY F 318 -0.38 3.91 1.69
N GLU F 319 -1.56 4.00 2.28
CA GLU F 319 -2.10 5.22 2.88
C GLU F 319 -1.07 6.02 3.67
N VAL F 320 -0.01 5.36 4.10
CA VAL F 320 1.03 6.01 4.90
C VAL F 320 2.17 6.51 4.01
N GLU F 321 2.54 5.69 3.06
CA GLU F 321 3.59 6.03 2.13
C GLU F 321 3.16 7.31 1.41
N ARG F 322 2.06 7.21 0.66
CA ARG F 322 1.57 8.36 -0.07
C ARG F 322 1.07 9.51 0.81
N ARG F 323 0.88 9.29 2.09
CA ARG F 323 0.39 10.37 2.95
C ARG F 323 1.52 11.34 3.28
N ILE F 324 2.75 10.82 3.35
CA ILE F 324 3.90 11.66 3.66
C ILE F 324 4.32 12.53 2.48
N VAL F 325 4.41 11.93 1.30
CA VAL F 325 4.77 12.66 0.10
C VAL F 325 3.79 13.80 -0.03
N SER F 326 2.51 13.49 0.16
CA SER F 326 1.51 14.51 0.06
C SER F 326 1.83 15.66 0.98
N GLN F 327 2.21 15.34 2.21
CA GLN F 327 2.59 16.33 3.19
C GLN F 327 3.76 17.19 2.70
N LEU F 328 4.75 16.55 2.08
CA LEU F 328 5.92 17.25 1.57
C LEU F 328 5.58 18.19 0.42
N LEU F 329 4.63 17.77 -0.43
CA LEU F 329 4.19 18.59 -1.57
C LEU F 329 3.46 19.81 -1.05
N THR F 330 2.57 19.61 -0.06
CA THR F 330 1.79 20.71 0.53
C THR F 330 2.73 21.75 1.10
N LEU F 331 3.69 21.29 1.89
CA LEU F 331 4.65 22.19 2.50
C LEU F 331 5.36 23.03 1.45
N MET F 332 5.69 22.41 0.33
CA MET F 332 6.38 23.09 -0.76
C MET F 332 5.54 24.15 -1.44
N ASP F 333 4.22 23.95 -1.48
CA ASP F 333 3.36 24.92 -2.13
C ASP F 333 3.06 26.09 -1.23
N GLY F 334 3.08 25.85 0.08
CA GLY F 334 2.78 26.92 1.03
C GLY F 334 4.00 27.73 1.38
N LEU F 335 5.14 27.26 0.90
CA LEU F 335 6.38 27.94 1.17
C LEU F 335 6.44 29.21 0.34
N LYS F 336 6.22 30.35 0.99
CA LYS F 336 6.24 31.63 0.29
C LYS F 336 7.61 32.26 0.18
N GLN F 337 7.76 33.22 -0.73
CA GLN F 337 9.02 33.92 -0.95
C GLN F 337 9.54 34.61 0.29
N ARG F 338 8.83 35.68 0.65
CA ARG F 338 9.15 36.50 1.81
C ARG F 338 9.76 35.68 2.94
N ALA F 339 9.58 34.36 2.87
CA ALA F 339 10.12 33.44 3.87
C ALA F 339 11.65 33.38 3.85
N HIS F 340 12.22 33.37 2.64
CA HIS F 340 13.68 33.31 2.46
C HIS F 340 14.19 31.89 2.73
N VAL F 341 13.48 30.90 2.20
CA VAL F 341 13.89 29.53 2.39
C VAL F 341 14.14 28.87 1.05
N ILE F 342 15.16 28.04 1.02
CA ILE F 342 15.50 27.30 -0.17
C ILE F 342 15.58 25.85 0.25
N VAL F 343 14.77 25.01 -0.36
CA VAL F 343 14.83 23.62 0.00
C VAL F 343 15.62 22.82 -1.05
N MET F 344 16.70 22.22 -0.61
CA MET F 344 17.51 21.40 -1.47
C MET F 344 17.16 19.95 -1.17
N ALA F 345 17.20 19.10 -2.18
CA ALA F 345 16.90 17.69 -1.94
C ALA F 345 17.82 16.92 -2.84
N ALA F 346 18.26 15.78 -2.36
CA ALA F 346 19.19 14.94 -3.09
C ALA F 346 18.53 13.61 -3.42
N THR F 347 18.78 13.10 -4.63
CA THR F 347 18.24 11.82 -5.06
C THR F 347 19.23 11.20 -6.04
N ASN F 348 19.03 9.94 -6.44
CA ASN F 348 19.98 9.34 -7.37
C ASN F 348 19.77 9.76 -8.82
N ARG F 349 18.53 9.98 -9.21
CA ARG F 349 18.21 10.39 -10.57
C ARG F 349 16.73 10.72 -10.68
N PRO F 350 16.35 11.52 -11.68
CA PRO F 350 14.97 11.92 -11.93
C PRO F 350 13.92 10.85 -11.61
N ASN F 351 13.93 9.78 -12.39
CA ASN F 351 12.98 8.68 -12.26
C ASN F 351 12.65 8.29 -10.83
N SER F 352 13.68 8.32 -9.99
CA SER F 352 13.58 7.95 -8.58
C SER F 352 12.40 8.60 -7.83
N ILE F 353 12.32 9.92 -7.95
CA ILE F 353 11.30 10.75 -7.32
C ILE F 353 9.91 10.72 -7.96
N ASP F 354 8.93 11.20 -7.21
CA ASP F 354 7.56 11.30 -7.68
C ASP F 354 7.52 12.56 -8.55
N PRO F 355 7.05 12.43 -9.80
CA PRO F 355 6.94 13.52 -10.79
C PRO F 355 6.35 14.80 -10.26
N ALA F 356 5.44 14.68 -9.30
CA ALA F 356 4.79 15.86 -8.75
C ALA F 356 5.68 16.81 -7.96
N LEU F 357 6.85 16.33 -7.53
CA LEU F 357 7.75 17.17 -6.76
C LEU F 357 8.46 18.14 -7.68
N ARG F 358 8.25 17.96 -8.98
CA ARG F 358 8.84 18.83 -9.98
C ARG F 358 7.89 19.90 -10.53
N ARG F 359 6.64 19.91 -10.07
CA ARG F 359 5.68 20.91 -10.54
C ARG F 359 6.35 22.27 -10.35
N PHE F 360 6.09 23.20 -11.25
CA PHE F 360 6.75 24.48 -11.20
C PHE F 360 6.99 25.20 -9.87
N GLY F 361 6.06 25.18 -8.95
CA GLY F 361 6.34 25.85 -7.69
C GLY F 361 7.13 25.01 -6.68
N ARG F 362 7.60 23.83 -7.11
CA ARG F 362 8.33 22.92 -6.23
C ARG F 362 9.80 22.80 -6.62
N PHE F 363 10.31 21.59 -6.70
CA PHE F 363 11.71 21.39 -7.10
C PHE F 363 11.85 21.60 -8.62
N ASP F 364 11.64 22.85 -9.02
CA ASP F 364 11.72 23.29 -10.40
C ASP F 364 13.15 23.37 -10.98
N ARG F 365 14.16 23.51 -10.13
CA ARG F 365 15.54 23.59 -10.60
C ARG F 365 16.30 22.31 -10.25
N GLU F 366 17.02 21.76 -11.23
CA GLU F 366 17.79 20.54 -11.04
C GLU F 366 19.24 20.80 -11.31
N VAL F 367 20.12 20.10 -10.61
CA VAL F 367 21.55 20.23 -10.80
C VAL F 367 22.15 18.85 -10.71
N ASP F 368 22.92 18.49 -11.74
CA ASP F 368 23.56 17.20 -11.81
C ASP F 368 24.95 17.24 -11.24
N ILE F 369 25.17 16.39 -10.25
CA ILE F 369 26.45 16.29 -9.59
C ILE F 369 26.85 14.83 -9.73
N GLY F 370 27.46 14.48 -10.85
CA GLY F 370 27.81 13.09 -11.04
C GLY F 370 29.09 12.67 -10.38
N ILE F 371 29.73 11.69 -10.99
CA ILE F 371 30.98 11.11 -10.52
C ILE F 371 32.10 12.03 -11.02
N PRO F 372 33.19 12.14 -10.26
CA PRO F 372 34.29 13.00 -10.69
C PRO F 372 35.19 12.38 -11.79
N ASP F 373 35.83 13.23 -12.58
CA ASP F 373 36.73 12.81 -13.64
C ASP F 373 38.10 12.81 -12.97
N ALA F 374 39.13 12.30 -13.65
CA ALA F 374 40.46 12.27 -13.04
C ALA F 374 40.87 13.61 -12.41
N THR F 375 40.66 14.70 -13.13
CA THR F 375 40.99 16.04 -12.63
C THR F 375 40.24 16.26 -11.33
N GLY F 376 38.94 15.97 -11.37
CA GLY F 376 38.08 16.15 -10.22
C GLY F 376 38.52 15.27 -9.08
N ARG F 377 38.78 14.01 -9.37
CA ARG F 377 39.20 13.09 -8.34
C ARG F 377 40.48 13.54 -7.64
N LEU F 378 41.36 14.21 -8.38
CA LEU F 378 42.63 14.65 -7.82
C LEU F 378 42.33 15.66 -6.74
N GLU F 379 41.49 16.64 -7.09
CA GLU F 379 41.04 17.71 -6.22
C GLU F 379 40.65 17.14 -4.84
N ILE F 380 39.76 16.15 -4.88
CA ILE F 380 39.26 15.47 -3.70
C ILE F 380 40.35 14.82 -2.85
N LEU F 381 41.24 14.08 -3.52
CA LEU F 381 42.34 13.42 -2.84
C LEU F 381 43.20 14.44 -2.08
N GLN F 382 43.46 15.58 -2.71
CA GLN F 382 44.26 16.62 -2.09
C GLN F 382 43.54 17.20 -0.88
N ILE F 383 42.21 17.26 -0.94
CA ILE F 383 41.43 17.77 0.19
C ILE F 383 41.45 16.82 1.38
N HIS F 384 41.38 15.51 1.13
CA HIS F 384 41.37 14.53 2.18
C HIS F 384 42.71 14.03 2.61
N THR F 385 43.74 14.82 2.36
CA THR F 385 45.09 14.47 2.76
C THR F 385 45.73 15.75 3.28
N LYS F 386 45.02 16.87 3.17
CA LYS F 386 45.52 18.14 3.67
C LYS F 386 46.03 18.06 5.12
N ASN F 387 45.40 17.24 5.95
CA ASN F 387 45.79 17.12 7.35
C ASN F 387 46.86 16.08 7.65
N MET F 388 47.37 15.41 6.62
CA MET F 388 48.41 14.42 6.87
C MET F 388 49.76 14.68 6.21
N LYS F 389 50.74 13.84 6.55
CA LYS F 389 52.09 13.94 6.02
C LYS F 389 52.29 12.87 4.94
N LEU F 390 52.30 13.28 3.68
CA LEU F 390 52.50 12.31 2.61
C LEU F 390 53.96 12.14 2.24
N ALA F 391 54.38 10.91 2.09
CA ALA F 391 55.74 10.63 1.70
C ALA F 391 55.96 11.33 0.37
N ASP F 392 57.21 11.63 0.06
CA ASP F 392 57.47 12.32 -1.19
C ASP F 392 57.31 11.41 -2.38
N ASP F 393 57.12 10.12 -2.14
CA ASP F 393 56.92 9.19 -3.24
C ASP F 393 55.44 9.03 -3.56
N VAL F 394 54.59 9.79 -2.86
CA VAL F 394 53.15 9.69 -3.08
C VAL F 394 52.72 10.50 -4.29
N ASP F 395 52.10 9.81 -5.25
CA ASP F 395 51.61 10.42 -6.48
C ASP F 395 50.09 10.36 -6.51
N LEU F 396 49.45 11.41 -6.03
CA LEU F 396 48.01 11.44 -6.00
C LEU F 396 47.38 11.36 -7.37
N GLU F 397 47.98 12.03 -8.35
CA GLU F 397 47.39 12.01 -9.68
C GLU F 397 47.33 10.58 -10.20
N GLN F 398 48.35 9.81 -9.86
CA GLN F 398 48.42 8.43 -10.28
C GLN F 398 47.25 7.73 -9.65
N VAL F 399 47.02 8.04 -8.37
CA VAL F 399 45.90 7.44 -7.62
C VAL F 399 44.59 7.75 -8.29
N ALA F 400 44.40 9.03 -8.66
CA ALA F 400 43.18 9.50 -9.33
C ALA F 400 42.97 8.82 -10.68
N ASN F 401 44.04 8.36 -11.29
CA ASN F 401 43.89 7.73 -12.57
C ASN F 401 43.35 6.32 -12.50
N GLU F 402 43.71 5.61 -11.44
CA GLU F 402 43.23 4.24 -11.29
C GLU F 402 41.96 4.27 -10.47
N THR F 403 41.30 5.42 -10.47
CA THR F 403 40.10 5.60 -9.66
C THR F 403 38.81 5.91 -10.40
N HIS F 404 38.75 5.65 -11.70
CA HIS F 404 37.52 5.95 -12.40
C HIS F 404 36.37 5.19 -11.75
N GLY F 405 35.20 5.82 -11.65
CA GLY F 405 34.08 5.13 -11.06
C GLY F 405 33.90 5.48 -9.59
N HIS F 406 35.01 5.71 -8.88
CA HIS F 406 34.91 6.09 -7.48
C HIS F 406 34.34 7.47 -7.37
N VAL F 407 33.63 7.68 -6.29
CA VAL F 407 33.04 8.97 -6.01
C VAL F 407 33.80 9.59 -4.84
N GLY F 408 33.36 10.78 -4.44
CA GLY F 408 34.02 11.44 -3.34
C GLY F 408 34.11 10.61 -2.08
N ALA F 409 33.00 10.02 -1.65
CA ALA F 409 33.02 9.23 -0.44
C ALA F 409 34.06 8.11 -0.52
N ASP F 410 34.22 7.54 -1.72
CA ASP F 410 35.19 6.48 -1.95
C ASP F 410 36.62 6.96 -1.70
N LEU F 411 36.95 8.09 -2.32
CA LEU F 411 38.29 8.63 -2.18
C LEU F 411 38.57 8.94 -0.72
N ALA F 412 37.59 9.55 -0.07
CA ALA F 412 37.68 9.91 1.33
C ALA F 412 37.98 8.67 2.14
N ALA F 413 37.30 7.58 1.84
CA ALA F 413 37.56 6.37 2.57
C ALA F 413 38.91 5.82 2.16
N LEU F 414 39.21 5.88 0.86
CA LEU F 414 40.49 5.38 0.33
C LEU F 414 41.63 5.95 1.12
N CYS F 415 41.57 7.24 1.38
CA CYS F 415 42.61 7.89 2.15
C CYS F 415 42.71 7.31 3.55
N SER F 416 41.58 7.28 4.27
CA SER F 416 41.58 6.75 5.62
C SER F 416 42.25 5.40 5.66
N GLU F 417 41.99 4.58 4.66
CA GLU F 417 42.60 3.27 4.65
C GLU F 417 44.10 3.39 4.60
N ALA F 418 44.60 4.25 3.71
CA ALA F 418 46.03 4.48 3.55
C ALA F 418 46.63 4.89 4.88
N ALA F 419 46.05 5.91 5.50
CA ALA F 419 46.51 6.42 6.78
C ALA F 419 46.46 5.35 7.88
N LEU F 420 45.51 4.44 7.80
CA LEU F 420 45.40 3.40 8.82
C LEU F 420 46.46 2.35 8.55
N GLN F 421 46.71 2.08 7.27
CA GLN F 421 47.70 1.09 6.88
C GLN F 421 49.08 1.61 7.28
N ALA F 422 49.22 2.93 7.29
CA ALA F 422 50.48 3.53 7.70
C ALA F 422 50.59 3.29 9.20
N ILE F 423 49.62 3.76 9.96
CA ILE F 423 49.66 3.57 11.39
C ILE F 423 49.87 2.12 11.78
N ARG F 424 49.06 1.22 11.25
CA ARG F 424 49.22 -0.17 11.62
C ARG F 424 50.66 -0.64 11.52
N LYS F 425 51.36 -0.18 10.49
CA LYS F 425 52.75 -0.58 10.31
C LYS F 425 53.71 0.02 11.33
N LYS F 426 53.69 1.33 11.49
CA LYS F 426 54.62 1.96 12.39
C LYS F 426 54.14 1.99 13.84
N MET F 427 52.83 1.87 14.05
CA MET F 427 52.30 1.91 15.40
C MET F 427 52.39 0.58 16.12
N ASP F 428 52.07 -0.49 15.39
CA ASP F 428 52.06 -1.83 15.92
C ASP F 428 53.32 -2.22 16.70
N LEU F 429 54.47 -2.09 16.05
CA LEU F 429 55.71 -2.47 16.70
C LEU F 429 56.43 -1.36 17.45
N ILE F 430 56.24 -0.12 17.02
CA ILE F 430 56.94 0.97 17.65
C ILE F 430 56.26 1.53 18.90
N ASP F 431 55.82 0.65 19.77
CA ASP F 431 55.18 1.03 21.02
C ASP F 431 54.61 2.45 21.04
N LEU F 432 53.94 2.85 19.96
CA LEU F 432 53.35 4.19 19.87
C LEU F 432 51.87 4.20 20.28
N GLU F 433 51.49 3.27 21.16
CA GLU F 433 50.11 3.15 21.64
C GLU F 433 49.96 3.56 23.12
N ASP F 434 48.81 4.14 23.47
CA ASP F 434 48.52 4.57 24.85
C ASP F 434 47.07 5.07 25.00
N GLU F 435 46.64 5.31 26.23
CA GLU F 435 45.28 5.79 26.49
C GLU F 435 45.15 7.27 26.14
N THR F 436 45.96 7.69 25.18
CA THR F 436 46.01 9.06 24.68
C THR F 436 47.08 9.08 23.59
N ILE F 437 47.06 10.11 22.74
CA ILE F 437 48.03 10.18 21.66
C ILE F 437 49.01 11.35 21.73
N ASP F 438 50.22 11.11 21.22
CA ASP F 438 51.24 12.15 21.21
C ASP F 438 51.19 12.85 19.86
N ALA F 439 50.91 14.15 19.91
CA ALA F 439 50.83 14.99 18.72
C ALA F 439 52.04 14.78 17.83
N GLU F 440 53.23 14.75 18.43
CA GLU F 440 54.48 14.53 17.69
C GLU F 440 54.52 13.17 17.00
N VAL F 441 54.21 12.11 17.73
CA VAL F 441 54.19 10.76 17.16
C VAL F 441 53.40 10.72 15.86
N MET F 442 52.19 11.30 15.89
CA MET F 442 51.32 11.34 14.72
C MET F 442 51.90 12.19 13.61
N ASN F 443 52.45 13.34 14.03
CA ASN F 443 53.04 14.33 13.13
C ASN F 443 54.25 13.81 12.34
N SER F 444 54.93 12.82 12.91
CA SER F 444 56.09 12.23 12.28
C SER F 444 55.68 11.19 11.24
N LEU F 445 54.66 10.41 11.58
CA LEU F 445 54.13 9.36 10.69
C LEU F 445 53.76 9.88 9.29
N ALA F 446 54.26 9.22 8.26
CA ALA F 446 53.99 9.63 6.88
C ALA F 446 53.48 8.51 5.96
N VAL F 447 52.40 8.80 5.25
CA VAL F 447 51.82 7.82 4.34
C VAL F 447 52.58 7.70 3.01
N THR F 448 53.11 6.51 2.75
CA THR F 448 53.86 6.25 1.54
C THR F 448 52.93 5.83 0.41
N MET F 449 53.43 5.92 -0.81
CA MET F 449 52.65 5.57 -1.98
C MET F 449 52.26 4.11 -1.91
N ASP F 450 53.04 3.36 -1.12
CA ASP F 450 52.82 1.93 -0.94
C ASP F 450 51.46 1.75 -0.24
N ASP F 451 51.21 2.58 0.76
CA ASP F 451 49.97 2.54 1.49
C ASP F 451 48.80 2.78 0.56
N PHE F 452 48.94 3.69 -0.39
CA PHE F 452 47.83 3.92 -1.33
C PHE F 452 47.68 2.74 -2.30
N ARG F 453 48.79 2.10 -2.68
CA ARG F 453 48.72 0.95 -3.58
C ARG F 453 47.97 -0.15 -2.80
N TRP F 454 48.17 -0.18 -1.49
CA TRP F 454 47.48 -1.16 -0.67
C TRP F 454 45.98 -0.87 -0.52
N ALA F 455 45.64 0.38 -0.23
CA ALA F 455 44.26 0.79 -0.08
C ALA F 455 43.49 0.44 -1.35
N LEU F 456 44.09 0.70 -2.51
CA LEU F 456 43.45 0.40 -3.78
C LEU F 456 43.20 -1.09 -3.95
N SER F 457 44.20 -1.91 -3.64
CA SER F 457 44.06 -3.36 -3.79
C SER F 457 42.96 -3.94 -2.90
N GLN F 458 42.12 -3.09 -2.36
CA GLN F 458 41.03 -3.55 -1.52
C GLN F 458 39.71 -3.38 -2.26
N PHE G 10 69.00 35.94 37.38
CA PHE G 10 68.63 35.98 38.83
C PHE G 10 67.99 37.32 39.20
N THR G 11 67.76 38.17 38.20
CA THR G 11 67.13 39.48 38.42
C THR G 11 66.18 39.81 37.25
N GLY G 12 65.83 38.75 36.51
CA GLY G 12 64.93 38.78 35.34
C GLY G 12 65.43 39.42 34.04
N GLU G 13 64.55 39.39 33.03
CA GLU G 13 64.81 39.93 31.69
C GLU G 13 66.09 39.44 31.01
N GLY G 14 66.03 38.23 30.49
CA GLY G 14 67.16 37.62 29.79
C GLY G 14 66.67 37.23 28.41
N GLN G 15 67.48 37.48 27.39
CA GLN G 15 67.11 37.12 26.03
C GLN G 15 67.70 35.72 25.84
N LYS G 16 66.95 34.82 25.19
CA LYS G 16 67.45 33.46 24.97
C LYS G 16 68.54 33.41 23.91
N LEU G 17 69.39 32.39 23.98
CA LEU G 17 70.48 32.24 23.02
C LEU G 17 70.12 31.30 21.89
N GLY G 18 69.19 31.73 21.04
CA GLY G 18 68.72 30.93 19.91
C GLY G 18 69.72 30.81 18.76
N SER G 19 69.57 29.73 17.98
CA SER G 19 70.44 29.45 16.83
C SER G 19 70.42 30.50 15.71
N THR G 20 69.47 31.42 15.74
CA THR G 20 69.43 32.43 14.68
C THR G 20 70.70 33.28 14.71
N ALA G 21 71.11 33.77 13.54
CA ALA G 21 72.30 34.61 13.41
C ALA G 21 72.22 35.88 14.25
N PRO G 22 73.36 36.32 14.77
CA PRO G 22 73.38 37.53 15.57
C PRO G 22 72.76 38.70 14.78
N GLN G 23 72.22 39.68 15.49
CA GLN G 23 71.56 40.82 14.86
C GLN G 23 72.38 42.12 14.83
N VAL G 24 72.11 42.96 13.83
CA VAL G 24 72.80 44.25 13.68
C VAL G 24 71.75 45.35 13.91
N LEU G 25 71.91 46.13 14.97
CA LEU G 25 70.93 47.18 15.27
C LEU G 25 71.20 48.49 14.54
N ASN G 26 70.80 49.63 15.10
CA ASN G 26 71.03 50.90 14.42
C ASN G 26 72.39 51.52 14.74
N THR G 27 73.38 51.23 13.90
CA THR G 27 74.77 51.70 14.07
C THR G 27 74.94 53.14 13.69
N SER G 28 73.99 53.56 12.87
CA SER G 28 73.90 54.89 12.35
C SER G 28 73.05 55.71 13.29
N SER G 29 73.55 56.91 13.51
CA SER G 29 72.88 57.84 14.35
C SER G 29 71.70 58.36 13.54
N PRO G 30 70.69 58.86 14.25
CA PRO G 30 69.45 59.42 13.70
C PRO G 30 69.76 60.35 12.52
N ALA G 31 70.82 61.15 12.63
CA ALA G 31 71.23 62.07 11.57
C ALA G 31 71.90 61.32 10.43
N GLN G 32 72.75 60.36 10.80
CA GLN G 32 73.50 59.56 9.84
C GLN G 32 72.68 58.73 8.85
N GLN G 33 71.49 58.30 9.26
CA GLN G 33 70.65 57.49 8.41
C GLN G 33 69.96 58.23 7.27
N ALA G 34 69.86 59.55 7.37
CA ALA G 34 69.22 60.32 6.31
C ALA G 34 70.24 60.52 5.21
N GLU G 35 71.48 60.70 5.65
CA GLU G 35 72.57 60.88 4.73
C GLU G 35 72.85 59.51 4.12
N ASN G 36 72.59 58.47 4.90
CA ASN G 36 72.81 57.11 4.42
C ASN G 36 71.81 56.73 3.32
N GLU G 37 70.60 57.30 3.36
CA GLU G 37 69.64 57.01 2.31
C GLU G 37 70.00 57.91 1.14
N ALA G 38 70.36 59.15 1.48
CA ALA G 38 70.74 60.16 0.48
C ALA G 38 71.72 59.57 -0.53
N LYS G 39 72.71 58.84 -0.02
CA LYS G 39 73.71 58.22 -0.88
C LYS G 39 73.00 57.28 -1.82
N ALA G 40 72.37 56.28 -1.24
CA ALA G 40 71.62 55.28 -1.96
C ALA G 40 70.72 55.93 -3.04
N SER G 41 69.89 56.87 -2.61
CA SER G 41 68.95 57.59 -3.49
C SER G 41 69.67 58.31 -4.62
N SER G 42 70.83 58.87 -4.29
CA SER G 42 71.63 59.57 -5.28
C SER G 42 72.52 58.57 -6.02
N SER G 43 73.44 57.96 -5.26
CA SER G 43 74.46 56.95 -5.66
C SER G 43 74.48 56.12 -6.90
N ILE G 44 73.29 55.76 -7.35
CA ILE G 44 73.16 54.93 -8.53
C ILE G 44 72.23 55.55 -9.56
N LEU G 45 72.52 55.14 -10.79
CA LEU G 45 71.91 55.59 -12.03
C LEU G 45 70.46 55.39 -12.40
N ILE G 46 69.81 56.50 -12.71
CA ILE G 46 68.41 56.50 -13.11
C ILE G 46 68.25 57.25 -14.42
N ASN G 47 68.23 56.51 -15.51
CA ASN G 47 68.11 57.16 -16.77
C ASN G 47 66.63 57.06 -17.13
N GLU G 48 66.00 58.23 -17.07
CA GLU G 48 64.58 58.37 -17.30
C GLU G 48 64.09 57.76 -18.60
N ALA G 49 64.94 57.78 -19.62
CA ALA G 49 64.55 57.23 -20.90
C ALA G 49 64.53 55.70 -20.99
N GLU G 50 64.62 55.01 -19.85
CA GLU G 50 64.52 53.55 -19.80
C GLU G 50 63.48 53.25 -18.72
N PRO G 51 62.36 52.60 -19.10
CA PRO G 51 61.26 52.24 -18.18
C PRO G 51 61.68 51.65 -16.84
N THR G 52 61.08 52.20 -15.79
CA THR G 52 61.35 51.84 -14.39
C THR G 52 60.91 50.49 -13.79
N THR G 53 61.12 50.40 -12.47
CA THR G 53 60.76 49.28 -11.58
C THR G 53 60.90 49.82 -10.17
N ASN G 54 60.22 49.19 -9.22
CA ASN G 54 60.27 49.63 -7.82
C ASN G 54 60.52 48.51 -6.84
N ILE G 55 61.49 48.70 -5.97
CA ILE G 55 61.83 47.68 -4.99
C ILE G 55 61.57 48.16 -3.59
N GLN G 56 61.13 47.23 -2.75
CA GLN G 56 60.86 47.53 -1.35
C GLN G 56 61.70 46.54 -0.55
N ILE G 57 62.68 47.05 0.19
CA ILE G 57 63.57 46.19 0.98
C ILE G 57 63.10 45.96 2.39
N ARG G 58 63.11 44.69 2.77
CA ARG G 58 62.70 44.27 4.09
C ARG G 58 63.96 43.87 4.84
N LEU G 59 64.56 44.84 5.50
CA LEU G 59 65.78 44.63 6.26
C LEU G 59 65.44 43.93 7.57
N ALA G 60 66.43 43.24 8.10
CA ALA G 60 66.27 42.55 9.35
C ALA G 60 66.57 43.53 10.50
N ASP G 61 67.02 44.74 10.15
CA ASP G 61 67.40 45.77 11.13
C ASP G 61 66.41 46.03 12.28
N GLY G 62 65.14 45.66 12.03
CA GLY G 62 64.07 45.71 13.02
C GLY G 62 62.74 45.68 12.29
N GLY G 63 62.80 45.65 10.96
CA GLY G 63 61.60 45.78 10.15
C GLY G 63 61.70 47.18 9.47
N ARG G 64 62.82 47.38 8.77
CA ARG G 64 63.11 48.63 8.08
C ARG G 64 62.93 48.32 6.62
N LEU G 65 62.25 49.26 5.98
CA LEU G 65 61.92 49.14 4.58
C LEU G 65 62.25 50.41 3.80
N VAL G 66 63.05 50.26 2.76
CA VAL G 66 63.41 51.37 1.90
C VAL G 66 63.04 50.94 0.48
N GLN G 67 62.52 51.86 -0.33
CA GLN G 67 62.13 51.56 -1.71
C GLN G 67 62.92 52.32 -2.76
N LYS G 68 62.56 52.13 -4.04
CA LYS G 68 63.14 52.81 -5.20
C LYS G 68 63.88 51.95 -6.22
N PHE G 69 64.30 52.63 -7.29
CA PHE G 69 65.09 52.07 -8.40
C PHE G 69 64.78 52.48 -9.81
N ASN G 70 65.60 51.93 -10.69
CA ASN G 70 65.53 52.21 -12.12
C ASN G 70 65.49 50.97 -13.00
N HIS G 71 64.88 51.18 -14.17
CA HIS G 71 64.66 50.23 -15.26
C HIS G 71 65.16 48.80 -15.20
N SER G 72 66.42 48.59 -15.55
CA SER G 72 66.98 47.25 -15.52
C SER G 72 68.30 47.40 -14.80
N HIS G 73 68.39 46.73 -13.67
CA HIS G 73 69.59 46.78 -12.88
C HIS G 73 69.87 45.37 -12.41
N ARG G 74 70.52 45.22 -11.26
CA ARG G 74 70.84 43.88 -10.80
C ARG G 74 70.50 43.64 -9.35
N ILE G 75 70.48 42.36 -8.99
CA ILE G 75 70.19 41.97 -7.62
C ILE G 75 71.38 42.46 -6.78
N SER G 76 72.57 42.31 -7.34
CA SER G 76 73.77 42.76 -6.64
C SER G 76 73.72 44.27 -6.45
N ASP G 77 73.08 44.98 -7.37
CA ASP G 77 72.98 46.43 -7.25
C ASP G 77 72.13 46.80 -6.05
N ILE G 78 71.19 45.92 -5.71
CA ILE G 78 70.33 46.12 -4.54
C ILE G 78 71.19 45.85 -3.30
N ARG G 79 72.01 44.80 -3.39
CA ARG G 79 72.90 44.45 -2.30
C ARG G 79 73.87 45.63 -2.10
N LEU G 80 74.10 46.38 -3.17
CA LEU G 80 74.98 47.54 -3.09
C LEU G 80 74.21 48.70 -2.45
N PHE G 81 72.93 48.78 -2.74
CA PHE G 81 72.10 49.85 -2.19
C PHE G 81 71.99 49.67 -0.68
N ILE G 82 71.85 48.43 -0.24
CA ILE G 82 71.71 48.13 1.19
C ILE G 82 72.92 48.65 1.94
N VAL G 83 74.10 48.34 1.42
CA VAL G 83 75.35 48.76 2.05
C VAL G 83 75.47 50.29 2.00
N ASP G 84 75.18 50.86 0.84
CA ASP G 84 75.23 52.31 0.67
C ASP G 84 74.21 52.97 1.60
N ALA G 85 73.03 52.38 1.71
CA ALA G 85 71.98 52.91 2.57
C ALA G 85 72.33 52.74 4.05
N ARG G 86 73.24 51.83 4.34
CA ARG G 86 73.66 51.63 5.72
C ARG G 86 74.97 50.87 5.84
N PRO G 87 75.91 51.44 6.60
CA PRO G 87 77.26 50.94 6.88
C PRO G 87 77.38 49.59 7.60
N ALA G 88 76.70 49.44 8.73
CA ALA G 88 76.80 48.20 9.52
C ALA G 88 76.73 46.90 8.70
N MET G 89 75.71 46.78 7.85
CA MET G 89 75.50 45.59 7.03
C MET G 89 76.64 45.27 6.06
N ALA G 90 77.41 46.29 5.72
CA ALA G 90 78.54 46.16 4.79
C ALA G 90 79.52 45.07 5.17
N ALA G 91 79.51 44.71 6.44
CA ALA G 91 80.41 43.69 6.96
C ALA G 91 79.66 42.41 7.29
N THR G 92 78.35 42.56 7.53
CA THR G 92 77.46 41.45 7.87
C THR G 92 77.10 40.60 6.67
N SER G 93 77.10 39.28 6.85
CA SER G 93 76.75 38.40 5.76
C SER G 93 75.24 38.21 5.78
N PHE G 94 74.63 38.19 4.58
CA PHE G 94 73.19 38.03 4.45
C PHE G 94 72.81 37.61 3.04
N VAL G 95 71.51 37.39 2.84
CA VAL G 95 70.98 36.99 1.54
C VAL G 95 69.65 37.67 1.28
N LEU G 96 69.17 37.55 0.05
CA LEU G 96 67.92 38.18 -0.35
C LEU G 96 66.81 37.19 -0.69
N MET G 97 65.56 37.66 -0.69
CA MET G 97 64.42 36.79 -0.98
C MET G 97 63.15 37.49 -1.42
N THR G 98 62.19 36.66 -1.79
CA THR G 98 60.82 37.05 -2.05
C THR G 98 60.13 36.04 -1.13
N THR G 99 59.04 36.44 -0.49
CA THR G 99 58.35 35.53 0.41
C THR G 99 57.16 34.90 -0.28
N PHE G 100 56.71 33.67 0.30
CA PHE G 100 55.54 32.85 -0.06
C PHE G 100 55.50 31.78 -1.15
N PRO G 101 56.67 31.42 -1.68
CA PRO G 101 57.35 30.55 -2.62
C PRO G 101 58.76 30.54 -2.00
N ASN G 102 59.14 31.67 -1.26
CA ASN G 102 60.43 31.81 -0.52
C ASN G 102 61.62 31.43 -1.38
N LYS G 103 61.85 32.21 -2.44
CA LYS G 103 62.94 31.94 -3.35
C LYS G 103 64.16 32.76 -2.93
N GLU G 104 65.26 32.07 -2.69
CA GLU G 104 66.50 32.73 -2.29
C GLU G 104 67.12 33.39 -3.52
N LEU G 105 67.15 34.72 -3.54
CA LEU G 105 67.73 35.43 -4.66
C LEU G 105 69.22 35.09 -4.81
N ALA G 106 69.51 33.99 -5.52
CA ALA G 106 70.90 33.57 -5.75
C ALA G 106 71.39 34.11 -7.09
N ASP G 107 72.66 33.86 -7.40
CA ASP G 107 73.21 34.37 -8.64
C ASP G 107 73.00 35.89 -8.55
N GLU G 108 73.74 36.51 -7.63
CA GLU G 108 73.65 37.94 -7.37
C GLU G 108 73.56 38.83 -8.60
N ASN G 109 74.29 38.49 -9.66
CA ASN G 109 74.26 39.31 -10.87
C ASN G 109 72.86 39.40 -11.48
N GLN G 110 72.18 38.25 -11.57
CA GLN G 110 70.85 38.20 -12.18
C GLN G 110 70.12 39.54 -12.22
N THR G 111 69.59 39.87 -13.40
CA THR G 111 68.89 41.12 -13.59
C THR G 111 67.43 41.02 -13.14
N LEU G 112 66.89 42.14 -12.68
CA LEU G 112 65.51 42.22 -12.19
C LEU G 112 64.50 41.56 -13.14
N LYS G 113 64.72 41.70 -14.44
CA LYS G 113 63.82 41.10 -15.44
C LYS G 113 63.77 39.58 -15.32
N GLU G 114 64.94 38.99 -15.18
CA GLU G 114 65.09 37.54 -15.08
C GLU G 114 64.59 36.92 -13.78
N ALA G 115 64.61 37.68 -12.69
CA ALA G 115 64.17 37.15 -11.41
C ALA G 115 62.70 37.39 -11.10
N ASN G 116 62.00 38.05 -12.02
CA ASN G 116 60.59 38.33 -11.83
C ASN G 116 60.49 39.41 -10.75
N LEU G 117 61.66 39.86 -10.28
CA LEU G 117 61.75 40.90 -9.25
C LEU G 117 61.33 42.25 -9.80
N LEU G 118 60.09 42.34 -10.27
CA LEU G 118 59.59 43.59 -10.83
C LEU G 118 58.53 44.20 -9.93
N ASN G 119 58.88 45.30 -9.27
CA ASN G 119 57.94 45.97 -8.37
C ASN G 119 57.62 45.08 -7.17
N ALA G 120 58.38 43.99 -7.00
CA ALA G 120 58.18 43.03 -5.93
C ALA G 120 59.06 43.17 -4.69
N VAL G 121 58.50 42.89 -3.52
CA VAL G 121 59.21 43.00 -2.25
C VAL G 121 60.38 42.04 -2.08
N ILE G 122 61.51 42.58 -1.63
CA ILE G 122 62.71 41.79 -1.41
C ILE G 122 63.06 41.80 0.08
N VAL G 123 63.03 40.62 0.68
CA VAL G 123 63.35 40.46 2.10
C VAL G 123 64.84 40.21 2.29
N GLN G 124 65.36 40.70 3.41
CA GLN G 124 66.77 40.49 3.75
C GLN G 124 66.88 39.58 4.96
N ARG G 125 67.75 38.58 4.85
CA ARG G 125 67.97 37.64 5.94
C ARG G 125 69.46 37.49 6.19
N LEU G 126 69.86 37.76 7.43
CA LEU G 126 71.26 37.64 7.81
C LEU G 126 71.56 36.16 7.98
N THR G 127 72.61 35.68 7.34
CA THR G 127 72.99 34.28 7.40
C THR G 127 73.51 33.81 8.77
N GLY H 14 3.12 82.46 -3.03
CA GLY H 14 3.66 82.65 -4.40
C GLY H 14 4.03 81.34 -5.10
N GLN H 15 4.53 81.43 -6.34
CA GLN H 15 4.88 80.26 -7.13
C GLN H 15 6.37 79.88 -7.18
N LYS H 16 6.70 78.88 -8.00
CA LYS H 16 8.06 78.37 -8.21
C LYS H 16 8.17 77.94 -9.69
N LEU H 17 9.39 77.79 -10.21
CA LEU H 17 9.59 77.46 -11.64
C LEU H 17 9.59 76.01 -12.14
N GLY H 18 9.69 75.85 -13.46
CA GLY H 18 9.69 74.54 -14.11
C GLY H 18 10.28 74.62 -15.52
N SER H 19 9.95 73.65 -16.38
CA SER H 19 10.47 73.63 -17.74
C SER H 19 9.50 74.07 -18.84
N THR H 20 8.22 74.26 -18.51
CA THR H 20 7.24 74.65 -19.51
C THR H 20 7.38 76.11 -19.95
N ALA H 21 6.31 76.72 -20.47
CA ALA H 21 6.36 78.10 -21.00
C ALA H 21 5.78 79.29 -20.24
N PRO H 22 4.53 79.64 -20.57
CA PRO H 22 3.89 80.79 -19.95
C PRO H 22 2.41 80.56 -19.66
N PRO H 30 -10.78 90.81 -23.05
CA PRO H 30 -11.23 90.09 -21.83
C PRO H 30 -12.27 89.04 -22.19
N ALA H 31 -13.44 89.49 -22.64
CA ALA H 31 -14.51 88.58 -23.04
C ALA H 31 -14.86 88.88 -24.49
N GLN H 32 -13.92 89.78 -25.05
CA GLN H 32 -14.22 90.22 -26.41
C GLN H 32 -13.84 89.17 -27.44
N GLN H 33 -13.31 88.05 -26.94
CA GLN H 33 -12.97 86.94 -27.84
C GLN H 33 -14.17 86.06 -28.24
N ALA H 34 -15.43 86.58 -27.96
CA ALA H 34 -16.61 86.04 -28.61
C ALA H 34 -16.60 86.57 -30.03
N GLU H 35 -15.88 87.66 -30.22
CA GLU H 35 -15.71 88.26 -31.52
C GLU H 35 -14.47 87.53 -32.07
N ASN H 36 -13.48 87.33 -31.21
CA ASN H 36 -12.26 86.63 -31.61
C ASN H 36 -12.66 85.27 -32.19
N GLU H 37 -13.57 84.58 -31.52
CA GLU H 37 -14.07 83.28 -31.94
C GLU H 37 -14.93 83.42 -33.19
N ALA H 38 -15.58 84.58 -33.32
CA ALA H 38 -16.42 84.86 -34.47
C ALA H 38 -15.52 85.08 -35.68
N LYS H 39 -14.52 85.94 -35.53
CA LYS H 39 -13.57 86.22 -36.61
C LYS H 39 -12.73 84.98 -36.90
N ALA H 40 -12.56 84.15 -35.88
CA ALA H 40 -11.80 82.92 -36.06
C ALA H 40 -12.59 82.03 -37.01
N SER H 41 -13.91 81.95 -36.78
CA SER H 41 -14.79 81.14 -37.61
C SER H 41 -15.01 81.78 -39.00
N SER H 42 -15.27 83.08 -39.03
CA SER H 42 -15.51 83.76 -40.29
C SER H 42 -14.27 83.83 -41.18
N SER H 43 -13.13 83.37 -40.65
CA SER H 43 -11.86 83.37 -41.39
C SER H 43 -11.80 82.26 -42.41
N ILE H 44 -12.64 81.25 -42.17
CA ILE H 44 -12.73 80.02 -42.96
C ILE H 44 -13.25 79.94 -44.37
N LEU H 45 -12.95 78.80 -44.96
CA LEU H 45 -13.43 78.50 -46.27
C LEU H 45 -14.08 77.16 -46.13
N ILE H 46 -15.26 77.03 -46.69
CA ILE H 46 -15.86 75.75 -46.53
C ILE H 46 -16.47 75.37 -47.83
N ASN H 47 -15.70 74.60 -48.59
CA ASN H 47 -16.11 74.14 -49.87
C ASN H 47 -17.34 73.26 -49.75
N GLU H 48 -18.48 73.89 -50.04
CA GLU H 48 -19.79 73.28 -50.01
C GLU H 48 -19.63 72.00 -50.75
N ALA H 49 -18.96 72.13 -51.89
CA ALA H 49 -18.71 71.00 -52.76
C ALA H 49 -17.86 70.02 -51.98
N GLU H 50 -16.89 70.49 -51.20
CA GLU H 50 -16.02 69.53 -50.49
C GLU H 50 -16.43 68.93 -49.13
N PRO H 51 -15.99 67.68 -48.90
CA PRO H 51 -16.28 66.94 -47.68
C PRO H 51 -15.77 67.67 -46.44
N THR H 52 -16.41 67.39 -45.32
CA THR H 52 -16.09 68.01 -44.04
C THR H 52 -15.11 67.16 -43.19
N THR H 53 -14.80 67.74 -42.03
CA THR H 53 -14.15 67.11 -40.87
C THR H 53 -14.38 68.21 -39.85
N ASN H 54 -14.68 67.84 -38.61
CA ASN H 54 -14.80 68.85 -37.56
C ASN H 54 -13.63 68.55 -36.63
N ILE H 55 -13.20 69.53 -35.84
CA ILE H 55 -12.08 69.31 -34.91
C ILE H 55 -12.28 69.89 -33.52
N GLN H 56 -11.79 69.14 -32.53
CA GLN H 56 -11.84 69.50 -31.12
C GLN H 56 -10.44 70.03 -30.76
N ILE H 57 -10.29 71.35 -30.74
CA ILE H 57 -9.00 71.99 -30.41
C ILE H 57 -8.84 72.28 -28.92
N ARG H 58 -7.85 71.60 -28.34
CA ARG H 58 -7.55 71.75 -26.93
C ARG H 58 -6.50 72.84 -26.78
N LEU H 59 -6.97 74.08 -26.60
CA LEU H 59 -6.08 75.22 -26.43
C LEU H 59 -5.28 75.10 -25.15
N ALA H 60 -3.96 75.24 -25.28
CA ALA H 60 -3.07 75.16 -24.12
C ALA H 60 -3.37 76.37 -23.27
N ASP H 61 -3.95 77.40 -23.89
CA ASP H 61 -4.32 78.67 -23.27
C ASP H 61 -5.20 78.42 -22.06
N GLY H 62 -5.23 77.16 -21.63
CA GLY H 62 -6.03 76.74 -20.50
C GLY H 62 -6.87 75.55 -20.93
N GLY H 63 -7.97 75.32 -20.22
CA GLY H 63 -8.85 74.22 -20.59
C GLY H 63 -9.74 74.74 -21.71
N ARG H 64 -9.15 75.60 -22.54
CA ARG H 64 -9.85 76.22 -23.66
C ARG H 64 -10.31 75.20 -24.70
N LEU H 65 -11.59 74.86 -24.64
CA LEU H 65 -12.17 73.91 -25.56
C LEU H 65 -12.59 74.64 -26.85
N VAL H 66 -12.21 74.07 -27.98
CA VAL H 66 -12.54 74.69 -29.26
C VAL H 66 -13.31 73.75 -30.20
N GLN H 67 -14.21 74.32 -30.99
CA GLN H 67 -14.98 73.52 -31.96
C GLN H 67 -14.64 74.01 -33.36
N LYS H 68 -14.40 73.08 -34.27
CA LYS H 68 -14.05 73.42 -35.63
C LYS H 68 -15.22 73.23 -36.58
N PHE H 69 -14.98 73.50 -37.84
CA PHE H 69 -16.00 73.38 -38.87
C PHE H 69 -15.27 73.17 -40.17
N ASN H 70 -14.05 72.72 -40.02
CA ASN H 70 -13.14 72.45 -41.10
C ASN H 70 -13.74 71.41 -42.06
N HIS H 71 -13.15 71.34 -43.25
CA HIS H 71 -13.49 70.35 -44.25
C HIS H 71 -12.09 70.34 -44.82
N SER H 72 -11.54 69.13 -44.92
CA SER H 72 -10.18 68.85 -45.35
C SER H 72 -9.13 69.95 -45.59
N HIS H 73 -8.96 70.72 -44.52
CA HIS H 73 -8.01 71.83 -44.43
C HIS H 73 -6.66 71.33 -43.93
N ARG H 74 -5.67 72.22 -43.97
CA ARG H 74 -4.31 71.93 -43.54
C ARG H 74 -3.94 72.57 -42.19
N ILE H 75 -2.91 72.04 -41.53
CA ILE H 75 -2.53 72.57 -40.23
C ILE H 75 -2.21 74.06 -40.16
N SER H 76 -1.82 74.69 -41.28
CA SER H 76 -1.53 76.11 -41.23
C SER H 76 -2.84 76.77 -40.80
N ASP H 77 -3.97 76.24 -41.30
CA ASP H 77 -5.27 76.79 -40.96
C ASP H 77 -5.58 76.64 -39.48
N ILE H 78 -5.25 75.50 -38.89
CA ILE H 78 -5.47 75.25 -37.46
C ILE H 78 -4.68 76.27 -36.62
N ARG H 79 -3.51 76.58 -37.13
CA ARG H 79 -2.56 77.49 -36.53
C ARG H 79 -3.08 78.93 -36.61
N LEU H 80 -3.49 79.33 -37.80
CA LEU H 80 -4.01 80.67 -37.99
C LEU H 80 -5.30 80.77 -37.16
N PHE H 81 -6.06 79.68 -37.13
CA PHE H 81 -7.31 79.65 -36.36
C PHE H 81 -7.08 79.98 -34.88
N ILE H 82 -6.14 79.28 -34.25
CA ILE H 82 -5.81 79.51 -32.84
C ILE H 82 -5.37 80.96 -32.67
N VAL H 83 -4.63 81.44 -33.66
CA VAL H 83 -4.15 82.82 -33.66
C VAL H 83 -5.35 83.77 -33.65
N ASP H 84 -6.32 83.50 -34.52
CA ASP H 84 -7.52 84.31 -34.60
C ASP H 84 -8.26 84.23 -33.29
N ALA H 85 -8.20 83.05 -32.69
CA ALA H 85 -8.88 82.76 -31.43
C ALA H 85 -8.39 83.60 -30.28
N ARG H 86 -7.28 83.17 -29.69
CA ARG H 86 -6.70 83.87 -28.55
C ARG H 86 -5.63 84.86 -29.02
N PRO H 87 -5.59 86.06 -28.40
CA PRO H 87 -4.60 87.08 -28.78
C PRO H 87 -3.17 86.61 -28.51
N ALA H 88 -2.89 86.24 -27.27
CA ALA H 88 -1.56 85.78 -26.87
C ALA H 88 -1.02 84.83 -27.93
N MET H 89 -1.78 83.78 -28.20
CA MET H 89 -1.42 82.75 -29.17
C MET H 89 -0.73 83.31 -30.41
N ALA H 90 -1.14 84.52 -30.79
CA ALA H 90 -0.58 85.18 -31.97
C ALA H 90 0.95 85.35 -31.94
N ALA H 91 1.55 85.29 -30.76
CA ALA H 91 3.01 85.47 -30.64
C ALA H 91 3.75 84.29 -30.02
N THR H 92 3.00 83.38 -29.38
CA THR H 92 3.59 82.25 -28.70
C THR H 92 3.80 81.00 -29.55
N SER H 93 5.01 80.45 -29.49
CA SER H 93 5.35 79.25 -30.23
C SER H 93 4.76 78.03 -29.55
N PHE H 94 4.39 77.04 -30.36
CA PHE H 94 3.80 75.82 -29.84
C PHE H 94 3.63 74.82 -30.98
N VAL H 95 3.30 73.59 -30.61
CA VAL H 95 3.12 72.53 -31.58
C VAL H 95 1.78 71.85 -31.34
N LEU H 96 1.29 71.22 -32.32
CA LEU H 96 -0.01 70.56 -32.21
C LEU H 96 0.19 69.04 -32.14
N MET H 97 -0.59 68.38 -31.29
CA MET H 97 -0.45 66.93 -31.13
C MET H 97 -1.70 66.08 -31.21
N THR H 98 -1.43 64.78 -31.16
CA THR H 98 -2.41 63.70 -31.19
C THR H 98 -2.05 62.88 -29.95
N THR H 99 -2.93 62.84 -28.97
CA THR H 99 -2.64 62.09 -27.76
C THR H 99 -3.02 60.61 -27.88
N PHE H 100 -2.25 59.77 -27.20
CA PHE H 100 -2.51 58.32 -27.17
C PHE H 100 -2.30 57.52 -28.45
N PRO H 101 -1.03 57.35 -28.87
CA PRO H 101 0.36 57.17 -29.32
C PRO H 101 1.15 58.48 -29.15
N ASN H 102 0.43 59.53 -28.73
CA ASN H 102 0.99 60.86 -28.49
C ASN H 102 2.00 61.31 -29.54
N LYS H 103 1.53 61.53 -30.73
CA LYS H 103 2.42 62.01 -31.76
C LYS H 103 2.25 63.50 -31.99
N GLU H 104 3.30 64.19 -32.34
CA GLU H 104 3.17 65.61 -32.56
C GLU H 104 3.11 66.02 -34.02
N LEU H 105 1.91 66.65 -34.34
CA LEU H 105 1.62 67.01 -35.71
C LEU H 105 2.85 67.72 -36.25
N ALA H 106 3.71 66.91 -36.87
CA ALA H 106 5.00 67.29 -37.45
C ALA H 106 4.97 68.33 -38.55
N ASP H 107 4.67 67.91 -39.77
CA ASP H 107 4.60 68.85 -40.89
C ASP H 107 3.23 69.50 -40.74
N GLU H 108 3.21 70.77 -40.33
CA GLU H 108 1.94 71.44 -40.13
C GLU H 108 1.27 71.80 -41.46
N ASN H 109 1.84 71.32 -42.56
CA ASN H 109 1.33 71.59 -43.90
C ASN H 109 0.13 70.79 -44.41
N GLN H 110 0.11 69.49 -44.16
CA GLN H 110 -0.91 68.53 -44.64
C GLN H 110 -2.41 68.54 -44.28
N THR H 111 -3.24 68.31 -45.31
CA THR H 111 -4.70 68.27 -45.14
C THR H 111 -5.09 67.28 -44.05
N LEU H 112 -6.10 67.66 -43.28
CA LEU H 112 -6.62 66.84 -42.19
C LEU H 112 -6.82 65.37 -42.56
N LYS H 113 -7.20 65.12 -43.82
CA LYS H 113 -7.43 63.77 -44.31
C LYS H 113 -6.18 62.88 -44.25
N GLU H 114 -5.03 63.45 -44.59
CA GLU H 114 -3.76 62.71 -44.60
C GLU H 114 -3.30 62.37 -43.20
N ALA H 115 -3.56 63.25 -42.24
CA ALA H 115 -3.14 63.05 -40.86
C ALA H 115 -4.07 62.16 -40.04
N ASN H 116 -5.27 61.94 -40.55
CA ASN H 116 -6.29 61.12 -39.91
C ASN H 116 -6.84 61.83 -38.67
N LEU H 117 -7.05 63.13 -38.83
CA LEU H 117 -7.59 63.99 -37.78
C LEU H 117 -9.11 63.92 -37.85
N LEU H 118 -9.64 63.73 -39.05
CA LEU H 118 -11.08 63.63 -39.29
C LEU H 118 -11.88 63.39 -38.01
N ASN H 119 -12.37 64.46 -37.39
CA ASN H 119 -13.14 64.36 -36.16
C ASN H 119 -12.26 63.95 -34.99
N ALA H 120 -11.15 64.64 -34.82
CA ALA H 120 -10.22 64.33 -33.74
C ALA H 120 -10.21 65.42 -32.68
N VAL H 121 -9.25 65.31 -31.77
CA VAL H 121 -9.08 66.26 -30.69
C VAL H 121 -7.61 66.63 -30.64
N ILE H 122 -7.24 67.71 -31.34
CA ILE H 122 -5.86 68.18 -31.38
C ILE H 122 -5.59 69.06 -30.16
N VAL H 123 -4.61 68.67 -29.37
CA VAL H 123 -4.27 69.40 -28.16
C VAL H 123 -3.10 70.31 -28.43
N GLN H 124 -3.19 71.52 -27.89
CA GLN H 124 -2.11 72.49 -28.05
C GLN H 124 -1.05 72.40 -26.97
N ARG H 125 0.20 72.33 -27.40
CA ARG H 125 1.31 72.27 -26.46
C ARG H 125 2.21 73.44 -26.75
N LEU H 126 2.53 74.22 -25.73
CA LEU H 126 3.41 75.38 -25.88
C LEU H 126 4.84 74.88 -25.81
N THR H 127 5.62 75.06 -26.88
CA THR H 127 7.01 74.62 -26.81
C THR H 127 7.90 75.80 -26.54
N ALA I 34 -76.29 -67.69 -3.83
CA ALA I 34 -74.82 -67.95 -3.82
C ALA I 34 -74.67 -69.36 -4.35
N GLU I 35 -75.75 -69.78 -5.00
CA GLU I 35 -75.87 -71.08 -5.63
C GLU I 35 -75.60 -70.89 -7.11
N ASN I 36 -76.09 -69.78 -7.68
CA ASN I 36 -75.88 -69.49 -9.09
C ASN I 36 -74.38 -69.21 -9.29
N GLU I 37 -73.75 -68.62 -8.28
CA GLU I 37 -72.33 -68.29 -8.31
C GLU I 37 -71.41 -69.52 -8.33
N ALA I 38 -71.86 -70.62 -7.73
CA ALA I 38 -71.07 -71.84 -7.68
C ALA I 38 -71.14 -72.58 -9.02
N LYS I 39 -72.35 -72.80 -9.53
CA LYS I 39 -72.53 -73.49 -10.82
C LYS I 39 -71.71 -72.77 -11.89
N ALA I 40 -71.12 -71.64 -11.51
CA ALA I 40 -70.28 -70.82 -12.37
C ALA I 40 -68.84 -71.31 -12.26
N SER I 41 -68.35 -71.43 -11.01
CA SER I 41 -67.00 -71.89 -10.71
C SER I 41 -66.67 -73.24 -11.37
N SER I 42 -67.65 -74.13 -11.38
CA SER I 42 -67.50 -75.44 -11.99
C SER I 42 -67.22 -75.35 -13.49
N SER I 43 -67.51 -74.19 -14.07
CA SER I 43 -67.30 -73.98 -15.51
C SER I 43 -65.86 -73.72 -15.94
N ILE I 44 -64.95 -73.70 -14.96
CA ILE I 44 -63.54 -73.47 -15.27
C ILE I 44 -62.96 -74.67 -16.03
N HIS I 71 -53.59 -69.20 -17.46
CA HIS I 71 -53.04 -68.04 -18.22
C HIS I 71 -53.69 -67.91 -19.60
N SER I 72 -54.02 -69.04 -20.21
CA SER I 72 -54.62 -69.06 -21.53
C SER I 72 -56.03 -68.48 -21.59
N HIS I 73 -56.80 -68.64 -20.50
CA HIS I 73 -58.17 -68.12 -20.47
C HIS I 73 -58.24 -66.68 -21.01
N ARG I 74 -59.44 -66.22 -21.32
CA ARG I 74 -59.65 -64.89 -21.89
C ARG I 74 -60.42 -63.91 -21.00
N ILE I 75 -60.61 -62.70 -21.49
CA ILE I 75 -61.40 -61.73 -20.73
C ILE I 75 -62.80 -62.28 -20.91
N SER I 76 -63.03 -62.86 -22.09
CA SER I 76 -64.32 -63.46 -22.42
C SER I 76 -64.80 -64.42 -21.34
N ASP I 77 -63.90 -65.27 -20.83
CA ASP I 77 -64.27 -66.24 -19.79
C ASP I 77 -64.77 -65.53 -18.53
N ILE I 78 -64.27 -64.32 -18.30
CA ILE I 78 -64.67 -63.52 -17.15
C ILE I 78 -66.06 -62.97 -17.42
N ARG I 79 -66.23 -62.38 -18.59
CA ARG I 79 -67.51 -61.81 -19.01
C ARG I 79 -68.62 -62.84 -18.84
N LEU I 80 -68.28 -64.13 -18.91
CA LEU I 80 -69.29 -65.20 -18.77
C LEU I 80 -69.41 -65.79 -17.36
N PHE I 81 -68.31 -65.73 -16.60
CA PHE I 81 -68.31 -66.23 -15.23
C PHE I 81 -69.20 -65.32 -14.38
N ILE I 82 -69.16 -64.02 -14.68
CA ILE I 82 -69.95 -63.02 -13.96
C ILE I 82 -71.45 -63.19 -14.26
N VAL I 83 -71.76 -63.85 -15.37
CA VAL I 83 -73.14 -64.10 -15.77
C VAL I 83 -73.73 -65.22 -14.90
#